data_6JP8
#
_entry.id   6JP8
#
_cell.length_a   1.00
_cell.length_b   1.00
_cell.length_c   1.00
_cell.angle_alpha   90.00
_cell.angle_beta   90.00
_cell.angle_gamma   90.00
#
_symmetry.space_group_name_H-M   'P 1'
#
loop_
_entity.id
_entity.type
_entity.pdbx_description
1 polymer 'Voltage-dependent calcium channel gamma-1 subunit'
2 polymer 'Voltage-dependent L-type calcium channel subunit beta-1'
3 polymer 'Voltage-dependent L-type calcium channel subunit alpha-1S'
4 polymer 'Voltage-dependent calcium channel subunit alpha-2/delta-1'
5 branched 2-acetamido-2-deoxy-beta-D-glucopyranose-(1-3)-2-acetamido-2-deoxy-beta-D-glucopyranose
6 branched beta-D-mannopyranose-(1-4)-2-acetamido-2-deoxy-beta-D-glucopyranose-(1-4)-2-acetamido-2-deoxy-beta-D-glucopyranose
7 branched 2-acetamido-2-deoxy-beta-D-glucopyranose-(1-3)-2-acetamido-2-deoxy-beta-D-glucopyranose-(1-4)-2-acetamido-2-deoxy-beta-D-glucopyranose
8 non-polymer 'methyl (4~{S})-2,6-dimethyl-5-nitro-4-[2-(trifluoromethyl)phenyl]-1,4-dihydropyridine-3-carboxylate'
9 non-polymer 2-acetamido-2-deoxy-beta-D-glucopyranose
10 non-polymer 'CALCIUM ION'
11 non-polymer ETHANOLAMINE
#
loop_
_entity_poly.entity_id
_entity_poly.type
_entity_poly.pdbx_seq_one_letter_code
_entity_poly.pdbx_strand_id
1 'polypeptide(L)'
;MSPTEAPKVRVTLFCILVGIVLAMTAVVSDHWAVLSPHMENHNTTCEAAHFGLWRICTKRIALGEDRSCGPITLPGEKNC
SYFRHFNPGESSEIFEFTTQKEYSISAAAISVFSLGFLIMGTICALMAFRKKRDYLLRPASMFYVFAGLCLFVSLEVMRQ
SVKRMIDSEDTVWIEYYYSWSFACACAAFVLLFLGGISLLLFSLPRMPQNPWESCMDAEPEH
;
E
2 'polypeptide(L)'
;QGPHMALRKEAERQALAQLEKAKTKPVAFAVRTNVGYNPSPGDEVPVEGVAITFEPKDFLHIKEKYNNDWWIGRLVKEGC
EVGFIPSPVKLDSLRLLQEQKLRQSRLSSSKSGDNSSSSLGDVVTGTRRPTPPASGNEMTNLAFELEPLDLEEDEAELGE
QSGSAKTSVSSVTTPPPHGTRIPFFKKTEHVPPYDVVPSMRPIILVGPSLKGYEVTDMMQKALFDFLKHLFDGRISITRV
TADISLAKRSVLNNPSKHIIIERSNTRSSLAEVQSEIERIFELARTLQLVALDADTINHPAQLSKTSLAPIIVYIKITSP
KVLQRLIKSRGKSQSKHLNVQIAASEKLAQCPPEMFDIILDENQLEDACEHLAEYLEAYWKATHPPSSTPPNPLLNRTMA
TAALAASPAPVSNLQVQVLTSLRRNLSFWGGLETSQRGGGAVPQQQEHAM
;
B,C
3 'polypeptide(L)'
;MEPSSPQDEGLRKKQPKKPLPEVLPRPPRALFCLTLQNPLRKACISIVEWKPFETIILLTIFANCVALAVYLPMPEDDNN
SLNLGLEKLEYFFLTVFSIEAAMKIIAYGFLFHQDAYLRSGWNVLDFIIVFLGVFTAILEQVNVIQSNTAPMSSKGAGLD
VKALRAFRVLRPLRLVSGVPSLQVVLNSIFKAMLPLFHIALLVLFMVIIYAIIGLELFKGKMHKTCYYIGTDIVATVENE
KPSPCARTGSGRPCTINGSECRGGWPGPNHGITHFDNFGFSMLTVYQCITMEGWTDVLYWVNDAIGNEWPWIYFVTLILL
GSFFILNLVLGVLSGEFTKEREKAKSRGTFQKLREKQQLEEDLRGYMSWITQGEVMDVEDLREGKLSLEEGGSDTESLYE
IEGLNKIIQFIRHWRQWNRVFRWKCHDLVKSRVFYWLVILIVALNTLSIASEHHNQPLWLTHLQDIANRVLLSLFTIEML
LKMYGLGLRQYFMSIFNRFDCFVVCSGILELLLVESGAMTPLGISVLRCIRLLRLFKITKYWTSLSNLVASLLNSIRSIA
SLLLLLFLFIIIFALLGMQLFGGRYDFEDTEVRRSNFDNFPQALISVFQVLTGEDWNSVMYNGIMAYGGPSYPGVLVCIY
FIILFVCGNYILLNVFLAIAVDNLAEAESLTSAQKAKAEERKRRKMSRGLPDKTEEEKSVMAKKLEQKPKGEGIPTTAKL
KVDEFESNVNEVKDPYPSADFPGDDEEDEPEIPVSPRPRPLAELQLKEKAVPIPEASSFFIFSPTNKVRVLCHRIVNATW
FTNFILLFILLSSAALAAEDPIRAESVRNQILGYFDIAFTSVFTVEIVLKMTTYGAFLHKGSFCRNYFNILDLLVVAVSL
ISMGLESSTISVVKILRVLRVLRPLRAINRAKGLKHVVQCVFVAIRTIGNIVLVTTLLQFMFACIGVQLFKGKFFSCNDL
SKMTEEECRGYYYVYKDGDPTQMELRPRQWIHNDFHFDNVLSAMMSLFTVSTFEGWPQLLYRAIDSNEEDMGPVYNNRVE
MAIFFIIYIILIAFFMMNIFVGFVIVTFQEQGETEYKNCELDKNQRQCVQYALKARPLRCYIPKNPYQYQVWYVVTSSYF
EYLMFALIMLNTICLGMQHYHQSEEMNHISDILNVAFTIIFTLEMILKLLAFKARGYFGDPWNVFDFLIVIGSIIDVILS
EIDTFLASSGGLYCLGGGCGNVDPDESARISSAFFRLFRVMRLIKLLSRAEGVRTLLWTFIKSFQALPYVALLIVMLFFI
YAVIGMQMFGKIALVDGTQINRNNNFQTFPQAVLLLFRCATGEAWQEILLACSYGKLCDPESDYAPGEEYTCGTNFAYYY
FISFYMLCAFLIINLFVAVIMDNFDYLTRDWSILGPHHLDEFKAIWAEYDPEAKGRIKHLDVVTLLRRIQPPLGFGKFCP
HRVACKRLVGMNMPLNSDGTVTFNATLFALVRTALKIKTEGNFEQANEELRAIIKKIWKRTSMKLLDQVIPPIGDDEVTV
GKFYATFLIQEHFRKFMKRQEEYYGYRPKKDTVQIQAGLRTIEEEAAPEIRRTISGDLTAEEELERAMVEAAMEERIFRR
TGGLFGQVDTFLERTNSLPPVMANQRPLQFAEIEMEELESPVFLEDFPQDARTNPLARANTNNANANVAYGNSNHSNNQM
FSSVHCEREFPGEAETPAAGRGALSHSHRALGPHSKPCAGKLNGQLVQPGMPINQAPPAPCQQPSTDPPERGQRRTSLTG
SLQDEAPQRRSSEGSTPRRPAPATALLIQEALVRGGLDTLAADAGFVTATSQALADACQMEPEEVEVAATELLKARESVQ
GMASVPGSLSRRSSLGSLDQVQGSQETLIPPRP
;
A
4 'polypeptide(L)'
;FPSAVTIKSWVDKMQEDLVTLAKTASGVHQLVDIYEKYQDLYTVEPNNARQLVEIAARDIEKLLSNRSKALVRLALEAEK
VQAAHQWREDFASNEVVYYNAKDDLDPEKNDSEPGSQRIKPVFIDDANFRRQVSYQHAAVHIPTDIYEGSTIVLNELNWT
SALDDVFKKNREEDPSLLWQVFGSATGLARYYPASPWVDNSRTPNKIDLYDVRRRPWYIQGAASPKDMLILVDVSGSVSG
LTLKLIRTSVSEMLETLSDDDFVNVASFNSNAQDVSCFQHLVQANVRNKKVLKDAVNNITAKGITDYKKGFSFAFEQLLN
YNVSRANCNKIIMLFTDGGEERAQEIFAKYNKDKKVRVFTFSVGQHNYDRGPIQWMACENKGYYYEIPSIGAIRINTQEY
LDVLGRPMVLAGDKAKQVQWTNVYLDALELGLVITGTLPVFNITGQFENKTNLKNQLILGVMGVDVSLEDIKRLTPRFTL
CPNGYYFAIDPNGYVLLHPNLQPKPIGVGIPTINLRKRRPNVQNPKSQEPVTLDFLDAELENDIKVEIRNKMIDGESGEK
TFRTLVKSQDERYIDKGNRTYTWTPVNGTDYSLALVLPTYSFYYIKAKIEETITQARYSETLKPDNFEESGYTFLAPRDY
CSDLKPSDNNTEFLLNFNEFIDRKTPNNPSCNTDLINRVLLDAGFTNELVQNYWSKQKNIKGVKARFVVTDGGITRVYPK
EAGENWQENPETYEDSFYKRSLDNDNYVFTAPYFNKSGPGAYESGIMVSKAVEIYIQGKLLKPAVVGIKIDVNSWIENFT
KTSIRDPCAGPVCDCKRNSDVMDCVILDDGGFLLMANHDDYTNQIGRFFGEIDPSLMRHLVNISVYAFNKSYDYQSVCEP
GAAPKQGAGHRSAYVPSIADILQIGWWATAAAWSILQQFLLSLTFPRLLEAADMEDDDFTASMSKQSCITEQTQYFFDND
SKSFSGVLDCGNCSRIFHVEKLMNTNLIFIMVESKGTCPCDTRLLIQAEQTSDGPDPCDMVKQPRYRKGPDVCFDNNVLE
DYTDCG
;
F
#
# COMPACT_ATOMS: atom_id res chain seq x y z
N MET A 1 -10.19 -21.39 57.31
CA MET A 1 -10.53 -20.07 57.80
C MET A 1 -9.85 -19.02 56.92
N SER A 2 -8.77 -19.43 56.25
CA SER A 2 -8.05 -18.49 55.40
C SER A 2 -8.70 -18.16 54.06
N PRO A 3 -9.48 -19.04 53.35
CA PRO A 3 -10.17 -18.52 52.17
C PRO A 3 -11.62 -18.20 52.41
N THR A 4 -12.14 -18.52 53.60
CA THR A 4 -13.55 -18.32 53.88
C THR A 4 -13.82 -17.26 54.93
N GLU A 5 -12.84 -16.87 55.72
CA GLU A 5 -13.04 -15.84 56.74
C GLU A 5 -12.12 -14.65 56.54
N ALA A 6 -11.39 -14.62 55.42
CA ALA A 6 -10.71 -13.41 55.01
C ALA A 6 -11.75 -12.35 54.67
N PRO A 7 -11.45 -11.08 54.91
CA PRO A 7 -12.42 -10.03 54.54
C PRO A 7 -12.54 -9.83 53.05
N LYS A 8 -11.47 -10.09 52.29
CA LYS A 8 -11.49 -9.87 50.86
C LYS A 8 -12.42 -10.82 50.13
N VAL A 9 -12.80 -11.93 50.75
CA VAL A 9 -13.74 -12.87 50.19
C VAL A 9 -15.15 -12.60 50.71
N ARG A 10 -15.30 -11.77 51.74
CA ARG A 10 -16.61 -11.45 52.27
C ARG A 10 -17.13 -10.10 51.80
N VAL A 11 -16.22 -9.16 51.50
CA VAL A 11 -16.59 -7.97 50.75
C VAL A 11 -17.18 -8.37 49.40
N THR A 12 -16.58 -9.35 48.73
CA THR A 12 -17.10 -9.82 47.45
C THR A 12 -18.40 -10.58 47.64
N LEU A 13 -18.51 -11.38 48.69
CA LEU A 13 -19.70 -12.20 48.85
C LEU A 13 -20.87 -11.34 49.31
N PHE A 14 -20.60 -10.24 50.01
CA PHE A 14 -21.67 -9.28 50.29
C PHE A 14 -22.03 -8.45 49.07
N CYS A 15 -21.07 -8.24 48.16
CA CYS A 15 -21.38 -7.55 46.92
C CYS A 15 -22.34 -8.37 46.07
N ILE A 16 -22.16 -9.70 46.00
CA ILE A 16 -23.11 -10.59 45.32
C ILE A 16 -24.48 -10.51 45.97
N LEU A 17 -24.54 -10.23 47.28
CA LEU A 17 -25.83 -10.05 47.93
C LEU A 17 -26.56 -8.80 47.45
N VAL A 18 -25.84 -7.83 46.90
CA VAL A 18 -26.48 -6.70 46.22
C VAL A 18 -26.98 -7.11 44.84
N GLY A 19 -26.12 -7.77 44.06
CA GLY A 19 -26.51 -8.20 42.73
C GLY A 19 -27.47 -9.36 42.69
N ILE A 20 -27.67 -10.06 43.81
CA ILE A 20 -28.68 -11.10 43.81
C ILE A 20 -30.07 -10.49 43.83
N VAL A 21 -30.19 -9.25 44.32
CA VAL A 21 -31.50 -8.59 44.43
C VAL A 21 -31.70 -7.58 43.29
N LEU A 22 -30.64 -6.96 42.79
CA LEU A 22 -30.80 -6.07 41.64
C LEU A 22 -31.15 -6.85 40.38
N ALA A 23 -30.62 -8.06 40.22
CA ALA A 23 -31.09 -8.90 39.13
C ALA A 23 -32.48 -9.43 39.41
N MET A 24 -32.89 -9.47 40.68
CA MET A 24 -34.28 -9.72 41.01
C MET A 24 -35.16 -8.48 40.88
N THR A 25 -34.58 -7.28 41.00
CA THR A 25 -35.33 -6.06 40.71
C THR A 25 -35.71 -6.00 39.24
N ALA A 26 -34.78 -6.37 38.36
CA ALA A 26 -35.03 -6.38 36.94
C ALA A 26 -36.03 -7.45 36.54
N VAL A 27 -35.95 -8.64 37.10
CA VAL A 27 -36.72 -9.77 36.58
C VAL A 27 -38.18 -9.71 36.99
N VAL A 28 -38.57 -8.75 37.82
CA VAL A 28 -39.98 -8.50 38.07
C VAL A 28 -40.45 -7.16 37.50
N SER A 29 -39.60 -6.14 37.44
CA SER A 29 -40.04 -4.84 36.95
C SER A 29 -39.95 -4.81 35.44
N ASP A 30 -41.02 -4.34 34.80
CA ASP A 30 -41.09 -4.24 33.35
C ASP A 30 -41.05 -2.77 32.95
N HIS A 31 -39.85 -2.21 32.93
CA HIS A 31 -39.66 -0.78 32.71
C HIS A 31 -38.45 -0.48 31.83
N TRP A 32 -37.87 -1.48 31.17
CA TRP A 32 -36.63 -1.23 30.44
C TRP A 32 -36.84 -0.88 28.99
N ALA A 33 -38.01 -0.41 28.61
CA ALA A 33 -38.20 0.14 27.28
C ALA A 33 -39.35 1.12 27.31
N VAL A 34 -39.33 2.05 26.36
CA VAL A 34 -40.40 3.01 26.18
C VAL A 34 -40.79 3.00 24.71
N LEU A 35 -41.99 2.48 24.41
CA LEU A 35 -42.62 2.78 23.13
C LEU A 35 -43.12 4.22 23.15
N SER A 36 -42.82 4.96 22.09
CA SER A 36 -43.14 6.39 22.05
C SER A 36 -43.63 6.80 20.66
N PRO A 37 -44.87 6.39 20.28
CA PRO A 37 -45.40 6.80 18.98
C PRO A 37 -45.79 8.27 18.93
N HIS A 38 -46.69 8.65 19.84
CA HIS A 38 -47.40 9.95 19.87
C HIS A 38 -47.99 10.37 18.51
N CYS A 46 -52.91 8.21 23.64
CA CYS A 46 -51.48 7.88 23.68
C CYS A 46 -51.27 6.37 23.75
N GLU A 47 -50.22 5.90 23.08
CA GLU A 47 -49.91 4.48 23.04
C GLU A 47 -48.53 4.16 23.61
N ALA A 48 -48.17 4.79 24.74
CA ALA A 48 -46.83 4.62 25.30
C ALA A 48 -46.76 3.34 26.10
N ALA A 49 -45.94 2.39 25.65
CA ALA A 49 -45.86 1.06 26.23
C ALA A 49 -44.48 0.83 26.82
N HIS A 50 -44.46 0.07 27.92
CA HIS A 50 -43.26 -0.21 28.71
C HIS A 50 -43.01 -1.71 28.73
N PHE A 51 -41.93 -2.14 28.10
CA PHE A 51 -41.73 -3.56 27.89
C PHE A 51 -40.99 -4.18 29.08
N GLY A 52 -40.93 -5.51 29.08
CA GLY A 52 -40.30 -6.26 30.12
C GLY A 52 -40.13 -7.69 29.67
N LEU A 53 -40.19 -8.62 30.62
CA LEU A 53 -40.20 -10.04 30.24
C LEU A 53 -41.60 -10.62 30.27
N TRP A 54 -42.36 -10.29 31.29
CA TRP A 54 -43.57 -11.01 31.61
C TRP A 54 -44.85 -10.24 31.31
N ARG A 55 -44.80 -8.92 31.46
CA ARG A 55 -45.96 -8.08 31.21
C ARG A 55 -45.65 -6.91 30.30
N ILE A 56 -46.62 -6.59 29.44
CA ILE A 56 -46.51 -5.49 28.49
C ILE A 56 -47.67 -4.53 28.76
N CYS A 57 -47.34 -3.32 29.17
CA CYS A 57 -48.35 -2.42 29.69
C CYS A 57 -48.29 -1.10 28.92
N THR A 58 -49.44 -0.67 28.39
CA THR A 58 -49.57 0.54 27.60
C THR A 58 -50.32 1.59 28.41
N LYS A 59 -49.67 2.71 28.66
CA LYS A 59 -50.17 3.76 29.54
C LYS A 59 -50.41 5.03 28.72
N ARG A 60 -51.50 5.74 29.03
CA ARG A 60 -51.87 6.92 28.26
C ARG A 60 -50.96 8.08 28.63
N GLY A 76 -57.12 5.85 35.86
CA GLY A 76 -56.09 5.77 34.83
C GLY A 76 -56.26 4.52 34.00
N GLU A 77 -55.78 4.57 32.76
CA GLU A 77 -55.91 3.43 31.86
C GLU A 77 -54.58 2.66 31.83
N LYS A 78 -54.37 1.93 32.93
CA LYS A 78 -53.23 1.03 33.12
C LYS A 78 -53.64 -0.38 32.70
N ASN A 79 -53.29 -0.75 31.46
CA ASN A 79 -53.65 -2.04 30.87
C ASN A 79 -52.38 -2.89 30.76
N CYS A 80 -52.13 -3.73 31.75
CA CYS A 80 -50.94 -4.58 31.73
C CYS A 80 -51.33 -6.00 31.36
N SER A 81 -50.63 -6.57 30.38
CA SER A 81 -50.94 -7.91 29.87
C SER A 81 -49.69 -8.52 29.25
N TYR A 82 -49.81 -9.74 28.75
CA TYR A 82 -48.69 -10.44 28.11
C TYR A 82 -48.86 -10.42 26.60
N PHE A 83 -47.95 -11.07 25.87
CA PHE A 83 -48.07 -11.09 24.43
C PHE A 83 -48.46 -12.48 23.94
N SER A 104 -39.84 -11.67 23.32
CA SER A 104 -40.10 -11.58 24.75
C SER A 104 -40.02 -12.95 25.41
N ILE A 105 -40.40 -13.98 24.66
CA ILE A 105 -40.38 -15.35 25.18
C ILE A 105 -38.95 -15.83 25.39
N SER A 106 -38.06 -15.49 24.47
CA SER A 106 -36.66 -15.89 24.55
C SER A 106 -36.02 -15.38 25.84
N ALA A 107 -36.18 -14.08 26.09
CA ALA A 107 -35.62 -13.46 27.29
C ALA A 107 -36.20 -14.09 28.55
N ALA A 108 -37.50 -14.29 28.55
CA ALA A 108 -38.19 -14.89 29.69
C ALA A 108 -37.65 -16.29 29.99
N ALA A 109 -37.53 -17.10 28.93
CA ALA A 109 -37.03 -18.46 29.07
C ALA A 109 -35.57 -18.45 29.50
N ILE A 110 -34.81 -17.49 28.98
CA ILE A 110 -33.38 -17.38 29.30
C ILE A 110 -33.19 -16.93 30.74
N SER A 111 -34.10 -16.10 31.24
CA SER A 111 -34.02 -15.60 32.60
C SER A 111 -34.71 -16.50 33.61
N VAL A 112 -35.19 -17.66 33.21
CA VAL A 112 -35.40 -18.70 34.20
C VAL A 112 -34.07 -19.27 34.65
N PHE A 113 -33.14 -19.40 33.70
CA PHE A 113 -31.83 -19.94 34.03
C PHE A 113 -30.98 -18.94 34.79
N SER A 114 -31.09 -17.65 34.48
CA SER A 114 -30.35 -16.67 35.25
C SER A 114 -30.81 -16.61 36.69
N LEU A 115 -32.10 -16.83 36.92
CA LEU A 115 -32.63 -16.92 38.28
C LEU A 115 -32.20 -18.24 38.97
N GLY A 116 -32.30 -19.32 38.19
CA GLY A 116 -31.99 -20.67 38.64
C GLY A 116 -30.55 -20.92 39.07
N PHE A 117 -29.62 -20.36 38.33
CA PHE A 117 -28.21 -20.50 38.68
C PHE A 117 -27.97 -19.74 39.98
N LEU A 118 -28.66 -18.62 40.13
CA LEU A 118 -28.54 -17.80 41.32
C LEU A 118 -28.98 -18.68 42.49
N ILE A 119 -30.02 -19.46 42.27
CA ILE A 119 -30.51 -20.40 43.29
C ILE A 119 -29.55 -21.56 43.68
N MET A 120 -28.87 -22.10 42.67
CA MET A 120 -27.96 -23.24 42.70
C MET A 120 -26.56 -22.82 43.11
N GLY A 121 -26.20 -21.56 42.90
CA GLY A 121 -24.92 -21.08 43.38
C GLY A 121 -24.90 -20.75 44.85
N THR A 122 -26.01 -20.27 45.39
CA THR A 122 -26.05 -19.87 46.79
C THR A 122 -26.11 -21.09 47.72
N ILE A 123 -26.79 -22.16 47.30
CA ILE A 123 -26.83 -23.39 48.06
C ILE A 123 -25.44 -23.98 48.20
N CYS A 124 -24.59 -23.78 47.19
CA CYS A 124 -23.18 -24.08 47.35
C CYS A 124 -22.49 -23.04 48.21
N ALA A 125 -22.88 -21.77 48.11
CA ALA A 125 -22.20 -20.73 48.88
C ALA A 125 -22.66 -20.66 50.33
N LEU A 126 -23.94 -20.92 50.60
CA LEU A 126 -24.41 -20.87 51.98
C LEU A 126 -23.91 -22.07 52.76
N MET A 127 -23.63 -23.17 52.08
CA MET A 127 -23.17 -24.35 52.80
C MET A 127 -21.65 -24.41 52.92
N ALA A 128 -20.95 -23.55 52.18
CA ALA A 128 -19.51 -23.52 52.24
C ALA A 128 -18.96 -22.61 53.32
N PHE A 129 -19.79 -21.94 54.10
CA PHE A 129 -19.26 -21.20 55.24
C PHE A 129 -19.32 -22.01 56.53
N ARG A 130 -19.75 -23.26 56.44
CA ARG A 130 -19.84 -24.08 57.64
C ARG A 130 -19.24 -25.46 57.45
N LYS A 131 -18.78 -26.08 58.53
CA LYS A 131 -18.22 -27.44 58.45
C LYS A 131 -16.80 -27.50 57.89
N LYS A 132 -16.15 -26.33 57.83
CA LYS A 132 -14.78 -26.20 57.36
C LYS A 132 -14.48 -26.66 55.93
N ARG A 133 -15.44 -26.45 55.05
CA ARG A 133 -15.28 -26.79 53.66
C ARG A 133 -15.42 -25.47 52.91
N ASP A 134 -14.30 -24.96 52.44
CA ASP A 134 -14.29 -23.70 51.70
C ASP A 134 -14.08 -23.96 50.22
N TYR A 135 -13.75 -25.22 49.96
CA TYR A 135 -13.58 -25.80 48.63
C TYR A 135 -14.97 -25.76 48.00
N LEU A 136 -15.96 -26.01 48.85
CA LEU A 136 -17.37 -26.02 48.48
C LEU A 136 -17.74 -24.63 48.01
N LEU A 137 -16.99 -23.65 48.50
CA LEU A 137 -17.17 -22.26 48.14
C LEU A 137 -16.89 -22.13 46.63
N ARG A 138 -15.92 -22.90 46.14
CA ARG A 138 -15.53 -22.88 44.73
C ARG A 138 -16.61 -23.30 43.71
N PRO A 139 -17.39 -24.41 44.04
CA PRO A 139 -18.42 -24.74 43.04
C PRO A 139 -19.45 -23.63 42.85
N ALA A 140 -19.80 -22.96 43.94
CA ALA A 140 -20.80 -21.90 43.94
C ALA A 140 -20.52 -20.66 43.08
N SER A 141 -19.27 -20.22 43.01
CA SER A 141 -18.92 -19.03 42.23
C SER A 141 -19.22 -19.19 40.74
N MET A 142 -18.93 -20.36 40.21
CA MET A 142 -19.12 -20.59 38.80
C MET A 142 -20.53 -20.23 38.41
N PHE A 143 -21.48 -20.47 39.30
CA PHE A 143 -22.86 -20.18 38.97
C PHE A 143 -23.16 -18.71 39.01
N TYR A 144 -22.32 -17.91 39.64
CA TYR A 144 -22.52 -16.49 39.60
C TYR A 144 -21.96 -15.87 38.34
N VAL A 145 -20.96 -16.48 37.71
CA VAL A 145 -20.61 -16.04 36.38
C VAL A 145 -21.71 -16.45 35.41
N PHE A 146 -22.22 -17.66 35.57
CA PHE A 146 -23.25 -18.05 34.64
C PHE A 146 -24.49 -17.21 34.88
N ALA A 147 -24.89 -17.02 36.13
CA ALA A 147 -26.04 -16.16 36.32
C ALA A 147 -25.76 -14.76 35.84
N GLY A 148 -24.51 -14.40 35.69
CA GLY A 148 -24.16 -13.09 35.17
C GLY A 148 -24.40 -13.10 33.69
N LEU A 149 -23.91 -14.12 33.02
CA LEU A 149 -23.98 -14.22 31.58
C LEU A 149 -25.33 -14.67 31.06
N CYS A 150 -26.20 -15.18 31.91
CA CYS A 150 -27.55 -15.47 31.45
C CYS A 150 -28.50 -14.31 31.66
N LEU A 151 -28.04 -13.19 32.20
CA LEU A 151 -28.76 -11.93 32.00
C LEU A 151 -28.31 -11.23 30.74
N PHE A 152 -27.03 -11.36 30.40
CA PHE A 152 -26.47 -10.70 29.23
C PHE A 152 -27.01 -11.26 27.93
N VAL A 153 -27.42 -12.53 27.91
CA VAL A 153 -28.24 -12.98 26.78
C VAL A 153 -29.60 -12.31 26.85
N SER A 154 -30.18 -12.28 28.05
CA SER A 154 -31.48 -11.67 28.26
C SER A 154 -31.47 -10.21 27.82
N LEU A 155 -30.40 -9.50 28.15
CA LEU A 155 -30.27 -8.10 27.78
C LEU A 155 -30.26 -7.95 26.26
N GLU A 156 -29.54 -8.84 25.59
CA GLU A 156 -29.45 -8.82 24.14
C GLU A 156 -30.76 -9.26 23.51
N VAL A 157 -31.47 -10.16 24.19
CA VAL A 157 -32.75 -10.66 23.70
C VAL A 157 -33.84 -9.61 23.78
N MET A 158 -33.76 -8.76 24.79
CA MET A 158 -34.76 -7.71 24.99
C MET A 158 -34.53 -6.53 24.04
N ARG A 159 -33.28 -6.34 23.63
CA ARG A 159 -32.92 -5.25 22.72
C ARG A 159 -33.50 -5.48 21.33
N GLN A 160 -33.54 -6.73 20.90
CA GLN A 160 -34.07 -7.08 19.59
C GLN A 160 -35.56 -6.79 19.50
N SER A 161 -36.28 -7.00 20.59
CA SER A 161 -37.72 -6.77 20.64
C SER A 161 -38.05 -5.29 20.43
N VAL A 162 -37.24 -4.42 21.03
CA VAL A 162 -37.44 -2.97 20.92
C VAL A 162 -36.91 -2.45 19.60
N LYS A 163 -35.99 -3.19 19.00
CA LYS A 163 -35.39 -2.80 17.73
C LYS A 163 -36.30 -3.15 16.54
N ARG A 164 -37.07 -4.22 16.69
CA ARG A 164 -37.97 -4.66 15.64
C ARG A 164 -39.30 -3.92 15.70
N MET A 165 -39.57 -3.29 16.83
CA MET A 165 -40.81 -2.54 17.03
C MET A 165 -40.54 -1.04 17.16
N ILE A 174 -42.42 6.37 17.23
CA ILE A 174 -42.03 5.10 17.83
C ILE A 174 -40.52 5.11 18.07
N GLU A 175 -40.14 5.18 19.35
CA GLU A 175 -38.73 5.30 19.75
C GLU A 175 -38.34 4.28 20.81
N TYR A 176 -37.17 4.46 21.43
CA TYR A 176 -36.77 3.58 22.52
C TYR A 176 -35.99 4.36 23.57
N TYR A 177 -36.22 3.98 24.82
CA TYR A 177 -35.58 4.60 25.98
C TYR A 177 -35.73 3.65 27.16
N TYR A 178 -34.63 3.43 27.87
CA TYR A 178 -34.64 2.56 29.04
C TYR A 178 -34.18 3.35 30.27
N SER A 179 -34.89 3.20 31.37
CA SER A 179 -34.60 4.08 32.51
C SER A 179 -34.42 3.34 33.82
N TRP A 180 -35.23 2.32 34.08
CA TRP A 180 -35.44 1.79 35.42
C TRP A 180 -34.95 0.37 35.61
N SER A 181 -34.88 -0.42 34.55
CA SER A 181 -34.60 -1.85 34.68
C SER A 181 -33.74 -2.43 33.58
N PHE A 182 -33.21 -1.64 32.67
CA PHE A 182 -32.12 -2.12 31.84
C PHE A 182 -30.81 -1.78 32.53
N ALA A 183 -30.68 -0.54 32.97
CA ALA A 183 -29.52 -0.12 33.75
C ALA A 183 -29.52 -0.69 35.15
N CYS A 184 -30.65 -1.25 35.60
CA CYS A 184 -30.60 -2.10 36.78
C CYS A 184 -29.91 -3.40 36.46
N ALA A 185 -30.40 -4.12 35.45
CA ALA A 185 -29.80 -5.40 35.09
C ALA A 185 -28.43 -5.23 34.46
N CYS A 186 -28.14 -4.10 33.83
CA CYS A 186 -26.76 -3.87 33.40
C CYS A 186 -25.87 -3.41 34.55
N ALA A 187 -26.43 -3.27 35.75
CA ALA A 187 -25.62 -3.15 36.95
C ALA A 187 -25.64 -4.42 37.78
N ALA A 188 -26.48 -5.38 37.42
CA ALA A 188 -26.46 -6.70 38.04
C ALA A 188 -25.78 -7.73 37.17
N PHE A 189 -25.75 -7.53 35.86
CA PHE A 189 -24.81 -8.23 35.02
C PHE A 189 -23.39 -7.94 35.49
N VAL A 190 -22.97 -6.67 35.45
CA VAL A 190 -21.59 -6.30 35.76
C VAL A 190 -21.23 -6.60 37.20
N LEU A 191 -22.22 -6.65 38.08
CA LEU A 191 -21.95 -7.12 39.42
C LEU A 191 -21.72 -8.63 39.44
N LEU A 192 -22.68 -9.42 38.95
CA LEU A 192 -22.58 -10.87 39.06
C LEU A 192 -21.50 -11.43 38.14
N PHE A 193 -21.29 -10.82 36.98
CA PHE A 193 -20.22 -11.31 36.12
C PHE A 193 -18.85 -11.02 36.70
N LEU A 194 -18.69 -9.95 37.44
CA LEU A 194 -17.37 -9.60 37.93
C LEU A 194 -17.21 -9.84 39.42
N GLY A 195 -18.30 -9.93 40.16
CA GLY A 195 -18.18 -10.53 41.47
C GLY A 195 -18.13 -12.03 41.47
N GLY A 196 -18.20 -12.66 40.31
CA GLY A 196 -18.03 -14.09 40.22
C GLY A 196 -16.61 -14.43 39.84
N ILE A 197 -16.03 -13.69 38.90
CA ILE A 197 -14.66 -13.99 38.48
C ILE A 197 -13.68 -13.59 39.57
N SER A 198 -13.99 -12.53 40.30
CA SER A 198 -13.09 -12.13 41.37
C SER A 198 -13.20 -13.05 42.58
N LEU A 199 -14.40 -13.53 42.91
CA LEU A 199 -14.56 -14.57 43.92
C LEU A 199 -13.84 -15.84 43.54
N LEU A 200 -13.78 -16.14 42.24
CA LEU A 200 -13.05 -17.30 41.76
C LEU A 200 -11.56 -17.14 42.05
N LEU A 201 -10.98 -16.01 41.67
CA LEU A 201 -9.56 -15.81 41.91
C LEU A 201 -9.27 -15.52 43.37
N PHE A 202 -10.28 -15.14 44.15
CA PHE A 202 -10.09 -14.99 45.60
C PHE A 202 -10.39 -16.28 46.33
N SER A 203 -10.56 -17.38 45.60
CA SER A 203 -10.72 -18.70 46.20
C SER A 203 -9.85 -19.77 45.57
N LEU A 204 -9.47 -19.65 44.31
CA LEU A 204 -8.37 -20.43 43.78
C LEU A 204 -7.10 -20.03 44.51
N PRO A 205 -6.23 -20.97 44.84
CA PRO A 205 -5.11 -20.67 45.73
C PRO A 205 -4.12 -19.57 45.39
N ARG A 206 -3.64 -19.44 44.16
CA ARG A 206 -2.68 -18.42 43.72
C ARG A 206 -1.66 -19.09 42.82
N MET A 207 -0.53 -18.42 42.69
CA MET A 207 0.58 -18.93 41.93
C MET A 207 1.56 -19.16 43.07
N PRO A 208 2.24 -20.37 43.08
CA PRO A 208 3.12 -20.54 44.23
C PRO A 208 4.19 -19.46 44.38
N GLN A 209 4.80 -19.05 43.27
CA GLN A 209 5.82 -18.01 43.30
C GLN A 209 7.14 -18.62 43.74
N ASN A 210 7.13 -19.92 44.04
CA ASN A 210 8.32 -20.63 44.46
C ASN A 210 8.31 -22.05 43.92
N PRO A 211 9.56 -22.61 43.65
CA PRO A 211 9.50 -23.99 43.15
C PRO A 211 8.92 -24.94 44.19
N TRP A 212 9.31 -24.76 45.45
CA TRP A 212 8.83 -25.63 46.52
C TRP A 212 7.33 -25.54 46.68
N GLU A 213 6.78 -24.34 46.61
CA GLU A 213 5.34 -24.19 46.74
C GLU A 213 4.71 -24.90 45.55
N SER A 214 3.59 -25.56 45.80
CA SER A 214 2.88 -26.28 44.75
C SER A 214 1.44 -25.81 44.74
N CYS A 215 0.82 -25.73 43.57
CA CYS A 215 -0.56 -25.30 43.53
C CYS A 215 -1.36 -26.34 44.27
N MET A 216 -2.41 -25.92 44.96
CA MET A 216 -3.23 -26.82 45.74
C MET A 216 -2.28 -27.51 46.71
N ASP A 217 -1.29 -26.75 47.18
CA ASP A 217 -0.32 -27.27 48.13
C ASP A 217 -0.98 -27.61 49.45
N ALA A 218 -0.51 -28.66 50.09
CA ALA A 218 -1.08 -29.03 51.38
C ALA A 218 -1.50 -27.80 52.17
N GLU A 219 -2.50 -28.00 53.02
CA GLU A 219 -3.22 -27.00 53.85
C GLU A 219 -3.51 -25.66 53.18
N GLN B 1 65.31 28.88 90.64
CA GLN B 1 64.39 29.90 91.14
C GLN B 1 64.57 31.22 90.38
N GLY B 2 64.55 32.33 91.11
CA GLY B 2 64.60 33.64 90.51
C GLY B 2 65.98 34.00 89.98
N PRO B 3 67.01 33.39 90.55
CA PRO B 3 68.37 33.63 90.05
C PRO B 3 68.73 32.64 88.93
N HIS B 4 67.94 31.57 88.83
CA HIS B 4 68.14 30.59 87.76
C HIS B 4 67.31 30.88 86.52
N MET B 5 66.29 31.72 86.64
CA MET B 5 65.44 32.08 85.51
C MET B 5 65.93 33.29 84.73
N ALA B 6 66.95 33.99 85.22
CA ALA B 6 67.45 35.17 84.52
C ALA B 6 68.29 34.78 83.31
N LEU B 7 68.99 33.65 83.38
CA LEU B 7 69.85 33.20 82.29
C LEU B 7 69.24 32.06 81.49
N ARG B 8 68.35 31.28 82.07
CA ARG B 8 67.78 30.13 81.35
C ARG B 8 66.69 30.55 80.38
N LYS B 9 65.92 31.58 80.70
CA LYS B 9 64.87 32.06 79.81
C LYS B 9 65.38 33.03 78.74
N GLU B 10 66.52 33.67 78.98
CA GLU B 10 67.15 34.51 77.96
C GLU B 10 68.00 33.70 77.00
N ALA B 11 68.17 32.41 77.24
CA ALA B 11 68.81 31.51 76.28
C ALA B 11 67.81 30.86 75.35
N GLU B 12 66.55 30.72 75.80
CA GLU B 12 65.54 30.10 74.95
C GLU B 12 65.10 31.04 73.83
N ARG B 13 64.99 32.34 74.13
CA ARG B 13 64.62 33.32 73.11
C ARG B 13 65.80 33.61 72.18
N GLN B 14 67.03 33.54 72.68
CA GLN B 14 68.19 33.75 71.83
C GLN B 14 68.41 32.59 70.88
N ALA B 15 68.11 31.36 71.32
CA ALA B 15 68.15 30.21 70.43
C ALA B 15 66.93 30.13 69.53
N LEU B 16 65.83 30.81 69.89
CA LEU B 16 64.68 30.91 69.01
C LEU B 16 64.91 31.90 67.88
N ALA B 17 65.65 32.98 68.17
CA ALA B 17 65.99 33.95 67.13
C ALA B 17 66.98 33.36 66.13
N GLN B 18 67.91 32.52 66.60
CA GLN B 18 68.80 31.80 65.69
C GLN B 18 68.02 30.77 64.87
N LEU B 19 66.95 30.20 65.45
CA LEU B 19 66.14 29.23 64.74
C LEU B 19 65.29 29.89 63.65
N GLU B 20 64.81 31.12 63.91
CA GLU B 20 64.05 31.84 62.91
C GLU B 20 64.94 32.40 61.80
N LYS B 21 66.21 32.67 62.10
CA LYS B 21 67.14 33.27 61.16
C LYS B 21 67.89 32.24 60.34
N ALA B 22 67.53 30.97 60.40
CA ALA B 22 68.18 29.93 59.62
C ALA B 22 67.26 29.27 58.60
N LYS B 23 65.97 29.59 58.60
CA LYS B 23 65.04 28.98 57.64
C LYS B 23 65.30 29.48 56.24
N THR B 24 65.70 30.75 56.10
CA THR B 24 66.00 31.32 54.79
C THR B 24 67.42 31.05 54.34
N LYS B 25 68.28 30.54 55.22
CA LYS B 25 69.65 30.19 54.86
C LYS B 25 69.65 28.99 53.91
N PRO B 26 70.53 28.95 52.92
CA PRO B 26 70.54 27.83 51.97
C PRO B 26 71.03 26.53 52.60
N VAL B 27 70.65 25.42 51.97
CA VAL B 27 70.93 24.11 52.53
C VAL B 27 72.41 23.80 52.34
N ALA B 28 73.10 23.52 53.46
CA ALA B 28 74.52 23.24 53.41
C ALA B 28 74.79 21.77 53.07
N PHE B 29 74.34 20.85 53.93
CA PHE B 29 74.61 19.44 53.74
C PHE B 29 73.47 18.63 54.33
N ALA B 30 73.12 17.54 53.64
CA ALA B 30 72.05 16.66 54.06
C ALA B 30 72.63 15.31 54.50
N VAL B 31 71.93 14.66 55.43
CA VAL B 31 72.40 13.43 56.04
C VAL B 31 71.37 12.32 55.83
N ARG B 32 71.86 11.09 55.90
CA ARG B 32 71.01 9.90 55.88
C ARG B 32 71.02 9.28 57.27
N THR B 33 69.84 9.13 57.86
CA THR B 33 69.73 8.61 59.21
C THR B 33 69.71 7.09 59.21
N ASN B 34 70.15 6.49 60.32
CA ASN B 34 70.16 5.04 60.45
C ASN B 34 69.27 4.51 61.56
N VAL B 35 69.02 5.30 62.61
CA VAL B 35 68.22 4.89 63.75
C VAL B 35 67.04 5.85 63.90
N GLY B 36 66.24 5.62 64.93
CA GLY B 36 65.05 6.42 65.21
C GLY B 36 65.23 7.26 66.44
N TYR B 37 64.53 8.41 66.47
CA TYR B 37 64.63 9.35 67.57
C TYR B 37 63.41 10.27 67.59
N ASN B 38 62.93 10.57 68.80
CA ASN B 38 61.90 11.56 69.03
C ASN B 38 62.32 12.45 70.18
N PRO B 39 61.83 13.70 70.22
CA PRO B 39 62.28 14.62 71.27
C PRO B 39 61.68 14.32 72.62
N SER B 40 62.49 14.47 73.67
CA SER B 40 62.04 14.21 75.03
C SER B 40 62.15 15.46 75.88
N PRO B 41 61.65 15.43 77.13
CA PRO B 41 61.66 16.67 77.93
C PRO B 41 63.02 16.95 78.57
N GLY B 42 63.85 15.92 78.74
CA GLY B 42 65.15 16.09 79.36
C GLY B 42 66.34 16.08 78.43
N ASP B 43 66.15 16.35 77.13
CA ASP B 43 67.23 16.25 76.16
C ASP B 43 68.06 17.52 76.04
N GLU B 44 67.97 18.43 77.02
CA GLU B 44 68.68 19.72 77.04
C GLU B 44 68.37 20.55 75.80
N VAL B 45 67.11 20.51 75.38
CA VAL B 45 66.65 21.16 74.13
C VAL B 45 66.71 22.68 74.33
N PRO B 46 67.28 23.43 73.39
CA PRO B 46 67.44 24.89 73.62
C PRO B 46 66.12 25.65 73.59
N VAL B 47 65.24 25.35 72.65
CA VAL B 47 63.90 25.92 72.62
C VAL B 47 62.95 24.74 72.80
N GLU B 48 62.34 24.65 73.98
CA GLU B 48 61.50 23.50 74.33
C GLU B 48 60.20 23.55 73.52
N GLY B 49 60.11 22.69 72.51
CA GLY B 49 58.91 22.58 71.70
C GLY B 49 59.14 22.51 70.22
N VAL B 50 60.29 22.98 69.74
CA VAL B 50 60.55 23.12 68.32
C VAL B 50 61.55 22.08 67.81
N ALA B 51 61.62 20.93 68.46
CA ALA B 51 62.51 19.86 68.02
C ALA B 51 61.78 18.92 67.07
N ILE B 52 62.56 18.26 66.21
CA ILE B 52 62.02 17.37 65.19
C ILE B 52 62.40 15.92 65.49
N THR B 53 61.67 15.02 64.85
CA THR B 53 61.81 13.58 65.08
C THR B 53 62.07 12.86 63.76
N PHE B 54 62.91 11.82 63.83
CA PHE B 54 63.22 11.00 62.67
C PHE B 54 63.24 9.54 63.08
N GLU B 55 62.77 8.68 62.17
CA GLU B 55 62.84 7.23 62.32
C GLU B 55 64.06 6.71 61.56
N PRO B 56 64.26 5.40 61.51
CA PRO B 56 65.32 4.85 60.66
C PRO B 56 65.06 5.14 59.19
N LYS B 57 66.16 5.49 58.49
CA LYS B 57 66.18 5.84 57.07
C LYS B 57 65.26 7.02 56.75
N ASP B 58 65.66 8.18 57.30
CA ASP B 58 65.05 9.46 56.98
C ASP B 58 66.12 10.43 56.49
N PHE B 59 65.67 11.59 56.03
CA PHE B 59 66.54 12.62 55.43
C PHE B 59 66.38 13.93 56.18
N LEU B 60 67.48 14.64 56.38
CA LEU B 60 67.48 15.91 57.12
C LEU B 60 68.37 16.93 56.40
N HIS B 61 67.73 17.90 55.75
CA HIS B 61 68.45 19.01 55.10
C HIS B 61 68.90 19.99 56.18
N ILE B 62 70.12 19.81 56.67
CA ILE B 62 70.64 20.62 57.76
C ILE B 62 71.00 22.00 57.23
N LYS B 63 70.44 23.03 57.86
CA LYS B 63 70.72 24.40 57.44
C LYS B 63 72.03 24.90 58.05
N GLU B 64 72.10 24.98 59.38
CA GLU B 64 73.30 25.44 60.07
C GLU B 64 73.49 24.63 61.35
N LYS B 65 74.54 24.99 62.08
CA LYS B 65 74.94 24.31 63.31
C LYS B 65 74.75 25.28 64.47
N TYR B 66 73.78 24.98 65.35
CA TYR B 66 73.49 25.86 66.48
C TYR B 66 74.60 25.79 67.52
N ASN B 67 74.91 24.59 67.98
CA ASN B 67 75.97 24.38 68.96
C ASN B 67 76.58 23.01 68.69
N ASN B 68 77.32 22.50 69.68
CA ASN B 68 77.94 21.19 69.53
C ASN B 68 76.98 20.05 69.84
N ASP B 69 75.75 20.36 70.25
CA ASP B 69 74.78 19.34 70.61
C ASP B 69 73.49 19.41 69.81
N TRP B 70 73.27 20.46 69.03
CA TRP B 70 72.06 20.54 68.20
C TRP B 70 72.38 21.22 66.88
N TRP B 71 71.92 20.62 65.79
CA TRP B 71 71.98 21.22 64.48
C TRP B 71 70.62 21.84 64.14
N ILE B 72 70.61 22.67 63.11
CA ILE B 72 69.38 23.32 62.66
C ILE B 72 69.13 22.88 61.22
N GLY B 73 67.97 22.30 60.97
CA GLY B 73 67.63 21.80 59.64
C GLY B 73 66.21 21.31 59.60
N ARG B 74 65.79 20.94 58.40
CA ARG B 74 64.39 20.60 58.15
C ARG B 74 64.26 19.17 57.65
N LEU B 75 63.05 18.64 57.82
CA LEU B 75 62.73 17.29 57.37
C LEU B 75 62.27 17.31 55.92
N VAL B 76 62.70 16.31 55.15
CA VAL B 76 62.32 16.24 53.75
C VAL B 76 60.95 15.59 53.67
N LYS B 77 59.92 16.43 53.69
CA LYS B 77 58.53 16.02 53.82
C LYS B 77 57.68 17.25 53.51
N GLU B 78 56.46 17.01 53.03
CA GLU B 78 55.59 18.10 52.59
C GLU B 78 55.10 18.93 53.78
N GLY B 79 55.50 20.20 53.80
CA GLY B 79 55.01 21.13 54.79
C GLY B 79 55.89 21.28 56.02
N CYS B 80 56.90 20.43 56.19
CA CYS B 80 57.70 20.44 57.40
C CYS B 80 58.70 21.59 57.39
N GLU B 81 58.88 22.18 58.57
CA GLU B 81 59.71 23.36 58.76
C GLU B 81 61.06 22.95 59.33
N VAL B 82 61.86 23.93 59.77
CA VAL B 82 63.16 23.64 60.37
C VAL B 82 62.99 23.06 61.76
N GLY B 83 64.09 22.57 62.33
CA GLY B 83 64.04 22.01 63.66
C GLY B 83 65.42 21.70 64.20
N PHE B 84 65.43 21.21 65.44
CA PHE B 84 66.65 20.89 66.18
C PHE B 84 67.08 19.46 65.86
N ILE B 85 68.14 19.32 65.07
CA ILE B 85 68.69 18.01 64.73
C ILE B 85 69.74 17.66 65.79
N PRO B 86 69.64 16.52 66.45
CA PRO B 86 70.71 16.11 67.38
C PRO B 86 71.95 15.68 66.61
N SER B 87 73.10 16.19 67.04
CA SER B 87 74.37 15.86 66.40
C SER B 87 74.75 14.41 66.71
N PRO B 88 75.68 13.82 65.93
CA PRO B 88 76.15 12.46 66.27
C PRO B 88 76.85 12.37 67.61
N VAL B 89 77.45 13.46 68.11
CA VAL B 89 77.99 13.43 69.46
C VAL B 89 76.90 13.69 70.49
N LYS B 90 75.78 14.30 70.09
CA LYS B 90 74.59 14.32 70.94
C LYS B 90 73.91 12.96 70.95
N LEU B 91 73.90 12.28 69.80
CA LEU B 91 73.44 10.89 69.77
C LEU B 91 74.43 9.95 70.45
N ASP B 92 75.69 10.36 70.58
CA ASP B 92 76.63 9.63 71.43
C ASP B 92 76.42 9.96 72.90
N SER B 93 75.93 11.15 73.22
CA SER B 93 75.72 11.51 74.62
C SER B 93 74.44 10.91 75.19
N LEU B 94 73.41 10.71 74.36
CA LEU B 94 72.11 10.27 74.87
C LEU B 94 72.10 8.79 75.26
N ARG B 95 72.89 7.96 74.58
CA ARG B 95 72.87 6.53 74.87
C ARG B 95 73.69 6.19 76.12
N LEU B 96 74.79 6.91 76.35
CA LEU B 96 75.61 6.65 77.54
C LEU B 96 74.96 7.16 78.82
N LEU B 97 74.02 8.11 78.73
CA LEU B 97 73.25 8.51 79.89
C LEU B 97 72.17 7.50 80.23
N GLN B 98 71.82 6.62 79.29
CA GLN B 98 70.88 5.54 79.58
C GLN B 98 71.53 4.44 80.40
N GLU B 99 72.86 4.37 80.40
CA GLU B 99 73.57 3.40 81.23
C GLU B 99 73.99 3.96 82.58
N GLN B 100 74.45 5.20 82.62
CA GLN B 100 74.92 5.82 83.86
C GLN B 100 73.75 6.19 84.77
N VAL C 191 79.54 2.14 63.92
CA VAL C 191 78.43 2.45 63.04
C VAL C 191 78.07 3.92 63.15
N PRO C 192 78.32 4.68 62.09
CA PRO C 192 77.90 6.10 62.07
C PRO C 192 76.41 6.22 61.82
N PRO C 193 75.72 7.06 62.58
CA PRO C 193 74.28 7.24 62.34
C PRO C 193 73.93 8.16 61.19
N TYR C 194 74.81 9.11 60.84
CA TYR C 194 74.55 10.07 59.77
C TYR C 194 75.59 9.91 58.66
N ASP C 195 75.14 9.98 57.42
CA ASP C 195 76.00 9.80 56.26
C ASP C 195 75.81 10.97 55.31
N VAL C 196 76.92 11.52 54.81
CA VAL C 196 76.90 12.76 54.04
C VAL C 196 76.34 12.44 52.65
N VAL C 197 75.08 12.77 52.42
CA VAL C 197 74.41 12.53 51.15
C VAL C 197 74.18 13.89 50.49
N PRO C 198 73.95 13.96 49.17
CA PRO C 198 73.62 15.25 48.56
C PRO C 198 72.27 15.79 49.02
N SER C 199 72.13 17.11 48.92
CA SER C 199 70.92 17.79 49.37
C SER C 199 69.76 17.59 48.42
N MET C 200 70.02 17.27 47.15
CA MET C 200 68.98 16.93 46.19
C MET C 200 69.39 15.65 45.50
N ARG C 201 68.56 14.60 45.66
CA ARG C 201 68.96 13.28 45.24
C ARG C 201 68.97 13.16 43.71
N PRO C 202 69.97 12.50 43.14
CA PRO C 202 70.00 12.34 41.68
C PRO C 202 68.98 11.32 41.20
N ILE C 203 68.25 11.69 40.17
CA ILE C 203 67.22 10.83 39.61
C ILE C 203 67.88 9.81 38.69
N ILE C 204 67.58 8.53 38.91
CA ILE C 204 68.12 7.44 38.11
C ILE C 204 66.95 6.67 37.53
N LEU C 205 67.01 6.29 36.25
CA LEU C 205 65.95 5.47 35.65
C LEU C 205 66.50 4.07 35.36
N VAL C 206 65.91 3.03 35.95
CA VAL C 206 66.39 1.66 35.76
C VAL C 206 65.41 0.51 36.05
N GLY C 207 65.85 -0.71 35.75
CA GLY C 207 65.08 -1.93 35.98
C GLY C 207 64.29 -2.61 34.88
N PRO C 208 64.20 -1.98 33.64
CA PRO C 208 63.43 -2.73 32.62
C PRO C 208 64.08 -4.06 32.27
N SER C 209 65.40 -4.08 32.18
CA SER C 209 66.23 -5.24 31.85
C SER C 209 67.69 -4.80 31.94
N LEU C 210 68.60 -5.59 31.37
CA LEU C 210 69.99 -5.19 31.34
C LEU C 210 70.23 -4.05 30.36
N LYS C 211 70.93 -3.01 30.83
CA LYS C 211 71.35 -1.92 29.96
C LYS C 211 72.49 -2.36 29.07
N GLY C 212 72.92 -1.46 28.18
CA GLY C 212 73.90 -1.84 27.19
C GLY C 212 73.31 -2.62 26.05
N TYR C 213 72.05 -2.37 25.71
CA TYR C 213 71.37 -3.03 24.62
C TYR C 213 70.47 -2.03 23.91
N GLU C 214 69.98 -2.41 22.74
CA GLU C 214 69.03 -1.58 22.01
C GLU C 214 67.64 -1.61 22.64
N VAL C 215 67.35 -2.65 23.42
CA VAL C 215 66.03 -2.80 24.02
C VAL C 215 65.87 -1.84 25.19
N THR C 216 66.71 -1.99 26.22
CA THR C 216 66.52 -1.30 27.49
C THR C 216 66.85 0.19 27.38
N ASP C 217 67.88 0.53 26.61
CA ASP C 217 68.34 1.91 26.54
C ASP C 217 67.36 2.79 25.75
N MET C 218 66.82 2.27 24.65
CA MET C 218 65.89 3.06 23.85
C MET C 218 64.53 3.20 24.50
N MET C 219 64.20 2.32 25.45
CA MET C 219 63.03 2.58 26.29
C MET C 219 63.29 3.70 27.28
N GLN C 220 64.52 3.79 27.81
CA GLN C 220 64.82 4.82 28.77
C GLN C 220 65.07 6.16 28.10
N LYS C 221 65.57 6.16 26.86
CA LYS C 221 65.84 7.39 26.13
C LYS C 221 64.57 8.19 25.86
N ALA C 222 63.43 7.51 25.72
CA ALA C 222 62.16 8.21 25.65
C ALA C 222 61.81 8.88 26.98
N LEU C 223 62.24 8.31 28.10
CA LEU C 223 61.90 8.88 29.40
C LEU C 223 62.78 10.07 29.74
N PHE C 224 64.03 10.10 29.25
CA PHE C 224 64.88 11.27 29.47
C PHE C 224 64.40 12.48 28.68
N ASP C 225 63.67 12.26 27.60
CA ASP C 225 63.17 13.36 26.79
C ASP C 225 62.00 14.06 27.47
N PHE C 226 61.19 13.31 28.22
CA PHE C 226 60.03 13.90 28.87
C PHE C 226 60.44 14.82 30.01
N LEU C 227 61.40 14.38 30.83
CA LEU C 227 61.84 15.16 31.98
C LEU C 227 62.79 16.29 31.61
N LYS C 228 63.20 16.38 30.35
CA LYS C 228 64.09 17.47 29.95
C LYS C 228 63.34 18.78 29.76
N HIS C 229 62.19 18.74 29.09
CA HIS C 229 61.43 19.96 28.81
C HIS C 229 60.28 20.21 29.77
N LEU C 230 59.82 19.19 30.49
CA LEU C 230 58.76 19.41 31.48
C LEU C 230 59.29 20.18 32.69
N PHE C 231 60.50 19.86 33.13
CA PHE C 231 61.14 20.51 34.25
C PHE C 231 62.36 21.30 33.81
N ASP C 232 62.24 21.95 32.64
CA ASP C 232 63.32 22.75 32.07
C ASP C 232 63.58 23.99 32.91
N GLY C 233 64.86 24.21 33.24
CA GLY C 233 65.25 25.29 34.12
C GLY C 233 65.38 24.92 35.58
N ARG C 234 64.84 23.77 35.99
CA ARG C 234 64.94 23.28 37.36
C ARG C 234 65.38 21.82 37.39
N ILE C 235 66.28 21.44 36.48
CA ILE C 235 66.83 20.09 36.45
C ILE C 235 68.27 20.18 35.92
N SER C 236 69.09 19.19 36.28
CA SER C 236 70.43 19.03 35.73
C SER C 236 70.57 17.60 35.27
N ILE C 237 70.49 17.39 33.96
CA ILE C 237 70.55 16.06 33.35
C ILE C 237 71.94 15.85 32.78
N THR C 238 72.58 14.75 33.16
CA THR C 238 73.94 14.46 32.74
C THR C 238 74.01 13.06 32.12
N ARG C 239 75.15 12.78 31.51
CA ARG C 239 75.45 11.48 30.91
C ARG C 239 76.62 10.87 31.67
N VAL C 240 76.38 9.74 32.32
CA VAL C 240 77.34 9.11 33.22
C VAL C 240 78.15 8.09 32.44
N THR C 241 79.48 8.10 32.63
CA THR C 241 80.40 7.21 31.94
C THR C 241 81.05 6.19 32.85
N ALA C 242 81.65 6.62 33.96
CA ALA C 242 82.42 5.75 34.83
C ALA C 242 81.53 5.07 35.86
N ASP C 243 81.90 3.84 36.22
CA ASP C 243 81.11 3.01 37.13
C ASP C 243 81.22 3.58 38.54
N ILE C 244 80.12 4.10 39.06
CA ILE C 244 80.11 4.74 40.38
C ILE C 244 79.77 3.75 41.49
N SER C 245 79.69 2.45 41.18
CA SER C 245 79.46 1.43 42.19
C SER C 245 80.76 0.83 42.73
N LEU C 246 81.85 1.60 42.69
CA LEU C 246 83.18 1.08 42.99
C LEU C 246 83.76 1.62 44.30
N ALA C 247 83.25 2.75 44.80
CA ALA C 247 83.74 3.31 46.05
C ALA C 247 82.99 2.75 47.25
N ARG C 267 88.81 -1.64 35.24
CA ARG C 267 87.79 -0.61 35.37
C ARG C 267 88.38 0.73 35.76
N SER C 268 87.51 1.65 36.18
CA SER C 268 87.96 2.99 36.55
C SER C 268 88.68 2.96 37.90
N SER C 269 89.54 3.96 38.11
CA SER C 269 90.22 4.13 39.37
C SER C 269 89.31 4.87 40.36
N LEU C 270 89.86 5.17 41.55
CA LEU C 270 89.08 5.90 42.54
C LEU C 270 88.93 7.37 42.21
N ALA C 271 89.95 7.97 41.56
CA ALA C 271 89.93 9.41 41.32
C ALA C 271 88.97 9.80 40.21
N GLU C 272 88.87 8.99 39.15
CA GLU C 272 87.96 9.30 38.05
C GLU C 272 86.50 9.12 38.44
N VAL C 273 86.23 8.29 39.44
CA VAL C 273 84.86 8.10 39.89
C VAL C 273 84.47 9.17 40.92
N GLN C 274 85.36 9.44 41.89
CA GLN C 274 85.06 10.37 42.97
C GLN C 274 84.96 11.81 42.47
N SER C 275 85.74 12.17 41.44
CA SER C 275 85.60 13.47 40.81
C SER C 275 84.29 13.62 40.05
N GLU C 276 83.66 12.51 39.68
CA GLU C 276 82.31 12.54 39.13
C GLU C 276 81.25 12.49 40.22
N ILE C 277 81.56 11.83 41.36
CA ILE C 277 80.65 11.87 42.50
C ILE C 277 80.59 13.27 43.11
N GLU C 278 81.75 13.94 43.20
CA GLU C 278 81.76 15.31 43.69
C GLU C 278 81.16 16.30 42.70
N ARG C 279 81.02 15.92 41.42
CA ARG C 279 80.26 16.73 40.49
C ARG C 279 78.76 16.63 40.76
N ILE C 280 78.29 15.47 41.23
CA ILE C 280 76.93 15.34 41.73
C ILE C 280 76.78 16.14 43.02
N PHE C 281 77.85 16.23 43.82
CA PHE C 281 77.83 17.04 45.03
C PHE C 281 77.74 18.53 44.72
N GLU C 282 78.27 18.94 43.56
CA GLU C 282 78.13 20.32 43.11
C GLU C 282 76.73 20.62 42.60
N LEU C 283 76.08 19.65 41.96
CA LEU C 283 74.75 19.81 41.41
C LEU C 283 73.64 19.74 42.46
N ALA C 284 73.98 19.51 43.73
CA ALA C 284 73.03 19.60 44.82
C ALA C 284 73.14 20.93 45.57
N ARG C 285 74.08 21.79 45.20
CA ARG C 285 74.32 23.02 45.95
C ARG C 285 73.32 24.11 45.60
N THR C 286 72.93 24.21 44.34
CA THR C 286 72.00 25.24 43.91
C THR C 286 70.54 24.84 44.08
N LEU C 287 70.29 23.69 44.73
CA LEU C 287 68.96 23.19 45.09
C LEU C 287 68.07 23.00 43.85
N GLN C 288 68.55 22.15 42.94
CA GLN C 288 67.80 21.79 41.74
C GLN C 288 67.86 20.28 41.56
N LEU C 289 67.04 19.78 40.64
CA LEU C 289 66.97 18.35 40.39
C LEU C 289 68.20 17.87 39.64
N VAL C 290 68.65 16.66 39.97
CA VAL C 290 69.80 16.02 39.34
C VAL C 290 69.28 14.75 38.66
N ALA C 291 69.73 14.50 37.44
CA ALA C 291 69.33 13.31 36.70
C ALA C 291 70.56 12.63 36.11
N LEU C 292 70.60 11.31 36.18
CA LEU C 292 71.77 10.54 35.77
C LEU C 292 71.41 9.59 34.64
N ASP C 293 72.21 9.60 33.59
CA ASP C 293 72.14 8.60 32.53
C ASP C 293 73.28 7.62 32.77
N ALA C 294 73.08 6.71 33.73
CA ALA C 294 74.05 5.71 34.09
C ALA C 294 73.78 4.44 33.30
N ASP C 295 74.83 3.87 32.70
CA ASP C 295 74.67 2.84 31.69
C ASP C 295 74.98 1.44 32.16
N THR C 296 75.46 1.28 33.40
CA THR C 296 75.80 -0.03 33.94
C THR C 296 75.00 -0.39 35.20
N ILE C 297 74.07 0.45 35.63
CA ILE C 297 73.34 0.22 36.87
C ILE C 297 72.16 -0.71 36.59
N ASN C 298 72.19 -1.89 37.21
CA ASN C 298 71.19 -2.92 36.94
C ASN C 298 70.73 -3.66 38.20
N HIS C 299 70.78 -3.01 39.36
CA HIS C 299 70.50 -3.68 40.62
C HIS C 299 70.20 -2.60 41.66
N PRO C 300 69.33 -2.88 42.64
CA PRO C 300 69.11 -1.90 43.73
C PRO C 300 70.31 -1.72 44.64
N ALA C 301 70.91 -2.80 45.11
CA ALA C 301 72.08 -2.74 45.99
C ALA C 301 73.38 -2.46 45.25
N GLN C 302 73.33 -2.28 43.92
CA GLN C 302 74.49 -1.80 43.19
C GLN C 302 74.87 -0.39 43.62
N LEU C 303 73.89 0.42 43.99
CA LEU C 303 74.16 1.78 44.47
C LEU C 303 73.72 1.93 45.92
N SER C 304 74.12 0.99 46.78
CA SER C 304 73.80 1.05 48.20
C SER C 304 74.99 1.30 49.10
N LYS C 305 76.20 1.38 48.55
CA LYS C 305 77.40 1.46 49.37
C LYS C 305 78.07 2.83 49.33
N THR C 306 77.71 3.68 48.37
CA THR C 306 78.28 5.01 48.30
C THR C 306 77.47 5.98 49.17
N SER C 307 77.79 7.26 49.05
CA SER C 307 77.16 8.31 49.83
C SER C 307 76.33 9.25 48.94
N LEU C 308 75.60 8.67 47.99
CA LEU C 308 74.72 9.42 47.11
C LEU C 308 73.24 9.20 47.42
N ALA C 309 72.82 7.93 47.55
CA ALA C 309 71.43 7.49 47.65
C ALA C 309 70.55 8.06 46.55
N PRO C 310 70.69 7.60 45.30
CA PRO C 310 69.89 8.17 44.21
C PRO C 310 68.45 7.67 44.22
N ILE C 311 67.64 8.30 43.39
CA ILE C 311 66.22 7.98 43.26
C ILE C 311 66.09 6.78 42.32
N ILE C 312 65.55 5.68 42.84
CA ILE C 312 65.46 4.42 42.09
C ILE C 312 64.10 4.39 41.42
N VAL C 313 64.02 4.99 40.23
CA VAL C 313 62.84 4.84 39.38
C VAL C 313 62.95 3.49 38.69
N TYR C 314 62.04 2.58 39.00
CA TYR C 314 62.07 1.22 38.46
C TYR C 314 61.03 1.12 37.35
N ILE C 315 61.50 1.05 36.11
CA ILE C 315 60.60 0.74 35.00
C ILE C 315 60.20 -0.73 35.09
N LYS C 316 58.91 -0.97 35.18
CA LYS C 316 58.37 -2.31 35.37
C LYS C 316 57.72 -2.77 34.08
N ILE C 317 58.30 -3.79 33.45
CA ILE C 317 57.64 -4.51 32.37
C ILE C 317 56.73 -5.53 33.04
N THR C 318 55.42 -5.36 32.87
CA THR C 318 54.47 -6.16 33.62
C THR C 318 54.39 -7.61 33.14
N SER C 319 54.85 -7.89 31.92
CA SER C 319 54.78 -9.24 31.37
C SER C 319 56.14 -9.64 30.81
N PRO C 320 56.72 -10.75 31.28
CA PRO C 320 58.05 -11.14 30.77
C PRO C 320 58.02 -11.66 29.34
N LYS C 321 56.88 -12.15 28.84
CA LYS C 321 56.85 -12.64 27.47
C LYS C 321 56.91 -11.53 26.44
N VAL C 322 56.51 -10.31 26.82
CA VAL C 322 56.49 -9.20 25.87
C VAL C 322 57.92 -8.73 25.58
N LEU C 323 58.84 -8.94 26.53
CA LEU C 323 60.21 -8.50 26.37
C LEU C 323 60.90 -9.23 25.22
N GLN C 324 60.75 -10.55 25.16
CA GLN C 324 61.33 -11.30 24.05
C GLN C 324 60.57 -11.12 22.75
N ARG C 325 59.41 -10.48 22.77
CA ARG C 325 58.76 -10.05 21.53
C ARG C 325 59.28 -8.68 21.10
N LEU C 326 59.72 -7.93 22.10
CA LEU C 326 60.41 -6.67 21.91
C LEU C 326 61.78 -7.00 21.29
N ILE C 327 62.39 -8.11 21.74
CA ILE C 327 63.72 -8.54 21.31
C ILE C 327 63.70 -8.93 19.83
N LYS C 328 62.67 -9.66 19.40
CA LYS C 328 62.56 -10.00 17.98
C LYS C 328 62.09 -8.83 17.12
N SER C 329 61.73 -7.70 17.72
CA SER C 329 61.42 -6.52 16.94
C SER C 329 62.67 -5.68 16.64
N ARG C 330 63.77 -5.94 17.33
CA ARG C 330 65.01 -5.20 17.15
C ARG C 330 65.91 -5.80 16.07
N GLY C 331 65.38 -6.68 15.23
CA GLY C 331 66.19 -7.35 14.23
C GLY C 331 66.85 -8.60 14.78
N LYS C 332 67.88 -9.04 14.07
CA LYS C 332 68.66 -10.19 14.50
C LYS C 332 69.90 -9.81 15.28
N SER C 333 70.14 -8.51 15.50
CA SER C 333 71.25 -8.09 16.34
C SER C 333 70.97 -8.43 17.81
N GLN C 334 69.77 -8.11 18.28
CA GLN C 334 69.37 -8.44 19.65
C GLN C 334 68.79 -9.85 19.77
N SER C 335 68.53 -10.52 18.64
CA SER C 335 68.07 -11.91 18.68
C SER C 335 69.19 -12.88 19.04
N LYS C 336 70.44 -12.43 19.07
CA LYS C 336 71.54 -13.21 19.60
C LYS C 336 71.70 -13.08 21.10
N HIS C 337 70.91 -12.21 21.73
CA HIS C 337 71.01 -11.90 23.15
C HIS C 337 69.67 -12.09 23.84
N LEU C 338 69.07 -13.26 23.62
CA LEU C 338 67.71 -13.55 24.09
C LEU C 338 67.64 -13.73 25.60
N ASN C 339 68.29 -14.78 26.12
CA ASN C 339 68.12 -15.17 27.51
C ASN C 339 69.01 -14.37 28.45
N VAL C 340 70.01 -13.66 27.93
CA VAL C 340 70.92 -12.92 28.79
C VAL C 340 70.24 -11.66 29.33
N GLN C 341 69.30 -11.09 28.58
CA GLN C 341 68.56 -9.94 29.07
C GLN C 341 67.53 -10.35 30.12
N ILE C 342 66.95 -11.54 29.97
CA ILE C 342 65.93 -12.00 30.90
C ILE C 342 66.48 -12.43 32.25
N ALA C 343 67.80 -12.45 32.41
CA ALA C 343 68.39 -12.80 33.71
C ALA C 343 68.16 -11.69 34.73
N ALA C 344 68.71 -10.51 34.47
CA ALA C 344 68.49 -9.38 35.38
C ALA C 344 67.11 -8.76 35.19
N SER C 345 66.43 -9.05 34.08
CA SER C 345 65.01 -8.75 34.01
C SER C 345 64.24 -9.58 35.04
N GLU C 346 64.68 -10.82 35.28
CA GLU C 346 64.10 -11.61 36.35
C GLU C 346 64.63 -11.17 37.71
N LYS C 347 65.93 -10.87 37.82
CA LYS C 347 66.53 -10.56 39.12
C LYS C 347 66.00 -9.24 39.67
N LEU C 348 65.77 -8.25 38.81
CA LEU C 348 65.10 -7.04 39.25
C LEU C 348 63.63 -7.30 39.56
N ALA C 349 63.00 -8.22 38.84
CA ALA C 349 61.67 -8.67 39.23
C ALA C 349 61.69 -9.54 40.47
N GLN C 350 62.84 -10.15 40.80
CA GLN C 350 62.98 -10.83 42.07
C GLN C 350 63.21 -9.86 43.23
N CYS C 351 63.76 -8.67 42.97
CA CYS C 351 63.94 -7.69 44.03
C CYS C 351 62.58 -7.15 44.47
N PRO C 352 62.42 -6.82 45.76
CA PRO C 352 61.12 -6.33 46.24
C PRO C 352 60.85 -4.92 45.75
N PRO C 353 59.59 -4.64 45.35
CA PRO C 353 59.28 -3.30 44.81
C PRO C 353 59.29 -2.19 45.85
N GLU C 354 59.19 -2.50 47.14
CA GLU C 354 59.25 -1.46 48.16
C GLU C 354 60.68 -0.98 48.42
N MET C 355 61.69 -1.74 47.99
CA MET C 355 63.06 -1.27 48.11
C MET C 355 63.36 -0.18 47.09
N PHE C 356 62.60 -0.12 46.00
CA PHE C 356 62.75 0.90 44.98
C PHE C 356 62.09 2.20 45.42
N ASP C 357 62.02 3.16 44.51
CA ASP C 357 61.36 4.42 44.78
C ASP C 357 60.14 4.69 43.89
N ILE C 358 60.27 4.56 42.58
CA ILE C 358 59.20 4.90 41.66
C ILE C 358 59.01 3.78 40.66
N ILE C 359 57.79 3.28 40.55
CA ILE C 359 57.48 2.11 39.74
C ILE C 359 56.63 2.56 38.56
N LEU C 360 56.98 2.10 37.36
CA LEU C 360 56.29 2.46 36.13
C LEU C 360 55.86 1.17 35.43
N ASP C 361 54.58 0.82 35.55
CA ASP C 361 54.03 -0.37 34.89
C ASP C 361 53.09 0.00 33.75
N GLU C 362 53.22 1.20 33.20
CA GLU C 362 52.24 1.74 32.26
C GLU C 362 52.75 1.63 30.83
N ASN C 363 51.91 1.08 29.95
CA ASN C 363 52.32 0.86 28.57
C ASN C 363 52.36 2.15 27.77
N GLN C 364 51.40 3.03 28.00
CA GLN C 364 51.35 4.25 27.21
C GLN C 364 52.36 5.26 27.73
N LEU C 365 52.61 6.29 26.92
CA LEU C 365 53.54 7.34 27.31
C LEU C 365 52.97 8.17 28.47
N GLU C 366 51.73 8.62 28.34
CA GLU C 366 51.16 9.59 29.28
C GLU C 366 50.95 8.98 30.66
N ASP C 367 50.70 7.67 30.76
CA ASP C 367 50.40 7.07 32.05
C ASP C 367 51.66 6.72 32.83
N ALA C 368 52.76 6.43 32.14
CA ALA C 368 54.04 6.33 32.83
C ALA C 368 54.57 7.71 33.19
N CYS C 369 54.21 8.73 32.41
CA CYS C 369 54.65 10.10 32.64
C CYS C 369 53.73 10.87 33.57
N GLU C 370 52.52 10.37 33.84
CA GLU C 370 51.71 10.99 34.88
C GLU C 370 52.28 10.66 36.26
N HIS C 371 52.92 9.49 36.39
CA HIS C 371 53.63 9.18 37.63
C HIS C 371 55.00 9.85 37.66
N LEU C 372 55.66 9.95 36.50
CA LEU C 372 57.05 10.41 36.47
C LEU C 372 57.15 11.91 36.71
N ALA C 373 56.09 12.67 36.43
CA ALA C 373 56.09 14.09 36.75
C ALA C 373 55.54 14.38 38.15
N GLU C 374 54.46 13.70 38.54
CA GLU C 374 53.75 14.05 39.77
C GLU C 374 54.48 13.58 41.02
N TYR C 375 55.25 12.49 40.92
CA TYR C 375 55.95 11.97 42.10
C TYR C 375 57.09 12.88 42.51
N LEU C 376 57.86 13.38 41.53
CA LEU C 376 58.95 14.28 41.85
C LEU C 376 58.44 15.68 42.17
N GLU C 377 57.27 16.05 41.64
CA GLU C 377 56.63 17.29 42.03
C GLU C 377 56.12 17.22 43.47
N ALA C 378 55.70 16.04 43.91
CA ALA C 378 55.46 15.81 45.34
C ALA C 378 56.77 15.74 46.11
N TYR C 379 57.86 15.35 45.45
CA TYR C 379 59.16 15.30 46.11
C TYR C 379 59.83 16.68 46.15
N TRP C 380 59.58 17.53 45.15
CA TRP C 380 60.14 18.88 45.16
C TRP C 380 59.53 19.73 46.27
N LYS C 381 58.22 19.63 46.47
CA LYS C 381 57.58 20.36 47.56
C LYS C 381 57.94 19.80 48.91
N ALA C 382 58.38 18.53 48.98
CA ALA C 382 58.89 18.00 50.23
C ALA C 382 60.24 18.61 50.59
N THR C 383 61.12 18.79 49.59
CA THR C 383 62.43 19.38 49.85
C THR C 383 62.34 20.88 50.07
N HIS C 384 61.45 21.56 49.35
CA HIS C 384 61.40 23.01 49.39
C HIS C 384 60.18 23.50 50.16
N PRO C 385 60.38 24.21 51.27
CA PRO C 385 59.24 24.73 52.03
C PRO C 385 58.78 26.06 51.48
N PRO C 386 57.53 26.46 51.75
CA PRO C 386 57.09 27.79 51.36
C PRO C 386 57.66 28.86 52.27
N SER C 387 57.71 30.09 51.75
CA SER C 387 58.18 31.24 52.51
C SER C 387 57.16 31.64 53.58
N PHE D 32 39.97 -41.88 3.98
CA PHE D 32 41.41 -42.01 3.82
C PHE D 32 41.83 -43.47 3.87
N CYS D 33 40.94 -44.32 4.35
CA CYS D 33 41.13 -45.76 4.32
C CYS D 33 39.94 -46.36 3.57
N LEU D 34 40.14 -47.54 2.98
CA LEU D 34 39.09 -48.28 2.31
C LEU D 34 38.81 -49.62 2.98
N THR D 35 39.83 -50.49 3.08
CA THR D 35 39.93 -51.75 3.81
C THR D 35 39.10 -52.91 3.26
N LEU D 36 38.29 -52.73 2.21
CA LEU D 36 37.52 -53.84 1.64
C LEU D 36 37.44 -53.66 0.12
N GLN D 37 38.52 -53.17 -0.48
CA GLN D 37 38.45 -52.60 -1.82
C GLN D 37 39.18 -53.46 -2.83
N ASN D 38 39.21 -52.94 -4.04
CA ASN D 38 40.05 -53.35 -5.15
C ASN D 38 41.46 -52.80 -4.89
N PRO D 39 42.37 -53.19 -5.77
CA PRO D 39 43.75 -52.74 -5.72
C PRO D 39 43.75 -51.25 -6.10
N LEU D 40 44.92 -50.63 -6.00
CA LEU D 40 45.11 -49.20 -6.23
C LEU D 40 45.25 -48.84 -7.72
N ARG D 41 44.88 -49.79 -8.58
CA ARG D 41 45.06 -49.65 -10.02
C ARG D 41 44.38 -48.50 -10.77
N LYS D 42 43.09 -48.26 -10.51
CA LYS D 42 42.40 -47.17 -11.19
C LYS D 42 42.22 -45.89 -10.36
N ALA D 43 42.77 -45.88 -9.15
CA ALA D 43 42.63 -44.71 -8.28
C ALA D 43 43.67 -43.62 -8.55
N CYS D 44 43.52 -42.91 -9.68
CA CYS D 44 44.46 -41.85 -10.02
C CYS D 44 43.99 -40.44 -9.62
N ILE D 45 42.73 -40.12 -9.91
CA ILE D 45 42.19 -38.80 -9.59
C ILE D 45 42.13 -38.52 -8.09
N SER D 46 41.75 -39.54 -7.32
CA SER D 46 41.60 -39.46 -5.88
C SER D 46 42.94 -38.97 -5.36
N ILE D 47 44.01 -39.44 -6.00
CA ILE D 47 45.37 -39.08 -5.62
C ILE D 47 45.70 -37.59 -5.76
N VAL D 48 45.22 -36.93 -6.81
CA VAL D 48 45.56 -35.48 -6.98
C VAL D 48 44.54 -34.42 -6.44
N GLU D 49 43.63 -34.91 -5.61
CA GLU D 49 42.47 -34.25 -5.03
C GLU D 49 42.80 -33.43 -3.78
N TRP D 50 44.01 -32.89 -3.68
CA TRP D 50 44.45 -32.40 -2.37
C TRP D 50 43.99 -30.98 -2.02
N LYS D 51 44.61 -29.94 -2.58
CA LYS D 51 44.12 -28.58 -2.44
C LYS D 51 43.19 -28.07 -3.55
N PRO D 52 43.57 -28.10 -4.88
CA PRO D 52 42.83 -27.25 -5.82
C PRO D 52 41.51 -27.85 -6.28
N PHE D 53 41.26 -29.11 -5.92
CA PHE D 53 39.99 -29.74 -6.28
C PHE D 53 38.84 -29.11 -5.52
N GLU D 54 39.10 -28.66 -4.29
CA GLU D 54 38.09 -27.97 -3.51
C GLU D 54 37.87 -26.55 -3.99
N THR D 55 38.88 -25.92 -4.60
CA THR D 55 38.76 -24.56 -5.07
C THR D 55 38.34 -24.47 -6.52
N ILE D 56 38.24 -25.58 -7.26
CA ILE D 56 37.69 -25.48 -8.59
C ILE D 56 36.19 -25.72 -8.58
N ILE D 57 35.70 -26.60 -7.69
CA ILE D 57 34.25 -26.80 -7.54
C ILE D 57 33.61 -25.69 -6.71
N LEU D 58 34.39 -25.00 -5.86
CA LEU D 58 33.89 -23.81 -5.18
C LEU D 58 33.70 -22.64 -6.16
N LEU D 59 34.45 -22.59 -7.24
CA LEU D 59 34.21 -21.58 -8.27
C LEU D 59 33.29 -22.09 -9.36
N THR D 60 33.16 -23.41 -9.52
CA THR D 60 32.15 -24.00 -10.37
C THR D 60 30.75 -23.79 -9.80
N ILE D 61 30.58 -23.94 -8.49
CA ILE D 61 29.27 -23.69 -7.89
C ILE D 61 28.97 -22.20 -7.86
N PHE D 62 29.99 -21.35 -7.75
CA PHE D 62 29.77 -19.92 -7.78
C PHE D 62 29.28 -19.47 -9.16
N ALA D 63 29.75 -20.15 -10.20
CA ALA D 63 29.30 -19.92 -11.56
C ALA D 63 27.88 -20.42 -11.80
N ASN D 64 27.49 -21.54 -11.19
CA ASN D 64 26.10 -21.99 -11.21
C ASN D 64 25.19 -21.05 -10.44
N CYS D 65 25.69 -20.42 -9.39
CA CYS D 65 24.88 -19.47 -8.64
C CYS D 65 24.78 -18.12 -9.33
N VAL D 66 25.76 -17.76 -10.15
CA VAL D 66 25.64 -16.56 -10.99
C VAL D 66 24.70 -16.83 -12.15
N ALA D 67 24.75 -18.03 -12.73
CA ALA D 67 23.88 -18.46 -13.80
C ALA D 67 22.41 -18.45 -13.42
N LEU D 68 22.08 -18.87 -12.19
CA LEU D 68 20.72 -18.77 -11.69
C LEU D 68 20.26 -17.34 -11.53
N ALA D 69 21.15 -16.46 -11.09
CA ALA D 69 20.80 -15.09 -10.74
C ALA D 69 20.71 -14.18 -11.95
N VAL D 70 21.22 -14.62 -13.10
CA VAL D 70 21.12 -13.81 -14.32
C VAL D 70 19.93 -14.19 -15.17
N TYR D 71 19.26 -15.30 -14.85
CA TYR D 71 18.06 -15.72 -15.56
C TYR D 71 16.91 -14.74 -15.36
N LEU D 72 16.20 -14.45 -16.43
CA LEU D 72 15.15 -13.42 -16.44
C LEU D 72 13.81 -14.10 -16.63
N PRO D 73 13.01 -14.27 -15.57
CA PRO D 73 11.71 -14.95 -15.71
C PRO D 73 10.70 -14.11 -16.50
N MET D 74 10.08 -14.75 -17.49
CA MET D 74 9.23 -14.06 -18.45
C MET D 74 7.85 -14.68 -18.49
N PRO D 75 6.80 -13.89 -18.65
CA PRO D 75 5.45 -14.44 -18.61
C PRO D 75 5.09 -15.21 -19.87
N GLU D 76 4.24 -16.22 -19.66
CA GLU D 76 3.42 -16.86 -20.70
C GLU D 76 4.25 -17.53 -21.78
N ASP D 77 5.28 -18.26 -21.33
CA ASP D 77 6.14 -19.14 -22.14
C ASP D 77 6.93 -18.36 -23.19
N ASP D 78 7.46 -17.21 -22.76
CA ASP D 78 8.25 -16.36 -23.62
C ASP D 78 9.68 -16.34 -23.12
N ASN D 79 10.61 -15.99 -24.01
CA ASN D 79 12.03 -16.08 -23.71
C ASN D 79 12.78 -14.96 -24.39
N ASN D 80 14.02 -14.77 -23.96
CA ASN D 80 15.01 -14.04 -24.72
C ASN D 80 16.19 -14.97 -25.00
N SER D 81 17.24 -14.43 -25.63
CA SER D 81 18.36 -15.23 -26.08
C SER D 81 19.31 -15.65 -24.97
N LEU D 82 19.44 -14.87 -23.90
CA LEU D 82 20.33 -15.28 -22.82
C LEU D 82 19.70 -16.37 -21.95
N ASN D 83 18.37 -16.46 -21.89
CA ASN D 83 17.77 -17.59 -21.19
C ASN D 83 17.92 -18.88 -21.97
N LEU D 84 18.11 -18.78 -23.29
CA LEU D 84 18.35 -19.96 -24.11
C LEU D 84 19.77 -20.47 -23.95
N GLY D 85 20.74 -19.58 -23.87
CA GLY D 85 22.13 -19.95 -23.71
C GLY D 85 22.50 -20.40 -22.34
N LEU D 86 21.73 -19.99 -21.33
CA LEU D 86 21.95 -20.37 -19.94
C LEU D 86 21.29 -21.67 -19.58
N GLU D 87 20.38 -22.19 -20.41
CA GLU D 87 19.87 -23.55 -20.27
C GLU D 87 20.67 -24.55 -21.07
N LYS D 88 21.53 -24.10 -21.97
CA LYS D 88 22.58 -24.92 -22.56
C LYS D 88 23.84 -24.93 -21.71
N LEU D 89 24.02 -23.92 -20.86
CA LEU D 89 25.07 -23.89 -19.86
C LEU D 89 24.70 -24.74 -18.65
N GLU D 90 23.44 -25.16 -18.54
CA GLU D 90 23.06 -26.03 -17.44
C GLU D 90 23.60 -27.43 -17.63
N TYR D 91 23.81 -27.85 -18.88
CA TYR D 91 24.30 -29.18 -19.14
C TYR D 91 25.78 -29.31 -18.79
N PHE D 92 26.50 -28.18 -18.74
CA PHE D 92 27.88 -28.21 -18.30
C PHE D 92 28.01 -28.45 -16.80
N PHE D 93 27.33 -27.64 -15.98
CA PHE D 93 27.33 -27.84 -14.53
C PHE D 93 26.72 -29.16 -14.13
N LEU D 94 25.80 -29.69 -14.92
CA LEU D 94 25.21 -30.98 -14.65
C LEU D 94 26.14 -32.15 -14.98
N THR D 95 27.13 -31.95 -15.85
CA THR D 95 28.08 -33.03 -16.14
C THR D 95 29.36 -32.92 -15.31
N VAL D 96 29.67 -31.75 -14.76
CA VAL D 96 30.82 -31.63 -13.86
C VAL D 96 30.47 -32.24 -12.50
N PHE D 97 29.27 -31.99 -12.02
CA PHE D 97 28.90 -32.49 -10.70
C PHE D 97 28.57 -33.97 -10.72
N SER D 98 28.35 -34.53 -11.91
CA SER D 98 28.08 -35.96 -12.04
C SER D 98 29.34 -36.80 -12.11
N ILE D 99 30.42 -36.29 -12.71
CA ILE D 99 31.69 -37.00 -12.67
C ILE D 99 32.35 -36.77 -11.32
N GLU D 100 31.97 -35.70 -10.62
CA GLU D 100 32.34 -35.55 -9.22
C GLU D 100 31.65 -36.59 -8.35
N ALA D 101 30.38 -36.88 -8.59
CA ALA D 101 29.72 -37.97 -7.88
C ALA D 101 30.19 -39.34 -8.33
N ALA D 102 30.86 -39.42 -9.49
CA ALA D 102 31.42 -40.67 -9.97
C ALA D 102 32.82 -40.93 -9.46
N MET D 103 33.70 -39.92 -9.49
CA MET D 103 35.05 -40.05 -8.97
C MET D 103 35.13 -39.93 -7.45
N LYS D 104 34.00 -39.76 -6.77
CA LYS D 104 33.96 -39.84 -5.32
C LYS D 104 33.20 -41.04 -4.79
N ILE D 105 32.86 -42.01 -5.65
CA ILE D 105 32.40 -43.29 -5.14
C ILE D 105 33.42 -44.37 -5.53
N ILE D 106 34.26 -44.09 -6.53
CA ILE D 106 35.22 -45.07 -7.01
C ILE D 106 36.65 -44.75 -6.63
N ALA D 107 36.90 -43.63 -5.95
CA ALA D 107 38.16 -43.48 -5.23
C ALA D 107 38.14 -44.25 -3.92
N TYR D 108 36.96 -44.65 -3.45
CA TYR D 108 36.83 -45.37 -2.19
C TYR D 108 36.76 -46.88 -2.41
N GLY D 109 35.86 -47.33 -3.28
CA GLY D 109 35.75 -48.75 -3.56
C GLY D 109 34.36 -49.10 -4.06
N PHE D 110 33.78 -50.12 -3.39
CA PHE D 110 32.44 -50.61 -3.68
C PHE D 110 31.37 -49.93 -2.84
N LEU D 111 30.24 -50.62 -2.68
CA LEU D 111 29.02 -50.09 -2.05
C LEU D 111 29.28 -49.63 -0.61
N PHE D 112 29.98 -50.43 0.19
CA PHE D 112 30.21 -50.03 1.57
C PHE D 112 31.36 -49.04 1.71
N HIS D 113 32.06 -48.78 0.62
CA HIS D 113 32.96 -47.64 0.58
C HIS D 113 32.28 -46.41 0.00
N GLN D 114 31.25 -46.57 -0.82
CA GLN D 114 30.46 -45.41 -1.21
C GLN D 114 29.40 -45.11 -0.15
N ASP D 115 29.27 -45.98 0.86
CA ASP D 115 28.56 -45.57 2.06
C ASP D 115 29.42 -44.64 2.91
N ALA D 116 30.75 -44.76 2.81
CA ALA D 116 31.62 -43.78 3.46
C ALA D 116 31.53 -42.42 2.78
N TYR D 117 31.10 -42.41 1.50
CA TYR D 117 30.60 -41.21 0.85
C TYR D 117 29.21 -40.80 1.34
N LEU D 118 28.47 -41.69 2.01
CA LEU D 118 27.09 -41.43 2.37
C LEU D 118 26.90 -41.05 3.83
N ARG D 119 27.76 -41.57 4.74
CA ARG D 119 27.58 -41.49 6.19
C ARG D 119 27.50 -40.08 6.73
N SER D 120 28.34 -39.17 6.25
CA SER D 120 28.22 -37.74 6.52
C SER D 120 27.00 -37.20 5.79
N GLY D 121 26.20 -36.40 6.50
CA GLY D 121 24.95 -35.92 5.96
C GLY D 121 25.10 -34.88 4.86
N TRP D 122 26.28 -34.29 4.72
CA TRP D 122 26.44 -33.23 3.74
C TRP D 122 26.50 -33.75 2.31
N ASN D 123 27.15 -34.88 2.08
CA ASN D 123 27.18 -35.47 0.75
C ASN D 123 25.86 -36.09 0.37
N VAL D 124 24.98 -36.36 1.33
CA VAL D 124 23.61 -36.77 1.05
C VAL D 124 22.89 -35.68 0.29
N LEU D 125 23.07 -34.43 0.73
CA LEU D 125 22.53 -33.26 0.03
C LEU D 125 23.11 -33.12 -1.37
N ASP D 126 24.37 -33.52 -1.55
CA ASP D 126 25.04 -33.36 -2.85
C ASP D 126 24.50 -34.32 -3.90
N PHE D 127 24.03 -35.49 -3.51
CA PHE D 127 23.59 -36.51 -4.46
C PHE D 127 22.13 -36.38 -4.85
N ILE D 128 21.29 -35.80 -3.98
CA ILE D 128 19.89 -35.56 -4.35
C ILE D 128 19.83 -34.43 -5.37
N ILE D 129 20.77 -33.50 -5.29
CA ILE D 129 20.86 -32.40 -6.25
C ILE D 129 21.25 -32.93 -7.63
N VAL D 130 22.31 -33.73 -7.70
CA VAL D 130 22.78 -34.27 -8.97
C VAL D 130 21.77 -35.20 -9.64
N PHE D 131 21.16 -36.09 -8.86
CA PHE D 131 20.18 -37.01 -9.43
C PHE D 131 18.97 -36.24 -9.93
N LEU D 132 18.54 -35.27 -9.11
CA LEU D 132 17.41 -34.41 -9.44
C LEU D 132 17.78 -33.58 -10.67
N GLY D 133 19.04 -33.18 -10.74
CA GLY D 133 19.53 -32.40 -11.86
C GLY D 133 19.43 -33.20 -13.15
N VAL D 134 19.80 -34.48 -13.15
CA VAL D 134 19.64 -35.23 -14.39
C VAL D 134 18.20 -35.70 -14.58
N PHE D 135 17.40 -35.67 -13.51
CA PHE D 135 16.03 -36.19 -13.61
C PHE D 135 15.12 -35.22 -14.34
N THR D 136 15.39 -33.92 -14.26
CA THR D 136 14.61 -32.93 -14.98
C THR D 136 15.18 -32.63 -16.36
N ALA D 137 16.51 -32.77 -16.54
CA ALA D 137 17.13 -32.45 -17.81
C ALA D 137 16.84 -33.50 -18.88
N ILE D 138 16.53 -34.72 -18.46
CA ILE D 138 16.07 -35.76 -19.38
C ILE D 138 14.57 -35.64 -19.65
N LEU D 139 13.77 -35.45 -18.60
CA LEU D 139 12.33 -35.39 -18.77
C LEU D 139 11.91 -34.09 -19.47
N GLU D 140 12.79 -33.09 -19.52
CA GLU D 140 12.54 -31.92 -20.35
C GLU D 140 12.74 -32.24 -21.83
N GLN D 141 13.75 -33.06 -22.15
CA GLN D 141 14.05 -33.40 -23.53
C GLN D 141 13.03 -34.39 -24.10
N VAL D 142 12.57 -35.35 -23.30
CA VAL D 142 11.62 -36.35 -23.78
C VAL D 142 10.26 -35.71 -24.01
N ASN D 143 9.93 -34.67 -23.24
CA ASN D 143 8.63 -34.04 -23.34
C ASN D 143 8.56 -33.06 -24.52
N VAL D 144 9.64 -32.91 -25.27
CA VAL D 144 9.67 -32.06 -26.46
C VAL D 144 8.93 -32.73 -27.62
N VAL D 161 8.26 -30.41 -15.07
CA VAL D 161 9.42 -29.98 -15.82
C VAL D 161 9.60 -28.47 -15.68
N LYS D 162 8.54 -27.73 -15.92
CA LYS D 162 8.62 -26.30 -15.63
C LYS D 162 8.31 -26.01 -14.17
N ALA D 163 7.65 -26.93 -13.49
CA ALA D 163 7.48 -26.87 -12.05
C ALA D 163 8.59 -27.58 -11.28
N LEU D 164 9.34 -28.48 -11.92
CA LEU D 164 10.48 -29.13 -11.29
C LEU D 164 11.75 -28.31 -11.40
N ARG D 165 11.73 -27.27 -12.22
CA ARG D 165 12.81 -26.32 -12.40
C ARG D 165 13.14 -25.56 -11.12
N ALA D 166 12.17 -25.37 -10.24
CA ALA D 166 12.36 -24.61 -9.01
C ALA D 166 13.20 -25.34 -7.96
N PHE D 167 13.55 -26.60 -8.19
CA PHE D 167 14.40 -27.39 -7.30
C PHE D 167 15.88 -27.18 -7.56
N ARG D 168 16.24 -26.48 -8.62
CA ARG D 168 17.61 -26.05 -8.88
C ARG D 168 18.13 -25.03 -7.86
N VAL D 169 17.24 -24.43 -7.06
CA VAL D 169 17.65 -23.44 -6.07
C VAL D 169 18.23 -24.11 -4.83
N LEU D 170 18.24 -25.44 -4.80
CA LEU D 170 18.90 -26.25 -3.79
C LEU D 170 20.40 -26.35 -4.01
N ARG D 171 20.88 -26.12 -5.24
CA ARG D 171 22.31 -26.08 -5.63
C ARG D 171 23.16 -25.06 -4.89
N PRO D 172 22.70 -23.85 -4.54
CA PRO D 172 23.57 -22.99 -3.69
C PRO D 172 23.78 -23.50 -2.28
N LEU D 173 23.02 -24.49 -1.82
CA LEU D 173 23.30 -25.16 -0.56
C LEU D 173 24.46 -26.15 -0.63
N ARG D 174 24.98 -26.42 -1.82
CA ARG D 174 26.21 -27.18 -1.93
C ARG D 174 27.43 -26.34 -1.53
N LEU D 175 27.28 -25.02 -1.44
CA LEU D 175 28.35 -24.08 -1.11
C LEU D 175 28.60 -24.01 0.38
N VAL D 176 27.62 -24.40 1.20
CA VAL D 176 27.85 -24.53 2.64
C VAL D 176 28.47 -25.88 2.96
N SER D 177 28.33 -26.86 2.05
CA SER D 177 29.08 -28.11 2.17
C SER D 177 30.53 -27.93 1.76
N GLY D 178 30.84 -26.84 1.08
CA GLY D 178 32.18 -26.59 0.61
C GLY D 178 33.00 -25.62 1.44
N VAL D 179 32.40 -25.00 2.45
CA VAL D 179 33.10 -24.07 3.32
C VAL D 179 33.02 -24.66 4.73
N PRO D 180 34.17 -24.91 5.37
CA PRO D 180 34.13 -25.61 6.66
C PRO D 180 33.68 -24.72 7.80
N SER D 181 33.96 -23.41 7.73
CA SER D 181 33.61 -22.51 8.81
C SER D 181 32.14 -22.10 8.74
N LEU D 182 31.41 -22.55 7.73
CA LEU D 182 29.97 -22.41 7.64
C LEU D 182 29.21 -23.65 8.09
N GLN D 183 29.88 -24.79 8.23
CA GLN D 183 29.26 -25.97 8.82
C GLN D 183 29.29 -25.97 10.33
N VAL D 184 30.04 -25.06 10.95
CA VAL D 184 30.00 -24.93 12.40
C VAL D 184 28.92 -23.95 12.86
N VAL D 185 28.36 -23.15 11.96
CA VAL D 185 27.30 -22.23 12.37
C VAL D 185 25.94 -22.92 12.30
N LEU D 186 25.63 -23.61 11.20
CA LEU D 186 24.33 -24.28 11.04
C LEU D 186 24.08 -25.32 12.10
N ASN D 187 25.15 -25.97 12.57
CA ASN D 187 25.06 -26.83 13.73
C ASN D 187 24.70 -26.05 14.99
N SER D 188 25.31 -24.90 15.20
CA SER D 188 24.97 -24.07 16.35
C SER D 188 23.67 -23.31 16.16
N ILE D 189 23.27 -23.04 14.90
CA ILE D 189 21.93 -22.54 14.61
C ILE D 189 20.87 -23.57 14.99
N PHE D 190 21.03 -24.81 14.53
CA PHE D 190 20.12 -25.89 14.84
C PHE D 190 20.09 -26.24 16.32
N LYS D 191 21.19 -25.97 17.03
CA LYS D 191 21.31 -26.28 18.45
C LYS D 191 20.41 -25.39 19.31
N ALA D 192 20.21 -24.14 18.91
CA ALA D 192 19.34 -23.22 19.64
C ALA D 192 17.86 -23.51 19.49
N MET D 193 17.46 -24.48 18.67
CA MET D 193 16.06 -24.78 18.47
C MET D 193 15.53 -25.77 19.50
N LEU D 194 16.40 -26.56 20.11
CA LEU D 194 16.02 -27.42 21.23
C LEU D 194 15.55 -26.68 22.49
N PRO D 195 16.05 -25.49 22.85
CA PRO D 195 15.37 -24.72 23.91
C PRO D 195 14.02 -24.14 23.52
N LEU D 196 13.79 -23.80 22.25
CA LEU D 196 12.62 -23.02 21.87
C LEU D 196 11.53 -23.86 21.23
N PHE D 197 11.30 -25.07 21.74
CA PHE D 197 10.28 -25.97 21.21
C PHE D 197 9.02 -25.97 22.06
N HIS D 198 9.14 -25.89 23.39
CA HIS D 198 7.98 -25.72 24.25
C HIS D 198 7.28 -24.39 24.02
N ILE D 199 8.00 -23.39 23.53
CA ILE D 199 7.39 -22.14 23.13
C ILE D 199 6.62 -22.33 21.83
N ALA D 200 7.25 -23.01 20.87
CA ALA D 200 6.69 -23.18 19.53
C ALA D 200 5.46 -24.09 19.52
N LEU D 201 5.31 -24.93 20.54
CA LEU D 201 4.10 -25.73 20.70
C LEU D 201 3.01 -24.97 21.44
N LEU D 202 3.40 -23.96 22.22
CA LEU D 202 2.47 -23.04 22.86
C LEU D 202 1.88 -22.05 21.87
N VAL D 203 2.73 -21.51 20.98
CA VAL D 203 2.29 -20.61 19.92
C VAL D 203 1.31 -21.31 19.00
N LEU D 204 1.60 -22.56 18.68
CA LEU D 204 0.79 -23.34 17.75
C LEU D 204 -0.62 -23.58 18.28
N PHE D 205 -0.75 -24.03 19.52
CA PHE D 205 -2.05 -24.29 20.12
C PHE D 205 -2.85 -23.03 20.39
N MET D 206 -2.17 -21.90 20.57
CA MET D 206 -2.76 -20.58 20.66
C MET D 206 -3.31 -20.07 19.34
N VAL D 207 -2.64 -20.37 18.22
CA VAL D 207 -3.21 -20.06 16.93
C VAL D 207 -4.38 -20.99 16.62
N ILE D 208 -4.37 -22.22 17.15
CA ILE D 208 -5.50 -23.12 17.00
C ILE D 208 -6.71 -22.67 17.83
N ILE D 209 -6.50 -22.17 19.05
CA ILE D 209 -7.59 -21.71 19.91
C ILE D 209 -8.32 -20.53 19.28
N TYR D 210 -7.57 -19.49 18.90
CA TYR D 210 -8.14 -18.29 18.33
C TYR D 210 -8.70 -18.48 16.94
N ALA D 211 -8.17 -19.42 16.17
CA ALA D 211 -8.71 -19.65 14.82
C ALA D 211 -10.11 -20.23 14.91
N ILE D 212 -10.29 -21.20 15.79
CA ILE D 212 -11.58 -21.85 15.99
C ILE D 212 -12.64 -20.90 16.57
N ILE D 213 -12.22 -20.08 17.52
CA ILE D 213 -13.12 -19.11 18.13
C ILE D 213 -13.58 -18.13 17.06
N GLY D 214 -12.64 -17.70 16.23
CA GLY D 214 -12.96 -16.77 15.17
C GLY D 214 -13.92 -17.43 14.21
N LEU D 215 -13.68 -18.70 13.92
CA LEU D 215 -14.51 -19.43 12.99
C LEU D 215 -15.93 -19.45 13.53
N GLU D 216 -16.11 -19.74 14.81
CA GLU D 216 -17.46 -19.75 15.34
C GLU D 216 -18.11 -18.37 15.31
N LEU D 217 -17.37 -17.38 15.79
CA LEU D 217 -17.85 -16.00 15.86
C LEU D 217 -18.01 -15.16 14.61
N PHE D 218 -17.11 -15.34 13.66
CA PHE D 218 -17.08 -14.47 12.49
C PHE D 218 -17.28 -15.24 11.18
N LYS D 219 -17.81 -16.46 11.24
CA LYS D 219 -17.94 -17.31 10.07
C LYS D 219 -19.02 -16.81 9.12
N GLY D 220 -18.63 -16.51 7.89
CA GLY D 220 -19.53 -16.03 6.87
C GLY D 220 -20.11 -14.65 7.08
N LYS D 221 -19.46 -13.78 7.86
CA LYS D 221 -20.01 -12.48 8.22
C LYS D 221 -19.58 -11.35 7.30
N MET D 222 -18.47 -11.49 6.58
CA MET D 222 -17.96 -10.41 5.76
C MET D 222 -18.24 -10.67 4.27
N HIS D 223 -19.51 -10.75 3.92
CA HIS D 223 -19.89 -11.04 2.55
C HIS D 223 -20.83 -10.01 1.95
N LYS D 224 -20.92 -8.82 2.55
CA LYS D 224 -21.77 -7.76 2.02
C LYS D 224 -20.94 -6.47 1.98
N THR D 225 -20.81 -5.92 0.81
CA THR D 225 -20.18 -4.64 0.65
C THR D 225 -21.24 -3.68 0.01
N CYS D 226 -20.94 -2.41 -0.16
CA CYS D 226 -21.91 -1.55 -0.82
C CYS D 226 -21.58 -1.53 -2.29
N TYR D 227 -22.63 -1.57 -3.09
CA TYR D 227 -22.45 -1.60 -4.51
C TYR D 227 -23.12 -0.42 -5.15
N TYR D 228 -22.89 -0.23 -6.43
CA TYR D 228 -23.63 0.81 -7.15
C TYR D 228 -24.94 0.14 -7.49
N ILE D 229 -26.01 0.89 -7.37
CA ILE D 229 -27.39 0.38 -7.48
C ILE D 229 -27.64 -0.15 -8.88
N GLY D 230 -28.23 -1.35 -8.95
CA GLY D 230 -28.36 -2.10 -10.17
C GLY D 230 -27.11 -2.78 -10.69
N THR D 231 -25.94 -2.54 -10.11
CA THR D 231 -24.72 -2.98 -10.76
C THR D 231 -23.96 -4.02 -9.96
N ASP D 232 -22.83 -4.46 -10.51
CA ASP D 232 -21.87 -5.31 -9.83
C ASP D 232 -20.59 -4.56 -9.49
N ILE D 233 -20.70 -3.25 -9.30
CA ILE D 233 -19.52 -2.41 -9.06
C ILE D 233 -19.50 -1.99 -7.59
N VAL D 234 -18.46 -2.46 -6.87
CA VAL D 234 -18.22 -2.07 -5.49
C VAL D 234 -17.93 -0.58 -5.40
N ALA D 235 -18.61 0.10 -4.48
CA ALA D 235 -18.45 1.54 -4.27
C ALA D 235 -17.47 1.79 -3.10
N THR D 236 -16.43 2.57 -3.37
CA THR D 236 -15.49 3.06 -2.36
C THR D 236 -15.20 4.54 -2.59
N VAL D 237 -14.61 5.16 -1.58
CA VAL D 237 -14.00 6.49 -1.71
C VAL D 237 -12.59 6.22 -2.25
N GLU D 238 -11.88 7.26 -2.68
CA GLU D 238 -10.69 7.08 -3.51
C GLU D 238 -9.56 6.41 -2.74
N ASN D 239 -9.50 6.59 -1.43
CA ASN D 239 -8.41 6.02 -0.66
C ASN D 239 -8.90 4.89 0.23
N GLU D 240 -10.21 4.66 0.24
CA GLU D 240 -10.86 3.61 1.03
C GLU D 240 -10.68 2.27 0.35
N LYS D 241 -10.43 1.25 1.13
CA LYS D 241 -10.46 -0.12 0.65
C LYS D 241 -11.85 -0.73 0.88
N PRO D 242 -12.24 -1.73 0.09
CA PRO D 242 -13.56 -2.37 0.27
C PRO D 242 -13.73 -3.07 1.61
N SER D 243 -14.76 -2.66 2.35
CA SER D 243 -15.03 -3.15 3.68
C SER D 243 -16.45 -3.70 3.77
N PRO D 244 -16.75 -4.56 4.75
CA PRO D 244 -18.13 -5.05 4.91
C PRO D 244 -19.13 -3.96 5.26
N CYS D 245 -20.40 -4.23 4.91
CA CYS D 245 -21.52 -3.37 5.28
C CYS D 245 -22.45 -4.14 6.21
N ALA D 246 -23.51 -3.46 6.65
CA ALA D 246 -24.65 -4.11 7.29
C ALA D 246 -25.89 -3.34 6.91
N ARG D 247 -27.02 -4.03 6.83
CA ARG D 247 -28.31 -3.34 6.71
C ARG D 247 -29.00 -3.37 8.07
N THR D 248 -29.30 -2.16 8.61
CA THR D 248 -30.12 -1.90 9.80
C THR D 248 -29.73 -2.78 10.99
N GLY D 249 -28.49 -2.58 11.45
CA GLY D 249 -27.97 -3.34 12.56
C GLY D 249 -26.88 -2.62 13.32
N SER D 250 -25.83 -3.33 13.71
CA SER D 250 -24.73 -2.72 14.44
C SER D 250 -23.58 -2.27 13.55
N GLY D 251 -23.48 -2.79 12.33
CA GLY D 251 -22.37 -2.52 11.45
C GLY D 251 -22.36 -1.13 10.84
N ARG D 252 -21.53 -0.97 9.81
CA ARG D 252 -21.62 0.37 9.24
C ARG D 252 -22.73 0.39 8.17
N PRO D 253 -23.44 1.50 8.01
CA PRO D 253 -24.73 1.48 7.29
C PRO D 253 -24.66 1.63 5.78
N CYS D 254 -23.48 1.74 5.14
CA CYS D 254 -23.32 1.90 3.69
C CYS D 254 -23.97 3.19 3.18
N THR D 255 -23.29 4.30 3.47
CA THR D 255 -23.82 5.63 3.20
C THR D 255 -22.98 6.45 2.23
N ILE D 256 -22.60 5.92 1.07
CA ILE D 256 -21.66 6.71 0.28
C ILE D 256 -22.39 7.76 -0.58
N ASN D 257 -23.10 7.36 -1.65
CA ASN D 257 -24.10 8.13 -2.38
C ASN D 257 -24.73 7.27 -3.47
N GLY D 258 -26.06 7.09 -3.43
CA GLY D 258 -26.71 6.24 -4.42
C GLY D 258 -26.25 4.80 -4.42
N SER D 259 -26.06 4.22 -3.24
CA SER D 259 -25.63 2.84 -3.11
C SER D 259 -26.53 2.15 -2.10
N GLU D 260 -26.61 0.84 -2.27
CA GLU D 260 -27.35 -0.06 -1.41
C GLU D 260 -26.38 -1.22 -1.23
N CYS D 261 -26.53 -2.02 -0.19
CA CYS D 261 -25.62 -3.14 -0.01
C CYS D 261 -26.31 -4.50 -0.07
N ARG D 262 -25.75 -5.39 -0.88
CA ARG D 262 -26.25 -6.73 -1.08
C ARG D 262 -25.11 -7.70 -0.84
N GLY D 263 -25.41 -8.89 -0.31
CA GLY D 263 -24.38 -9.85 0.00
C GLY D 263 -23.84 -10.88 -0.98
N GLY D 264 -23.20 -10.42 -2.05
CA GLY D 264 -22.61 -11.30 -3.04
C GLY D 264 -21.11 -11.09 -3.20
N TRP D 265 -20.49 -10.51 -2.18
CA TRP D 265 -19.06 -10.15 -2.15
C TRP D 265 -18.16 -11.24 -1.53
N PRO D 266 -17.06 -11.60 -2.21
CA PRO D 266 -16.15 -12.65 -1.72
C PRO D 266 -15.33 -12.27 -0.50
N GLY D 267 -15.01 -10.98 -0.30
CA GLY D 267 -14.47 -10.58 0.96
C GLY D 267 -13.37 -9.55 0.96
N PRO D 268 -12.88 -9.22 2.18
CA PRO D 268 -12.02 -8.03 2.39
C PRO D 268 -10.73 -7.84 1.60
N ASN D 269 -9.86 -8.83 1.40
CA ASN D 269 -8.71 -8.70 0.48
C ASN D 269 -8.84 -9.74 -0.62
N HIS D 270 -9.66 -9.48 -1.63
CA HIS D 270 -9.95 -10.40 -2.73
C HIS D 270 -10.38 -11.80 -2.27
N GLY D 271 -11.04 -11.88 -1.12
CA GLY D 271 -11.41 -13.16 -0.53
C GLY D 271 -10.32 -13.94 0.16
N ILE D 272 -9.26 -13.30 0.66
CA ILE D 272 -8.23 -14.02 1.39
C ILE D 272 -8.51 -14.02 2.89
N THR D 273 -8.78 -12.85 3.46
CA THR D 273 -8.82 -12.71 4.92
C THR D 273 -10.26 -12.71 5.42
N HIS D 274 -10.65 -13.84 5.98
CA HIS D 274 -11.96 -14.09 6.58
C HIS D 274 -11.81 -15.27 7.53
N PHE D 275 -12.94 -15.74 8.03
CA PHE D 275 -13.02 -16.83 8.96
C PHE D 275 -14.03 -17.89 8.54
N ASP D 276 -14.16 -18.13 7.25
CA ASP D 276 -15.13 -19.11 6.70
C ASP D 276 -14.80 -20.57 6.97
N ASN D 277 -13.54 -20.95 6.90
CA ASN D 277 -13.16 -22.30 7.26
C ASN D 277 -11.93 -22.28 8.16
N PHE D 278 -11.52 -23.43 8.64
CA PHE D 278 -10.39 -23.56 9.52
C PHE D 278 -9.07 -23.14 8.93
N GLY D 279 -8.84 -23.35 7.64
CA GLY D 279 -7.59 -22.94 7.03
C GLY D 279 -7.44 -21.46 6.84
N PHE D 280 -8.48 -20.78 6.37
CA PHE D 280 -8.42 -19.33 6.21
C PHE D 280 -8.53 -18.59 7.54
N SER D 281 -9.19 -19.19 8.53
CA SER D 281 -9.21 -18.60 9.86
C SER D 281 -7.83 -18.68 10.51
N MET D 282 -7.09 -19.74 10.23
CA MET D 282 -5.78 -19.89 10.82
C MET D 282 -4.73 -19.03 10.13
N LEU D 283 -4.98 -18.64 8.87
CA LEU D 283 -4.09 -17.74 8.16
C LEU D 283 -4.29 -16.28 8.56
N THR D 284 -5.51 -15.88 8.89
CA THR D 284 -5.77 -14.53 9.35
C THR D 284 -5.33 -14.34 10.79
N VAL D 285 -5.30 -15.39 11.58
CA VAL D 285 -4.80 -15.34 12.95
C VAL D 285 -3.27 -15.30 13.02
N TYR D 286 -2.57 -16.07 12.17
CA TYR D 286 -1.11 -15.96 12.07
C TYR D 286 -0.68 -14.60 11.55
N GLN D 287 -1.44 -14.03 10.64
CA GLN D 287 -1.17 -12.72 10.11
C GLN D 287 -1.34 -11.62 11.18
N CYS D 288 -2.28 -11.80 12.09
CA CYS D 288 -2.46 -10.84 13.18
C CYS D 288 -1.36 -10.97 14.22
N ILE D 289 -0.96 -12.20 14.53
CA ILE D 289 0.06 -12.48 15.51
C ILE D 289 1.46 -11.96 15.15
N THR D 290 1.63 -11.51 13.92
CA THR D 290 2.85 -10.95 13.39
C THR D 290 2.83 -9.44 13.54
N MET D 291 1.65 -8.88 13.81
CA MET D 291 1.28 -7.48 14.03
C MET D 291 1.22 -6.68 12.77
N GLU D 292 1.19 -7.37 11.65
CA GLU D 292 1.14 -6.73 10.35
C GLU D 292 -0.26 -6.85 9.73
N GLY D 293 -0.99 -5.76 9.70
CA GLY D 293 -2.33 -5.72 9.18
C GLY D 293 -3.42 -6.15 10.14
N TRP D 294 -3.11 -6.33 11.43
CA TRP D 294 -4.10 -6.82 12.39
C TRP D 294 -5.22 -5.83 12.66
N THR D 295 -5.00 -4.52 12.49
CA THR D 295 -6.08 -3.57 12.69
C THR D 295 -7.01 -3.46 11.48
N ASP D 296 -6.58 -3.90 10.28
CA ASP D 296 -7.53 -4.06 9.18
C ASP D 296 -8.57 -5.11 9.49
N VAL D 297 -8.16 -6.21 10.09
CA VAL D 297 -9.06 -7.31 10.38
C VAL D 297 -10.00 -6.94 11.51
N LEU D 298 -9.50 -6.20 12.50
CA LEU D 298 -10.34 -5.66 13.55
C LEU D 298 -11.40 -4.71 13.00
N TYR D 299 -11.00 -3.82 12.09
CA TYR D 299 -11.92 -2.81 11.59
C TYR D 299 -12.96 -3.39 10.65
N TRP D 300 -12.60 -4.43 9.88
CA TRP D 300 -13.51 -5.17 9.03
C TRP D 300 -14.58 -5.95 9.78
N VAL D 301 -14.23 -6.57 10.90
CA VAL D 301 -15.19 -7.21 11.78
C VAL D 301 -16.12 -6.18 12.45
N ASN D 302 -15.65 -4.97 12.71
CA ASN D 302 -16.48 -3.94 13.29
C ASN D 302 -17.52 -3.52 12.27
N ASP D 303 -17.06 -3.36 11.03
CA ASP D 303 -17.86 -2.99 9.89
C ASP D 303 -18.93 -3.99 9.56
N ALA D 304 -18.63 -5.25 9.78
CA ALA D 304 -19.55 -6.33 9.53
C ALA D 304 -20.59 -6.49 10.62
N ILE D 305 -20.15 -6.53 11.87
CA ILE D 305 -21.03 -6.80 12.99
C ILE D 305 -21.15 -5.79 14.13
N GLY D 306 -20.42 -4.69 14.10
CA GLY D 306 -20.49 -3.75 15.18
C GLY D 306 -19.22 -3.66 16.01
N ASN D 307 -18.95 -2.49 16.53
CA ASN D 307 -17.75 -2.25 17.31
C ASN D 307 -17.84 -2.41 18.81
N GLU D 308 -18.86 -3.05 19.35
CA GLU D 308 -18.87 -3.12 20.80
C GLU D 308 -18.04 -4.25 21.40
N TRP D 309 -18.16 -5.47 20.93
CA TRP D 309 -17.37 -6.60 21.41
C TRP D 309 -16.03 -6.93 20.76
N PRO D 310 -15.85 -7.00 19.43
CA PRO D 310 -14.72 -7.78 18.88
C PRO D 310 -13.30 -7.27 19.15
N TRP D 311 -13.10 -6.10 19.75
CA TRP D 311 -11.78 -5.69 20.20
C TRP D 311 -11.22 -6.60 21.30
N ILE D 312 -12.11 -7.26 22.03
CA ILE D 312 -11.71 -8.19 23.07
C ILE D 312 -11.03 -9.40 22.44
N TYR D 313 -11.48 -9.81 21.26
CA TYR D 313 -10.82 -10.89 20.56
C TYR D 313 -9.42 -10.50 20.16
N PHE D 314 -9.33 -9.37 19.48
CA PHE D 314 -8.15 -8.82 18.88
C PHE D 314 -7.04 -8.29 19.76
N VAL D 315 -7.41 -7.55 20.81
CA VAL D 315 -6.42 -7.02 21.72
C VAL D 315 -5.84 -8.13 22.56
N THR D 316 -6.64 -9.14 22.90
CA THR D 316 -6.17 -10.27 23.70
C THR D 316 -5.21 -11.16 22.92
N LEU D 317 -5.45 -11.32 21.62
CA LEU D 317 -4.55 -12.04 20.75
C LEU D 317 -3.23 -11.32 20.53
N ILE D 318 -3.29 -10.01 20.36
CA ILE D 318 -2.10 -9.22 20.09
C ILE D 318 -1.20 -9.03 21.30
N LEU D 319 -1.76 -9.30 22.47
CA LEU D 319 -1.13 -9.20 23.79
C LEU D 319 -0.58 -10.52 24.30
N LEU D 320 -1.27 -11.59 24.00
CA LEU D 320 -0.83 -12.92 24.39
C LEU D 320 0.00 -13.51 23.28
N GLY D 321 -0.56 -13.53 22.08
CA GLY D 321 0.09 -14.11 20.92
C GLY D 321 1.29 -13.38 20.35
N SER D 322 1.47 -12.14 20.74
CA SER D 322 2.59 -11.37 20.24
C SER D 322 3.52 -11.02 21.38
N PHE D 323 3.11 -10.07 22.21
CA PHE D 323 3.91 -9.60 23.32
C PHE D 323 4.32 -10.65 24.34
N PHE D 324 3.39 -11.44 24.83
CA PHE D 324 3.72 -12.45 25.81
C PHE D 324 4.61 -13.53 25.21
N ILE D 325 4.35 -13.90 23.95
CA ILE D 325 5.15 -14.92 23.26
C ILE D 325 6.57 -14.45 23.06
N LEU D 326 6.75 -13.20 22.68
CA LEU D 326 8.05 -12.62 22.45
C LEU D 326 8.84 -12.41 23.73
N ASN D 327 8.20 -12.29 24.89
CA ASN D 327 8.92 -12.23 26.16
C ASN D 327 9.51 -13.59 26.50
N LEU D 328 8.85 -14.67 26.13
CA LEU D 328 9.33 -16.02 26.40
C LEU D 328 10.38 -16.45 25.39
N VAL D 329 10.20 -16.09 24.12
CA VAL D 329 11.18 -16.47 23.10
C VAL D 329 12.50 -15.76 23.40
N LEU D 330 12.38 -14.48 23.72
CA LEU D 330 13.53 -13.66 24.04
C LEU D 330 14.17 -14.19 25.30
N GLY D 331 13.35 -14.60 26.26
CA GLY D 331 13.88 -15.13 27.51
C GLY D 331 14.67 -16.40 27.27
N VAL D 332 14.16 -17.26 26.41
CA VAL D 332 14.85 -18.50 26.09
C VAL D 332 16.20 -18.18 25.42
N LEU D 333 16.19 -17.18 24.54
CA LEU D 333 17.44 -16.79 23.89
C LEU D 333 18.44 -16.31 24.93
N SER D 334 17.98 -15.52 25.89
CA SER D 334 18.88 -15.03 26.91
C SER D 334 19.45 -16.19 27.70
N GLY D 335 18.61 -17.17 28.01
CA GLY D 335 19.06 -18.32 28.74
C GLY D 335 20.13 -19.11 27.99
N GLU D 336 19.94 -19.28 26.69
CA GLU D 336 20.92 -20.01 25.89
C GLU D 336 22.30 -19.35 25.74
N PHE D 337 22.30 -18.04 25.54
CA PHE D 337 23.51 -17.25 25.35
C PHE D 337 24.23 -16.95 26.65
N THR D 338 23.79 -17.49 27.77
CA THR D 338 24.60 -17.58 28.99
C THR D 338 25.10 -18.99 29.24
N LYS D 339 24.27 -20.01 28.97
CA LYS D 339 24.69 -21.39 29.16
C LYS D 339 25.75 -21.81 28.15
N GLU D 340 25.62 -21.36 26.90
CA GLU D 340 26.64 -21.67 25.90
C GLU D 340 27.91 -20.88 26.15
N ARG D 341 27.81 -19.78 26.91
CA ARG D 341 29.01 -19.06 27.33
C ARG D 341 29.70 -19.74 28.50
N GLU D 342 29.04 -19.77 29.66
CA GLU D 342 29.64 -20.10 30.95
C GLU D 342 30.18 -21.52 31.03
N LYS D 343 29.77 -22.41 30.13
CA LYS D 343 30.55 -23.62 29.89
C LYS D 343 31.93 -23.28 29.33
N ALA D 344 31.97 -22.71 28.12
CA ALA D 344 33.23 -22.50 27.42
C ALA D 344 33.93 -21.22 27.89
N LYS D 345 33.24 -20.37 28.65
CA LYS D 345 33.89 -19.20 29.25
C LYS D 345 34.88 -19.64 30.32
N SER D 346 34.64 -20.79 30.94
CA SER D 346 35.60 -21.40 31.86
C SER D 346 36.80 -22.01 31.15
N ARG D 347 36.72 -22.23 29.83
CA ARG D 347 37.76 -23.03 29.18
C ARG D 347 38.98 -22.20 28.79
N GLY D 348 38.83 -21.29 27.84
CA GLY D 348 39.99 -20.55 27.38
C GLY D 348 39.79 -19.13 26.91
N THR D 349 38.60 -18.58 27.10
CA THR D 349 38.25 -17.31 26.47
C THR D 349 38.42 -16.11 27.38
N PHE D 350 38.63 -16.30 28.68
CA PHE D 350 39.05 -15.17 29.49
C PHE D 350 40.56 -15.05 29.53
N GLN D 351 41.28 -16.14 29.20
CA GLN D 351 42.73 -16.12 29.13
C GLN D 351 43.27 -15.83 27.73
N LYS D 352 42.40 -15.65 26.74
CA LYS D 352 42.87 -15.26 25.42
C LYS D 352 42.67 -13.77 25.18
N LEU D 353 41.59 -13.19 25.68
CA LEU D 353 41.25 -11.80 25.41
C LEU D 353 41.86 -10.83 26.42
N ARG D 354 42.03 -11.25 27.67
CA ARG D 354 42.65 -10.41 28.68
C ARG D 354 44.12 -10.15 28.37
N GLU D 355 44.81 -11.16 27.81
CA GLU D 355 46.24 -11.02 27.55
C GLU D 355 46.49 -10.18 26.31
N LYS D 356 45.72 -10.42 25.24
CA LYS D 356 46.02 -9.78 23.96
C LYS D 356 45.50 -8.35 23.88
N GLN D 357 44.77 -7.87 24.88
CA GLN D 357 44.52 -6.43 24.99
C GLN D 357 45.46 -5.80 26.02
N GLN D 358 46.03 -6.62 26.92
CA GLN D 358 47.11 -6.17 27.80
C GLN D 358 48.47 -6.21 27.11
N LEU D 359 48.69 -7.18 26.23
CA LEU D 359 49.91 -7.16 25.42
C LEU D 359 49.81 -6.14 24.28
N GLU D 360 48.60 -5.73 23.91
CA GLU D 360 48.46 -4.73 22.86
C GLU D 360 48.83 -3.35 23.35
N GLU D 361 48.48 -3.07 24.59
CA GLU D 361 48.87 -1.85 25.24
C GLU D 361 50.39 -1.86 25.42
N ASP D 362 50.93 -3.06 25.68
CA ASP D 362 52.33 -3.23 26.02
C ASP D 362 53.22 -3.33 24.77
N LEU D 363 52.69 -3.82 23.66
CA LEU D 363 53.42 -3.74 22.39
C LEU D 363 53.58 -2.29 21.95
N ARG D 364 52.50 -1.50 22.10
CA ARG D 364 52.63 -0.05 21.98
C ARG D 364 53.36 0.54 23.18
N GLY D 365 53.31 -0.15 24.33
CA GLY D 365 54.06 0.30 25.49
C GLY D 365 55.55 0.05 25.35
N TYR D 366 55.96 -0.74 24.35
CA TYR D 366 57.37 -0.92 24.06
C TYR D 366 57.85 0.05 22.97
N MET D 367 57.00 0.32 21.97
CA MET D 367 57.38 1.12 20.82
C MET D 367 57.30 2.63 21.07
N SER D 368 56.52 3.07 22.07
CA SER D 368 56.39 4.50 22.31
C SER D 368 57.57 5.07 23.09
N TRP D 369 58.28 4.24 23.85
CA TRP D 369 59.50 4.73 24.51
C TRP D 369 60.63 4.84 23.50
N ILE D 370 60.59 4.03 22.44
CA ILE D 370 61.54 4.16 21.35
C ILE D 370 61.30 5.45 20.55
N THR D 371 60.08 5.65 20.07
CA THR D 371 59.82 6.71 19.09
C THR D 371 59.83 8.11 19.71
N GLN D 372 59.80 8.23 21.04
CA GLN D 372 60.08 9.52 21.66
C GLN D 372 61.53 9.63 22.08
N GLY D 373 62.28 8.53 22.01
CA GLY D 373 63.71 8.55 22.30
C GLY D 373 64.60 8.54 21.08
N GLU D 374 64.05 8.27 19.89
CA GLU D 374 64.83 8.31 18.65
C GLU D 374 64.83 9.71 18.05
N VAL D 375 63.77 10.49 18.27
CA VAL D 375 63.69 11.82 17.68
C VAL D 375 64.36 12.86 18.58
N MET D 376 63.83 13.04 19.77
CA MET D 376 64.42 13.94 20.76
C MET D 376 64.58 13.25 22.11
N ASN D 418 64.91 20.63 13.92
CA ASN D 418 65.23 20.23 15.28
C ASN D 418 65.59 21.45 16.11
N ARG D 419 64.72 22.46 16.05
CA ARG D 419 64.94 23.75 16.69
C ARG D 419 64.19 23.80 18.02
N VAL D 420 64.08 25.00 18.57
CA VAL D 420 63.26 25.22 19.76
C VAL D 420 61.78 25.13 19.41
N PHE D 421 61.43 25.49 18.17
CA PHE D 421 60.05 25.47 17.68
C PHE D 421 59.46 24.07 17.63
N ARG D 422 60.27 23.03 17.43
CA ARG D 422 59.78 21.67 17.58
C ARG D 422 59.67 21.24 19.04
N TRP D 423 60.42 21.94 19.89
CA TRP D 423 60.42 21.76 21.34
C TRP D 423 59.30 22.58 22.02
N LYS D 424 58.94 23.72 21.43
CA LYS D 424 57.89 24.58 21.97
C LYS D 424 56.50 24.13 21.53
N CYS D 425 56.37 23.57 20.32
CA CYS D 425 55.06 23.17 19.80
C CYS D 425 54.50 21.93 20.48
N HIS D 426 55.35 21.08 21.07
CA HIS D 426 54.88 19.93 21.83
C HIS D 426 54.20 20.35 23.13
N ASP D 427 54.52 21.53 23.66
CA ASP D 427 53.88 22.07 24.85
C ASP D 427 52.41 22.40 24.62
N LEU D 428 52.04 22.77 23.39
CA LEU D 428 50.65 23.15 23.11
C LEU D 428 49.78 21.91 22.88
N VAL D 429 50.39 20.84 22.36
CA VAL D 429 49.62 19.64 22.01
C VAL D 429 49.12 18.92 23.25
N LYS D 430 50.00 18.74 24.22
CA LYS D 430 49.66 18.07 25.47
C LYS D 430 48.84 18.94 26.43
N SER D 431 48.48 20.16 26.02
CA SER D 431 47.89 21.16 26.89
C SER D 431 46.36 21.13 26.83
N ARG D 432 45.72 21.64 27.87
CA ARG D 432 44.28 21.65 27.98
C ARG D 432 43.63 22.87 27.35
N VAL D 433 44.38 23.65 26.56
CA VAL D 433 43.77 24.69 25.72
C VAL D 433 43.39 24.11 24.36
N PHE D 434 44.23 23.24 23.81
CA PHE D 434 44.05 22.63 22.50
C PHE D 434 42.85 21.68 22.44
N TYR D 435 42.36 21.21 23.59
CA TYR D 435 41.19 20.34 23.68
C TYR D 435 39.88 21.11 23.56
N TRP D 436 39.95 22.42 23.28
CA TRP D 436 38.78 23.26 23.08
C TRP D 436 38.89 24.10 21.79
N LEU D 437 39.99 24.00 21.06
CA LEU D 437 40.18 24.79 19.84
C LEU D 437 40.37 23.95 18.60
N VAL D 438 40.23 22.64 18.67
CA VAL D 438 39.98 21.86 17.47
C VAL D 438 38.47 21.81 17.24
N ILE D 439 37.68 21.91 18.31
CA ILE D 439 36.23 21.86 18.19
C ILE D 439 35.67 23.14 17.56
N LEU D 440 36.47 24.19 17.45
CA LEU D 440 36.09 25.33 16.62
C LEU D 440 35.93 24.92 15.16
N ILE D 441 36.92 24.24 14.59
CA ILE D 441 36.80 23.82 13.19
C ILE D 441 36.06 22.49 13.04
N VAL D 442 35.98 21.69 14.10
CA VAL D 442 35.16 20.48 14.08
C VAL D 442 33.67 20.84 14.08
N ALA D 443 33.26 21.84 14.88
CA ALA D 443 31.86 22.23 14.92
C ALA D 443 31.49 23.35 13.96
N LEU D 444 32.43 23.75 13.11
CA LEU D 444 32.16 24.74 12.08
C LEU D 444 31.95 23.94 10.82
N ASN D 445 32.74 22.89 10.67
CA ASN D 445 32.64 21.99 9.53
C ASN D 445 31.32 21.21 9.54
N THR D 446 30.96 20.72 10.71
CA THR D 446 29.73 19.95 10.89
C THR D 446 28.53 20.85 10.60
N LEU D 447 28.60 22.05 11.13
CA LEU D 447 27.55 23.02 10.93
C LEU D 447 27.44 23.34 9.45
N SER D 448 28.60 23.45 8.80
CA SER D 448 28.68 23.77 7.38
C SER D 448 28.00 22.69 6.57
N ILE D 449 28.24 21.44 6.95
CA ILE D 449 27.63 20.31 6.27
C ILE D 449 26.12 20.31 6.42
N ALA D 450 25.67 20.62 7.64
CA ALA D 450 24.24 20.60 7.99
C ALA D 450 23.23 21.55 7.32
N SER D 451 23.65 22.79 7.05
CA SER D 451 22.80 23.85 6.54
C SER D 451 22.43 23.66 5.08
N GLU D 452 22.91 22.59 4.45
CA GLU D 452 22.53 22.23 3.09
C GLU D 452 21.04 21.93 2.98
N HIS D 453 20.34 22.70 2.17
CA HIS D 453 18.92 22.47 1.94
C HIS D 453 18.56 22.90 0.52
N HIS D 454 17.35 22.54 0.11
CA HIS D 454 16.88 22.79 -1.23
C HIS D 454 16.28 24.18 -1.31
N ASN D 455 16.54 24.84 -2.45
CA ASN D 455 16.12 26.21 -2.74
C ASN D 455 16.70 27.17 -1.70
N GLN D 456 17.99 27.00 -1.43
CA GLN D 456 18.70 27.76 -0.43
C GLN D 456 19.26 29.04 -1.06
N PRO D 457 19.57 30.08 -0.25
CA PRO D 457 20.02 31.36 -0.85
C PRO D 457 21.38 31.30 -1.52
N LEU D 458 21.67 32.26 -2.40
CA LEU D 458 22.96 32.28 -3.09
C LEU D 458 24.10 32.74 -2.21
N TRP D 459 23.83 33.54 -1.18
CA TRP D 459 24.89 33.82 -0.22
C TRP D 459 25.21 32.58 0.61
N LEU D 460 24.23 31.70 0.82
CA LEU D 460 24.46 30.53 1.64
C LEU D 460 25.30 29.50 0.91
N THR D 461 25.09 29.36 -0.40
CA THR D 461 25.94 28.52 -1.23
C THR D 461 27.36 29.06 -1.30
N HIS D 462 27.48 30.39 -1.34
CA HIS D 462 28.77 31.06 -1.41
C HIS D 462 29.46 31.13 -0.06
N LEU D 463 28.72 31.21 1.05
CA LEU D 463 29.30 31.04 2.37
C LEU D 463 29.85 29.62 2.57
N GLN D 464 29.28 28.65 1.87
CA GLN D 464 29.80 27.30 1.85
C GLN D 464 30.92 27.12 0.83
N ASP D 465 31.20 28.14 0.03
CA ASP D 465 32.42 28.17 -0.76
C ASP D 465 33.58 28.72 0.07
N ILE D 466 33.28 29.54 1.07
CA ILE D 466 34.31 29.99 2.01
C ILE D 466 34.74 28.84 2.91
N ALA D 467 33.78 28.15 3.53
CA ALA D 467 34.09 27.22 4.60
C ALA D 467 34.78 25.96 4.09
N ASN D 468 34.63 25.66 2.80
CA ASN D 468 35.35 24.53 2.22
C ASN D 468 36.81 24.89 1.95
N ARG D 469 37.07 26.12 1.51
CA ARG D 469 38.46 26.52 1.27
C ARG D 469 39.19 26.84 2.57
N VAL D 470 38.55 27.57 3.48
CA VAL D 470 39.21 28.01 4.70
C VAL D 470 39.56 26.82 5.60
N LEU D 471 38.57 25.97 5.86
CA LEU D 471 38.78 24.90 6.82
C LEU D 471 39.62 23.75 6.29
N LEU D 472 39.76 23.64 4.97
CA LEU D 472 40.65 22.61 4.44
C LEU D 472 42.10 23.03 4.60
N SER D 473 42.35 24.34 4.59
CA SER D 473 43.66 24.87 4.94
C SER D 473 43.93 24.74 6.43
N LEU D 474 42.91 24.95 7.27
CA LEU D 474 43.07 24.77 8.71
C LEU D 474 43.12 23.29 9.08
N PHE D 475 42.53 22.42 8.26
CA PHE D 475 42.71 20.98 8.45
C PHE D 475 44.14 20.55 8.13
N THR D 476 44.83 21.30 7.28
CA THR D 476 46.23 20.99 7.00
C THR D 476 47.12 21.41 8.16
N ILE D 477 46.85 22.58 8.74
CA ILE D 477 47.67 23.15 9.81
C ILE D 477 47.63 22.27 11.07
N GLU D 478 46.46 21.70 11.38
CA GLU D 478 46.40 20.76 12.50
C GLU D 478 47.03 19.41 12.18
N MET D 479 47.24 19.11 10.90
CA MET D 479 47.81 17.84 10.46
C MET D 479 49.30 17.95 10.14
N LEU D 480 49.74 19.07 9.56
CA LEU D 480 51.17 19.23 9.24
C LEU D 480 52.00 19.46 10.50
N LEU D 481 51.38 20.02 11.54
CA LEU D 481 52.05 20.17 12.82
C LEU D 481 52.30 18.83 13.50
N LYS D 482 51.49 17.81 13.25
CA LYS D 482 51.63 16.58 14.02
C LYS D 482 52.68 15.65 13.40
N MET D 483 52.77 15.66 12.07
CA MET D 483 53.71 14.79 11.36
C MET D 483 55.15 15.31 11.41
N TYR D 484 55.34 16.60 11.74
CA TYR D 484 56.67 17.18 11.85
C TYR D 484 57.00 17.62 13.27
N GLY D 485 56.01 17.96 14.08
CA GLY D 485 56.26 18.48 15.41
C GLY D 485 56.43 17.43 16.50
N LEU D 486 56.01 16.19 16.25
CA LEU D 486 56.29 15.11 17.19
C LEU D 486 56.65 13.79 16.51
N GLY D 487 57.00 13.80 15.23
CA GLY D 487 57.53 12.58 14.62
C GLY D 487 56.56 11.93 13.65
N LEU D 488 57.05 11.69 12.44
CA LEU D 488 56.24 11.07 11.40
C LEU D 488 56.15 9.56 11.56
N ARG D 489 57.11 8.95 12.27
CA ARG D 489 57.00 7.55 12.64
C ARG D 489 55.85 7.33 13.62
N GLN D 490 55.77 8.16 14.64
CA GLN D 490 54.69 8.06 15.62
C GLN D 490 53.37 8.51 15.02
N TYR D 491 53.39 9.40 14.02
CA TYR D 491 52.15 9.96 13.48
C TYR D 491 51.33 8.90 12.76
N PHE D 492 51.97 7.88 12.19
CA PHE D 492 51.20 6.84 11.53
C PHE D 492 50.70 5.80 12.53
N MET D 493 51.28 5.79 13.73
CA MET D 493 51.03 4.75 14.73
C MET D 493 49.63 4.87 15.34
N SER D 494 49.10 6.10 15.42
CA SER D 494 47.76 6.31 15.92
C SER D 494 46.75 5.87 14.87
N ILE D 495 45.55 5.49 15.31
CA ILE D 495 44.51 4.98 14.41
C ILE D 495 43.69 6.10 13.78
N PHE D 496 43.36 7.14 14.53
CA PHE D 496 42.71 8.33 14.01
C PHE D 496 43.68 9.26 13.31
N ASN D 497 44.98 9.09 13.55
CA ASN D 497 45.95 9.81 12.75
C ASN D 497 46.31 9.06 11.47
N ARG D 498 45.77 7.85 11.27
CA ARG D 498 45.63 7.35 9.91
C ARG D 498 44.52 8.08 9.18
N PHE D 499 43.44 8.40 9.90
CA PHE D 499 42.25 9.00 9.32
C PHE D 499 42.47 10.46 8.95
N ASP D 500 43.36 11.14 9.68
CA ASP D 500 43.52 12.58 9.54
C ASP D 500 44.10 12.96 8.18
N CYS D 501 44.92 12.09 7.59
CA CYS D 501 45.57 12.41 6.34
C CYS D 501 44.60 12.32 5.16
N PHE D 502 43.71 11.31 5.16
CA PHE D 502 42.81 11.11 4.03
C PHE D 502 41.75 12.21 3.94
N VAL D 503 41.43 12.85 5.06
CA VAL D 503 40.58 14.05 5.06
C VAL D 503 41.20 15.13 4.19
N VAL D 504 42.49 15.38 4.37
CA VAL D 504 43.19 16.39 3.57
C VAL D 504 43.44 15.88 2.15
N CYS D 505 43.85 14.61 2.03
CA CYS D 505 44.32 14.09 0.75
C CYS D 505 43.18 13.87 -0.23
N SER D 506 41.96 13.65 0.27
CA SER D 506 40.80 13.52 -0.60
C SER D 506 39.98 14.80 -0.68
N GLY D 507 40.11 15.71 0.30
CA GLY D 507 39.42 16.98 0.20
C GLY D 507 40.04 17.90 -0.84
N ILE D 508 41.37 18.10 -0.76
CA ILE D 508 42.07 18.94 -1.73
C ILE D 508 42.15 18.27 -3.10
N LEU D 509 41.92 16.96 -3.17
CA LEU D 509 41.82 16.27 -4.44
C LEU D 509 40.58 16.69 -5.21
N GLU D 510 39.48 16.94 -4.50
CA GLU D 510 38.24 17.39 -5.12
C GLU D 510 38.34 18.82 -5.61
N LEU D 511 39.09 19.66 -4.90
CA LEU D 511 39.30 21.04 -5.35
C LEU D 511 40.15 21.11 -6.60
N LEU D 512 41.06 20.17 -6.80
CA LEU D 512 41.82 20.05 -8.03
C LEU D 512 41.04 19.39 -9.15
N LEU D 513 39.94 18.71 -8.81
CA LEU D 513 39.09 18.07 -9.79
C LEU D 513 38.18 19.10 -10.47
N VAL D 514 37.71 20.09 -9.71
CA VAL D 514 36.92 21.16 -10.30
C VAL D 514 37.80 22.12 -11.11
N GLU D 515 38.91 22.57 -10.53
CA GLU D 515 39.72 23.62 -11.15
C GLU D 515 40.72 23.03 -12.17
N SER D 516 40.17 22.27 -13.11
CA SER D 516 40.89 21.80 -14.28
C SER D 516 40.01 21.73 -15.52
N GLY D 517 38.78 22.23 -15.46
CA GLY D 517 37.82 22.01 -16.52
C GLY D 517 37.17 20.65 -16.52
N ALA D 518 37.21 19.94 -15.38
CA ALA D 518 36.77 18.56 -15.29
C ALA D 518 35.77 18.40 -14.15
N MET D 519 34.73 19.25 -14.15
CA MET D 519 33.75 19.25 -13.06
C MET D 519 33.02 17.92 -12.90
N THR D 520 32.92 17.13 -13.99
CA THR D 520 32.52 15.72 -14.04
C THR D 520 31.16 15.50 -13.37
N PRO D 521 30.04 15.81 -14.09
CA PRO D 521 28.71 15.99 -13.45
C PRO D 521 28.19 14.87 -12.55
N LEU D 522 28.70 13.65 -12.73
CA LEU D 522 28.41 12.56 -11.78
C LEU D 522 29.31 12.61 -10.56
N GLY D 523 30.51 13.20 -10.68
CA GLY D 523 31.43 13.23 -9.55
C GLY D 523 31.32 14.49 -8.71
N ILE D 524 30.30 15.33 -8.97
CA ILE D 524 30.12 16.51 -8.14
C ILE D 524 29.32 16.19 -6.88
N SER D 525 28.45 15.17 -6.91
CA SER D 525 27.66 14.90 -5.71
C SER D 525 28.11 13.64 -4.97
N VAL D 526 28.90 12.77 -5.61
CA VAL D 526 29.50 11.64 -4.91
C VAL D 526 30.56 12.13 -3.94
N LEU D 527 31.42 13.04 -4.40
CA LEU D 527 32.54 13.50 -3.57
C LEU D 527 32.11 14.48 -2.49
N ARG D 528 30.92 15.09 -2.62
CA ARG D 528 30.36 15.84 -1.51
C ARG D 528 29.76 14.94 -0.45
N CYS D 529 29.64 13.63 -0.74
CA CYS D 529 29.40 12.66 0.31
C CYS D 529 30.69 12.09 0.88
N ILE D 530 31.82 12.34 0.22
CA ILE D 530 33.10 11.89 0.76
C ILE D 530 33.63 12.89 1.80
N ARG D 531 33.36 14.19 1.62
CA ARG D 531 33.68 15.14 2.68
C ARG D 531 32.69 15.08 3.83
N LEU D 532 31.63 14.29 3.71
CA LEU D 532 30.77 13.98 4.85
C LEU D 532 31.45 13.09 5.88
N LEU D 533 32.61 12.50 5.56
CA LEU D 533 33.45 11.84 6.57
C LEU D 533 34.19 12.81 7.48
N ARG D 534 34.07 14.12 7.25
CA ARG D 534 34.76 15.07 8.12
C ARG D 534 34.02 15.24 9.45
N LEU D 535 32.74 14.87 9.53
CA LEU D 535 32.04 14.89 10.80
C LEU D 535 32.15 13.56 11.54
N PHE D 536 32.93 12.62 11.00
CA PHE D 536 33.40 11.40 11.64
C PHE D 536 34.66 11.65 12.46
N LYS D 537 35.13 12.92 12.49
CA LYS D 537 36.29 13.33 13.28
C LYS D 537 35.95 13.57 14.74
N ILE D 538 34.67 13.46 15.13
CA ILE D 538 34.31 13.63 16.53
C ILE D 538 34.44 12.32 17.29
N THR D 539 34.82 11.24 16.60
CA THR D 539 35.11 9.95 17.22
C THR D 539 36.23 10.07 18.25
N LYS D 540 37.18 10.99 18.01
CA LYS D 540 38.25 11.24 18.95
C LYS D 540 37.75 11.99 20.19
N TYR D 541 36.54 12.57 20.15
CA TYR D 541 35.97 13.29 21.28
C TYR D 541 35.05 12.45 22.18
N TRP D 542 34.70 11.21 21.83
CA TRP D 542 33.74 10.50 22.68
C TRP D 542 34.43 9.92 23.91
N THR D 543 35.38 9.00 23.69
CA THR D 543 36.17 8.28 24.70
C THR D 543 35.28 7.54 25.71
N SER D 544 34.11 7.05 25.27
CA SER D 544 33.17 6.38 26.17
C SER D 544 32.81 4.98 25.69
N LEU D 545 32.64 4.79 24.38
CA LEU D 545 32.33 3.51 23.78
C LEU D 545 33.48 2.96 22.93
N SER D 546 34.72 3.31 23.25
CA SER D 546 35.86 2.76 22.54
C SER D 546 36.27 1.37 23.04
N ASN D 547 35.77 0.94 24.20
CA ASN D 547 36.03 -0.44 24.61
C ASN D 547 35.14 -1.41 23.84
N LEU D 548 34.00 -0.95 23.35
CA LEU D 548 33.18 -1.78 22.48
C LEU D 548 33.82 -1.96 21.12
N VAL D 549 34.25 -0.86 20.50
CA VAL D 549 34.84 -0.88 19.17
C VAL D 549 36.24 -1.53 19.23
N ALA D 550 36.82 -1.56 20.43
CA ALA D 550 38.08 -2.24 20.59
C ALA D 550 37.71 -3.72 20.44
N SER D 551 36.65 -4.09 21.14
CA SER D 551 36.07 -5.45 21.14
C SER D 551 35.38 -5.89 19.84
N LEU D 552 34.61 -4.97 19.26
CA LEU D 552 33.85 -5.22 18.04
C LEU D 552 34.80 -5.56 16.90
N LEU D 553 35.91 -4.84 16.88
CA LEU D 553 36.93 -5.00 15.85
C LEU D 553 37.63 -6.37 15.81
N ASN D 554 37.94 -6.94 16.97
CA ASN D 554 38.64 -8.22 16.97
C ASN D 554 37.71 -9.37 16.63
N SER D 555 36.44 -9.06 16.37
CA SER D 555 35.40 -10.05 16.16
C SER D 555 34.80 -9.99 14.76
N ILE D 556 35.45 -9.30 13.83
CA ILE D 556 34.89 -9.19 12.47
C ILE D 556 35.11 -10.44 11.64
N ARG D 557 35.99 -11.36 12.08
CA ARG D 557 35.98 -12.70 11.50
C ARG D 557 34.91 -13.57 12.16
N SER D 558 34.28 -13.09 13.22
CA SER D 558 33.09 -13.72 13.78
C SER D 558 31.81 -13.00 13.40
N ILE D 559 31.92 -11.72 13.05
CA ILE D 559 30.76 -10.95 12.61
C ILE D 559 30.26 -11.47 11.26
N ALA D 560 31.18 -11.69 10.33
CA ALA D 560 30.81 -12.01 8.96
C ALA D 560 30.36 -13.45 8.75
N SER D 561 30.67 -14.38 9.66
CA SER D 561 30.22 -15.75 9.45
C SER D 561 28.73 -15.93 9.72
N LEU D 562 28.17 -15.16 10.65
CA LEU D 562 26.72 -15.11 10.79
C LEU D 562 26.08 -14.31 9.67
N LEU D 563 26.72 -13.22 9.26
CA LEU D 563 26.15 -12.35 8.24
C LEU D 563 26.34 -12.89 6.84
N LEU D 564 27.13 -13.95 6.66
CA LEU D 564 27.24 -14.53 5.32
C LEU D 564 26.14 -15.56 5.08
N LEU D 565 25.98 -16.51 5.99
CA LEU D 565 24.92 -17.51 5.94
C LEU D 565 23.51 -16.90 6.04
N LEU D 566 23.39 -15.70 6.60
CA LEU D 566 22.15 -14.93 6.54
C LEU D 566 21.91 -14.38 5.14
N PHE D 567 22.94 -13.81 4.53
CA PHE D 567 22.84 -13.29 3.17
C PHE D 567 22.78 -14.40 2.13
N LEU D 568 23.36 -15.56 2.44
CA LEU D 568 23.15 -16.78 1.67
C LEU D 568 21.72 -17.28 1.72
N PHE D 569 21.08 -17.20 2.88
CA PHE D 569 19.68 -17.52 3.07
C PHE D 569 18.74 -16.63 2.25
N ILE D 570 19.03 -15.32 2.22
CA ILE D 570 18.27 -14.36 1.43
C ILE D 570 18.37 -14.64 -0.07
N ILE D 571 19.56 -15.02 -0.55
CA ILE D 571 19.78 -15.34 -1.96
C ILE D 571 18.97 -16.55 -2.40
N ILE D 572 18.89 -17.58 -1.57
CA ILE D 572 18.17 -18.78 -1.94
C ILE D 572 16.67 -18.56 -1.99
N PHE D 573 16.13 -17.76 -1.07
CA PHE D 573 14.73 -17.37 -1.12
C PHE D 573 14.41 -16.34 -2.18
N ALA D 574 15.35 -15.48 -2.54
CA ALA D 574 15.14 -14.56 -3.65
C ALA D 574 15.07 -15.27 -4.98
N LEU D 575 15.94 -16.26 -5.20
CA LEU D 575 15.90 -17.05 -6.43
C LEU D 575 14.70 -18.00 -6.48
N LEU D 576 14.26 -18.49 -5.32
CA LEU D 576 13.05 -19.29 -5.23
C LEU D 576 11.80 -18.50 -5.57
N GLY D 577 11.74 -17.23 -5.19
CA GLY D 577 10.65 -16.36 -5.55
C GLY D 577 10.62 -15.97 -6.99
N MET D 578 11.77 -15.90 -7.64
CA MET D 578 11.89 -15.79 -9.09
C MET D 578 11.27 -16.96 -9.83
N GLN D 579 11.46 -18.18 -9.37
CA GLN D 579 10.87 -19.37 -9.96
C GLN D 579 9.38 -19.48 -9.67
N LEU D 580 8.93 -18.98 -8.51
CA LEU D 580 7.52 -19.06 -8.19
C LEU D 580 6.75 -17.86 -8.73
N PHE D 581 7.30 -16.67 -8.66
CA PHE D 581 6.49 -15.47 -8.84
C PHE D 581 6.99 -14.56 -9.94
N GLY D 582 8.19 -14.78 -10.46
CA GLY D 582 8.68 -13.99 -11.58
C GLY D 582 7.96 -14.37 -12.85
N GLY D 583 7.59 -13.35 -13.60
CA GLY D 583 6.81 -13.50 -14.81
C GLY D 583 5.36 -13.78 -14.52
N ARG D 584 5.01 -13.99 -13.26
CA ARG D 584 3.62 -14.29 -12.91
C ARG D 584 2.75 -13.16 -12.43
N TYR D 585 3.30 -11.98 -12.18
CA TYR D 585 2.43 -10.85 -11.79
C TYR D 585 1.93 -10.03 -13.00
N ASP D 586 1.42 -10.69 -14.02
CA ASP D 586 0.89 -10.08 -15.23
C ASP D 586 -0.59 -9.91 -15.10
N PHE D 587 -0.96 -8.97 -14.29
CA PHE D 587 -2.35 -8.62 -14.04
C PHE D 587 -2.79 -7.57 -15.05
N GLU D 588 -4.01 -7.71 -15.55
CA GLU D 588 -4.61 -6.67 -16.37
C GLU D 588 -5.37 -5.64 -15.56
N ASP D 589 -4.82 -5.27 -14.41
CA ASP D 589 -5.12 -4.04 -13.69
C ASP D 589 -4.25 -2.91 -14.24
N THR D 590 -4.36 -1.75 -13.60
CA THR D 590 -3.44 -0.65 -13.80
C THR D 590 -2.65 -0.28 -12.54
N GLU D 591 -2.84 -1.01 -11.44
CA GLU D 591 -2.09 -0.69 -10.24
C GLU D 591 -0.67 -1.26 -10.29
N VAL D 592 0.22 -0.62 -9.54
CA VAL D 592 1.63 -0.98 -9.56
C VAL D 592 1.89 -1.91 -8.37
N ARG D 593 2.65 -2.96 -8.62
CA ARG D 593 2.99 -3.93 -7.62
C ARG D 593 4.50 -3.97 -7.66
N ARG D 594 5.11 -3.07 -6.92
CA ARG D 594 6.52 -2.80 -7.06
C ARG D 594 7.42 -3.79 -6.34
N SER D 595 6.93 -4.45 -5.30
CA SER D 595 7.71 -5.50 -4.67
C SER D 595 7.30 -6.84 -5.30
N ASN D 596 7.99 -7.16 -6.38
CA ASN D 596 7.79 -8.32 -7.21
C ASN D 596 9.12 -9.07 -7.36
N PHE D 597 9.14 -10.08 -8.21
CA PHE D 597 10.20 -11.07 -8.31
C PHE D 597 10.70 -11.20 -9.74
N ASP D 598 10.63 -10.10 -10.49
CA ASP D 598 10.90 -10.10 -11.92
C ASP D 598 12.39 -10.09 -12.28
N ASN D 599 13.19 -9.33 -11.56
CA ASN D 599 14.64 -9.32 -11.69
C ASN D 599 15.20 -10.04 -10.47
N PHE D 600 16.50 -10.26 -10.44
CA PHE D 600 17.19 -10.67 -9.23
C PHE D 600 17.45 -9.51 -8.24
N PRO D 601 17.72 -8.29 -8.69
CA PRO D 601 17.85 -7.20 -7.73
C PRO D 601 16.50 -6.90 -7.02
N GLN D 602 15.42 -6.85 -7.80
CA GLN D 602 14.08 -6.60 -7.27
C GLN D 602 13.54 -7.73 -6.40
N ALA D 603 13.83 -8.95 -6.81
CA ALA D 603 13.42 -10.12 -6.08
C ALA D 603 14.08 -10.07 -4.72
N LEU D 604 15.35 -9.64 -4.74
CA LEU D 604 16.18 -9.50 -3.55
C LEU D 604 15.58 -8.43 -2.65
N ILE D 605 15.13 -7.34 -3.24
CA ILE D 605 14.50 -6.26 -2.48
C ILE D 605 13.22 -6.76 -1.80
N SER D 606 12.47 -7.61 -2.50
CA SER D 606 11.23 -8.18 -1.97
C SER D 606 11.35 -9.12 -0.76
N VAL D 607 12.39 -9.94 -0.72
CA VAL D 607 12.68 -10.88 0.37
C VAL D 607 13.07 -10.15 1.65
N PHE D 608 13.90 -9.11 1.52
CA PHE D 608 14.34 -8.32 2.66
C PHE D 608 13.19 -7.54 3.28
N GLN D 609 12.23 -7.11 2.46
CA GLN D 609 11.00 -6.51 2.92
C GLN D 609 10.16 -7.46 3.78
N VAL D 610 10.07 -8.73 3.40
CA VAL D 610 9.33 -9.71 4.18
C VAL D 610 10.05 -10.04 5.49
N LEU D 611 11.37 -9.96 5.49
CA LEU D 611 12.16 -10.22 6.69
C LEU D 611 12.00 -9.14 7.75
N THR D 612 11.78 -7.90 7.35
CA THR D 612 11.43 -6.87 8.30
C THR D 612 9.99 -7.00 8.78
N GLY D 613 9.17 -7.77 8.07
CA GLY D 613 7.78 -7.88 8.33
C GLY D 613 6.92 -6.79 7.72
N GLU D 614 7.52 -5.76 7.13
CA GLU D 614 6.76 -4.59 6.72
C GLU D 614 5.96 -4.86 5.46
N ASP D 615 4.65 -4.92 5.64
CA ASP D 615 3.65 -5.10 4.59
C ASP D 615 3.86 -6.41 3.85
N TRP D 616 4.26 -7.44 4.60
CA TRP D 616 4.61 -8.72 4.00
C TRP D 616 3.37 -9.45 3.51
N ASN D 617 2.21 -9.15 4.07
CA ASN D 617 0.96 -9.75 3.66
C ASN D 617 0.49 -9.27 2.30
N SER D 618 0.75 -8.02 1.95
CA SER D 618 0.49 -7.50 0.62
C SER D 618 1.32 -8.18 -0.46
N VAL D 619 2.53 -8.62 -0.12
CA VAL D 619 3.33 -9.38 -1.04
C VAL D 619 2.74 -10.78 -1.19
N MET D 620 2.30 -11.38 -0.08
CA MET D 620 1.62 -12.65 -0.11
C MET D 620 0.27 -12.60 -0.82
N TYR D 621 -0.47 -11.49 -0.75
CA TYR D 621 -1.75 -11.39 -1.46
C TYR D 621 -1.54 -11.37 -2.97
N ASN D 622 -0.46 -10.75 -3.44
CA ASN D 622 -0.12 -10.75 -4.86
C ASN D 622 0.30 -12.12 -5.39
N GLY D 623 0.97 -12.91 -4.59
CA GLY D 623 1.39 -14.24 -4.96
C GLY D 623 0.28 -15.26 -4.97
N ILE D 624 -0.78 -15.03 -4.20
CA ILE D 624 -1.94 -15.91 -4.23
C ILE D 624 -2.81 -15.60 -5.44
N MET D 625 -2.91 -14.34 -5.81
CA MET D 625 -3.65 -13.97 -7.00
C MET D 625 -2.86 -14.20 -8.27
N ALA D 626 -1.54 -14.36 -8.17
CA ALA D 626 -0.68 -14.79 -9.26
C ALA D 626 -0.93 -16.23 -9.63
N TYR D 627 -1.38 -17.02 -8.69
CA TYR D 627 -1.90 -18.34 -8.99
C TYR D 627 -3.42 -18.14 -9.12
N GLY D 628 -4.23 -19.17 -8.94
CA GLY D 628 -5.65 -18.97 -9.15
C GLY D 628 -6.40 -17.94 -8.30
N GLY D 629 -5.96 -17.75 -7.07
CA GLY D 629 -6.68 -16.96 -6.13
C GLY D 629 -6.94 -17.80 -4.91
N PRO D 630 -7.99 -17.49 -4.15
CA PRO D 630 -8.26 -18.12 -2.85
C PRO D 630 -8.79 -19.57 -2.93
N SER D 631 -8.09 -20.42 -3.64
CA SER D 631 -8.54 -21.77 -3.95
C SER D 631 -7.46 -22.78 -3.59
N TYR D 632 -7.88 -24.02 -3.29
CA TYR D 632 -7.10 -25.02 -2.55
C TYR D 632 -5.70 -25.34 -3.06
N PRO D 633 -5.41 -25.44 -4.37
CA PRO D 633 -4.00 -25.55 -4.75
C PRO D 633 -3.25 -24.24 -4.69
N GLY D 634 -3.83 -23.12 -5.14
CA GLY D 634 -3.06 -21.91 -5.32
C GLY D 634 -2.86 -21.11 -4.04
N VAL D 635 -3.63 -21.41 -2.99
CA VAL D 635 -3.41 -20.79 -1.69
C VAL D 635 -2.17 -21.29 -1.00
N LEU D 636 -1.60 -22.41 -1.43
CA LEU D 636 -0.42 -22.96 -0.79
C LEU D 636 0.86 -22.24 -1.21
N VAL D 637 0.73 -21.21 -2.04
CA VAL D 637 1.71 -20.14 -2.19
C VAL D 637 2.14 -19.59 -0.85
N CYS D 638 1.18 -19.39 0.06
CA CYS D 638 1.38 -18.68 1.32
C CYS D 638 2.41 -19.31 2.24
N ILE D 639 2.76 -20.60 2.05
CA ILE D 639 3.73 -21.24 2.91
C ILE D 639 5.15 -20.83 2.57
N TYR D 640 5.38 -20.32 1.36
CA TYR D 640 6.63 -19.63 1.04
C TYR D 640 6.88 -18.47 1.99
N PHE D 641 5.85 -17.68 2.24
CA PHE D 641 5.93 -16.46 3.00
C PHE D 641 5.98 -16.71 4.50
N ILE D 642 5.42 -17.80 4.97
CA ILE D 642 5.48 -18.11 6.39
C ILE D 642 6.84 -18.66 6.76
N ILE D 643 7.43 -19.50 5.90
CA ILE D 643 8.76 -20.05 6.14
C ILE D 643 9.83 -18.97 6.02
N LEU D 644 9.69 -18.06 5.07
CA LEU D 644 10.62 -16.94 4.98
C LEU D 644 10.49 -16.00 6.18
N PHE D 645 9.29 -15.81 6.71
CA PHE D 645 9.16 -14.94 7.87
C PHE D 645 9.63 -15.62 9.16
N VAL D 646 9.29 -16.90 9.35
CA VAL D 646 9.53 -17.54 10.64
C VAL D 646 10.98 -18.01 10.76
N CYS D 647 11.47 -18.75 9.77
CA CYS D 647 12.85 -19.22 9.77
C CYS D 647 13.84 -18.12 9.50
N GLY D 648 13.43 -17.02 8.85
CA GLY D 648 14.32 -15.94 8.55
C GLY D 648 14.63 -15.07 9.74
N ASN D 649 13.59 -14.75 10.50
CA ASN D 649 13.67 -13.99 11.75
C ASN D 649 14.16 -14.83 12.92
N TYR D 650 14.16 -16.15 12.77
CA TYR D 650 14.90 -17.02 13.67
C TYR D 650 16.40 -16.84 13.52
N ILE D 651 16.89 -16.64 12.30
CA ILE D 651 18.30 -16.40 12.06
C ILE D 651 18.71 -15.01 12.55
N LEU D 652 17.83 -14.01 12.36
CA LEU D 652 18.04 -12.65 12.86
C LEU D 652 18.23 -12.57 14.36
N LEU D 653 17.59 -13.46 15.12
CA LEU D 653 17.71 -13.46 16.58
C LEU D 653 18.86 -14.34 17.03
N ASN D 654 19.40 -15.14 16.13
CA ASN D 654 20.67 -15.78 16.42
C ASN D 654 21.84 -14.95 15.93
N VAL D 655 21.59 -13.99 15.04
CA VAL D 655 22.64 -13.10 14.57
C VAL D 655 22.81 -11.95 15.57
N PHE D 656 21.77 -11.12 15.74
CA PHE D 656 21.96 -9.87 16.46
C PHE D 656 21.83 -10.05 17.98
N LEU D 657 21.63 -11.29 18.44
CA LEU D 657 21.68 -11.51 19.88
C LEU D 657 22.86 -12.36 20.32
N ALA D 658 23.41 -13.19 19.44
CA ALA D 658 24.71 -13.77 19.75
C ALA D 658 25.81 -12.75 19.55
N ILE D 659 25.55 -11.71 18.76
CA ILE D 659 26.46 -10.57 18.75
C ILE D 659 26.31 -9.76 20.03
N ALA D 660 25.15 -9.16 20.23
CA ALA D 660 25.02 -8.12 21.26
C ALA D 660 24.92 -8.67 22.69
N VAL D 661 24.96 -9.97 22.90
CA VAL D 661 25.23 -10.53 24.22
C VAL D 661 26.70 -10.84 24.42
N ASP D 662 27.33 -11.50 23.47
CA ASP D 662 28.69 -12.01 23.60
C ASP D 662 29.76 -10.97 23.26
N ASN D 663 29.41 -9.94 22.51
CA ASN D 663 30.31 -8.82 22.21
C ASN D 663 30.10 -7.64 23.13
N LEU D 664 29.04 -7.63 23.92
CA LEU D 664 28.72 -6.54 24.82
C LEU D 664 28.82 -6.98 26.27
N ALA D 665 29.16 -8.24 26.52
CA ALA D 665 29.60 -8.70 27.84
C ALA D 665 31.11 -8.71 27.99
N GLU D 666 31.86 -8.77 26.88
CA GLU D 666 33.31 -8.78 27.00
C GLU D 666 33.84 -7.37 27.22
N ALA D 667 33.20 -6.37 26.61
CA ALA D 667 33.39 -4.98 27.01
C ALA D 667 33.11 -4.77 28.49
N GLU D 668 32.06 -5.40 29.01
CA GLU D 668 31.73 -5.37 30.43
C GLU D 668 32.80 -6.10 31.25
N SER D 669 33.43 -7.11 30.66
CA SER D 669 34.58 -7.75 31.29
C SER D 669 35.81 -6.85 31.20
N LEU D 670 35.99 -6.19 30.06
CA LEU D 670 37.19 -5.38 29.84
C LEU D 670 37.11 -4.04 30.56
N THR D 671 35.89 -3.56 30.83
CA THR D 671 35.75 -2.38 31.69
C THR D 671 35.92 -2.75 33.16
N SER D 672 35.43 -3.92 33.56
CA SER D 672 35.60 -4.34 34.95
C SER D 672 37.02 -4.83 35.24
N ALA D 673 37.84 -5.04 34.22
CA ALA D 673 39.26 -5.29 34.46
C ALA D 673 40.04 -3.99 34.46
N GLN D 674 39.57 -3.00 33.71
CA GLN D 674 40.07 -1.64 33.81
C GLN D 674 39.46 -0.87 34.98
N LYS D 675 38.55 -1.50 35.72
CA LYS D 675 38.13 -0.97 37.01
C LYS D 675 38.99 -1.56 38.13
N ALA D 676 39.45 -2.80 37.96
CA ALA D 676 40.34 -3.41 38.95
C ALA D 676 41.82 -3.18 38.62
N LYS D 677 42.12 -2.29 37.67
CA LYS D 677 43.49 -1.96 37.35
C LYS D 677 43.80 -0.48 37.62
N ALA D 678 42.95 0.42 37.11
CA ALA D 678 43.19 1.85 37.10
C ALA D 678 43.22 2.43 38.50
N GLU D 679 42.29 1.98 39.34
CA GLU D 679 42.28 2.41 40.73
C GLU D 679 43.27 1.64 41.59
N GLU D 680 43.90 0.59 41.05
CA GLU D 680 45.06 0.00 41.69
C GLU D 680 46.34 0.74 41.30
N ARG D 681 46.34 1.47 40.18
CA ARG D 681 47.38 2.45 39.91
C ARG D 681 47.22 3.68 40.80
N LYS D 682 46.02 3.88 41.35
CA LYS D 682 45.77 4.96 42.28
C LYS D 682 46.12 4.56 43.71
N ARG D 683 45.98 3.28 44.07
CA ARG D 683 46.35 2.81 45.39
C ARG D 683 47.86 2.80 45.61
N ARG D 684 48.65 2.86 44.53
CA ARG D 684 50.10 2.92 44.68
C ARG D 684 50.61 4.35 44.84
N LYS D 685 50.06 5.26 44.03
CA LYS D 685 50.44 6.67 44.05
C LYS D 685 50.01 7.42 45.32
N MET D 686 48.80 7.15 45.78
CA MET D 686 48.26 7.78 46.97
C MET D 686 48.95 7.31 48.25
N SER D 687 49.59 6.14 48.21
CA SER D 687 50.48 5.72 49.28
C SER D 687 51.79 5.17 48.69
N VAL D 788 -3.81 22.69 65.56
CA VAL D 788 -2.85 22.20 66.54
C VAL D 788 -2.03 21.10 65.85
N ARG D 789 -0.75 20.96 66.23
CA ARG D 789 0.13 20.00 65.59
C ARG D 789 -0.10 18.56 66.02
N VAL D 790 -1.19 18.23 66.74
CA VAL D 790 -1.40 16.85 67.14
C VAL D 790 -2.67 16.24 66.55
N LEU D 791 -3.72 17.01 66.28
CA LEU D 791 -4.82 16.43 65.51
C LEU D 791 -4.55 16.51 64.01
N CYS D 792 -3.71 17.45 63.58
CA CYS D 792 -3.24 17.50 62.20
C CYS D 792 -2.13 16.47 61.94
N HIS D 793 -1.62 15.81 62.97
CA HIS D 793 -0.54 14.87 62.76
C HIS D 793 -1.03 13.42 62.75
N ARG D 794 -2.12 13.13 63.45
CA ARG D 794 -2.53 11.74 63.61
C ARG D 794 -3.62 11.35 62.61
N ILE D 795 -4.37 12.34 62.10
CA ILE D 795 -5.41 12.06 61.11
C ILE D 795 -4.78 11.68 59.76
N VAL D 796 -3.78 12.45 59.33
CA VAL D 796 -3.09 12.24 58.06
C VAL D 796 -2.30 10.94 58.01
N ASN D 797 -1.91 10.39 59.16
CA ASN D 797 -0.78 9.47 59.19
C ASN D 797 -1.17 8.03 58.85
N ALA D 798 -2.09 7.43 59.59
CA ALA D 798 -2.09 5.97 59.61
C ALA D 798 -2.75 5.28 58.42
N THR D 799 -4.08 5.25 58.35
CA THR D 799 -4.68 4.43 57.30
C THR D 799 -5.91 5.01 56.63
N TRP D 800 -6.65 5.87 57.33
CA TRP D 800 -7.91 6.38 56.81
C TRP D 800 -7.74 7.68 56.08
N PHE D 801 -6.49 8.09 55.86
CA PHE D 801 -6.18 9.27 55.05
C PHE D 801 -5.55 8.84 53.74
N THR D 802 -4.93 7.66 53.72
CA THR D 802 -4.30 7.15 52.52
C THR D 802 -5.31 6.40 51.64
N ASN D 803 -6.25 5.69 52.23
CA ASN D 803 -7.26 5.01 51.43
C ASN D 803 -8.45 5.89 51.11
N PHE D 804 -8.37 7.18 51.44
CA PHE D 804 -9.45 8.13 51.28
C PHE D 804 -9.14 9.19 50.24
N ILE D 805 -7.90 9.67 50.19
CA ILE D 805 -7.46 10.65 49.20
C ILE D 805 -7.10 9.98 47.88
N LEU D 806 -6.48 8.80 47.93
CA LEU D 806 -6.15 8.05 46.72
C LEU D 806 -7.38 7.54 45.98
N LEU D 807 -8.48 7.25 46.68
CA LEU D 807 -9.73 6.89 46.06
C LEU D 807 -10.48 8.09 45.48
N PHE D 808 -9.94 9.29 45.69
CA PHE D 808 -10.38 10.47 44.97
C PHE D 808 -9.49 10.79 43.80
N ILE D 809 -8.18 10.49 43.90
CA ILE D 809 -7.25 10.65 42.78
C ILE D 809 -7.63 9.73 41.63
N LEU D 810 -7.99 8.48 41.93
CA LEU D 810 -8.51 7.55 40.94
C LEU D 810 -9.83 8.00 40.35
N LEU D 811 -10.65 8.71 41.12
CA LEU D 811 -11.92 9.22 40.63
C LEU D 811 -11.78 10.60 40.00
N SER D 812 -10.75 11.37 40.39
CA SER D 812 -10.44 12.61 39.71
C SER D 812 -9.91 12.39 38.31
N SER D 813 -9.15 11.31 38.13
CA SER D 813 -8.57 10.93 36.86
C SER D 813 -9.61 10.37 35.91
N ALA D 814 -10.56 9.59 36.41
CA ALA D 814 -11.66 9.09 35.62
C ALA D 814 -12.61 10.18 35.16
N ALA D 815 -12.54 11.37 35.77
CA ALA D 815 -13.33 12.51 35.34
C ALA D 815 -12.74 13.21 34.13
N LEU D 816 -11.41 13.16 33.96
CA LEU D 816 -10.78 13.59 32.72
C LEU D 816 -11.14 12.69 31.56
N ALA D 817 -11.14 11.38 31.77
CA ALA D 817 -11.38 10.41 30.71
C ALA D 817 -12.81 10.44 30.19
N ALA D 818 -13.79 10.72 31.05
CA ALA D 818 -15.19 10.69 30.67
C ALA D 818 -15.65 11.93 29.92
N GLU D 819 -14.80 12.94 29.83
CA GLU D 819 -15.07 14.20 29.13
C GLU D 819 -15.38 13.98 27.64
N ASP D 820 -16.33 14.76 27.12
CA ASP D 820 -16.60 14.84 25.69
C ASP D 820 -15.66 15.86 25.06
N PRO D 821 -14.86 15.46 24.07
CA PRO D 821 -13.97 16.42 23.39
C PRO D 821 -14.65 17.36 22.40
N ILE D 822 -15.76 16.99 21.74
CA ILE D 822 -16.24 17.83 20.64
C ILE D 822 -17.01 19.03 21.14
N ARG D 823 -17.69 18.91 22.28
CA ARG D 823 -18.59 19.94 22.78
C ARG D 823 -18.21 20.29 24.22
N ALA D 824 -17.92 21.56 24.47
CA ALA D 824 -17.83 22.07 25.83
C ALA D 824 -19.20 22.30 26.46
N GLU D 825 -20.28 22.15 25.68
CA GLU D 825 -21.64 22.45 26.07
C GLU D 825 -22.50 21.19 26.26
N SER D 826 -21.89 20.05 26.51
CA SER D 826 -22.69 18.85 26.67
C SER D 826 -23.29 18.80 28.07
N VAL D 827 -24.41 18.09 28.21
CA VAL D 827 -24.96 17.88 29.54
C VAL D 827 -24.11 16.88 30.31
N ARG D 828 -23.36 16.02 29.59
CA ARG D 828 -22.26 15.30 30.21
C ARG D 828 -21.15 16.24 30.64
N ASN D 829 -20.79 17.19 29.78
CA ASN D 829 -19.59 17.97 30.01
C ASN D 829 -19.82 19.08 31.03
N GLN D 830 -21.09 19.46 31.27
CA GLN D 830 -21.46 20.35 32.36
C GLN D 830 -21.37 19.68 33.73
N ILE D 831 -21.95 18.50 33.87
CA ILE D 831 -22.09 17.88 35.19
C ILE D 831 -20.79 17.26 35.69
N LEU D 832 -19.79 17.04 34.81
CA LEU D 832 -18.49 16.57 35.27
C LEU D 832 -17.61 17.71 35.75
N GLY D 833 -17.87 18.95 35.32
CA GLY D 833 -17.21 20.09 35.90
C GLY D 833 -17.58 20.37 37.35
N TYR D 834 -18.75 19.88 37.79
CA TYR D 834 -19.18 20.01 39.17
C TYR D 834 -18.57 18.93 40.07
N PHE D 835 -17.98 17.89 39.48
CA PHE D 835 -17.06 17.03 40.23
C PHE D 835 -15.66 17.63 40.26
N ASP D 836 -15.33 18.45 39.26
CA ASP D 836 -14.06 19.16 39.23
C ASP D 836 -14.11 20.40 40.15
N ILE D 837 -15.24 20.62 40.82
CA ILE D 837 -15.27 21.49 41.98
C ILE D 837 -15.49 20.69 43.25
N ALA D 838 -15.90 19.42 43.13
CA ALA D 838 -16.10 18.57 44.30
C ALA D 838 -14.81 17.90 44.74
N PHE D 839 -13.98 17.45 43.77
CA PHE D 839 -12.67 16.92 44.14
C PHE D 839 -11.74 18.03 44.60
N THR D 840 -11.75 19.15 43.90
CA THR D 840 -10.75 20.20 44.07
C THR D 840 -10.99 21.06 45.30
N SER D 841 -12.09 20.85 46.02
CA SER D 841 -12.23 21.42 47.35
C SER D 841 -11.70 20.47 48.40
N VAL D 842 -11.75 19.16 48.13
CA VAL D 842 -11.23 18.15 49.04
C VAL D 842 -9.70 18.14 49.04
N PHE D 843 -9.06 18.25 47.87
CA PHE D 843 -7.61 18.28 47.85
C PHE D 843 -7.05 19.59 48.37
N THR D 844 -7.85 20.65 48.35
CA THR D 844 -7.47 21.90 49.02
C THR D 844 -7.41 21.71 50.53
N VAL D 845 -8.30 20.88 51.07
CA VAL D 845 -8.24 20.50 52.49
C VAL D 845 -6.96 19.75 52.79
N GLU D 846 -6.51 18.92 51.84
CA GLU D 846 -5.30 18.13 52.03
C GLU D 846 -4.05 19.00 52.12
N ILE D 847 -4.05 20.15 51.44
CA ILE D 847 -2.91 21.05 51.50
C ILE D 847 -2.86 21.76 52.84
N VAL D 848 -3.99 22.36 53.25
CA VAL D 848 -4.05 23.15 54.46
C VAL D 848 -3.88 22.26 55.69
N LEU D 849 -4.38 21.03 55.63
CA LEU D 849 -4.16 20.10 56.73
C LEU D 849 -2.71 19.62 56.77
N LYS D 850 -1.97 19.78 55.67
CA LYS D 850 -0.56 19.44 55.64
C LYS D 850 0.33 20.64 55.91
N MET D 851 -0.03 21.81 55.39
CA MET D 851 0.82 22.99 55.55
C MET D 851 0.56 23.70 56.87
N THR D 852 -0.35 23.19 57.71
CA THR D 852 -0.36 23.60 59.11
C THR D 852 0.53 22.71 59.96
N THR D 853 1.00 21.58 59.41
CA THR D 853 1.88 20.70 60.18
C THR D 853 3.32 21.18 60.13
N TYR D 854 3.89 21.31 58.94
CA TYR D 854 5.32 21.52 58.83
C TYR D 854 5.61 22.94 58.36
N GLY D 855 6.89 23.22 58.16
CA GLY D 855 7.29 24.47 57.53
C GLY D 855 7.20 24.42 56.02
N TYR D 867 10.74 16.14 47.28
CA TYR D 867 10.63 17.11 46.20
C TYR D 867 9.23 17.10 45.59
N PHE D 868 8.37 16.22 46.11
CA PHE D 868 7.22 15.74 45.35
C PHE D 868 5.90 16.34 45.82
N ASN D 869 5.93 17.40 46.63
CA ASN D 869 4.73 18.10 47.06
C ASN D 869 4.53 19.42 46.33
N ILE D 870 5.53 19.86 45.56
CA ILE D 870 5.37 21.07 44.77
C ILE D 870 4.53 20.80 43.53
N LEU D 871 4.41 19.53 43.11
CA LEU D 871 3.44 19.19 42.07
C LEU D 871 2.02 19.15 42.63
N ASP D 872 1.86 18.70 43.87
CA ASP D 872 0.54 18.66 44.49
C ASP D 872 -0.02 20.06 44.70
N LEU D 873 0.85 21.06 44.88
CA LEU D 873 0.42 22.45 44.86
C LEU D 873 0.11 22.93 43.44
N LEU D 874 0.72 22.32 42.43
CA LEU D 874 0.42 22.69 41.05
C LEU D 874 -0.92 22.11 40.59
N VAL D 875 -1.30 20.93 41.09
CA VAL D 875 -2.56 20.31 40.67
C VAL D 875 -3.75 21.06 41.27
N VAL D 876 -3.59 21.61 42.47
CA VAL D 876 -4.64 22.43 43.07
C VAL D 876 -4.71 23.79 42.39
N ALA D 877 -3.56 24.42 42.12
CA ALA D 877 -3.54 25.79 41.64
C ALA D 877 -4.06 25.89 40.21
N VAL D 878 -3.72 24.91 39.37
CA VAL D 878 -4.25 24.83 38.01
C VAL D 878 -5.76 24.58 38.04
N SER D 879 -6.23 23.84 39.05
CA SER D 879 -7.62 23.41 39.12
C SER D 879 -8.58 24.58 39.29
N LEU D 880 -8.30 25.47 40.26
CA LEU D 880 -9.15 26.64 40.45
C LEU D 880 -8.99 27.65 39.31
N ILE D 881 -7.80 27.71 38.70
CA ILE D 881 -7.61 28.60 37.56
C ILE D 881 -8.42 28.12 36.35
N SER D 882 -8.34 26.84 36.02
CA SER D 882 -8.96 26.33 34.81
C SER D 882 -10.47 26.26 34.89
N MET D 883 -11.05 26.37 36.08
CA MET D 883 -12.51 26.47 36.22
C MET D 883 -13.05 27.83 35.76
N VAL D 892 -2.26 30.80 28.90
CA VAL D 892 -3.24 30.43 27.90
C VAL D 892 -4.21 29.44 28.53
N VAL D 893 -5.52 29.67 28.35
CA VAL D 893 -6.54 28.78 28.93
C VAL D 893 -6.49 27.41 28.27
N LYS D 894 -6.01 27.36 27.02
CA LYS D 894 -5.93 26.11 26.28
C LYS D 894 -4.82 25.22 26.83
N ILE D 895 -3.79 25.82 27.44
CA ILE D 895 -2.71 25.02 28.02
C ILE D 895 -2.96 24.79 29.51
N LEU D 896 -3.88 25.55 30.11
CA LEU D 896 -4.24 25.30 31.50
C LEU D 896 -5.24 24.15 31.62
N ARG D 897 -5.76 23.68 30.50
CA ARG D 897 -6.55 22.46 30.50
C ARG D 897 -5.68 21.23 30.30
N VAL D 898 -4.54 21.39 29.62
CA VAL D 898 -3.72 20.24 29.22
C VAL D 898 -2.89 19.75 30.40
N LEU D 899 -2.42 20.66 31.26
CA LEU D 899 -1.66 20.27 32.44
C LEU D 899 -2.55 19.89 33.62
N ARG D 900 -3.84 19.75 33.39
CA ARG D 900 -4.78 19.10 34.28
C ARG D 900 -4.70 17.58 34.18
N VAL D 901 -3.85 17.06 33.28
CA VAL D 901 -3.57 15.64 33.15
C VAL D 901 -2.61 15.13 34.23
N LEU D 902 -2.04 16.01 35.06
CA LEU D 902 -1.02 15.61 36.01
C LEU D 902 -1.59 14.98 37.28
N ARG D 903 -2.88 14.65 37.25
CA ARG D 903 -3.56 14.06 38.40
C ARG D 903 -3.09 12.65 38.79
N PRO D 904 -2.72 11.73 37.89
CA PRO D 904 -2.17 10.46 38.39
C PRO D 904 -0.73 10.53 38.89
N LEU D 905 -0.07 11.68 38.81
CA LEU D 905 1.32 11.80 39.24
C LEU D 905 1.45 11.97 40.75
N ARG D 906 0.40 12.43 41.42
CA ARG D 906 0.41 12.48 42.87
C ARG D 906 0.12 11.12 43.50
N ALA D 907 -0.24 10.12 42.70
CA ALA D 907 -0.34 8.76 43.18
C ALA D 907 1.01 8.05 43.24
N ILE D 908 2.01 8.56 42.53
CA ILE D 908 3.28 7.85 42.41
C ILE D 908 4.24 8.38 43.45
N ASN D 909 3.74 9.30 44.28
CA ASN D 909 4.35 9.75 45.53
C ASN D 909 3.74 9.06 46.73
N ARG D 910 2.43 8.79 46.70
CA ARG D 910 1.77 8.20 47.84
C ARG D 910 1.97 6.69 47.89
N ALA D 911 1.99 6.05 46.73
CA ALA D 911 2.34 4.63 46.65
C ALA D 911 3.85 4.49 46.67
N LYS D 912 4.39 3.82 47.69
CA LYS D 912 5.85 3.72 47.77
C LYS D 912 6.36 2.63 46.83
N GLY D 913 5.48 1.72 46.38
CA GLY D 913 5.84 0.81 45.32
C GLY D 913 5.99 1.52 44.00
N LEU D 914 5.22 2.59 43.81
CA LEU D 914 5.38 3.47 42.66
C LEU D 914 6.54 4.44 42.79
N LYS D 915 6.97 4.78 44.02
CA LYS D 915 8.03 5.78 44.19
C LYS D 915 9.35 5.27 43.63
N HIS D 916 9.53 3.96 43.66
CA HIS D 916 10.83 3.40 43.33
C HIS D 916 10.95 3.05 41.85
N VAL D 917 9.88 2.57 41.23
CA VAL D 917 9.95 2.07 39.85
C VAL D 917 10.09 3.23 38.85
N VAL D 918 9.60 4.43 39.20
CA VAL D 918 9.88 5.61 38.41
C VAL D 918 11.37 5.98 38.47
N GLN D 919 12.01 5.77 39.62
CA GLN D 919 13.42 6.13 39.76
C GLN D 919 14.33 5.17 39.00
N CYS D 920 13.98 3.88 38.96
CA CYS D 920 14.79 2.89 38.24
C CYS D 920 14.80 3.14 36.75
N VAL D 921 13.73 3.72 36.22
CA VAL D 921 13.71 4.17 34.83
C VAL D 921 14.74 5.28 34.63
N PHE D 922 14.69 6.32 35.47
CA PHE D 922 15.59 7.46 35.42
C PHE D 922 17.05 7.07 35.61
N VAL D 923 17.33 6.01 36.38
CA VAL D 923 18.69 5.50 36.46
C VAL D 923 19.10 4.88 35.14
N ALA D 924 18.21 4.09 34.54
CA ALA D 924 18.45 3.47 33.23
C ALA D 924 18.41 4.48 32.08
N ILE D 925 17.89 5.69 32.28
CA ILE D 925 18.00 6.74 31.27
C ILE D 925 19.41 7.31 31.20
N ARG D 926 20.02 7.60 32.36
CA ARG D 926 21.36 8.18 32.41
C ARG D 926 22.43 7.16 32.00
N THR D 927 22.19 5.86 32.25
CA THR D 927 23.17 4.87 31.84
C THR D 927 23.24 4.69 30.33
N ILE D 928 22.10 4.58 29.68
CA ILE D 928 22.00 4.40 28.22
C ILE D 928 22.36 5.64 27.39
N GLY D 929 22.58 6.77 28.06
CA GLY D 929 22.88 8.00 27.35
C GLY D 929 24.09 8.05 26.42
N ASN D 930 25.23 7.49 26.80
CA ASN D 930 26.37 7.52 25.89
C ASN D 930 26.13 6.75 24.60
N ILE D 931 25.52 5.58 24.72
CA ILE D 931 25.20 4.77 23.56
C ILE D 931 24.19 5.55 22.71
N VAL D 932 23.26 6.22 23.41
CA VAL D 932 22.24 7.02 22.75
C VAL D 932 22.87 8.13 21.90
N LEU D 933 23.94 8.73 22.40
CA LEU D 933 24.64 9.79 21.67
C LEU D 933 25.21 9.29 20.34
N VAL D 934 25.75 8.08 20.34
CA VAL D 934 26.35 7.44 19.18
C VAL D 934 25.31 7.16 18.06
N THR D 935 24.08 6.79 18.42
CA THR D 935 23.09 6.57 17.36
C THR D 935 22.51 7.90 16.92
N THR D 936 22.56 8.89 17.79
CA THR D 936 22.08 10.23 17.49
C THR D 936 23.03 10.95 16.53
N LEU D 937 24.29 10.59 16.55
CA LEU D 937 25.27 11.20 15.66
C LEU D 937 25.28 10.43 14.36
N LEU D 938 24.96 9.14 14.44
CA LEU D 938 24.86 8.26 13.28
C LEU D 938 23.62 8.62 12.46
N GLN D 939 22.59 9.09 13.15
CA GLN D 939 21.33 9.48 12.56
C GLN D 939 21.51 10.76 11.77
N PHE D 940 22.41 11.60 12.24
CA PHE D 940 22.76 12.84 11.64
C PHE D 940 23.69 12.64 10.44
N MET D 941 24.59 11.67 10.55
CA MET D 941 25.56 11.34 9.50
C MET D 941 24.84 10.80 8.26
N PHE D 942 23.83 9.97 8.49
CA PHE D 942 23.03 9.37 7.46
C PHE D 942 22.03 10.34 6.89
N ALA D 943 21.52 11.22 7.73
CA ALA D 943 20.57 12.25 7.29
C ALA D 943 21.20 13.24 6.34
N CYS D 944 22.48 13.52 6.51
CA CYS D 944 23.22 14.38 5.60
C CYS D 944 23.57 13.70 4.28
N ILE D 945 23.86 12.40 4.29
CA ILE D 945 24.04 11.65 3.06
C ILE D 945 22.75 11.65 2.24
N GLY D 946 21.61 11.46 2.91
CA GLY D 946 20.32 11.51 2.26
C GLY D 946 19.93 12.86 1.71
N VAL D 947 20.34 13.95 2.37
CA VAL D 947 20.14 15.28 1.77
C VAL D 947 21.02 15.44 0.54
N GLN D 948 22.19 14.82 0.51
CA GLN D 948 22.95 14.96 -0.71
C GLN D 948 22.44 14.06 -1.84
N LEU D 949 21.67 13.03 -1.53
CA LEU D 949 21.10 12.16 -2.55
C LEU D 949 19.72 12.57 -3.01
N PHE D 950 18.85 13.07 -2.12
CA PHE D 950 17.43 13.12 -2.42
C PHE D 950 16.84 14.52 -2.25
N LYS D 951 17.67 15.53 -2.29
CA LYS D 951 17.23 16.91 -2.06
C LYS D 951 16.57 17.46 -3.32
N GLY D 952 15.37 17.98 -3.17
CA GLY D 952 14.61 18.46 -4.29
C GLY D 952 14.06 17.40 -5.22
N LYS D 953 14.20 16.13 -4.86
CA LYS D 953 13.77 15.08 -5.73
C LYS D 953 12.55 14.27 -5.34
N PHE D 954 11.79 14.74 -4.39
CA PHE D 954 10.57 14.04 -3.99
C PHE D 954 9.31 14.83 -4.34
N PHE D 955 9.37 15.69 -5.34
CA PHE D 955 8.20 16.30 -5.94
C PHE D 955 7.71 15.45 -7.10
N SER D 956 6.42 15.56 -7.40
CA SER D 956 5.79 14.84 -8.49
C SER D 956 4.50 15.55 -8.87
N CYS D 957 3.94 15.14 -9.98
CA CYS D 957 2.65 15.64 -10.40
C CYS D 957 1.59 14.57 -10.19
N ASN D 958 0.37 15.05 -10.23
CA ASN D 958 -0.85 14.27 -10.04
C ASN D 958 -0.97 13.19 -11.13
N ASP D 959 -0.92 13.58 -12.41
CA ASP D 959 -0.62 12.62 -13.46
C ASP D 959 0.88 12.57 -13.73
N LEU D 960 1.36 11.36 -13.95
CA LEU D 960 2.78 11.11 -13.96
C LEU D 960 3.41 11.39 -15.30
N SER D 961 2.60 11.90 -16.22
CA SER D 961 2.99 12.40 -17.53
C SER D 961 3.77 13.70 -17.46
N LYS D 962 3.43 14.57 -16.50
CA LYS D 962 3.95 15.92 -16.42
C LYS D 962 5.14 15.91 -15.46
N MET D 963 6.28 16.37 -15.95
CA MET D 963 7.54 16.17 -15.24
C MET D 963 8.06 17.40 -14.51
N THR D 964 7.55 18.58 -14.84
CA THR D 964 7.99 19.78 -14.16
C THR D 964 6.73 20.46 -13.64
N GLU D 965 6.92 21.38 -12.68
CA GLU D 965 5.80 22.09 -12.06
C GLU D 965 5.07 23.00 -13.05
N GLU D 966 5.79 23.50 -14.05
CA GLU D 966 5.18 24.39 -15.03
C GLU D 966 4.19 23.65 -15.93
N GLU D 967 4.43 22.36 -16.21
CA GLU D 967 3.47 21.62 -17.00
C GLU D 967 2.30 21.08 -16.19
N CYS D 968 2.43 21.05 -14.87
CA CYS D 968 1.46 20.37 -14.00
C CYS D 968 0.33 21.34 -13.65
N ARG D 969 -0.36 21.79 -14.69
CA ARG D 969 -1.41 22.77 -14.59
C ARG D 969 -2.60 22.29 -15.40
N GLY D 970 -3.79 22.74 -15.02
CA GLY D 970 -5.01 22.36 -15.70
C GLY D 970 -5.61 21.09 -15.13
N TYR D 971 -6.05 20.21 -16.01
CA TYR D 971 -6.90 19.08 -15.70
C TYR D 971 -6.44 17.85 -16.45
N TYR D 972 -6.58 16.68 -15.84
CA TYR D 972 -6.33 15.41 -16.49
C TYR D 972 -7.47 14.46 -16.19
N TYR D 973 -7.44 13.27 -16.79
CA TYR D 973 -8.48 12.26 -16.59
C TYR D 973 -7.93 11.11 -15.76
N VAL D 974 -8.66 10.74 -14.73
CA VAL D 974 -8.46 9.47 -14.07
C VAL D 974 -9.44 8.51 -14.70
N TYR D 975 -9.17 7.23 -14.59
CA TYR D 975 -9.99 6.19 -15.21
C TYR D 975 -10.33 5.18 -14.13
N LYS D 976 -11.57 5.22 -13.70
CA LYS D 976 -12.04 4.35 -12.66
C LYS D 976 -12.15 2.92 -13.14
N ASP D 977 -11.78 2.02 -12.25
CA ASP D 977 -11.87 0.59 -12.52
C ASP D 977 -11.08 0.19 -13.77
N GLY D 978 -10.06 0.99 -14.08
CA GLY D 978 -9.18 0.80 -15.22
C GLY D 978 -9.83 0.91 -16.59
N ASP D 979 -11.01 1.49 -16.66
CA ASP D 979 -11.84 1.40 -17.85
C ASP D 979 -11.71 2.69 -18.63
N PRO D 980 -11.27 2.65 -19.89
CA PRO D 980 -11.09 3.88 -20.67
C PRO D 980 -12.38 4.53 -21.16
N THR D 981 -13.53 3.96 -20.83
CA THR D 981 -14.83 4.52 -21.11
C THR D 981 -15.35 5.33 -19.92
N GLN D 982 -14.84 5.04 -18.73
CA GLN D 982 -15.31 5.62 -17.47
C GLN D 982 -14.21 6.49 -16.88
N MET D 983 -14.28 7.80 -17.11
CA MET D 983 -13.26 8.69 -16.55
C MET D 983 -13.84 9.99 -16.02
N GLU D 984 -13.13 10.59 -15.07
CA GLU D 984 -13.54 11.82 -14.41
C GLU D 984 -12.45 12.90 -14.53
N LEU D 985 -12.86 14.16 -14.42
CA LEU D 985 -11.92 15.27 -14.52
C LEU D 985 -11.47 15.79 -13.17
N ARG D 986 -10.16 15.89 -12.98
CA ARG D 986 -9.55 16.37 -11.75
C ARG D 986 -8.45 17.35 -12.07
N PRO D 987 -8.12 18.24 -11.14
CA PRO D 987 -7.02 19.17 -11.37
C PRO D 987 -5.67 18.54 -11.06
N ARG D 988 -4.68 18.84 -11.87
CA ARG D 988 -3.35 18.37 -11.52
C ARG D 988 -2.58 19.37 -10.68
N GLN D 989 -1.76 18.84 -9.80
CA GLN D 989 -1.16 19.58 -8.73
C GLN D 989 0.21 18.99 -8.43
N TRP D 990 1.14 19.88 -8.15
CA TRP D 990 2.54 19.55 -7.92
C TRP D 990 2.65 19.27 -6.42
N ILE D 991 2.90 18.03 -6.11
CA ILE D 991 2.78 17.56 -4.74
C ILE D 991 4.13 17.10 -4.22
N HIS D 992 4.36 17.36 -2.96
CA HIS D 992 5.63 17.05 -2.31
C HIS D 992 5.37 15.84 -1.42
N ASN D 993 6.33 14.95 -1.34
CA ASN D 993 6.17 13.81 -0.46
C ASN D 993 6.18 14.28 0.99
N ASP D 994 5.36 13.64 1.82
CA ASP D 994 5.26 14.00 3.22
C ASP D 994 6.53 13.78 4.00
N PHE D 995 7.29 12.74 3.68
CA PHE D 995 8.63 12.54 4.22
C PHE D 995 9.62 12.69 3.08
N HIS D 996 10.56 13.61 3.24
CA HIS D 996 11.52 14.00 2.21
C HIS D 996 12.88 14.27 2.86
N PHE D 997 13.89 14.50 2.02
CA PHE D 997 15.27 14.73 2.48
C PHE D 997 15.66 16.09 1.94
N ASP D 998 15.06 17.13 2.46
CA ASP D 998 15.14 18.38 1.71
C ASP D 998 16.02 19.32 2.51
N ASN D 999 15.79 19.37 3.81
CA ASN D 999 16.79 19.79 4.77
C ASN D 999 17.16 18.60 5.64
N VAL D 1000 18.13 18.82 6.54
CA VAL D 1000 18.70 17.79 7.39
C VAL D 1000 17.68 17.30 8.43
N LEU D 1001 16.81 18.19 8.87
CA LEU D 1001 15.85 17.98 9.93
C LEU D 1001 14.65 17.16 9.49
N SER D 1002 14.10 17.43 8.31
CA SER D 1002 13.17 16.54 7.64
C SER D 1002 13.76 15.18 7.34
N ALA D 1003 15.03 15.13 6.98
CA ALA D 1003 15.71 13.89 6.67
C ALA D 1003 15.84 12.98 7.88
N MET D 1004 16.00 13.56 9.07
CA MET D 1004 16.00 12.80 10.31
C MET D 1004 14.61 12.28 10.66
N MET D 1005 13.57 13.02 10.30
CA MET D 1005 12.20 12.57 10.44
C MET D 1005 11.87 11.42 9.49
N SER D 1006 12.33 11.51 8.24
CA SER D 1006 12.18 10.41 7.30
C SER D 1006 12.90 9.17 7.78
N LEU D 1007 14.12 9.31 8.27
CA LEU D 1007 14.91 8.17 8.71
C LEU D 1007 14.42 7.57 10.02
N PHE D 1008 13.80 8.37 10.89
CA PHE D 1008 13.14 7.84 12.07
C PHE D 1008 11.97 6.94 11.70
N THR D 1009 11.24 7.27 10.65
CA THR D 1009 10.15 6.46 10.20
C THR D 1009 10.65 5.10 9.66
N VAL D 1010 11.73 5.09 8.88
CA VAL D 1010 12.31 3.89 8.30
C VAL D 1010 12.93 3.00 9.35
N SER D 1011 13.40 3.58 10.44
CA SER D 1011 13.91 2.81 11.57
C SER D 1011 12.80 2.12 12.38
N THR D 1012 11.58 2.63 12.37
CA THR D 1012 10.42 1.95 12.94
C THR D 1012 9.85 0.89 12.02
N PHE D 1013 10.40 0.79 10.80
CA PHE D 1013 10.02 -0.05 9.66
C PHE D 1013 8.73 0.37 8.99
N GLU D 1014 8.09 1.43 9.41
CA GLU D 1014 6.79 1.86 8.91
C GLU D 1014 6.78 2.68 7.63
N GLY D 1015 6.20 2.14 6.56
CA GLY D 1015 6.21 2.84 5.30
C GLY D 1015 7.56 2.95 4.64
N TRP D 1016 8.54 2.13 5.01
CA TRP D 1016 9.86 2.24 4.37
C TRP D 1016 9.90 1.80 2.91
N PRO D 1017 9.12 0.80 2.42
CA PRO D 1017 9.12 0.58 0.97
C PRO D 1017 8.51 1.71 0.17
N GLN D 1018 7.60 2.49 0.74
CA GLN D 1018 7.09 3.68 0.07
C GLN D 1018 8.17 4.75 -0.13
N LEU D 1019 9.03 4.97 0.85
CA LEU D 1019 10.17 5.85 0.69
C LEU D 1019 11.25 5.26 -0.21
N LEU D 1020 11.40 3.95 -0.22
CA LEU D 1020 12.36 3.26 -1.07
C LEU D 1020 12.04 3.41 -2.56
N TYR D 1021 10.79 3.20 -2.94
CA TYR D 1021 10.41 3.26 -4.34
C TYR D 1021 10.32 4.69 -4.83
N ARG D 1022 10.08 5.63 -3.91
CA ARG D 1022 10.20 7.04 -4.20
C ARG D 1022 11.65 7.45 -4.47
N ALA D 1023 12.61 6.83 -3.80
CA ALA D 1023 14.02 7.12 -3.96
C ALA D 1023 14.67 6.43 -5.15
N ILE D 1024 14.18 5.24 -5.52
CA ILE D 1024 14.63 4.58 -6.73
C ILE D 1024 14.19 5.34 -7.96
N ASP D 1025 13.01 5.96 -7.89
CA ASP D 1025 12.48 6.72 -9.00
C ASP D 1025 12.97 8.15 -9.05
N SER D 1026 13.72 8.63 -8.09
CA SER D 1026 14.15 10.01 -8.13
C SER D 1026 15.05 10.32 -9.31
N ASN D 1027 14.91 11.48 -9.93
CA ASN D 1027 15.75 11.78 -11.09
C ASN D 1027 16.63 13.06 -11.03
N GLU D 1028 16.03 14.23 -11.12
CA GLU D 1028 16.79 15.45 -11.01
C GLU D 1028 16.05 16.38 -10.06
N GLU D 1029 16.71 17.45 -9.65
CA GLU D 1029 16.06 18.41 -8.77
C GLU D 1029 15.02 19.17 -9.59
N ASP D 1030 13.79 19.14 -9.05
CA ASP D 1030 12.56 19.74 -9.54
C ASP D 1030 11.83 19.02 -10.65
N MET D 1031 12.04 17.72 -10.73
CA MET D 1031 11.41 16.84 -11.71
C MET D 1031 10.64 15.72 -11.05
N GLY D 1032 9.71 15.14 -11.78
CA GLY D 1032 8.91 14.05 -11.26
C GLY D 1032 9.64 12.76 -11.40
N PRO D 1033 9.16 11.72 -10.75
CA PRO D 1033 9.86 10.45 -10.84
C PRO D 1033 9.93 9.71 -12.20
N VAL D 1034 11.03 9.02 -12.40
CA VAL D 1034 11.23 8.13 -13.53
C VAL D 1034 11.28 6.70 -13.00
N TYR D 1035 10.42 5.83 -13.52
CA TYR D 1035 10.26 4.46 -13.06
C TYR D 1035 11.53 3.62 -13.18
N ASN D 1036 11.98 3.09 -12.02
CA ASN D 1036 13.19 2.26 -11.84
C ASN D 1036 14.46 2.95 -12.33
N ASN D 1037 14.56 4.23 -12.03
CA ASN D 1037 15.70 5.05 -12.45
C ASN D 1037 17.00 4.58 -11.80
N ARG D 1038 17.11 4.74 -10.49
CA ARG D 1038 18.32 4.41 -9.73
C ARG D 1038 17.93 3.35 -8.72
N VAL D 1039 17.88 2.10 -9.16
CA VAL D 1039 17.50 1.01 -8.28
C VAL D 1039 18.57 0.71 -7.23
N GLU D 1040 19.80 1.19 -7.44
CA GLU D 1040 20.94 0.99 -6.55
C GLU D 1040 20.88 1.81 -5.28
N MET D 1041 19.86 2.64 -5.11
CA MET D 1041 19.64 3.40 -3.90
C MET D 1041 18.93 2.60 -2.80
N ALA D 1042 18.61 1.34 -3.09
CA ALA D 1042 18.23 0.39 -2.05
C ALA D 1042 19.36 0.12 -1.08
N ILE D 1043 20.61 0.21 -1.54
CA ILE D 1043 21.80 0.08 -0.72
C ILE D 1043 21.85 1.10 0.41
N PHE D 1044 21.41 2.34 0.18
CA PHE D 1044 21.31 3.36 1.23
C PHE D 1044 20.33 2.94 2.32
N PHE D 1045 19.16 2.46 1.93
CA PHE D 1045 18.11 2.06 2.85
C PHE D 1045 18.40 0.76 3.58
N ILE D 1046 19.07 -0.18 2.96
CA ILE D 1046 19.35 -1.48 3.55
C ILE D 1046 20.54 -1.40 4.50
N ILE D 1047 21.56 -0.59 4.18
CA ILE D 1047 22.64 -0.33 5.12
C ILE D 1047 22.15 0.42 6.35
N TYR D 1048 21.23 1.37 6.18
CA TYR D 1048 20.69 2.09 7.33
C TYR D 1048 19.85 1.17 8.23
N ILE D 1049 19.10 0.25 7.64
CA ILE D 1049 18.29 -0.68 8.43
C ILE D 1049 19.17 -1.65 9.20
N ILE D 1050 20.23 -2.16 8.57
CA ILE D 1050 21.12 -3.09 9.24
C ILE D 1050 21.93 -2.38 10.32
N LEU D 1051 22.34 -1.16 10.05
CA LEU D 1051 23.06 -0.36 11.01
C LEU D 1051 22.20 0.16 12.18
N ILE D 1052 21.11 0.85 11.88
CA ILE D 1052 20.29 1.41 12.95
C ILE D 1052 19.26 0.42 13.42
N ALA D 1053 18.36 -0.02 12.53
CA ALA D 1053 17.14 -0.70 12.94
C ALA D 1053 17.39 -2.13 13.40
N PHE D 1054 18.63 -2.60 13.27
CA PHE D 1054 18.96 -3.94 13.74
C PHE D 1054 20.07 -3.95 14.78
N PHE D 1055 21.29 -3.66 14.32
CA PHE D 1055 22.46 -3.69 15.19
C PHE D 1055 22.43 -2.70 16.35
N MET D 1056 22.13 -1.45 16.08
CA MET D 1056 22.08 -0.45 17.13
C MET D 1056 20.98 -0.72 18.15
N MET D 1057 19.82 -1.13 17.67
CA MET D 1057 18.72 -1.42 18.55
C MET D 1057 19.10 -2.60 19.43
N ASN D 1058 19.74 -3.60 18.84
CA ASN D 1058 20.17 -4.77 19.60
C ASN D 1058 21.24 -4.47 20.66
N ILE D 1059 22.13 -3.55 20.32
CA ILE D 1059 23.28 -3.19 21.17
C ILE D 1059 22.82 -2.16 22.24
N PHE D 1060 21.51 -2.01 22.28
CA PHE D 1060 20.84 -1.14 23.19
C PHE D 1060 20.06 -2.07 24.09
N VAL D 1061 19.48 -3.14 23.52
CA VAL D 1061 18.76 -4.11 24.35
C VAL D 1061 19.71 -4.97 25.15
N GLY D 1062 20.70 -5.56 24.52
CA GLY D 1062 21.72 -6.36 25.18
C GLY D 1062 22.59 -5.61 26.16
N PHE D 1063 22.60 -4.28 26.09
CA PHE D 1063 23.17 -3.45 27.13
C PHE D 1063 22.33 -3.48 28.40
N VAL D 1064 21.00 -3.39 28.26
CA VAL D 1064 20.08 -3.48 29.38
C VAL D 1064 20.16 -4.86 30.05
N ILE D 1065 20.36 -5.92 29.27
CA ILE D 1065 20.25 -7.28 29.80
C ILE D 1065 21.43 -7.62 30.70
N VAL D 1066 22.65 -7.40 30.20
CA VAL D 1066 23.87 -7.57 30.98
C VAL D 1066 23.95 -6.56 32.13
N THR D 1067 23.51 -5.32 31.94
CA THR D 1067 23.52 -4.38 33.05
C THR D 1067 22.23 -4.36 33.86
N PHE D 1068 21.29 -5.28 33.62
CA PHE D 1068 20.35 -5.66 34.67
C PHE D 1068 20.74 -6.96 35.35
N GLN D 1069 21.72 -7.69 34.81
CA GLN D 1069 22.32 -8.78 35.57
C GLN D 1069 23.06 -8.25 36.77
N GLU D 1070 23.77 -7.13 36.62
CA GLU D 1070 24.52 -6.48 37.70
C GLU D 1070 23.63 -6.08 38.87
N GLN D 1071 22.37 -5.71 38.60
CA GLN D 1071 21.39 -5.43 39.65
C GLN D 1071 21.14 -6.67 40.53
N GLY D 1072 21.37 -7.87 39.99
CA GLY D 1072 21.46 -9.06 40.81
C GLY D 1072 22.89 -9.55 41.02
N GLU D 1073 23.89 -8.72 40.71
CA GLU D 1073 25.29 -9.12 40.82
C GLU D 1073 26.21 -8.08 41.46
N THR D 1074 25.74 -6.88 41.80
CA THR D 1074 26.63 -5.88 42.39
C THR D 1074 26.92 -6.11 43.88
N GLU D 1075 26.31 -7.12 44.50
CA GLU D 1075 26.67 -7.50 45.87
C GLU D 1075 27.61 -8.72 45.81
N TYR D 1076 28.27 -9.03 46.92
CA TYR D 1076 29.41 -9.96 46.95
C TYR D 1076 29.18 -11.04 48.00
N LYS D 1077 29.50 -12.31 47.65
CA LYS D 1077 29.09 -13.48 48.43
C LYS D 1077 30.21 -14.50 48.70
N ASN D 1078 31.32 -14.12 49.31
CA ASN D 1078 32.35 -15.12 49.59
C ASN D 1078 32.05 -15.98 50.84
N CYS D 1079 30.98 -16.75 50.79
CA CYS D 1079 30.58 -17.60 51.91
C CYS D 1079 30.77 -19.07 51.55
N GLU D 1080 30.29 -19.94 52.44
CA GLU D 1080 30.54 -21.37 52.28
C GLU D 1080 29.66 -22.02 51.23
N LEU D 1081 28.50 -21.44 50.92
CA LEU D 1081 27.51 -22.06 50.06
C LEU D 1081 27.13 -21.09 48.94
N ASP D 1082 27.14 -21.59 47.71
CA ASP D 1082 26.86 -20.76 46.55
C ASP D 1082 25.37 -20.83 46.20
N LYS D 1083 25.01 -20.35 45.00
CA LYS D 1083 23.61 -20.16 44.61
C LYS D 1083 22.88 -21.47 44.45
N ASN D 1084 23.58 -22.51 43.96
CA ASN D 1084 22.94 -23.82 43.81
C ASN D 1084 22.74 -24.52 45.15
N GLN D 1085 23.62 -24.29 46.14
CA GLN D 1085 23.35 -24.75 47.50
C GLN D 1085 22.22 -23.95 48.13
N ARG D 1086 22.07 -22.68 47.72
CA ARG D 1086 20.99 -21.83 48.20
C ARG D 1086 19.62 -22.27 47.67
N GLN D 1087 19.56 -22.69 46.41
CA GLN D 1087 18.29 -23.03 45.79
C GLN D 1087 17.84 -24.43 46.16
N CYS D 1088 18.59 -25.11 47.02
CA CYS D 1088 18.41 -26.51 47.31
C CYS D 1088 18.09 -26.69 48.79
N VAL D 1089 18.82 -25.97 49.65
CA VAL D 1089 18.62 -26.05 51.11
C VAL D 1089 17.29 -25.44 51.51
N GLN D 1090 17.00 -24.24 51.00
CA GLN D 1090 15.80 -23.49 51.37
C GLN D 1090 14.52 -24.19 50.93
N TYR D 1091 14.58 -24.97 49.85
CA TYR D 1091 13.44 -25.78 49.41
C TYR D 1091 13.10 -26.85 50.42
N ALA D 1092 14.12 -27.53 50.96
CA ALA D 1092 13.89 -28.51 52.01
C ALA D 1092 13.42 -27.87 53.31
N LEU D 1093 13.90 -26.66 53.60
CA LEU D 1093 13.45 -25.93 54.78
C LEU D 1093 11.99 -25.51 54.67
N LYS D 1094 11.63 -24.83 53.58
CA LYS D 1094 10.36 -24.12 53.49
C LYS D 1094 9.24 -24.92 52.85
N ALA D 1095 9.42 -26.22 52.64
CA ALA D 1095 8.41 -27.02 51.97
C ALA D 1095 7.21 -27.30 52.87
N ARG D 1096 6.28 -28.09 52.34
CA ARG D 1096 5.01 -28.39 52.96
C ARG D 1096 4.49 -29.62 52.21
N PRO D 1097 4.00 -30.62 52.94
CA PRO D 1097 3.59 -31.93 52.42
C PRO D 1097 2.49 -32.10 51.34
N LEU D 1098 1.39 -31.34 51.35
CA LEU D 1098 0.36 -31.50 50.30
C LEU D 1098 -0.68 -32.61 50.51
N ARG D 1099 -1.59 -32.74 49.55
CA ARG D 1099 -2.65 -33.75 49.62
C ARG D 1099 -2.72 -34.69 48.40
N CYS D 1100 -2.85 -35.98 48.67
CA CYS D 1100 -2.97 -37.02 47.63
C CYS D 1100 -4.32 -37.74 47.65
N TYR D 1101 -5.31 -37.09 48.25
CA TYR D 1101 -6.66 -37.65 48.42
C TYR D 1101 -6.74 -39.07 47.87
N ILE D 1102 -6.01 -39.98 48.53
CA ILE D 1102 -6.26 -41.42 48.40
C ILE D 1102 -7.53 -41.73 49.19
N PRO D 1103 -8.51 -42.42 48.59
CA PRO D 1103 -9.71 -42.76 49.34
C PRO D 1103 -9.61 -44.08 50.09
N LYS D 1104 -10.69 -44.42 50.79
CA LYS D 1104 -10.88 -45.71 51.44
C LYS D 1104 -12.06 -46.38 50.75
N ASN D 1105 -12.68 -47.40 51.39
CA ASN D 1105 -13.95 -47.99 50.97
C ASN D 1105 -13.87 -48.66 49.60
N PRO D 1106 -13.38 -49.94 49.52
CA PRO D 1106 -12.98 -50.56 48.23
C PRO D 1106 -13.97 -50.55 47.06
N TYR D 1107 -15.23 -50.19 47.31
CA TYR D 1107 -16.14 -49.83 46.23
C TYR D 1107 -15.69 -48.53 45.57
N GLN D 1108 -15.36 -47.53 46.39
CA GLN D 1108 -14.83 -46.26 45.91
C GLN D 1108 -13.43 -46.41 45.34
N TYR D 1109 -12.66 -47.35 45.89
CA TYR D 1109 -11.33 -47.65 45.39
C TYR D 1109 -11.41 -48.38 44.06
N GLN D 1110 -12.51 -49.11 43.83
CA GLN D 1110 -12.76 -49.74 42.54
C GLN D 1110 -12.91 -48.70 41.42
N VAL D 1111 -13.52 -47.56 41.76
CA VAL D 1111 -13.69 -46.48 40.80
C VAL D 1111 -12.45 -45.58 40.79
N TRP D 1112 -11.71 -45.56 41.91
CA TRP D 1112 -10.53 -44.71 42.02
C TRP D 1112 -9.37 -45.26 41.22
N TYR D 1113 -9.28 -46.59 41.12
CA TYR D 1113 -8.16 -47.22 40.44
C TYR D 1113 -8.29 -47.08 38.93
N VAL D 1114 -9.51 -46.84 38.46
CA VAL D 1114 -9.75 -46.56 37.05
C VAL D 1114 -9.23 -45.18 36.68
N VAL D 1115 -9.62 -44.15 37.43
CA VAL D 1115 -9.54 -42.77 36.96
C VAL D 1115 -8.10 -42.24 36.97
N THR D 1116 -7.37 -42.40 38.08
CA THR D 1116 -5.99 -41.94 38.17
C THR D 1116 -5.02 -42.76 37.33
N SER D 1117 -5.45 -43.88 36.79
CA SER D 1117 -4.61 -44.76 35.98
C SER D 1117 -4.27 -44.11 34.64
N SER D 1118 -3.36 -44.75 33.90
CA SER D 1118 -2.88 -44.17 32.65
C SER D 1118 -3.90 -44.28 31.53
N TYR D 1119 -4.66 -45.37 31.46
CA TYR D 1119 -5.59 -45.57 30.36
C TYR D 1119 -6.80 -44.66 30.41
N PHE D 1120 -7.15 -44.12 31.58
CA PHE D 1120 -8.19 -43.12 31.66
C PHE D 1120 -7.66 -41.73 31.36
N GLU D 1121 -6.40 -41.46 31.66
CA GLU D 1121 -5.78 -40.20 31.23
C GLU D 1121 -5.51 -40.22 29.74
N TYR D 1122 -5.35 -41.41 29.16
CA TYR D 1122 -5.09 -41.53 27.72
C TYR D 1122 -6.38 -41.53 26.93
N LEU D 1123 -7.46 -42.06 27.50
CA LEU D 1123 -8.76 -42.04 26.84
C LEU D 1123 -9.32 -40.63 26.75
N MET D 1124 -9.29 -39.88 27.86
CA MET D 1124 -9.95 -38.58 27.91
C MET D 1124 -9.18 -37.50 27.18
N PHE D 1125 -7.88 -37.66 26.96
CA PHE D 1125 -7.11 -36.68 26.21
C PHE D 1125 -7.12 -36.97 24.72
N ALA D 1126 -7.58 -38.16 24.31
CA ALA D 1126 -7.82 -38.48 22.91
C ALA D 1126 -9.25 -38.20 22.50
N LEU D 1127 -10.14 -37.88 23.44
CA LEU D 1127 -11.46 -37.36 23.12
C LEU D 1127 -11.51 -35.85 23.04
N ILE D 1128 -10.56 -35.15 23.67
CA ILE D 1128 -10.47 -33.71 23.50
C ILE D 1128 -9.89 -33.39 22.13
N MET D 1129 -8.99 -34.25 21.64
CA MET D 1129 -8.43 -34.13 20.31
C MET D 1129 -9.49 -34.26 19.21
N LEU D 1130 -10.41 -35.21 19.36
CA LEU D 1130 -11.49 -35.42 18.40
C LEU D 1130 -12.57 -34.36 18.47
N ASN D 1131 -12.84 -33.79 19.64
CA ASN D 1131 -13.72 -32.64 19.72
C ASN D 1131 -13.09 -31.41 19.07
N THR D 1132 -11.78 -31.26 19.18
CA THR D 1132 -11.06 -30.17 18.53
C THR D 1132 -11.12 -30.31 17.01
N ILE D 1133 -11.05 -31.54 16.51
CA ILE D 1133 -11.17 -31.79 15.08
C ILE D 1133 -12.59 -31.52 14.58
N CYS D 1134 -13.60 -31.93 15.36
CA CYS D 1134 -14.99 -31.69 14.97
C CYS D 1134 -15.34 -30.21 15.02
N LEU D 1135 -14.72 -29.45 15.90
CA LEU D 1135 -14.88 -28.00 15.92
C LEU D 1135 -14.17 -27.32 14.77
N GLY D 1136 -13.05 -27.86 14.29
CA GLY D 1136 -12.40 -27.36 13.11
C GLY D 1136 -13.15 -27.58 11.82
N MET D 1137 -14.01 -28.61 11.78
CA MET D 1137 -14.69 -29.03 10.56
C MET D 1137 -15.82 -28.11 10.14
N GLN D 1138 -16.24 -27.19 11.00
CA GLN D 1138 -17.33 -26.31 10.63
C GLN D 1138 -16.86 -25.20 9.71
N HIS D 1139 -17.73 -24.82 8.81
CA HIS D 1139 -17.41 -23.87 7.76
C HIS D 1139 -18.72 -23.27 7.29
N TYR D 1140 -18.61 -22.40 6.31
CA TYR D 1140 -19.73 -21.60 5.87
C TYR D 1140 -20.26 -22.12 4.55
N HIS D 1141 -21.58 -22.16 4.43
CA HIS D 1141 -22.35 -22.87 3.39
C HIS D 1141 -22.02 -24.36 3.35
N GLN D 1142 -22.42 -25.04 4.41
CA GLN D 1142 -22.26 -26.47 4.53
C GLN D 1142 -23.62 -27.18 4.48
N SER D 1143 -23.57 -28.47 4.16
CA SER D 1143 -24.79 -29.21 3.84
C SER D 1143 -25.61 -29.49 5.10
N GLU D 1144 -26.81 -30.02 4.87
CA GLU D 1144 -27.75 -30.26 5.97
C GLU D 1144 -27.33 -31.44 6.83
N GLU D 1145 -26.71 -32.46 6.25
CA GLU D 1145 -26.17 -33.57 7.01
C GLU D 1145 -24.78 -33.26 7.56
N MET D 1146 -24.28 -32.03 7.33
CA MET D 1146 -23.01 -31.59 7.90
C MET D 1146 -23.21 -30.57 9.01
N ASN D 1147 -24.19 -29.67 8.86
CA ASN D 1147 -24.52 -28.67 9.88
C ASN D 1147 -25.05 -29.33 11.15
N HIS D 1148 -25.74 -30.47 11.01
CA HIS D 1148 -26.37 -31.14 12.14
C HIS D 1148 -25.52 -32.22 12.78
N ILE D 1149 -24.50 -32.75 12.12
CA ILE D 1149 -23.60 -33.65 12.83
C ILE D 1149 -22.60 -32.88 13.71
N SER D 1150 -22.65 -31.55 13.66
CA SER D 1150 -22.08 -30.73 14.72
C SER D 1150 -23.11 -30.35 15.77
N ASP D 1151 -24.33 -30.88 15.65
CA ASP D 1151 -25.35 -30.82 16.68
C ASP D 1151 -25.54 -32.18 17.34
N ILE D 1152 -25.30 -33.27 16.62
CA ILE D 1152 -25.41 -34.60 17.20
C ILE D 1152 -24.19 -34.91 18.06
N LEU D 1153 -22.98 -34.65 17.55
CA LEU D 1153 -21.77 -35.00 18.29
C LEU D 1153 -21.51 -34.04 19.43
N ASN D 1154 -21.99 -32.80 19.33
CA ASN D 1154 -21.74 -31.86 20.41
C ASN D 1154 -22.67 -32.12 21.59
N VAL D 1155 -23.81 -32.76 21.37
CA VAL D 1155 -24.56 -33.35 22.46
C VAL D 1155 -23.89 -34.63 22.94
N ALA D 1156 -23.25 -35.38 22.05
CA ALA D 1156 -22.52 -36.57 22.43
C ALA D 1156 -21.25 -36.28 23.23
N PHE D 1157 -20.44 -35.30 22.81
CA PHE D 1157 -19.25 -34.94 23.57
C PHE D 1157 -19.59 -34.34 24.93
N THR D 1158 -20.71 -33.62 25.04
CA THR D 1158 -21.14 -33.08 26.32
C THR D 1158 -21.51 -34.20 27.31
N ILE D 1159 -22.13 -35.28 26.83
CA ILE D 1159 -22.51 -36.39 27.69
C ILE D 1159 -21.28 -37.15 28.17
N ILE D 1160 -20.24 -37.24 27.34
CA ILE D 1160 -19.05 -38.00 27.70
C ILE D 1160 -18.24 -37.26 28.77
N PHE D 1161 -18.10 -35.94 28.64
CA PHE D 1161 -17.38 -35.19 29.67
C PHE D 1161 -18.24 -34.93 30.90
N THR D 1162 -19.55 -35.10 30.81
CA THR D 1162 -20.39 -35.00 32.01
C THR D 1162 -20.39 -36.32 32.76
N LEU D 1163 -20.06 -37.42 32.08
CA LEU D 1163 -19.84 -38.68 32.78
C LEU D 1163 -18.46 -38.77 33.42
N GLU D 1164 -17.42 -38.11 32.89
CA GLU D 1164 -16.16 -38.13 33.62
C GLU D 1164 -16.17 -37.19 34.82
N MET D 1165 -17.02 -36.17 34.82
CA MET D 1165 -17.14 -35.30 35.98
C MET D 1165 -17.88 -35.99 37.11
N ILE D 1166 -18.85 -36.83 36.78
CA ILE D 1166 -19.60 -37.57 37.78
C ILE D 1166 -18.72 -38.63 38.44
N LEU D 1167 -17.93 -39.37 37.65
CA LEU D 1167 -17.09 -40.43 38.19
C LEU D 1167 -15.93 -39.90 39.02
N LYS D 1168 -15.47 -38.68 38.75
CA LYS D 1168 -14.47 -38.06 39.60
C LYS D 1168 -15.05 -37.48 40.88
N LEU D 1169 -16.36 -37.24 40.93
CA LEU D 1169 -16.98 -36.93 42.21
C LEU D 1169 -17.11 -38.17 43.07
N LEU D 1170 -17.35 -39.33 42.44
CA LEU D 1170 -17.63 -40.54 43.18
C LEU D 1170 -16.37 -41.23 43.66
N ALA D 1171 -15.26 -41.06 42.94
CA ALA D 1171 -14.05 -41.80 43.26
C ALA D 1171 -13.10 -40.97 44.12
N PHE D 1172 -13.17 -39.65 44.00
CA PHE D 1172 -12.21 -38.79 44.68
C PHE D 1172 -12.73 -38.23 45.99
N LYS D 1173 -13.88 -38.69 46.47
CA LYS D 1173 -14.45 -38.28 47.76
C LYS D 1173 -14.69 -36.78 47.76
N ALA D 1174 -15.78 -36.36 47.12
CA ALA D 1174 -16.08 -35.06 46.52
C ALA D 1174 -15.61 -33.78 47.23
N ARG D 1175 -15.31 -33.85 48.54
CA ARG D 1175 -14.41 -32.87 49.16
C ARG D 1175 -13.11 -32.74 48.38
N GLY D 1176 -12.48 -33.87 48.06
CA GLY D 1176 -11.20 -33.93 47.37
C GLY D 1176 -11.21 -33.65 45.89
N TYR D 1177 -12.37 -33.38 45.29
CA TYR D 1177 -12.46 -33.03 43.88
C TYR D 1177 -12.17 -31.55 43.65
N PHE D 1178 -12.85 -30.67 44.37
CA PHE D 1178 -12.78 -29.23 44.13
C PHE D 1178 -11.50 -28.61 44.68
N GLY D 1179 -10.71 -29.36 45.43
CA GLY D 1179 -9.46 -28.85 45.95
C GLY D 1179 -8.39 -28.78 44.88
N ASP D 1180 -8.50 -29.64 43.88
CA ASP D 1180 -7.59 -29.68 42.74
C ASP D 1180 -8.01 -28.60 41.73
N PRO D 1181 -7.13 -27.63 41.44
CA PRO D 1181 -7.51 -26.46 40.61
C PRO D 1181 -7.90 -26.77 39.17
N TRP D 1182 -7.36 -27.80 38.54
CA TRP D 1182 -7.75 -28.15 37.18
C TRP D 1182 -9.06 -28.92 37.11
N ASN D 1183 -9.71 -29.19 38.24
CA ASN D 1183 -11.04 -29.77 38.26
C ASN D 1183 -12.12 -28.73 38.46
N VAL D 1184 -11.77 -27.59 39.04
CA VAL D 1184 -12.66 -26.44 39.04
C VAL D 1184 -12.81 -25.89 37.63
N PHE D 1185 -11.73 -25.94 36.84
CA PHE D 1185 -11.80 -25.55 35.44
C PHE D 1185 -12.62 -26.55 34.63
N ASP D 1186 -12.55 -27.83 34.97
CA ASP D 1186 -13.32 -28.83 34.26
C ASP D 1186 -14.78 -28.84 34.72
N PHE D 1187 -15.03 -28.41 35.95
CA PHE D 1187 -16.40 -28.27 36.44
C PHE D 1187 -17.11 -27.10 35.77
N LEU D 1188 -16.37 -26.09 35.35
CA LEU D 1188 -16.99 -24.94 34.71
C LEU D 1188 -17.22 -25.16 33.23
N ILE D 1189 -16.37 -25.97 32.58
CA ILE D 1189 -16.60 -26.34 31.20
C ILE D 1189 -17.77 -27.33 31.09
N VAL D 1190 -17.94 -28.23 32.07
CA VAL D 1190 -19.08 -29.14 32.08
C VAL D 1190 -20.39 -28.37 32.20
N ILE D 1191 -20.51 -27.51 33.22
CA ILE D 1191 -21.76 -26.81 33.49
C ILE D 1191 -22.09 -25.82 32.38
N GLY D 1192 -21.09 -25.11 31.87
CA GLY D 1192 -21.33 -24.16 30.79
C GLY D 1192 -21.67 -24.78 29.46
N SER D 1193 -21.28 -26.03 29.23
CA SER D 1193 -21.66 -26.75 28.03
C SER D 1193 -22.86 -27.64 28.22
N ILE D 1194 -23.32 -27.83 29.46
CA ILE D 1194 -24.68 -28.34 29.66
C ILE D 1194 -25.70 -27.28 29.29
N ILE D 1195 -25.44 -26.02 29.66
CA ILE D 1195 -26.39 -24.93 29.43
C ILE D 1195 -26.57 -24.66 27.94
N ASP D 1196 -25.48 -24.63 27.18
CA ASP D 1196 -25.55 -24.36 25.74
C ASP D 1196 -26.25 -25.47 24.97
N VAL D 1197 -26.17 -26.71 25.45
CA VAL D 1197 -26.91 -27.81 24.83
C VAL D 1197 -28.41 -27.66 25.09
N ILE D 1198 -28.78 -27.20 26.30
CA ILE D 1198 -30.18 -26.92 26.61
C ILE D 1198 -30.67 -25.68 25.87
N LEU D 1199 -29.89 -24.59 25.91
CA LEU D 1199 -30.32 -23.30 25.39
C LEU D 1199 -30.44 -23.29 23.88
N SER D 1200 -29.70 -24.15 23.19
CA SER D 1200 -29.90 -24.34 21.76
C SER D 1200 -31.06 -25.28 21.48
N GLU D 1201 -31.30 -26.25 22.37
CA GLU D 1201 -32.48 -27.09 22.30
C GLU D 1201 -33.77 -26.33 22.59
N ILE D 1202 -33.71 -25.31 23.46
CA ILE D 1202 -34.89 -24.51 23.76
C ILE D 1202 -35.11 -23.46 22.68
N ASP D 1203 -34.12 -23.26 21.80
CA ASP D 1203 -34.32 -22.35 20.66
C ASP D 1203 -35.26 -22.95 19.63
N THR D 1204 -35.03 -24.20 19.24
CA THR D 1204 -35.86 -24.80 18.20
C THR D 1204 -37.14 -25.42 18.75
N PHE D 1205 -37.21 -25.68 20.06
CA PHE D 1205 -38.41 -26.26 20.65
C PHE D 1205 -39.59 -25.31 20.60
N LEU D 1206 -39.39 -24.04 20.99
CA LEU D 1206 -40.37 -23.01 20.72
C LEU D 1206 -40.32 -22.67 19.23
N SER D 1232 -27.35 -18.57 21.76
CA SER D 1232 -26.42 -17.51 22.11
C SER D 1232 -24.98 -17.92 21.83
N ALA D 1233 -24.27 -17.06 21.08
CA ALA D 1233 -22.92 -17.36 20.63
C ALA D 1233 -21.87 -17.30 21.74
N PHE D 1234 -22.23 -16.77 22.92
CA PHE D 1234 -21.29 -16.77 24.04
C PHE D 1234 -21.07 -18.17 24.58
N PHE D 1235 -22.13 -18.93 24.83
CA PHE D 1235 -22.01 -20.24 25.44
C PHE D 1235 -21.46 -21.30 24.50
N ARG D 1236 -21.33 -21.01 23.21
CA ARG D 1236 -20.65 -21.94 22.32
C ARG D 1236 -19.15 -21.96 22.54
N LEU D 1237 -18.64 -20.89 23.16
CA LEU D 1237 -17.23 -20.71 23.46
C LEU D 1237 -16.71 -21.77 24.43
N PHE D 1238 -17.60 -22.29 25.24
CA PHE D 1238 -17.22 -23.32 26.19
C PHE D 1238 -16.69 -24.52 25.45
N ARG D 1239 -17.25 -24.78 24.26
CA ARG D 1239 -16.78 -25.89 23.45
C ARG D 1239 -15.30 -25.72 23.09
N VAL D 1240 -14.90 -24.50 22.71
CA VAL D 1240 -13.52 -24.21 22.34
C VAL D 1240 -12.55 -24.37 23.51
N MET D 1241 -13.02 -23.98 24.69
CA MET D 1241 -12.24 -24.01 25.92
C MET D 1241 -11.78 -25.37 26.45
N ARG D 1242 -12.46 -26.44 26.07
CA ARG D 1242 -12.07 -27.77 26.54
C ARG D 1242 -10.66 -28.11 26.05
N LEU D 1243 -10.25 -27.46 24.96
CA LEU D 1243 -8.94 -27.66 24.35
C LEU D 1243 -7.81 -27.33 25.31
N ILE D 1244 -8.04 -26.34 26.17
CA ILE D 1244 -7.05 -25.88 27.15
C ILE D 1244 -6.66 -26.96 28.18
N LYS D 1245 -7.52 -27.94 28.38
CA LYS D 1245 -7.27 -29.00 29.36
C LYS D 1245 -6.00 -29.78 29.03
N LEU D 1246 -5.77 -30.04 27.74
CA LEU D 1246 -4.59 -30.72 27.24
C LEU D 1246 -3.27 -30.18 27.79
N LEU D 1247 -3.26 -28.99 28.36
CA LEU D 1247 -2.03 -28.38 28.82
C LEU D 1247 -1.71 -28.77 30.26
N SER D 1248 -2.53 -29.63 30.88
CA SER D 1248 -2.24 -30.16 32.21
C SER D 1248 -1.35 -31.39 32.16
N ARG D 1249 -1.28 -32.10 31.04
CA ARG D 1249 -0.32 -33.19 30.87
C ARG D 1249 1.07 -32.66 30.56
N ALA D 1250 1.14 -31.59 29.78
CA ALA D 1250 2.41 -30.97 29.42
C ALA D 1250 3.04 -30.33 30.66
N GLU D 1251 4.03 -30.99 31.24
CA GLU D 1251 4.72 -30.37 32.37
C GLU D 1251 5.63 -29.25 31.91
N GLY D 1252 6.31 -29.44 30.78
CA GLY D 1252 7.25 -28.44 30.29
C GLY D 1252 6.62 -27.17 29.78
N VAL D 1253 5.36 -27.22 29.36
CA VAL D 1253 4.67 -25.99 28.93
C VAL D 1253 4.03 -25.30 30.13
N ARG D 1254 3.45 -26.08 31.04
CA ARG D 1254 2.87 -25.54 32.28
C ARG D 1254 3.92 -24.98 33.24
N THR D 1255 5.14 -25.52 33.24
CA THR D 1255 6.19 -24.93 34.06
C THR D 1255 6.73 -23.65 33.43
N LEU D 1256 6.86 -23.63 32.11
CA LEU D 1256 7.20 -22.40 31.40
C LEU D 1256 6.12 -21.33 31.58
N LEU D 1257 4.85 -21.74 31.57
CA LEU D 1257 3.76 -20.80 31.76
C LEU D 1257 3.75 -20.21 33.17
N TRP D 1258 3.90 -21.05 34.21
CA TRP D 1258 3.88 -20.57 35.58
C TRP D 1258 5.03 -19.63 35.88
N THR D 1259 6.21 -19.93 35.35
CA THR D 1259 7.42 -19.18 35.65
C THR D 1259 7.32 -17.76 35.13
N PHE D 1260 6.70 -17.56 33.98
CA PHE D 1260 6.52 -16.22 33.46
C PHE D 1260 5.30 -15.51 34.02
N ILE D 1261 4.18 -16.22 34.23
CA ILE D 1261 2.95 -15.62 34.77
C ILE D 1261 3.19 -15.06 36.16
N LYS D 1262 3.92 -15.81 37.00
CA LYS D 1262 4.27 -15.36 38.34
C LYS D 1262 5.18 -14.13 38.31
N SER D 1263 6.07 -14.04 37.34
CA SER D 1263 6.99 -12.92 37.27
C SER D 1263 6.31 -11.63 36.81
N PHE D 1264 5.25 -11.73 36.00
CA PHE D 1264 4.39 -10.56 35.79
C PHE D 1264 3.64 -10.19 37.05
N GLN D 1265 3.18 -11.20 37.80
CA GLN D 1265 2.44 -11.01 39.05
C GLN D 1265 3.30 -10.36 40.13
N ALA D 1266 4.57 -10.75 40.22
CA ALA D 1266 5.50 -10.29 41.22
C ALA D 1266 5.96 -8.86 41.00
N LEU D 1267 5.91 -8.38 39.76
CA LEU D 1267 6.38 -7.04 39.41
C LEU D 1267 5.25 -6.24 38.76
N PRO D 1268 4.24 -5.82 39.54
CA PRO D 1268 3.07 -5.15 38.94
C PRO D 1268 3.29 -3.68 38.65
N TYR D 1269 4.28 -3.02 39.25
CA TYR D 1269 4.38 -1.57 39.13
C TYR D 1269 5.16 -1.17 37.89
N VAL D 1270 5.88 -2.11 37.29
CA VAL D 1270 6.59 -1.85 36.05
C VAL D 1270 5.59 -1.82 34.90
N ALA D 1271 4.52 -2.59 35.02
CA ALA D 1271 3.44 -2.56 34.05
C ALA D 1271 2.41 -1.47 34.36
N LEU D 1272 2.38 -1.01 35.59
CA LEU D 1272 1.47 0.05 35.99
C LEU D 1272 1.88 1.32 35.26
N LEU D 1273 3.20 1.50 35.09
CA LEU D 1273 3.72 2.68 34.41
C LEU D 1273 3.24 2.75 32.97
N ILE D 1274 3.23 1.61 32.29
CA ILE D 1274 2.78 1.56 30.90
C ILE D 1274 1.32 1.98 30.83
N VAL D 1275 0.52 1.53 31.80
CA VAL D 1275 -0.88 1.91 31.81
C VAL D 1275 -1.03 3.42 31.97
N MET D 1276 -0.21 3.96 32.86
CA MET D 1276 -0.21 5.40 33.10
C MET D 1276 0.22 6.21 31.88
N LEU D 1277 1.20 5.71 31.14
CA LEU D 1277 1.70 6.39 29.95
C LEU D 1277 0.61 6.52 28.90
N PHE D 1278 -0.16 5.45 28.71
CA PHE D 1278 -1.25 5.45 27.77
C PHE D 1278 -2.29 6.40 28.26
N PHE D 1279 -2.59 6.34 29.55
CA PHE D 1279 -3.61 7.21 30.10
C PHE D 1279 -3.28 8.69 29.95
N ILE D 1280 -2.03 9.07 30.22
CA ILE D 1280 -1.65 10.47 30.09
C ILE D 1280 -1.76 10.92 28.65
N TYR D 1281 -1.30 10.05 27.75
CA TYR D 1281 -1.34 10.34 26.34
C TYR D 1281 -2.73 10.43 25.72
N ALA D 1282 -3.65 9.60 26.21
CA ALA D 1282 -5.00 9.57 25.68
C ALA D 1282 -5.83 10.78 26.07
N VAL D 1283 -5.67 11.27 27.31
CA VAL D 1283 -6.32 12.51 27.73
C VAL D 1283 -5.80 13.69 26.94
N ILE D 1284 -4.49 13.78 26.75
CA ILE D 1284 -3.90 14.87 25.97
C ILE D 1284 -4.27 14.74 24.48
N GLY D 1285 -4.43 13.52 23.99
CA GLY D 1285 -4.84 13.32 22.60
C GLY D 1285 -6.27 13.71 22.33
N MET D 1286 -7.20 13.40 23.25
CA MET D 1286 -8.57 13.88 23.19
C MET D 1286 -8.68 15.40 23.23
N GLN D 1287 -7.84 16.07 24.01
CA GLN D 1287 -7.83 17.52 24.11
C GLN D 1287 -7.26 18.19 22.87
N MET D 1288 -6.33 17.53 22.16
CA MET D 1288 -5.64 18.19 21.06
C MET D 1288 -6.06 17.71 19.68
N PHE D 1289 -6.65 16.52 19.59
CA PHE D 1289 -6.99 15.90 18.30
C PHE D 1289 -8.44 15.47 18.25
N GLY D 1290 -9.18 15.60 19.35
CA GLY D 1290 -10.51 15.03 19.44
C GLY D 1290 -11.57 15.70 18.62
N LYS D 1291 -11.24 16.80 17.94
CA LYS D 1291 -12.19 17.54 17.11
C LYS D 1291 -11.97 17.35 15.62
N ILE D 1292 -11.03 16.49 15.22
CA ILE D 1292 -10.90 16.12 13.82
C ILE D 1292 -12.12 15.32 13.42
N ALA D 1293 -12.69 15.65 12.26
CA ALA D 1293 -13.82 14.93 11.72
C ALA D 1293 -13.44 13.52 11.29
N LEU D 1294 -14.42 12.63 11.34
CA LEU D 1294 -14.21 11.22 11.02
C LEU D 1294 -14.54 10.97 9.56
N VAL D 1295 -13.66 11.39 8.68
CA VAL D 1295 -13.96 11.24 7.26
C VAL D 1295 -13.28 9.96 6.78
N ASP D 1296 -13.90 9.31 5.82
CA ASP D 1296 -13.56 7.96 5.42
C ASP D 1296 -12.59 8.01 4.26
N GLY D 1297 -11.52 7.22 4.34
CA GLY D 1297 -10.45 7.32 3.37
C GLY D 1297 -9.24 8.05 3.93
N THR D 1298 -9.39 8.62 5.11
CA THR D 1298 -8.29 9.14 5.89
C THR D 1298 -8.03 8.23 7.08
N GLN D 1299 -7.05 8.60 7.89
CA GLN D 1299 -6.64 7.82 9.04
C GLN D 1299 -7.43 8.14 10.30
N ILE D 1300 -8.07 9.30 10.35
CA ILE D 1300 -9.02 9.62 11.41
C ILE D 1300 -10.40 9.32 10.81
N ASN D 1301 -11.11 8.37 11.39
CA ASN D 1301 -12.33 7.84 10.83
C ASN D 1301 -13.09 7.15 11.97
N ARG D 1302 -14.13 6.42 11.65
CA ARG D 1302 -14.92 5.79 12.70
C ARG D 1302 -14.19 4.72 13.52
N ASN D 1303 -13.11 4.18 12.98
CA ASN D 1303 -12.39 3.08 13.60
C ASN D 1303 -11.16 3.50 14.36
N ASN D 1304 -10.67 4.72 14.11
CA ASN D 1304 -9.35 5.20 14.50
C ASN D 1304 -9.39 6.67 14.94
N ASN D 1305 -9.99 7.01 16.06
CA ASN D 1305 -9.97 8.42 16.46
C ASN D 1305 -9.65 8.68 17.94
N PHE D 1306 -9.75 9.96 18.28
CA PHE D 1306 -9.51 10.52 19.60
C PHE D 1306 -10.79 11.09 20.22
N GLN D 1307 -11.96 10.64 19.80
CA GLN D 1307 -13.18 11.31 20.24
C GLN D 1307 -13.81 10.71 21.48
N THR D 1308 -13.39 9.52 21.91
CA THR D 1308 -13.69 9.03 23.24
C THR D 1308 -12.40 8.51 23.84
N PHE D 1309 -12.46 8.13 25.11
CA PHE D 1309 -11.29 7.58 25.77
C PHE D 1309 -11.00 6.12 25.38
N PRO D 1310 -11.99 5.28 25.15
CA PRO D 1310 -11.68 3.93 24.71
C PRO D 1310 -11.04 3.98 23.32
N GLN D 1311 -11.59 4.83 22.44
CA GLN D 1311 -11.08 5.00 21.08
C GLN D 1311 -9.66 5.55 21.01
N ALA D 1312 -9.37 6.57 21.80
CA ALA D 1312 -8.05 7.16 21.81
C ALA D 1312 -7.03 6.15 22.28
N VAL D 1313 -7.38 5.40 23.31
CA VAL D 1313 -6.51 4.37 23.87
C VAL D 1313 -6.24 3.31 22.83
N LEU D 1314 -7.28 2.92 22.10
CA LEU D 1314 -7.13 1.91 21.07
C LEU D 1314 -6.20 2.40 19.96
N LEU D 1315 -6.33 3.67 19.59
CA LEU D 1315 -5.49 4.26 18.56
C LEU D 1315 -4.04 4.24 19.03
N LEU D 1316 -3.80 4.53 20.31
CA LEU D 1316 -2.44 4.54 20.84
C LEU D 1316 -1.75 3.18 20.80
N PHE D 1317 -2.53 2.16 21.10
CA PHE D 1317 -2.09 0.77 21.11
C PHE D 1317 -1.66 0.37 19.71
N ARG D 1318 -2.41 0.86 18.73
CA ARG D 1318 -2.15 0.60 17.33
C ARG D 1318 -0.76 1.14 17.01
N CYS D 1319 -0.47 2.34 17.51
CA CYS D 1319 0.82 2.99 17.32
C CYS D 1319 1.95 2.22 18.00
N ALA D 1320 1.71 1.72 19.20
CA ALA D 1320 2.73 0.97 19.93
C ALA D 1320 3.08 -0.23 19.06
N THR D 1321 2.05 -0.80 18.46
CA THR D 1321 2.22 -1.93 17.57
C THR D 1321 2.99 -1.49 16.31
N GLY D 1322 2.94 -0.19 16.04
CA GLY D 1322 3.53 0.45 14.89
C GLY D 1322 2.83 -0.01 13.66
N GLU D 1323 1.62 0.43 13.47
CA GLU D 1323 0.80 -0.12 12.41
C GLU D 1323 0.22 1.05 11.64
N ALA D 1324 1.15 1.72 10.95
CA ALA D 1324 1.05 2.94 10.13
C ALA D 1324 0.90 4.16 11.01
N TRP D 1325 1.63 4.17 12.11
CA TRP D 1325 1.58 5.22 13.13
C TRP D 1325 1.97 6.59 12.58
N GLN D 1326 2.82 6.62 11.55
CA GLN D 1326 3.33 7.83 10.90
C GLN D 1326 2.30 8.43 9.97
N GLU D 1327 1.30 7.66 9.61
CA GLU D 1327 0.24 8.03 8.71
C GLU D 1327 -0.94 8.55 9.51
N ILE D 1328 -1.06 8.08 10.76
CA ILE D 1328 -1.91 8.69 11.78
C ILE D 1328 -1.34 10.05 12.17
N LEU D 1329 -0.02 10.13 12.33
CA LEU D 1329 0.70 11.37 12.58
C LEU D 1329 0.41 12.44 11.53
N LEU D 1330 0.34 12.07 10.27
CA LEU D 1330 0.04 13.05 9.22
C LEU D 1330 -1.41 13.43 9.17
N ALA D 1331 -2.31 12.63 9.71
CA ALA D 1331 -3.72 12.91 9.74
C ALA D 1331 -4.09 13.74 10.97
N CYS D 1332 -3.11 14.19 11.71
CA CYS D 1332 -3.36 14.89 12.94
C CYS D 1332 -2.73 16.20 12.99
N SER D 1333 -2.00 16.57 11.95
CA SER D 1333 -1.36 17.87 11.93
C SER D 1333 -2.30 18.98 11.48
N TYR D 1334 -1.80 20.19 11.41
CA TYR D 1334 -2.62 21.34 11.08
C TYR D 1334 -3.27 21.50 9.70
N GLY D 1335 -4.58 21.80 9.71
CA GLY D 1335 -5.30 22.07 8.48
C GLY D 1335 -6.40 21.11 8.17
N LYS D 1336 -6.84 20.38 9.17
CA LYS D 1336 -7.87 19.38 8.97
C LYS D 1336 -9.28 19.89 9.16
N LEU D 1337 -10.20 19.15 8.56
CA LEU D 1337 -11.60 19.42 8.67
C LEU D 1337 -12.11 19.13 10.06
N CYS D 1338 -12.71 20.13 10.67
CA CYS D 1338 -13.37 19.96 11.95
C CYS D 1338 -14.74 19.34 11.73
N ASP D 1339 -15.19 18.57 12.70
CA ASP D 1339 -16.54 18.03 12.57
C ASP D 1339 -17.55 19.14 12.85
N PRO D 1340 -18.75 19.06 12.26
CA PRO D 1340 -19.71 20.17 12.40
C PRO D 1340 -20.23 20.38 13.81
N GLU D 1341 -20.15 19.37 14.68
CA GLU D 1341 -20.62 19.51 16.04
C GLU D 1341 -19.55 20.09 16.97
N SER D 1342 -18.44 20.54 16.42
CA SER D 1342 -17.46 21.36 17.10
C SER D 1342 -17.92 22.81 17.06
N ASP D 1343 -17.32 23.65 17.89
CA ASP D 1343 -17.65 25.07 17.94
C ASP D 1343 -16.65 25.88 17.13
N TYR D 1344 -17.03 26.22 15.89
CA TYR D 1344 -16.11 26.96 15.05
C TYR D 1344 -16.87 28.05 14.30
N ALA D 1345 -16.15 29.12 13.97
CA ALA D 1345 -16.74 30.23 13.25
C ALA D 1345 -16.92 29.88 11.77
N PRO D 1346 -17.89 30.50 11.07
CA PRO D 1346 -18.02 30.25 9.63
C PRO D 1346 -16.87 30.85 8.84
N GLY D 1347 -16.16 29.97 8.13
CA GLY D 1347 -14.89 30.29 7.54
C GLY D 1347 -13.69 29.76 8.30
N GLU D 1348 -13.93 28.94 9.32
CA GLU D 1348 -12.89 28.29 10.12
C GLU D 1348 -13.08 26.78 10.17
N GLU D 1349 -13.28 26.12 9.03
CA GLU D 1349 -13.48 24.67 9.03
C GLU D 1349 -12.17 23.89 9.09
N TYR D 1350 -11.12 24.39 8.44
CA TYR D 1350 -9.87 23.68 8.26
C TYR D 1350 -8.81 24.13 9.25
N THR D 1351 -9.19 24.23 10.52
CA THR D 1351 -8.32 24.81 11.52
C THR D 1351 -8.02 23.86 12.67
N CYS D 1352 -8.45 22.62 12.43
CA CYS D 1352 -8.30 21.45 13.30
C CYS D 1352 -6.94 20.79 13.17
N GLY D 1353 -6.48 20.10 14.19
CA GLY D 1353 -5.15 19.57 14.07
C GLY D 1353 -4.12 20.57 14.55
N THR D 1354 -2.96 20.05 14.91
CA THR D 1354 -1.87 20.88 15.36
C THR D 1354 -0.56 20.19 14.99
N ASN D 1355 0.48 20.99 14.79
CA ASN D 1355 1.80 20.48 14.45
C ASN D 1355 2.58 20.07 15.68
N PHE D 1356 1.86 19.92 16.77
CA PHE D 1356 2.34 19.40 18.02
C PHE D 1356 2.31 17.87 17.83
N ALA D 1357 1.51 17.39 16.87
CA ALA D 1357 1.42 15.98 16.52
C ALA D 1357 2.79 15.32 16.33
N TYR D 1358 3.75 16.05 15.74
CA TYR D 1358 5.11 15.55 15.58
C TYR D 1358 5.79 15.28 16.90
N TYR D 1359 5.67 16.18 17.86
CA TYR D 1359 6.25 15.92 19.16
C TYR D 1359 5.48 14.81 19.87
N TYR D 1360 4.15 14.83 19.78
CA TYR D 1360 3.27 13.85 20.41
C TYR D 1360 3.61 12.41 20.00
N PHE D 1361 3.55 12.14 18.71
CA PHE D 1361 3.79 10.81 18.18
C PHE D 1361 5.21 10.25 18.30
N ILE D 1362 6.21 11.06 18.01
CA ILE D 1362 7.58 10.59 18.12
C ILE D 1362 7.89 10.29 19.57
N SER D 1363 7.46 11.19 20.44
CA SER D 1363 7.68 11.06 21.87
C SER D 1363 6.98 9.83 22.43
N PHE D 1364 5.73 9.62 22.04
CA PHE D 1364 4.98 8.47 22.51
C PHE D 1364 5.64 7.22 22.02
N TYR D 1365 6.08 7.25 20.77
CA TYR D 1365 6.71 6.11 20.19
C TYR D 1365 7.97 5.76 20.93
N MET D 1366 8.70 6.80 21.35
CA MET D 1366 9.97 6.59 22.03
C MET D 1366 9.81 6.25 23.49
N LEU D 1367 8.79 6.80 24.14
CA LEU D 1367 8.56 6.50 25.55
C LEU D 1367 8.14 5.03 25.70
N CYS D 1368 7.27 4.59 24.79
CA CYS D 1368 6.74 3.24 24.79
C CYS D 1368 7.80 2.17 24.59
N ALA D 1369 8.74 2.42 23.69
CA ALA D 1369 9.79 1.45 23.43
C ALA D 1369 10.61 1.23 24.68
N PHE D 1370 10.92 2.33 25.38
CA PHE D 1370 11.67 2.24 26.62
C PHE D 1370 10.87 1.50 27.68
N LEU D 1371 9.59 1.80 27.76
CA LEU D 1371 8.70 1.16 28.73
C LEU D 1371 8.51 -0.35 28.54
N ILE D 1372 8.39 -0.79 27.29
CA ILE D 1372 8.17 -2.20 26.97
C ILE D 1372 9.46 -2.99 27.10
N ILE D 1373 10.60 -2.44 26.70
CA ILE D 1373 11.82 -3.20 26.91
C ILE D 1373 12.15 -3.25 28.41
N ASN D 1374 11.83 -2.21 29.13
CA ASN D 1374 12.03 -2.17 30.55
C ASN D 1374 11.25 -3.30 31.23
N LEU D 1375 10.01 -3.51 30.84
CA LEU D 1375 9.21 -4.56 31.42
C LEU D 1375 9.68 -5.94 31.02
N PHE D 1376 10.07 -6.11 29.77
CA PHE D 1376 10.51 -7.42 29.32
C PHE D 1376 11.77 -7.86 30.04
N VAL D 1377 12.75 -6.96 30.17
CA VAL D 1377 14.02 -7.31 30.77
C VAL D 1377 13.89 -7.46 32.29
N ALA D 1378 12.93 -6.76 32.92
CA ALA D 1378 12.64 -7.00 34.33
C ALA D 1378 11.95 -8.34 34.58
N VAL D 1379 11.20 -8.85 33.62
CA VAL D 1379 10.59 -10.18 33.74
C VAL D 1379 11.61 -11.28 33.46
N ILE D 1380 12.52 -11.03 32.54
CA ILE D 1380 13.53 -12.02 32.21
C ILE D 1380 14.57 -12.13 33.35
N MET D 1381 14.62 -11.13 34.21
CA MET D 1381 15.54 -11.10 35.33
C MET D 1381 15.07 -12.04 36.42
N ASP D 1382 13.80 -11.88 36.79
CA ASP D 1382 13.13 -12.69 37.77
C ASP D 1382 13.37 -14.18 37.58
N ASN D 1383 13.18 -14.69 36.36
CA ASN D 1383 13.36 -16.10 36.09
C ASN D 1383 14.65 -16.47 35.42
N PHE D 1384 15.76 -15.86 35.79
CA PHE D 1384 17.01 -16.22 35.14
C PHE D 1384 17.64 -17.48 35.74
N ASP D 1385 17.17 -17.90 36.91
CA ASP D 1385 17.69 -19.10 37.50
C ASP D 1385 17.05 -20.25 36.78
N TYR D 1386 15.90 -19.97 36.18
CA TYR D 1386 15.14 -20.97 35.45
C TYR D 1386 15.57 -20.94 34.00
N LEU D 1387 15.90 -19.74 33.51
CA LEU D 1387 16.31 -19.56 32.13
C LEU D 1387 17.75 -19.97 31.89
N THR D 1388 18.50 -20.20 32.97
CA THR D 1388 19.77 -20.91 32.95
C THR D 1388 19.78 -22.09 33.91
N ARG D 1389 18.69 -22.86 33.96
CA ARG D 1389 18.52 -23.82 35.06
C ARG D 1389 19.40 -25.05 34.88
N ASP D 1390 19.82 -25.33 33.64
CA ASP D 1390 20.85 -26.33 33.33
C ASP D 1390 20.42 -27.73 33.81
N TRP D 1391 19.43 -28.32 33.15
CA TRP D 1391 18.76 -29.56 33.56
C TRP D 1391 19.68 -30.78 33.62
N SER D 1392 20.93 -30.62 33.21
CA SER D 1392 21.94 -31.67 33.31
C SER D 1392 22.23 -32.04 34.77
N ILE D 1393 22.54 -31.05 35.61
CA ILE D 1393 23.08 -31.36 36.94
C ILE D 1393 21.96 -31.69 37.93
N LEU D 1394 21.09 -30.73 38.25
CA LEU D 1394 20.06 -30.91 39.26
C LEU D 1394 19.01 -29.82 39.09
N GLY D 1395 17.79 -30.10 39.55
CA GLY D 1395 16.72 -29.13 39.48
C GLY D 1395 15.65 -29.39 40.51
N PRO D 1396 14.68 -28.47 40.61
CA PRO D 1396 13.49 -28.71 41.46
C PRO D 1396 12.61 -29.86 40.97
N HIS D 1397 12.68 -30.19 39.68
CA HIS D 1397 11.87 -31.24 39.10
C HIS D 1397 12.17 -32.61 39.70
N HIS D 1398 13.39 -32.87 40.13
CA HIS D 1398 13.65 -34.13 40.79
C HIS D 1398 12.87 -34.06 42.12
N LEU D 1399 12.99 -32.89 42.74
CA LEU D 1399 12.33 -32.58 44.01
C LEU D 1399 10.81 -32.59 43.89
N ASP D 1400 10.28 -32.08 42.78
CA ASP D 1400 8.84 -32.06 42.55
C ASP D 1400 8.33 -33.48 42.49
N GLU D 1401 9.08 -34.33 41.79
CA GLU D 1401 8.73 -35.73 41.64
C GLU D 1401 8.75 -36.40 43.01
N PHE D 1402 9.67 -36.01 43.88
CA PHE D 1402 9.76 -36.64 45.20
C PHE D 1402 8.51 -36.51 46.08
N LYS D 1403 7.91 -35.31 46.08
CA LYS D 1403 6.73 -35.08 46.90
C LYS D 1403 5.58 -36.00 46.52
N ALA D 1404 5.42 -36.25 45.23
CA ALA D 1404 4.36 -37.13 44.76
C ALA D 1404 4.57 -38.54 45.32
N ILE D 1405 5.80 -39.01 45.33
CA ILE D 1405 6.10 -40.34 45.85
C ILE D 1405 5.76 -40.37 47.33
N TRP D 1406 6.14 -39.31 48.03
CA TRP D 1406 5.84 -39.19 49.46
C TRP D 1406 4.35 -39.13 49.72
N ALA D 1407 3.64 -38.44 48.84
CA ALA D 1407 2.20 -38.23 48.95
C ALA D 1407 1.41 -39.52 48.81
N GLU D 1408 1.98 -40.56 48.18
CA GLU D 1408 1.33 -41.87 48.14
C GLU D 1408 1.50 -42.66 49.43
N TYR D 1409 2.21 -42.12 50.42
CA TYR D 1409 2.27 -42.69 51.75
C TYR D 1409 1.44 -41.92 52.77
N ASP D 1410 0.86 -40.79 52.39
CA ASP D 1410 0.13 -39.92 53.30
C ASP D 1410 -1.28 -39.66 52.82
N PRO D 1411 -2.30 -39.88 53.65
CA PRO D 1411 -3.65 -39.37 53.33
C PRO D 1411 -3.74 -37.85 53.43
N GLU D 1412 -3.15 -37.29 54.48
CA GLU D 1412 -2.83 -35.87 54.59
C GLU D 1412 -1.44 -35.74 55.19
N ALA D 1413 -1.01 -34.49 55.40
CA ALA D 1413 0.40 -34.15 55.60
C ALA D 1413 1.07 -34.79 56.80
N LYS D 1414 0.64 -34.45 58.01
CA LYS D 1414 0.94 -35.16 59.27
C LYS D 1414 2.40 -35.30 59.69
N GLY D 1415 3.35 -34.86 58.87
CA GLY D 1415 4.74 -35.12 59.21
C GLY D 1415 5.26 -36.46 58.72
N ARG D 1416 5.25 -37.46 59.60
CA ARG D 1416 6.00 -38.70 59.40
C ARG D 1416 5.19 -39.75 58.64
N ILE D 1417 5.93 -40.74 58.11
CA ILE D 1417 5.39 -41.99 57.61
C ILE D 1417 6.00 -43.12 58.43
N LYS D 1418 5.61 -44.34 58.12
CA LYS D 1418 6.22 -45.50 58.77
C LYS D 1418 7.63 -45.74 58.25
N HIS D 1419 8.39 -46.55 58.97
CA HIS D 1419 9.71 -46.96 58.51
C HIS D 1419 9.65 -48.11 57.50
N LEU D 1420 8.53 -48.85 57.47
CA LEU D 1420 8.41 -50.00 56.56
C LEU D 1420 8.34 -49.57 55.09
N ASP D 1421 8.23 -48.27 54.85
CA ASP D 1421 8.34 -47.64 53.54
C ASP D 1421 9.65 -46.89 53.33
N VAL D 1422 10.53 -46.82 54.33
CA VAL D 1422 11.74 -46.00 54.20
C VAL D 1422 12.86 -46.79 53.52
N VAL D 1423 12.87 -48.11 53.68
CA VAL D 1423 13.72 -48.93 52.83
C VAL D 1423 13.20 -48.94 51.39
N THR D 1424 11.91 -49.23 51.21
CA THR D 1424 11.33 -49.40 49.89
C THR D 1424 11.02 -48.08 49.18
N LEU D 1425 11.53 -46.96 49.71
CA LEU D 1425 11.36 -45.66 49.11
C LEU D 1425 12.28 -45.48 47.90
N LEU D 1426 13.50 -46.02 48.00
CA LEU D 1426 14.59 -45.58 47.13
C LEU D 1426 14.63 -46.31 45.79
N ARG D 1427 13.60 -47.09 45.46
CA ARG D 1427 13.60 -47.82 44.19
C ARG D 1427 13.02 -46.98 43.05
N ARG D 1428 12.33 -45.89 43.35
CA ARG D 1428 11.58 -45.13 42.36
C ARG D 1428 12.19 -43.78 41.98
N ILE D 1429 13.38 -43.42 42.50
CA ILE D 1429 13.84 -42.06 42.29
C ILE D 1429 15.04 -42.03 41.34
N GLN D 1430 15.12 -40.94 40.55
CA GLN D 1430 16.16 -40.69 39.57
C GLN D 1430 17.55 -40.69 40.21
N PRO D 1431 18.57 -41.23 39.55
CA PRO D 1431 19.89 -41.41 40.19
C PRO D 1431 20.64 -40.11 40.47
N PRO D 1432 20.33 -38.97 39.83
CA PRO D 1432 20.70 -37.70 40.47
C PRO D 1432 20.13 -37.49 41.87
N LEU D 1433 19.00 -38.07 42.23
CA LEU D 1433 18.50 -37.91 43.59
C LEU D 1433 18.36 -39.23 44.34
N GLY D 1434 17.73 -40.24 43.75
CA GLY D 1434 17.77 -41.57 44.34
C GLY D 1434 19.05 -42.28 43.96
N PHE D 1435 18.98 -43.58 43.67
CA PHE D 1435 20.18 -44.28 43.25
C PHE D 1435 19.94 -44.92 41.89
N GLY D 1436 20.96 -45.62 41.42
CA GLY D 1436 21.07 -46.01 40.03
C GLY D 1436 20.15 -47.15 39.64
N LYS D 1437 20.49 -47.75 38.50
CA LYS D 1437 19.71 -48.80 37.86
C LYS D 1437 20.12 -50.20 38.36
N PHE D 1438 21.30 -50.32 38.96
CA PHE D 1438 21.99 -51.58 39.21
C PHE D 1438 21.50 -52.23 40.50
N CYS D 1439 22.26 -53.24 40.95
CA CYS D 1439 21.94 -54.04 42.14
C CYS D 1439 22.27 -53.25 43.40
N PRO D 1440 21.28 -52.94 44.23
CA PRO D 1440 21.48 -52.02 45.35
C PRO D 1440 22.08 -52.63 46.62
N HIS D 1441 22.61 -53.85 46.58
CA HIS D 1441 22.99 -54.53 47.82
C HIS D 1441 24.30 -54.02 48.41
N ARG D 1442 24.91 -52.99 47.81
CA ARG D 1442 26.08 -52.30 48.35
C ARG D 1442 25.80 -50.87 48.74
N VAL D 1443 25.18 -50.09 47.84
CA VAL D 1443 25.07 -48.66 48.03
C VAL D 1443 23.82 -48.29 48.81
N ALA D 1444 22.66 -48.77 48.36
CA ALA D 1444 21.39 -48.31 48.92
C ALA D 1444 21.09 -48.95 50.27
N CYS D 1445 21.83 -49.98 50.66
CA CYS D 1445 21.60 -50.67 51.92
C CYS D 1445 22.41 -50.07 53.05
N LYS D 1446 23.54 -49.43 52.73
CA LYS D 1446 24.45 -48.98 53.78
C LYS D 1446 24.52 -47.46 53.86
N ARG D 1447 24.42 -46.75 52.73
CA ARG D 1447 24.69 -45.31 52.71
C ARG D 1447 23.57 -44.52 53.37
N LEU D 1448 22.34 -45.05 53.33
CA LEU D 1448 21.19 -44.40 53.96
C LEU D 1448 21.34 -44.34 55.48
N VAL D 1449 21.96 -45.36 56.07
CA VAL D 1449 22.41 -45.28 57.45
C VAL D 1449 23.76 -44.58 57.54
N GLY D 1450 24.60 -44.75 56.51
CA GLY D 1450 25.92 -44.17 56.45
C GLY D 1450 25.96 -42.66 56.33
N MET D 1451 24.97 -42.08 55.67
CA MET D 1451 24.85 -40.63 55.66
C MET D 1451 24.13 -40.14 56.91
N ASN D 1452 24.17 -38.82 57.11
CA ASN D 1452 23.47 -38.21 58.23
C ASN D 1452 21.97 -38.33 58.03
N MET D 1453 21.32 -39.01 58.98
CA MET D 1453 19.87 -39.05 59.04
C MET D 1453 19.46 -38.79 60.47
N PRO D 1454 18.29 -38.20 60.70
CA PRO D 1454 17.81 -38.01 62.07
C PRO D 1454 17.46 -39.33 62.73
N LEU D 1455 17.62 -39.37 64.05
CA LEU D 1455 17.28 -40.55 64.83
C LEU D 1455 16.17 -40.19 65.81
N ASN D 1456 14.94 -40.21 65.30
CA ASN D 1456 13.74 -40.22 66.13
C ASN D 1456 13.34 -41.68 66.34
N SER D 1457 12.14 -41.91 66.89
CA SER D 1457 11.70 -43.28 67.14
C SER D 1457 11.43 -44.03 65.84
N ASP D 1458 11.29 -45.35 65.97
CA ASP D 1458 11.47 -46.37 64.93
C ASP D 1458 10.75 -46.12 63.60
N GLY D 1459 9.42 -46.04 63.64
CA GLY D 1459 8.68 -45.81 62.41
C GLY D 1459 8.10 -44.42 62.28
N THR D 1460 8.83 -43.40 62.72
CA THR D 1460 8.37 -42.00 62.73
C THR D 1460 9.52 -41.10 62.26
N VAL D 1461 9.65 -40.94 60.95
CA VAL D 1461 10.64 -40.05 60.34
C VAL D 1461 9.93 -39.14 59.36
N THR D 1462 10.23 -37.84 59.42
CA THR D 1462 9.36 -36.83 58.81
C THR D 1462 9.91 -36.28 57.49
N PHE D 1463 9.07 -35.49 56.83
CA PHE D 1463 9.37 -35.02 55.47
C PHE D 1463 10.32 -33.84 55.48
N ASN D 1464 10.24 -33.00 56.50
CA ASN D 1464 11.08 -31.81 56.56
C ASN D 1464 12.42 -32.09 57.24
N ALA D 1465 12.79 -33.36 57.40
CA ALA D 1465 14.09 -33.74 57.94
C ALA D 1465 14.89 -34.63 57.02
N THR D 1466 14.25 -35.51 56.26
CA THR D 1466 14.99 -36.34 55.32
C THR D 1466 15.37 -35.55 54.08
N LEU D 1467 14.47 -34.71 53.61
CA LEU D 1467 14.59 -34.08 52.30
C LEU D 1467 15.72 -33.04 52.26
N PHE D 1468 16.20 -32.57 53.41
CA PHE D 1468 17.50 -31.92 53.43
C PHE D 1468 18.61 -32.93 53.21
N ALA D 1469 18.61 -34.00 54.02
CA ALA D 1469 19.68 -35.00 53.97
C ALA D 1469 19.61 -35.86 52.72
N LEU D 1470 18.44 -36.00 52.12
CA LEU D 1470 18.32 -36.90 50.97
C LEU D 1470 18.97 -36.30 49.74
N VAL D 1471 18.99 -34.97 49.61
CA VAL D 1471 19.78 -34.29 48.58
C VAL D 1471 21.21 -34.02 49.06
N ARG D 1472 21.50 -34.26 50.35
CA ARG D 1472 22.86 -34.07 50.87
C ARG D 1472 23.78 -35.19 50.40
N THR D 1473 23.23 -36.25 49.83
CA THR D 1473 24.01 -37.21 49.06
C THR D 1473 24.37 -36.65 47.69
N ALA D 1474 23.40 -36.02 47.01
CA ALA D 1474 23.57 -35.58 45.62
C ALA D 1474 24.60 -34.47 45.48
N LEU D 1475 24.73 -33.65 46.51
CA LEU D 1475 25.74 -32.60 46.58
C LEU D 1475 26.00 -32.32 48.05
N LYS D 1476 27.09 -31.59 48.31
CA LYS D 1476 27.57 -31.27 49.66
C LYS D 1476 27.86 -32.54 50.46
N ILE D 1477 28.96 -33.18 50.10
CA ILE D 1477 29.58 -34.22 50.92
C ILE D 1477 30.52 -33.53 51.92
N LYS D 1478 30.46 -33.96 53.18
CA LYS D 1478 31.26 -33.36 54.24
C LYS D 1478 32.04 -34.43 54.99
N THR D 1479 32.91 -33.97 55.88
CA THR D 1479 33.55 -34.81 56.86
C THR D 1479 32.87 -34.63 58.22
N GLU D 1480 33.22 -35.52 59.15
CA GLU D 1480 32.45 -35.61 60.39
C GLU D 1480 32.88 -34.56 61.40
N GLY D 1481 32.11 -34.50 62.50
CA GLY D 1481 32.37 -33.61 63.62
C GLY D 1481 31.80 -32.22 63.45
N ASN D 1482 31.68 -31.79 62.20
CA ASN D 1482 31.21 -30.45 61.82
C ASN D 1482 29.77 -30.50 61.31
N PHE D 1483 28.94 -31.37 61.89
CA PHE D 1483 27.54 -31.44 61.48
C PHE D 1483 26.73 -30.26 62.01
N GLU D 1484 27.17 -29.64 63.10
CA GLU D 1484 26.60 -28.37 63.52
C GLU D 1484 27.24 -27.19 62.79
N GLN D 1485 28.37 -27.43 62.11
CA GLN D 1485 28.93 -26.45 61.18
C GLN D 1485 28.22 -26.50 59.83
N ALA D 1486 27.20 -27.35 59.69
CA ALA D 1486 26.16 -27.09 58.70
C ALA D 1486 25.27 -25.94 59.14
N ASN D 1487 24.89 -25.93 60.42
CA ASN D 1487 23.97 -24.91 60.94
C ASN D 1487 24.63 -23.55 61.13
N GLU D 1488 25.96 -23.47 61.06
CA GLU D 1488 26.61 -22.17 61.12
C GLU D 1488 26.35 -21.37 59.85
N GLU D 1489 26.48 -22.03 58.69
CA GLU D 1489 26.18 -21.38 57.43
C GLU D 1489 24.68 -21.39 57.12
N LEU D 1490 23.87 -21.96 58.01
CA LEU D 1490 22.42 -21.89 57.94
C LEU D 1490 21.85 -20.65 58.62
N ARG D 1491 22.68 -19.71 59.05
CA ARG D 1491 22.20 -18.41 59.51
C ARG D 1491 22.86 -17.22 58.84
N ALA D 1492 24.17 -17.27 58.57
CA ALA D 1492 24.91 -16.13 58.07
C ALA D 1492 24.80 -16.00 56.55
N ILE D 1493 25.01 -17.09 55.82
CA ILE D 1493 24.76 -17.08 54.38
C ILE D 1493 23.28 -17.25 54.08
N ILE D 1494 22.50 -17.69 55.06
CA ILE D 1494 21.06 -17.80 54.94
C ILE D 1494 20.37 -16.47 55.21
N LYS D 1495 19.08 -16.44 54.91
CA LYS D 1495 18.12 -15.44 55.37
C LYS D 1495 17.69 -15.75 56.79
N LYS D 1496 16.51 -15.27 57.18
CA LYS D 1496 16.03 -15.26 58.57
C LYS D 1496 15.85 -16.68 59.14
N ILE D 1497 15.35 -16.70 60.39
CA ILE D 1497 15.46 -17.75 61.42
C ILE D 1497 15.35 -19.19 60.94
N TRP D 1498 14.22 -19.54 60.31
CA TRP D 1498 13.84 -20.91 59.95
C TRP D 1498 13.85 -21.82 61.20
N LYS D 1499 12.90 -21.51 62.09
CA LYS D 1499 12.81 -21.98 63.47
C LYS D 1499 12.80 -23.51 63.63
N ARG D 1500 12.27 -24.26 62.67
CA ARG D 1500 12.12 -25.71 62.86
C ARG D 1500 13.33 -26.49 62.35
N THR D 1501 14.48 -25.85 62.14
CA THR D 1501 15.61 -26.48 61.47
C THR D 1501 16.46 -27.36 62.39
N SER D 1502 15.98 -27.70 63.59
CA SER D 1502 16.64 -28.72 64.40
C SER D 1502 16.48 -30.11 63.82
N MET D 1503 15.51 -30.30 62.93
CA MET D 1503 15.28 -31.55 62.23
C MET D 1503 16.43 -31.96 61.31
N LYS D 1504 16.99 -31.02 60.55
CA LYS D 1504 18.05 -31.35 59.61
C LYS D 1504 19.43 -31.35 60.24
N LEU D 1505 19.54 -30.96 61.51
CA LEU D 1505 20.85 -30.67 62.09
C LEU D 1505 21.60 -31.96 62.45
N LEU D 1506 21.05 -32.75 63.37
CA LEU D 1506 21.74 -33.92 63.89
C LEU D 1506 21.70 -35.08 62.91
N PHE E 1 -67.25 -26.69 -51.12
CA PHE E 1 -66.43 -25.58 -51.56
C PHE E 1 -66.91 -25.12 -52.92
N PRO E 2 -67.19 -23.82 -53.06
CA PRO E 2 -67.78 -23.33 -54.30
C PRO E 2 -66.79 -23.39 -55.46
N SER E 3 -67.34 -23.50 -56.66
CA SER E 3 -66.53 -23.66 -57.85
C SER E 3 -65.83 -22.36 -58.21
N ALA E 4 -64.87 -22.48 -59.13
CA ALA E 4 -64.05 -21.33 -59.51
C ALA E 4 -64.84 -20.27 -60.26
N VAL E 5 -65.94 -20.65 -60.90
CA VAL E 5 -66.80 -19.67 -61.57
C VAL E 5 -67.69 -18.95 -60.56
N THR E 6 -68.05 -19.60 -59.45
CA THR E 6 -68.87 -18.93 -58.46
C THR E 6 -68.09 -17.86 -57.70
N ILE E 7 -66.83 -18.16 -57.35
CA ILE E 7 -65.96 -17.11 -56.79
C ILE E 7 -65.68 -16.04 -57.83
N LYS E 8 -65.54 -16.43 -59.10
CA LYS E 8 -65.34 -15.46 -60.17
C LYS E 8 -66.51 -14.50 -60.31
N SER E 9 -67.73 -15.01 -60.28
CA SER E 9 -68.89 -14.16 -60.43
C SER E 9 -69.21 -13.37 -59.18
N TRP E 10 -68.72 -13.79 -58.02
CA TRP E 10 -69.05 -13.12 -56.78
C TRP E 10 -68.03 -12.08 -56.39
N VAL E 11 -66.79 -12.22 -56.88
CA VAL E 11 -65.84 -11.13 -56.79
C VAL E 11 -66.26 -9.99 -57.69
N ASP E 12 -66.71 -10.31 -58.90
CA ASP E 12 -67.06 -9.27 -59.85
C ASP E 12 -68.29 -8.46 -59.46
N LYS E 13 -69.04 -8.87 -58.45
CA LYS E 13 -70.08 -8.01 -57.93
C LYS E 13 -69.68 -7.32 -56.65
N MET E 14 -68.46 -7.53 -56.16
CA MET E 14 -67.99 -6.73 -55.04
C MET E 14 -66.62 -6.12 -55.29
N GLN E 15 -66.10 -6.20 -56.51
CA GLN E 15 -65.16 -5.18 -56.94
C GLN E 15 -65.85 -4.13 -57.79
N GLU E 16 -66.97 -4.47 -58.40
CA GLU E 16 -67.80 -3.48 -59.06
C GLU E 16 -68.50 -2.60 -58.04
N ASP E 17 -68.62 -3.07 -56.80
CA ASP E 17 -69.34 -2.32 -55.79
C ASP E 17 -68.43 -1.33 -55.09
N LEU E 18 -67.20 -1.75 -54.77
CA LEU E 18 -66.24 -0.82 -54.17
C LEU E 18 -65.82 0.27 -55.14
N VAL E 19 -65.65 -0.08 -56.42
CA VAL E 19 -65.12 0.91 -57.34
C VAL E 19 -66.17 1.93 -57.72
N THR E 20 -67.42 1.49 -57.90
CA THR E 20 -68.51 2.43 -58.13
C THR E 20 -68.71 3.33 -56.92
N LEU E 21 -68.53 2.80 -55.73
CA LEU E 21 -68.59 3.63 -54.54
C LEU E 21 -67.45 4.63 -54.51
N ALA E 22 -66.30 4.27 -55.05
CA ALA E 22 -65.17 5.19 -55.01
C ALA E 22 -65.09 6.07 -56.25
N LYS E 23 -65.55 5.61 -57.40
CA LYS E 23 -65.55 6.49 -58.55
C LYS E 23 -66.59 7.58 -58.39
N THR E 24 -67.69 7.28 -57.72
CA THR E 24 -68.77 8.24 -57.60
C THR E 24 -68.57 9.19 -56.42
N ALA E 25 -68.29 8.67 -55.25
CA ALA E 25 -68.27 9.54 -54.09
C ALA E 25 -67.06 10.46 -54.06
N SER E 26 -65.89 10.00 -54.52
CA SER E 26 -64.70 10.84 -54.47
C SER E 26 -64.74 11.94 -55.54
N GLY E 27 -65.12 11.61 -56.75
CA GLY E 27 -65.18 12.61 -57.78
C GLY E 27 -63.93 12.66 -58.63
N VAL E 28 -63.53 11.51 -59.14
CA VAL E 28 -62.37 11.46 -60.00
C VAL E 28 -62.66 12.17 -61.30
N HIS E 29 -63.73 11.78 -61.99
CA HIS E 29 -64.07 12.40 -63.26
C HIS E 29 -64.51 13.84 -63.15
N GLN E 30 -64.93 14.30 -61.98
CA GLN E 30 -65.28 15.70 -61.85
C GLN E 30 -64.05 16.57 -61.71
N LEU E 31 -63.05 16.12 -60.95
CA LEU E 31 -61.84 16.93 -60.80
C LEU E 31 -61.01 16.90 -62.06
N VAL E 32 -61.08 15.81 -62.82
CA VAL E 32 -60.52 15.80 -64.17
C VAL E 32 -61.22 16.83 -65.03
N ASP E 33 -62.52 17.01 -64.81
CA ASP E 33 -63.30 17.85 -65.69
C ASP E 33 -63.01 19.31 -65.45
N ILE E 34 -62.70 19.72 -64.22
CA ILE E 34 -62.55 21.14 -63.97
C ILE E 34 -61.11 21.62 -64.19
N TYR E 35 -60.10 20.76 -64.02
CA TYR E 35 -58.78 21.05 -64.58
C TYR E 35 -58.83 21.22 -66.07
N GLU E 36 -59.71 20.51 -66.75
CA GLU E 36 -59.78 20.68 -68.19
C GLU E 36 -60.76 21.75 -68.62
N LYS E 37 -61.66 22.16 -67.75
CA LYS E 37 -62.66 23.15 -68.10
C LYS E 37 -62.07 24.53 -68.22
N TYR E 38 -60.94 24.77 -67.57
CA TYR E 38 -60.37 26.09 -67.46
C TYR E 38 -59.26 26.38 -68.45
N GLN E 39 -58.20 25.55 -68.49
CA GLN E 39 -57.18 25.51 -69.53
C GLN E 39 -56.30 26.76 -69.58
N ASP E 40 -56.68 27.82 -68.88
CA ASP E 40 -56.21 29.16 -69.16
C ASP E 40 -55.90 29.94 -67.92
N LEU E 41 -56.34 29.46 -66.77
CA LEU E 41 -55.75 29.87 -65.51
C LEU E 41 -54.33 29.34 -65.36
N TYR E 42 -53.94 28.36 -66.15
CA TYR E 42 -52.59 27.82 -66.06
C TYR E 42 -52.06 27.53 -67.44
N THR E 43 -50.76 27.33 -67.52
CA THR E 43 -50.11 26.80 -68.70
C THR E 43 -49.30 25.57 -68.30
N VAL E 44 -48.95 24.77 -69.31
CA VAL E 44 -48.31 23.48 -69.10
C VAL E 44 -46.91 23.56 -69.68
N GLU E 45 -45.92 23.61 -68.80
CA GLU E 45 -44.53 23.74 -69.21
C GLU E 45 -43.80 22.41 -69.04
N PRO E 46 -42.69 22.19 -69.74
CA PRO E 46 -41.95 20.94 -69.55
C PRO E 46 -40.82 21.00 -68.53
N ASN E 47 -40.59 19.86 -67.87
CA ASN E 47 -39.37 19.64 -67.11
C ASN E 47 -38.35 19.09 -68.07
N ASN E 48 -37.43 19.93 -68.50
CA ASN E 48 -36.34 19.45 -69.34
C ASN E 48 -35.28 18.92 -68.40
N ALA E 49 -35.33 17.63 -68.11
CA ALA E 49 -34.41 17.04 -67.15
C ALA E 49 -33.03 16.88 -67.68
N ARG E 50 -32.73 17.28 -68.90
CA ARG E 50 -31.34 17.51 -69.24
C ARG E 50 -30.91 18.84 -68.68
N GLN E 51 -31.75 19.83 -68.95
CA GLN E 51 -31.55 21.21 -68.56
C GLN E 51 -31.59 21.48 -67.07
N LEU E 52 -32.52 20.85 -66.38
CA LEU E 52 -32.64 21.07 -64.94
C LEU E 52 -31.39 20.60 -64.23
N VAL E 53 -30.89 19.43 -64.62
CA VAL E 53 -29.71 18.88 -63.99
C VAL E 53 -28.52 19.79 -64.24
N GLU E 54 -28.40 20.27 -65.47
CA GLU E 54 -27.29 21.16 -65.80
C GLU E 54 -27.37 22.43 -64.98
N ILE E 55 -28.56 22.97 -64.81
CA ILE E 55 -28.69 24.18 -64.03
C ILE E 55 -28.32 23.93 -62.58
N ALA E 56 -28.76 22.81 -62.02
CA ALA E 56 -28.45 22.49 -60.62
C ALA E 56 -26.96 22.24 -60.38
N ALA E 57 -26.34 21.49 -61.29
CA ALA E 57 -24.94 21.14 -61.23
C ALA E 57 -24.07 22.37 -61.16
N ARG E 58 -24.61 23.51 -61.56
CA ARG E 58 -23.86 24.76 -61.57
CA ARG E 58 -23.88 24.76 -61.58
C ARG E 58 -24.12 25.63 -60.37
N ASP E 59 -25.25 25.49 -59.70
CA ASP E 59 -25.37 26.21 -58.45
C ASP E 59 -24.58 25.52 -57.36
N ILE E 60 -24.40 24.21 -57.43
CA ILE E 60 -23.53 23.58 -56.47
C ILE E 60 -22.09 23.78 -56.86
N GLU E 61 -21.81 24.01 -58.13
CA GLU E 61 -20.45 24.41 -58.49
C GLU E 61 -20.13 25.78 -57.94
N LYS E 62 -21.04 26.73 -58.13
CA LYS E 62 -20.76 28.08 -57.71
C LYS E 62 -20.81 28.23 -56.20
N LEU E 63 -21.68 27.49 -55.53
CA LEU E 63 -21.71 27.50 -54.08
C LEU E 63 -20.41 27.00 -53.51
N LEU E 64 -19.92 25.91 -54.03
CA LEU E 64 -18.73 25.30 -53.52
C LEU E 64 -17.47 25.89 -54.11
N SER E 65 -17.58 26.79 -55.08
CA SER E 65 -16.44 27.62 -55.46
C SER E 65 -16.40 28.89 -54.67
N ASN E 66 -17.56 29.48 -54.38
CA ASN E 66 -17.61 30.61 -53.49
C ASN E 66 -17.12 30.29 -52.10
N ARG E 67 -17.31 29.07 -51.63
CA ARG E 67 -16.84 28.69 -50.30
C ARG E 67 -15.30 28.62 -50.33
N SER E 68 -14.83 28.09 -51.45
CA SER E 68 -13.43 27.88 -51.72
C SER E 68 -12.60 29.16 -51.77
N LYS E 69 -13.14 30.22 -52.36
CA LYS E 69 -12.41 31.48 -52.43
C LYS E 69 -12.16 32.00 -51.02
N ALA E 70 -13.18 31.90 -50.19
CA ALA E 70 -13.09 32.35 -48.82
C ALA E 70 -12.02 31.54 -48.13
N LEU E 71 -12.03 30.22 -48.38
CA LEU E 71 -11.02 29.39 -47.75
C LEU E 71 -9.62 29.80 -48.16
N VAL E 72 -9.40 30.10 -49.42
CA VAL E 72 -8.06 30.47 -49.88
C VAL E 72 -7.49 31.74 -49.23
N ARG E 73 -8.32 32.78 -49.11
CA ARG E 73 -7.85 34.02 -48.49
C ARG E 73 -7.50 33.85 -47.01
N LEU E 74 -8.30 33.08 -46.30
CA LEU E 74 -8.04 32.85 -44.89
C LEU E 74 -6.69 32.17 -44.76
N ALA E 75 -6.45 31.18 -45.61
CA ALA E 75 -5.19 30.45 -45.56
C ALA E 75 -4.03 31.39 -45.85
N LEU E 76 -4.18 32.25 -46.84
CA LEU E 76 -3.09 33.16 -47.15
C LEU E 76 -2.78 34.04 -45.96
N GLU E 77 -3.82 34.58 -45.33
CA GLU E 77 -3.59 35.44 -44.19
C GLU E 77 -2.91 34.69 -43.07
N ALA E 78 -3.36 33.48 -42.81
CA ALA E 78 -2.78 32.73 -41.73
C ALA E 78 -1.30 32.48 -41.99
N GLU E 79 -0.96 32.13 -43.23
CA GLU E 79 0.45 31.87 -43.52
C GLU E 79 1.30 33.11 -43.38
N LYS E 80 0.79 34.23 -43.89
CA LYS E 80 1.52 35.50 -43.83
C LYS E 80 1.67 36.08 -42.45
N VAL E 81 0.62 35.88 -41.66
CA VAL E 81 0.43 36.46 -40.34
C VAL E 81 1.34 35.81 -39.31
N GLN E 82 1.44 34.49 -39.37
CA GLN E 82 2.28 33.75 -38.46
C GLN E 82 3.74 33.81 -38.84
N ALA E 83 4.06 34.08 -40.11
CA ALA E 83 5.44 34.34 -40.46
C ALA E 83 5.95 35.64 -39.87
N ALA E 84 5.06 36.53 -39.46
CA ALA E 84 5.44 37.72 -38.74
C ALA E 84 5.06 37.65 -37.26
N HIS E 85 5.28 36.54 -36.61
CA HIS E 85 5.01 36.45 -35.19
C HIS E 85 6.31 36.21 -34.45
N GLN E 86 6.42 36.81 -33.27
CA GLN E 86 7.68 37.03 -32.62
C GLN E 86 8.03 36.05 -31.52
N TRP E 87 7.12 35.19 -31.11
CA TRP E 87 7.30 34.20 -30.04
C TRP E 87 7.66 34.88 -28.71
N ARG E 88 6.69 35.60 -28.18
CA ARG E 88 6.94 36.19 -26.88
C ARG E 88 6.60 35.20 -25.77
N GLU E 89 7.18 35.44 -24.60
CA GLU E 89 6.93 34.65 -23.41
C GLU E 89 6.54 35.49 -22.20
N ASP E 90 6.44 36.79 -22.36
CA ASP E 90 5.90 37.67 -21.35
C ASP E 90 4.41 37.87 -21.60
N PHE E 91 3.57 37.02 -21.04
CA PHE E 91 2.16 37.22 -21.30
C PHE E 91 1.38 37.75 -20.12
N ALA E 92 1.89 37.68 -18.90
CA ALA E 92 1.25 38.42 -17.82
C ALA E 92 1.47 39.91 -17.97
N SER E 93 2.46 40.31 -18.74
CA SER E 93 2.71 41.72 -18.99
C SER E 93 1.76 42.27 -20.04
N ASN E 94 1.58 41.54 -21.15
CA ASN E 94 0.66 41.91 -22.22
C ASN E 94 -0.35 40.80 -22.36
N GLU E 95 -1.57 41.08 -21.91
CA GLU E 95 -2.61 40.10 -21.92
C GLU E 95 -3.05 39.77 -23.33
N VAL E 96 -3.51 38.54 -23.49
CA VAL E 96 -4.01 38.08 -24.75
C VAL E 96 -5.49 38.15 -24.46
N VAL E 97 -6.22 38.90 -25.26
CA VAL E 97 -7.65 39.03 -25.03
C VAL E 97 -8.39 38.20 -26.05
N TYR E 98 -9.19 37.27 -25.56
CA TYR E 98 -9.96 36.40 -26.43
C TYR E 98 -11.16 35.88 -25.69
N TYR E 99 -12.17 35.44 -26.42
CA TYR E 99 -13.35 34.88 -25.80
C TYR E 99 -13.18 33.38 -25.82
N ASN E 100 -13.30 32.76 -24.66
CA ASN E 100 -13.12 31.34 -24.53
C ASN E 100 -14.44 30.61 -24.41
N ALA E 101 -14.70 29.70 -25.35
CA ALA E 101 -15.91 28.94 -25.35
C ALA E 101 -15.81 27.97 -24.18
N LYS E 102 -16.94 27.40 -23.80
CA LYS E 102 -17.00 26.47 -22.68
C LYS E 102 -16.49 27.03 -21.36
N ASP E 103 -16.87 28.28 -21.08
CA ASP E 103 -16.54 28.94 -19.83
C ASP E 103 -17.81 29.63 -19.35
N ASP E 104 -17.96 29.82 -18.04
CA ASP E 104 -19.16 30.48 -17.55
C ASP E 104 -19.13 31.92 -18.02
N LEU E 105 -20.25 32.38 -18.56
CA LEU E 105 -20.36 33.74 -19.08
C LEU E 105 -20.91 34.73 -18.04
N ASP E 106 -21.17 34.21 -16.85
CA ASP E 106 -21.73 35.00 -15.77
C ASP E 106 -20.71 36.07 -15.46
N PRO E 107 -21.23 37.36 -15.39
CA PRO E 107 -20.22 38.40 -15.14
C PRO E 107 -19.51 38.31 -13.80
N GLU E 108 -20.21 37.88 -12.77
CA GLU E 108 -19.64 37.88 -11.43
C GLU E 108 -18.57 36.83 -11.19
N LYS E 109 -18.20 36.02 -12.20
CA LYS E 109 -17.22 34.97 -11.96
C LYS E 109 -15.81 35.51 -11.80
N ASN E 110 -15.24 36.10 -12.85
CA ASN E 110 -13.93 36.75 -12.89
C ASN E 110 -12.80 35.82 -12.44
N ASP E 111 -12.50 34.78 -13.22
CA ASP E 111 -11.41 33.88 -12.87
C ASP E 111 -10.05 34.51 -13.17
N SER E 112 -9.88 35.01 -14.40
CA SER E 112 -8.73 35.80 -14.84
C SER E 112 -7.42 35.04 -14.68
N GLU E 113 -7.27 34.00 -15.50
CA GLU E 113 -6.03 33.23 -15.50
C GLU E 113 -4.87 34.09 -16.00
N PRO E 114 -3.64 33.80 -15.58
CA PRO E 114 -2.51 34.63 -16.01
C PRO E 114 -2.18 34.43 -17.48
N GLY E 115 -1.82 35.53 -18.15
CA GLY E 115 -1.62 35.55 -19.56
C GLY E 115 -2.85 35.91 -20.36
N SER E 116 -4.03 35.54 -19.89
CA SER E 116 -5.24 35.65 -20.69
C SER E 116 -6.25 36.56 -20.03
N GLN E 117 -7.15 37.08 -20.86
CA GLN E 117 -8.23 37.97 -20.46
C GLN E 117 -9.45 37.57 -21.27
N ARG E 118 -10.58 37.36 -20.63
CA ARG E 118 -11.69 36.91 -21.44
C ARG E 118 -12.53 38.06 -21.97
N ILE E 119 -13.57 37.67 -22.69
CA ILE E 119 -14.55 38.55 -23.28
C ILE E 119 -15.91 38.07 -22.80
N LYS E 120 -16.76 39.00 -22.41
CA LYS E 120 -18.18 38.72 -22.31
C LYS E 120 -18.84 39.24 -23.56
N PRO E 121 -19.33 38.37 -24.43
CA PRO E 121 -19.97 38.85 -25.65
C PRO E 121 -21.47 38.96 -25.46
N VAL E 122 -22.21 39.41 -26.47
CA VAL E 122 -23.58 39.84 -26.26
C VAL E 122 -24.65 38.90 -26.82
N PHE E 123 -24.33 38.08 -27.82
CA PHE E 123 -25.12 36.88 -28.16
C PHE E 123 -26.55 37.17 -28.61
N ILE E 124 -26.67 37.69 -29.83
CA ILE E 124 -27.97 37.72 -30.47
C ILE E 124 -28.41 36.31 -30.81
N ASP E 125 -29.70 36.10 -30.97
CA ASP E 125 -30.18 34.80 -31.42
C ASP E 125 -30.29 34.88 -32.94
N ASP E 126 -30.28 33.73 -33.60
CA ASP E 126 -30.03 33.78 -35.04
C ASP E 126 -30.83 32.71 -35.75
N ALA E 127 -31.01 32.91 -37.06
CA ALA E 127 -31.35 31.84 -37.97
C ALA E 127 -30.20 31.68 -38.96
N ASN E 128 -30.10 30.46 -39.52
CA ASN E 128 -28.99 29.77 -40.18
C ASN E 128 -28.01 29.19 -39.18
N PHE E 129 -28.12 29.62 -37.94
CA PHE E 129 -27.49 28.97 -36.81
C PHE E 129 -28.70 28.78 -35.92
N ARG E 130 -28.93 27.59 -35.39
CA ARG E 130 -30.06 27.53 -34.49
C ARG E 130 -29.55 27.65 -33.06
N ARG E 131 -28.73 28.67 -32.85
CA ARG E 131 -28.18 29.00 -31.53
C ARG E 131 -27.82 30.48 -31.42
N GLN E 132 -27.69 30.99 -30.19
CA GLN E 132 -27.32 32.39 -30.00
C GLN E 132 -25.88 32.58 -30.47
N VAL E 133 -25.61 33.66 -31.17
CA VAL E 133 -24.26 33.89 -31.69
C VAL E 133 -23.82 35.35 -31.70
N SER E 134 -22.51 35.56 -31.70
CA SER E 134 -21.93 36.90 -31.73
C SER E 134 -21.11 37.06 -33.01
N TYR E 135 -21.36 38.13 -33.75
CA TYR E 135 -20.67 38.39 -35.02
C TYR E 135 -19.50 39.35 -34.90
N GLN E 136 -19.09 39.66 -33.68
CA GLN E 136 -18.03 40.62 -33.47
C GLN E 136 -16.68 39.98 -33.27
N HIS E 137 -16.62 38.70 -32.96
CA HIS E 137 -15.36 38.01 -32.82
C HIS E 137 -15.56 36.53 -32.91
N ALA E 138 -14.45 35.81 -32.86
CA ALA E 138 -14.39 34.38 -32.98
C ALA E 138 -14.16 33.80 -31.61
N ALA E 139 -14.79 32.66 -31.36
CA ALA E 139 -14.64 31.93 -30.13
C ALA E 139 -13.41 31.10 -30.23
N VAL E 140 -12.98 30.51 -29.15
CA VAL E 140 -11.80 29.67 -29.17
C VAL E 140 -12.15 28.42 -28.40
N HIS E 141 -11.92 27.26 -28.99
CA HIS E 141 -12.08 25.98 -28.30
C HIS E 141 -10.71 25.47 -27.89
N ILE E 142 -10.47 25.31 -26.61
CA ILE E 142 -9.27 24.62 -26.14
C ILE E 142 -9.75 23.25 -25.68
N PRO E 143 -9.10 22.15 -26.04
CA PRO E 143 -9.53 20.87 -25.49
C PRO E 143 -9.22 20.77 -24.01
N THR E 144 -9.77 19.76 -23.37
CA THR E 144 -9.93 19.85 -21.93
C THR E 144 -8.64 19.51 -21.22
N ASP E 145 -7.96 18.47 -21.65
CA ASP E 145 -6.72 18.09 -21.00
C ASP E 145 -5.57 19.00 -21.40
N ILE E 146 -5.77 19.82 -22.42
CA ILE E 146 -4.81 20.86 -22.75
C ILE E 146 -5.02 22.09 -21.88
N TYR E 147 -3.97 22.52 -21.22
CA TYR E 147 -3.97 23.71 -20.39
C TYR E 147 -3.85 24.91 -21.30
N GLU E 148 -4.64 25.94 -21.00
CA GLU E 148 -4.49 27.18 -21.72
C GLU E 148 -3.77 28.20 -20.85
N GLY E 149 -2.89 28.96 -21.44
CA GLY E 149 -1.91 29.62 -20.64
C GLY E 149 -0.53 29.03 -20.74
N SER E 150 -0.42 27.87 -21.35
CA SER E 150 0.86 27.34 -21.75
C SER E 150 1.41 28.23 -22.83
N THR E 151 2.72 28.45 -22.80
CA THR E 151 3.37 29.29 -23.81
C THR E 151 3.07 28.82 -25.22
N ILE E 152 2.92 27.51 -25.39
CA ILE E 152 2.62 26.93 -26.69
C ILE E 152 1.20 27.27 -27.14
N VAL E 153 0.29 27.39 -26.17
CA VAL E 153 -1.09 27.72 -26.45
C VAL E 153 -1.32 29.23 -26.42
N LEU E 154 -0.63 29.90 -25.50
CA LEU E 154 -0.76 31.35 -25.37
C LEU E 154 -0.28 32.06 -26.64
N ASN E 155 0.70 31.48 -27.30
CA ASN E 155 1.26 32.05 -28.52
C ASN E 155 0.41 31.79 -29.74
N GLU E 156 -0.48 30.79 -29.72
CA GLU E 156 -1.48 30.70 -30.79
C GLU E 156 -2.50 31.79 -30.67
N LEU E 157 -3.04 31.99 -29.47
CA LEU E 157 -4.10 32.97 -29.28
C LEU E 157 -3.62 34.38 -29.53
N ASN E 158 -2.32 34.58 -29.50
CA ASN E 158 -1.75 35.81 -29.99
C ASN E 158 -1.79 35.85 -31.50
N TRP E 159 -1.11 34.93 -32.19
CA TRP E 159 -1.01 35.18 -33.63
C TRP E 159 -2.30 34.88 -34.35
N THR E 160 -3.15 34.03 -33.80
CA THR E 160 -4.33 33.60 -34.53
C THR E 160 -5.39 34.66 -34.45
N SER E 161 -5.17 35.69 -33.65
CA SER E 161 -6.15 36.74 -33.41
C SER E 161 -6.30 37.66 -34.59
N ALA E 162 -5.46 37.56 -35.60
CA ALA E 162 -5.61 38.33 -36.81
C ALA E 162 -6.55 37.67 -37.79
N LEU E 163 -7.10 36.52 -37.46
CA LEU E 163 -8.07 35.93 -38.33
C LEU E 163 -9.43 36.55 -38.19
N ASP E 164 -9.74 37.21 -37.06
CA ASP E 164 -11.08 37.75 -36.87
C ASP E 164 -11.40 38.85 -37.86
N ASP E 165 -10.43 39.46 -38.46
CA ASP E 165 -10.68 40.44 -39.49
C ASP E 165 -10.96 39.78 -40.82
N VAL E 166 -10.45 38.58 -41.06
CA VAL E 166 -10.68 37.92 -42.33
C VAL E 166 -11.93 37.07 -42.25
N PHE E 167 -12.15 36.45 -41.10
CA PHE E 167 -13.44 35.91 -40.73
C PHE E 167 -14.56 36.88 -41.03
N LYS E 168 -14.43 38.13 -40.62
CA LYS E 168 -15.51 39.09 -40.81
C LYS E 168 -15.71 39.49 -42.25
N LYS E 169 -14.62 39.45 -43.01
CA LYS E 169 -14.66 39.83 -44.42
C LYS E 169 -15.29 38.79 -45.33
N ASN E 170 -15.48 37.59 -44.80
CA ASN E 170 -16.09 36.49 -45.52
C ASN E 170 -17.61 36.51 -45.40
N ARG E 171 -18.09 36.88 -44.21
CA ARG E 171 -19.49 36.94 -43.93
C ARG E 171 -20.08 38.25 -44.39
N GLU E 172 -19.26 39.30 -44.47
CA GLU E 172 -19.79 40.56 -44.96
C GLU E 172 -20.13 40.35 -46.41
N GLU E 173 -19.20 39.73 -47.14
CA GLU E 173 -19.36 39.43 -48.55
C GLU E 173 -20.48 38.41 -48.80
N ASP E 174 -20.55 37.38 -47.97
CA ASP E 174 -21.59 36.36 -48.10
C ASP E 174 -22.34 36.18 -46.78
N PRO E 175 -23.63 36.67 -46.75
CA PRO E 175 -24.34 36.48 -45.47
C PRO E 175 -24.60 35.02 -45.07
N SER E 176 -24.89 34.19 -46.06
CA SER E 176 -25.24 32.78 -45.87
C SER E 176 -24.16 31.85 -45.28
N LEU E 177 -22.92 32.28 -45.27
CA LEU E 177 -21.83 31.45 -44.79
C LEU E 177 -22.00 30.93 -43.36
N LEU E 178 -21.68 29.65 -43.17
CA LEU E 178 -21.76 28.95 -41.88
C LEU E 178 -20.44 29.00 -41.12
N TRP E 179 -20.25 28.12 -40.13
CA TRP E 179 -19.02 28.19 -39.35
C TRP E 179 -17.77 28.31 -40.19
N GLN E 180 -16.86 29.15 -39.71
CA GLN E 180 -15.56 29.36 -40.32
C GLN E 180 -14.63 29.00 -39.18
N VAL E 181 -13.71 28.08 -39.38
CA VAL E 181 -12.83 27.70 -38.30
C VAL E 181 -11.41 27.38 -38.70
N PHE E 182 -10.47 27.64 -37.79
CA PHE E 182 -9.09 27.31 -38.03
C PHE E 182 -8.80 26.29 -36.95
N GLY E 183 -8.39 25.10 -37.34
CA GLY E 183 -8.04 24.09 -36.37
C GLY E 183 -6.53 24.12 -36.28
N SER E 184 -6.02 24.46 -35.11
CA SER E 184 -4.58 24.58 -34.88
C SER E 184 -3.82 23.27 -34.73
N ALA E 185 -2.53 23.28 -35.09
CA ALA E 185 -1.67 22.13 -34.92
C ALA E 185 -1.54 21.87 -33.43
N THR E 186 -1.57 22.97 -32.68
CA THR E 186 -1.47 23.02 -31.23
C THR E 186 -2.67 22.43 -30.51
N GLY E 187 -3.76 22.22 -31.25
CA GLY E 187 -4.97 21.67 -30.67
C GLY E 187 -5.98 22.71 -30.26
N LEU E 188 -5.71 23.96 -30.60
CA LEU E 188 -6.58 25.08 -30.28
C LEU E 188 -7.35 25.44 -31.54
N ALA E 189 -8.68 25.56 -31.46
CA ALA E 189 -9.53 25.91 -32.61
C ALA E 189 -10.29 27.21 -32.37
N ARG E 190 -10.33 28.07 -33.39
CA ARG E 190 -11.05 29.35 -33.40
C ARG E 190 -12.08 29.36 -34.53
N TYR E 191 -13.32 29.69 -34.20
CA TYR E 191 -14.38 29.72 -35.18
C TYR E 191 -15.16 30.99 -35.07
N TYR E 192 -15.80 31.37 -36.17
CA TYR E 192 -16.61 32.58 -36.24
C TYR E 192 -17.92 32.15 -36.89
N PRO E 193 -19.13 32.69 -36.45
CA PRO E 193 -19.09 33.63 -35.32
C PRO E 193 -19.09 32.93 -33.96
N ALA E 194 -18.73 33.67 -32.91
CA ALA E 194 -18.68 33.11 -31.55
C ALA E 194 -20.02 32.71 -30.94
N SER E 195 -20.03 31.58 -30.24
CA SER E 195 -21.21 31.08 -29.55
C SER E 195 -20.71 30.18 -28.44
N PRO E 196 -21.48 29.96 -27.38
CA PRO E 196 -20.92 29.06 -26.35
C PRO E 196 -20.95 27.63 -26.86
N TRP E 197 -19.92 26.86 -26.52
CA TRP E 197 -19.76 25.47 -26.90
C TRP E 197 -20.89 24.68 -26.28
N VAL E 198 -21.17 23.50 -26.81
CA VAL E 198 -22.38 22.81 -26.37
C VAL E 198 -22.19 22.08 -25.05
N ASP E 199 -20.99 21.58 -24.78
CA ASP E 199 -20.65 20.99 -23.50
C ASP E 199 -19.67 21.93 -22.82
N ASN E 200 -20.09 22.55 -21.73
CA ASN E 200 -19.09 23.19 -20.91
C ASN E 200 -18.32 22.11 -20.18
N SER E 201 -17.15 22.47 -19.65
CA SER E 201 -16.27 21.47 -19.05
C SER E 201 -16.86 20.93 -17.76
N ARG E 202 -17.03 21.79 -16.76
CA ARG E 202 -17.54 21.34 -15.47
C ARG E 202 -18.83 21.98 -14.96
N THR E 203 -19.47 22.82 -15.75
CA THR E 203 -20.71 23.43 -15.28
C THR E 203 -21.87 22.44 -15.40
N PRO E 204 -22.01 21.62 -16.48
CA PRO E 204 -22.76 20.37 -16.33
C PRO E 204 -21.89 19.24 -15.82
N ASN E 205 -22.42 18.02 -15.85
CA ASN E 205 -21.66 16.84 -15.45
C ASN E 205 -21.26 15.98 -16.64
N LYS E 206 -21.67 16.35 -17.85
CA LYS E 206 -21.06 15.76 -19.03
C LYS E 206 -19.89 16.63 -19.48
N ILE E 207 -18.78 15.98 -19.80
CA ILE E 207 -17.57 16.73 -20.15
C ILE E 207 -17.09 16.40 -21.54
N ASP E 208 -16.89 17.42 -22.34
CA ASP E 208 -16.44 17.21 -23.71
C ASP E 208 -14.98 16.78 -23.79
N LEU E 209 -14.73 15.85 -24.70
CA LEU E 209 -13.40 15.36 -24.95
C LEU E 209 -13.31 15.45 -26.46
N TYR E 210 -13.31 16.69 -26.93
CA TYR E 210 -13.26 17.02 -28.34
C TYR E 210 -11.92 17.62 -28.66
N ASP E 211 -11.25 17.05 -29.66
CA ASP E 211 -9.95 17.53 -30.08
C ASP E 211 -10.02 17.86 -31.56
N VAL E 212 -9.52 19.02 -31.94
CA VAL E 212 -9.55 19.45 -33.33
C VAL E 212 -8.74 18.52 -34.24
N ARG E 213 -7.60 18.07 -33.76
CA ARG E 213 -6.71 17.20 -34.53
C ARG E 213 -7.38 15.89 -34.88
N ARG E 214 -8.16 15.39 -33.95
CA ARG E 214 -8.89 14.15 -34.08
C ARG E 214 -9.95 14.20 -35.17
N ARG E 215 -10.54 15.38 -35.38
CA ARG E 215 -11.64 15.56 -36.31
C ARG E 215 -11.41 15.10 -37.75
N PRO E 216 -12.51 14.49 -38.35
CA PRO E 216 -12.28 14.04 -39.73
C PRO E 216 -11.95 15.14 -40.74
N TRP E 217 -12.59 16.30 -40.64
CA TRP E 217 -12.29 17.38 -41.57
C TRP E 217 -10.84 17.80 -41.43
N TYR E 218 -10.35 17.85 -40.21
CA TYR E 218 -8.97 18.23 -39.97
C TYR E 218 -8.02 17.22 -40.58
N ILE E 219 -8.33 15.95 -40.42
CA ILE E 219 -7.51 14.87 -40.94
C ILE E 219 -7.41 14.75 -42.46
N GLN E 220 -8.48 15.02 -43.21
CA GLN E 220 -8.38 14.85 -44.64
C GLN E 220 -7.50 15.91 -45.28
N GLY E 221 -7.16 16.98 -44.58
CA GLY E 221 -6.52 18.10 -45.22
C GLY E 221 -5.20 18.24 -44.52
N ALA E 222 -5.04 17.43 -43.51
CA ALA E 222 -3.77 17.26 -42.86
C ALA E 222 -2.75 16.56 -43.73
N ALA E 223 -3.20 15.68 -44.62
CA ALA E 223 -2.37 14.61 -45.15
C ALA E 223 -3.16 13.93 -46.24
N SER E 224 -2.53 13.03 -46.91
CA SER E 224 -2.99 12.31 -48.08
C SER E 224 -3.53 10.94 -47.65
N PRO E 225 -4.35 10.25 -48.46
CA PRO E 225 -4.98 9.01 -47.99
C PRO E 225 -3.97 7.92 -47.75
N LYS E 226 -4.26 6.89 -46.98
CA LYS E 226 -3.19 5.95 -46.75
C LYS E 226 -3.51 4.50 -46.48
N ASP E 227 -2.70 3.60 -47.04
CA ASP E 227 -2.88 2.17 -46.82
C ASP E 227 -2.06 1.78 -45.62
N MET E 228 -2.66 1.74 -44.45
CA MET E 228 -1.88 1.35 -43.31
C MET E 228 -2.04 -0.10 -42.99
N LEU E 229 -1.40 -0.59 -41.94
CA LEU E 229 -1.42 -2.01 -41.66
C LEU E 229 -0.94 -2.08 -40.24
N ILE E 230 -1.79 -2.41 -39.30
CA ILE E 230 -1.41 -2.34 -37.89
C ILE E 230 -0.81 -3.68 -37.53
N LEU E 231 0.41 -3.70 -37.03
CA LEU E 231 0.90 -4.95 -36.45
C LEU E 231 0.68 -4.93 -34.97
N VAL E 232 0.32 -6.06 -34.42
CA VAL E 232 0.13 -6.14 -33.00
C VAL E 232 1.08 -7.18 -32.48
N ASP E 233 1.85 -6.86 -31.44
CA ASP E 233 2.76 -7.85 -30.88
C ASP E 233 1.97 -8.64 -29.84
N VAL E 234 1.85 -9.94 -30.05
CA VAL E 234 1.08 -10.82 -29.15
C VAL E 234 1.90 -11.84 -28.36
N SER E 235 3.17 -11.57 -28.18
CA SER E 235 4.05 -12.47 -27.45
C SER E 235 3.66 -12.45 -25.98
N GLY E 236 4.14 -13.43 -25.23
CA GLY E 236 3.80 -13.57 -23.82
C GLY E 236 4.13 -12.40 -22.91
N SER E 237 5.24 -11.72 -23.17
CA SER E 237 5.65 -10.60 -22.34
C SER E 237 4.61 -9.47 -22.29
N VAL E 238 3.91 -9.27 -23.40
CA VAL E 238 2.89 -8.23 -23.50
C VAL E 238 1.71 -8.46 -22.57
N SER E 239 1.36 -9.71 -22.32
CA SER E 239 0.21 -9.98 -21.46
C SER E 239 0.41 -9.28 -20.13
N GLY E 240 -0.63 -8.59 -19.69
CA GLY E 240 -0.58 -7.85 -18.45
C GLY E 240 -1.20 -6.50 -18.71
N LEU E 241 -0.69 -5.48 -18.05
CA LEU E 241 -1.18 -4.12 -18.23
C LEU E 241 -0.94 -3.65 -19.65
N THR E 242 0.21 -4.02 -20.21
CA THR E 242 0.56 -3.64 -21.58
C THR E 242 -0.37 -4.18 -22.66
N LEU E 243 -0.81 -5.42 -22.53
CA LEU E 243 -1.72 -6.01 -23.50
C LEU E 243 -3.04 -5.24 -23.48
N LYS E 244 -3.46 -4.83 -22.29
CA LYS E 244 -4.69 -4.09 -22.10
C LYS E 244 -4.63 -2.77 -22.85
N LEU E 245 -3.48 -2.11 -22.79
CA LEU E 245 -3.26 -0.83 -23.46
C LEU E 245 -3.30 -0.90 -24.99
N ILE E 246 -2.76 -1.96 -25.57
CA ILE E 246 -2.71 -2.12 -27.03
C ILE E 246 -4.08 -2.20 -27.73
N ARG E 247 -5.01 -2.93 -27.12
CA ARG E 247 -6.36 -3.09 -27.64
C ARG E 247 -7.11 -1.78 -27.72
N THR E 248 -6.69 -0.78 -26.96
CA THR E 248 -7.34 0.51 -26.87
C THR E 248 -6.64 1.53 -27.72
N SER E 249 -5.36 1.33 -27.99
CA SER E 249 -4.64 2.12 -28.96
C SER E 249 -5.10 1.80 -30.38
N VAL E 250 -5.21 0.52 -30.73
CA VAL E 250 -5.58 0.14 -32.10
C VAL E 250 -7.00 0.60 -32.42
N SER E 251 -7.89 0.48 -31.46
CA SER E 251 -9.24 0.97 -31.66
C SER E 251 -9.12 2.48 -31.85
N GLU E 252 -8.27 3.12 -31.05
CA GLU E 252 -8.03 4.56 -31.14
C GLU E 252 -7.37 4.98 -32.45
N MET E 253 -6.42 4.18 -32.90
CA MET E 253 -5.69 4.44 -34.14
C MET E 253 -6.65 4.43 -35.33
N LEU E 254 -7.61 3.52 -35.30
CA LEU E 254 -8.61 3.39 -36.36
C LEU E 254 -9.53 4.60 -36.51
N GLU E 255 -9.93 5.21 -35.39
CA GLU E 255 -10.82 6.34 -35.35
C GLU E 255 -10.28 7.33 -36.37
N THR E 256 -8.96 7.39 -36.41
CA THR E 256 -8.19 8.24 -37.29
C THR E 256 -8.41 7.94 -38.77
N LEU E 257 -8.60 6.67 -39.10
CA LEU E 257 -8.79 6.24 -40.49
C LEU E 257 -10.10 6.72 -41.13
N SER E 258 -10.07 6.84 -42.45
CA SER E 258 -11.19 7.33 -43.25
C SER E 258 -11.52 6.36 -44.38
N ASP E 259 -12.63 6.60 -45.06
CA ASP E 259 -13.06 5.73 -46.16
C ASP E 259 -12.04 5.64 -47.29
N ASP E 260 -11.37 6.74 -47.58
CA ASP E 260 -10.34 6.77 -48.63
C ASP E 260 -9.09 6.01 -48.19
N ASP E 261 -9.00 5.72 -46.90
CA ASP E 261 -7.85 5.07 -46.33
C ASP E 261 -8.12 3.60 -46.26
N PHE E 262 -7.17 2.76 -46.65
CA PHE E 262 -7.38 1.32 -46.56
C PHE E 262 -6.60 0.81 -45.38
N VAL E 263 -7.06 -0.26 -44.75
CA VAL E 263 -6.39 -0.73 -43.58
C VAL E 263 -6.72 -2.14 -43.22
N ASN E 264 -5.72 -2.90 -42.81
CA ASN E 264 -5.91 -4.25 -42.33
C ASN E 264 -5.23 -4.37 -40.97
N VAL E 265 -5.41 -5.45 -40.25
CA VAL E 265 -4.74 -5.52 -38.94
C VAL E 265 -4.19 -6.92 -38.77
N ALA E 266 -2.89 -7.05 -38.58
CA ALA E 266 -2.22 -8.33 -38.40
C ALA E 266 -1.76 -8.43 -36.96
N SER E 267 -1.19 -9.57 -36.60
CA SER E 267 -0.74 -9.82 -35.25
C SER E 267 0.26 -10.95 -35.28
N PHE E 268 1.36 -10.86 -34.55
CA PHE E 268 2.40 -11.88 -34.59
C PHE E 268 2.82 -12.38 -33.21
N ASN E 269 3.05 -13.69 -33.11
CA ASN E 269 3.80 -14.34 -32.03
C ASN E 269 4.42 -15.62 -32.60
N SER E 270 5.64 -15.51 -33.13
CA SER E 270 6.36 -16.56 -33.85
C SER E 270 5.68 -17.08 -35.12
N ASN E 271 4.48 -16.60 -35.42
CA ASN E 271 3.82 -16.69 -36.72
C ASN E 271 2.95 -15.45 -36.79
N ALA E 272 2.79 -14.92 -37.98
CA ALA E 272 1.86 -13.82 -38.16
C ALA E 272 0.60 -14.34 -38.81
N GLN E 273 -0.44 -14.39 -38.02
CA GLN E 273 -1.81 -14.48 -38.44
C GLN E 273 -2.35 -13.09 -38.69
N ASP E 274 -3.56 -13.01 -39.23
CA ASP E 274 -4.23 -11.73 -39.43
C ASP E 274 -5.44 -11.76 -38.51
N VAL E 275 -5.60 -10.72 -37.72
CA VAL E 275 -6.64 -10.62 -36.71
C VAL E 275 -8.10 -10.98 -37.03
N SER E 276 -8.55 -10.88 -38.27
CA SER E 276 -9.95 -11.16 -38.54
C SER E 276 -10.20 -12.04 -39.75
N CYS E 277 -11.25 -11.72 -40.49
CA CYS E 277 -11.56 -12.50 -41.66
C CYS E 277 -11.05 -11.92 -42.98
N PHE E 278 -10.17 -10.92 -42.98
CA PHE E 278 -10.09 -10.11 -44.20
C PHE E 278 -9.01 -10.54 -45.15
N GLN E 279 -7.75 -10.53 -44.70
CA GLN E 279 -6.52 -10.96 -45.37
C GLN E 279 -6.01 -9.98 -46.42
N HIS E 280 -6.73 -8.95 -46.77
CA HIS E 280 -6.13 -7.89 -47.57
C HIS E 280 -6.56 -6.57 -46.98
N LEU E 281 -6.03 -5.50 -47.54
CA LEU E 281 -6.35 -4.18 -47.03
C LEU E 281 -7.74 -3.83 -47.50
N VAL E 282 -8.62 -3.47 -46.57
CA VAL E 282 -10.02 -3.24 -46.86
C VAL E 282 -10.32 -1.78 -46.61
N GLN E 283 -11.51 -1.32 -47.00
CA GLN E 283 -11.75 0.10 -47.23
C GLN E 283 -11.80 0.92 -45.95
N ALA E 284 -11.88 0.32 -44.78
CA ALA E 284 -11.87 1.05 -43.50
C ALA E 284 -13.00 2.06 -43.43
N ASN E 285 -14.14 1.66 -43.97
CA ASN E 285 -15.40 2.35 -43.82
C ASN E 285 -15.95 2.03 -42.44
N VAL E 286 -17.16 2.44 -42.13
CA VAL E 286 -17.72 2.28 -40.79
C VAL E 286 -17.85 0.82 -40.41
N ARG E 287 -18.21 0.01 -41.40
CA ARG E 287 -18.41 -1.40 -41.18
C ARG E 287 -17.10 -2.15 -41.05
N ASN E 288 -16.25 -2.05 -42.06
CA ASN E 288 -15.01 -2.81 -41.97
C ASN E 288 -14.29 -2.50 -40.68
N LYS E 289 -14.18 -1.23 -40.29
CA LYS E 289 -13.50 -0.85 -39.06
C LYS E 289 -14.13 -1.46 -37.84
N LYS E 290 -15.43 -1.71 -37.94
CA LYS E 290 -16.21 -2.31 -36.85
C LYS E 290 -15.88 -3.76 -36.67
N VAL E 291 -15.48 -4.41 -37.75
CA VAL E 291 -15.07 -5.80 -37.70
C VAL E 291 -13.69 -5.90 -37.06
N LEU E 292 -12.78 -5.05 -37.49
CA LEU E 292 -11.42 -5.00 -36.98
C LEU E 292 -11.40 -4.57 -35.53
N LYS E 293 -12.21 -3.61 -35.14
CA LYS E 293 -12.29 -3.22 -33.73
C LYS E 293 -12.98 -4.23 -32.86
N ASP E 294 -13.54 -5.26 -33.44
CA ASP E 294 -14.19 -6.32 -32.70
C ASP E 294 -13.33 -7.57 -32.65
N ALA E 295 -12.33 -7.68 -33.52
CA ALA E 295 -11.34 -8.72 -33.45
C ALA E 295 -10.10 -8.30 -32.74
N VAL E 296 -9.81 -7.02 -32.65
CA VAL E 296 -8.65 -6.58 -31.88
C VAL E 296 -8.85 -6.92 -30.40
N ASN E 297 -10.09 -6.78 -29.93
CA ASN E 297 -10.49 -7.00 -28.54
C ASN E 297 -10.34 -8.38 -27.89
N ASN E 298 -10.51 -9.44 -28.67
CA ASN E 298 -10.46 -10.82 -28.18
C ASN E 298 -9.09 -11.46 -28.11
N ILE E 299 -8.06 -10.70 -28.45
CA ILE E 299 -6.70 -11.22 -28.49
C ILE E 299 -6.15 -11.65 -27.12
N THR E 300 -5.41 -12.76 -27.15
CA THR E 300 -4.75 -13.39 -26.01
C THR E 300 -3.26 -13.48 -26.32
N ALA E 301 -2.44 -13.10 -25.35
CA ALA E 301 -1.01 -13.11 -25.53
C ALA E 301 -0.45 -14.46 -25.16
N LYS E 302 0.33 -15.04 -26.07
CA LYS E 302 1.07 -16.26 -25.79
C LYS E 302 2.12 -16.42 -26.87
N GLY E 303 3.36 -16.64 -26.50
CA GLY E 303 4.33 -17.24 -27.40
C GLY E 303 5.53 -16.35 -27.62
N ILE E 304 6.48 -16.88 -28.40
CA ILE E 304 7.74 -16.20 -28.65
C ILE E 304 7.50 -15.02 -29.59
N THR E 305 8.23 -13.93 -29.36
CA THR E 305 8.18 -12.78 -30.24
C THR E 305 9.04 -13.03 -31.47
N ASP E 306 8.53 -12.76 -32.66
CA ASP E 306 9.37 -12.87 -33.86
C ASP E 306 9.13 -11.66 -34.74
N TYR E 307 10.06 -10.72 -34.74
CA TYR E 307 9.92 -9.58 -35.63
C TYR E 307 10.28 -9.90 -37.06
N LYS E 308 10.75 -11.09 -37.36
CA LYS E 308 11.04 -11.34 -38.74
C LYS E 308 9.82 -11.87 -39.48
N LYS E 309 9.03 -12.72 -38.85
CA LYS E 309 7.80 -13.18 -39.48
C LYS E 309 6.71 -12.15 -39.37
N GLY E 310 6.86 -11.18 -38.47
CA GLY E 310 5.91 -10.11 -38.36
C GLY E 310 6.07 -9.05 -39.41
N PHE E 311 7.29 -8.79 -39.85
CA PHE E 311 7.48 -7.87 -40.95
C PHE E 311 7.55 -8.54 -42.28
N SER E 312 7.62 -9.85 -42.35
CA SER E 312 7.44 -10.44 -43.66
C SER E 312 5.98 -10.44 -44.02
N PHE E 313 5.16 -10.80 -43.06
CA PHE E 313 3.73 -10.85 -43.26
C PHE E 313 3.26 -9.44 -43.56
N ALA E 314 3.80 -8.42 -42.90
CA ALA E 314 3.37 -7.06 -43.20
C ALA E 314 3.65 -6.57 -44.65
N PHE E 315 4.85 -6.81 -45.14
CA PHE E 315 5.24 -6.39 -46.49
C PHE E 315 4.45 -7.07 -47.60
N GLU E 316 4.18 -8.35 -47.40
CA GLU E 316 3.42 -9.14 -48.36
C GLU E 316 2.02 -8.56 -48.43
N GLN E 317 1.47 -8.16 -47.28
CA GLN E 317 0.14 -7.57 -47.21
C GLN E 317 0.16 -6.27 -47.98
N LEU E 318 1.23 -5.52 -47.82
CA LEU E 318 1.42 -4.25 -48.51
C LEU E 318 1.53 -4.37 -50.04
N LEU E 319 1.95 -5.52 -50.54
CA LEU E 319 2.11 -5.72 -52.00
C LEU E 319 1.00 -6.44 -52.82
N ASN E 320 -0.23 -6.54 -52.32
CA ASN E 320 -1.31 -7.29 -52.97
C ASN E 320 -1.69 -6.79 -54.38
N TYR E 321 -1.81 -5.49 -54.58
CA TYR E 321 -2.05 -4.94 -55.92
C TYR E 321 -3.13 -5.63 -56.76
N ASN E 322 -3.70 -6.72 -56.28
CA ASN E 322 -4.89 -7.23 -56.93
C ASN E 322 -6.15 -6.58 -56.39
N VAL E 323 -6.15 -6.33 -55.09
CA VAL E 323 -7.28 -5.74 -54.44
C VAL E 323 -7.40 -4.27 -54.83
N SER E 324 -8.52 -3.67 -54.43
CA SER E 324 -8.70 -2.24 -54.61
C SER E 324 -7.80 -1.62 -53.54
N ARG E 325 -7.05 -0.58 -53.88
CA ARG E 325 -6.17 0.04 -52.87
C ARG E 325 -6.05 1.55 -52.96
N ALA E 326 -5.62 2.14 -51.86
CA ALA E 326 -5.37 3.57 -51.80
C ALA E 326 -4.13 3.89 -52.63
N ASN E 327 -3.12 3.04 -52.51
CA ASN E 327 -1.87 3.21 -53.24
C ASN E 327 -1.12 4.52 -52.94
N CYS E 328 -1.33 5.10 -51.79
CA CYS E 328 -0.68 6.36 -51.49
C CYS E 328 0.42 6.15 -50.45
N ASN E 329 0.23 6.71 -49.25
CA ASN E 329 1.24 6.53 -48.23
C ASN E 329 1.16 5.09 -47.82
N LYS E 330 2.27 4.37 -47.87
CA LYS E 330 2.26 2.99 -47.43
C LYS E 330 3.01 3.01 -46.12
N ILE E 331 2.34 2.63 -45.04
CA ILE E 331 2.99 2.66 -43.74
C ILE E 331 2.59 1.48 -42.86
N ILE E 332 3.50 1.02 -42.03
CA ILE E 332 3.19 -0.09 -41.12
C ILE E 332 3.55 0.33 -39.71
N MET E 333 2.63 0.17 -38.78
CA MET E 333 2.90 0.56 -37.40
C MET E 333 2.80 -0.61 -36.45
N LEU E 334 3.83 -0.83 -35.65
CA LEU E 334 3.80 -1.94 -34.73
C LEU E 334 3.67 -1.52 -33.29
N PHE E 335 2.74 -2.16 -32.57
CA PHE E 335 2.57 -1.90 -31.15
C PHE E 335 3.29 -3.03 -30.42
N THR E 336 4.26 -2.67 -29.59
CA THR E 336 5.07 -3.67 -28.87
C THR E 336 5.72 -3.06 -27.65
N ASP E 337 6.24 -3.88 -26.73
CA ASP E 337 6.84 -3.27 -25.55
C ASP E 337 8.36 -3.11 -25.59
N GLY E 338 9.07 -4.20 -25.86
CA GLY E 338 10.51 -4.13 -25.93
C GLY E 338 11.06 -5.10 -26.95
N GLY E 339 12.11 -4.71 -27.65
CA GLY E 339 12.69 -5.57 -28.66
C GLY E 339 14.19 -5.78 -28.55
N GLU E 340 14.61 -7.03 -28.58
CA GLU E 340 16.03 -7.34 -28.50
C GLU E 340 16.64 -7.51 -29.90
N GLU E 341 15.79 -7.61 -30.91
CA GLU E 341 16.24 -7.80 -32.29
C GLU E 341 15.76 -6.67 -33.20
N ARG E 342 16.67 -6.09 -33.98
CA ARG E 342 16.30 -5.01 -34.88
C ARG E 342 15.80 -5.47 -36.25
N ALA E 343 15.91 -6.75 -36.55
CA ALA E 343 15.43 -7.27 -37.83
C ALA E 343 16.00 -6.51 -39.02
N GLN E 344 17.31 -6.30 -39.03
CA GLN E 344 17.96 -5.54 -40.09
C GLN E 344 17.78 -6.14 -41.48
N GLU E 345 17.78 -7.46 -41.56
CA GLU E 345 17.62 -8.13 -42.85
C GLU E 345 16.28 -7.96 -43.57
N ILE E 346 15.16 -7.92 -42.85
CA ILE E 346 13.86 -7.80 -43.50
C ILE E 346 13.72 -6.45 -44.16
N PHE E 347 14.22 -5.40 -43.53
CA PHE E 347 14.12 -4.08 -44.10
C PHE E 347 15.06 -3.86 -45.25
N ALA E 348 16.13 -4.63 -45.38
CA ALA E 348 17.02 -4.32 -46.48
C ALA E 348 16.35 -4.51 -47.85
N LYS E 349 15.72 -5.66 -48.01
CA LYS E 349 15.08 -5.94 -49.28
C LYS E 349 13.65 -5.42 -49.44
N TYR E 350 12.81 -5.76 -48.48
CA TYR E 350 11.41 -5.40 -48.58
C TYR E 350 11.30 -3.93 -48.79
N ASN E 351 12.10 -3.16 -48.07
CA ASN E 351 12.11 -1.73 -48.33
C ASN E 351 13.52 -1.20 -48.40
N LYS E 352 14.25 -1.61 -49.44
CA LYS E 352 15.60 -1.08 -49.62
C LYS E 352 15.63 0.45 -49.87
N ASP E 353 14.66 0.98 -50.62
CA ASP E 353 14.58 2.41 -50.96
C ASP E 353 13.68 3.19 -50.02
N LYS E 354 13.24 2.54 -48.94
CA LYS E 354 12.39 3.17 -47.96
C LYS E 354 11.02 3.64 -48.44
N LYS E 355 10.39 2.90 -49.34
CA LYS E 355 9.07 3.30 -49.81
C LYS E 355 8.08 3.28 -48.65
N VAL E 356 8.17 2.24 -47.82
CA VAL E 356 7.31 2.08 -46.65
C VAL E 356 7.80 2.91 -45.46
N ARG E 357 6.89 3.29 -44.58
CA ARG E 357 7.25 4.08 -43.40
C ARG E 357 6.94 3.22 -42.19
N VAL E 358 7.85 3.14 -41.25
CA VAL E 358 7.59 2.32 -40.07
C VAL E 358 7.49 3.15 -38.80
N PHE E 359 6.41 2.94 -38.06
CA PHE E 359 6.18 3.62 -36.80
C PHE E 359 6.15 2.54 -35.73
N THR E 360 6.94 2.69 -34.68
CA THR E 360 7.02 1.71 -33.62
C THR E 360 6.43 2.34 -32.36
N PHE E 361 5.57 1.62 -31.66
CA PHE E 361 4.99 2.15 -30.45
C PHE E 361 5.40 1.28 -29.27
N SER E 362 5.91 1.88 -28.22
CA SER E 362 6.29 1.13 -27.04
C SER E 362 5.21 1.46 -26.04
N VAL E 363 4.54 0.43 -25.51
CA VAL E 363 3.43 0.68 -24.60
C VAL E 363 3.53 0.02 -23.23
N GLY E 364 2.94 0.69 -22.25
CA GLY E 364 2.91 0.24 -20.87
C GLY E 364 4.15 0.60 -20.09
N GLN E 365 4.16 0.24 -18.81
CA GLN E 365 5.30 0.52 -17.96
C GLN E 365 6.02 -0.80 -17.93
N HIS E 366 7.22 -0.82 -18.47
CA HIS E 366 7.99 -2.05 -18.53
C HIS E 366 9.46 -1.77 -18.63
N ASN E 367 10.23 -2.83 -18.46
CA ASN E 367 11.68 -2.74 -18.54
C ASN E 367 12.24 -3.31 -19.83
N TYR E 368 11.43 -3.56 -20.87
CA TYR E 368 12.12 -4.15 -22.00
C TYR E 368 12.82 -3.08 -22.80
N ASP E 369 13.90 -3.48 -23.47
CA ASP E 369 14.75 -2.56 -24.21
C ASP E 369 14.04 -1.89 -25.38
N ARG E 370 14.17 -0.57 -25.44
CA ARG E 370 13.54 0.19 -26.49
C ARG E 370 14.51 0.66 -27.57
N GLY E 371 15.79 0.39 -27.43
CA GLY E 371 16.72 0.84 -28.46
C GLY E 371 16.49 0.27 -29.84
N PRO E 372 16.21 -1.09 -29.89
CA PRO E 372 16.00 -1.61 -31.25
C PRO E 372 14.78 -1.03 -31.98
N ILE E 373 13.68 -0.83 -31.25
CA ILE E 373 12.46 -0.29 -31.82
C ILE E 373 12.68 1.14 -32.33
N GLN E 374 13.40 1.93 -31.54
CA GLN E 374 13.71 3.29 -31.92
C GLN E 374 14.54 3.25 -33.18
N TRP E 375 15.48 2.31 -33.24
CA TRP E 375 16.31 2.21 -34.41
C TRP E 375 15.46 1.89 -35.64
N MET E 376 14.50 0.99 -35.50
CA MET E 376 13.67 0.66 -36.65
C MET E 376 12.95 1.90 -37.12
N ALA E 377 12.40 2.65 -36.16
CA ALA E 377 11.67 3.85 -36.57
C ALA E 377 12.56 4.85 -37.29
N CYS E 378 13.77 5.04 -36.76
CA CYS E 378 14.71 5.97 -37.37
C CYS E 378 15.16 5.56 -38.76
N GLU E 379 15.37 4.26 -38.94
CA GLU E 379 15.84 3.73 -40.22
C GLU E 379 14.85 3.92 -41.35
N ASN E 380 13.57 3.77 -41.02
CA ASN E 380 12.48 3.84 -41.98
C ASN E 380 11.76 5.18 -42.15
N LYS E 381 12.27 6.27 -41.55
CA LYS E 381 11.59 7.56 -41.74
C LYS E 381 10.17 7.61 -41.22
N GLY E 382 9.99 6.98 -40.06
CA GLY E 382 8.74 6.88 -39.34
C GLY E 382 8.86 7.73 -38.12
N TYR E 383 8.38 7.26 -36.98
CA TYR E 383 8.50 8.01 -35.78
C TYR E 383 8.38 7.06 -34.61
N TYR E 384 8.72 7.52 -33.43
CA TYR E 384 8.55 6.68 -32.26
C TYR E 384 7.62 7.34 -31.25
N TYR E 385 6.75 6.54 -30.65
CA TYR E 385 5.76 7.02 -29.70
C TYR E 385 5.65 6.06 -28.55
N GLU E 386 5.78 6.56 -27.34
CA GLU E 386 5.48 5.77 -26.17
C GLU E 386 4.06 6.00 -25.75
N ILE E 387 3.47 5.00 -25.14
CA ILE E 387 2.17 5.12 -24.51
C ILE E 387 2.25 4.40 -23.18
N PRO E 388 2.35 5.06 -22.05
CA PRO E 388 2.27 4.32 -20.79
C PRO E 388 0.88 4.19 -20.18
N SER E 389 -0.11 4.91 -20.64
CA SER E 389 -1.27 5.20 -19.82
C SER E 389 -2.46 5.35 -20.73
N ILE E 390 -3.66 5.40 -20.17
CA ILE E 390 -4.82 5.49 -21.04
C ILE E 390 -4.96 6.92 -21.52
N GLY E 391 -4.63 7.89 -20.69
CA GLY E 391 -4.70 9.27 -21.11
C GLY E 391 -3.63 9.69 -22.07
N ALA E 392 -2.69 8.83 -22.36
CA ALA E 392 -1.64 9.08 -23.32
C ALA E 392 -1.97 8.51 -24.68
N ILE E 393 -3.06 7.75 -24.80
CA ILE E 393 -3.41 7.07 -26.04
C ILE E 393 -3.92 8.09 -27.05
N ARG E 394 -4.74 9.00 -26.58
CA ARG E 394 -5.42 9.95 -27.45
C ARG E 394 -4.61 10.97 -28.24
N ILE E 395 -3.39 11.26 -27.85
CA ILE E 395 -2.56 12.24 -28.54
C ILE E 395 -1.40 11.63 -29.22
N ASN E 396 -1.22 10.34 -29.15
CA ASN E 396 -0.13 9.67 -29.82
C ASN E 396 -0.61 8.81 -30.94
N THR E 397 -1.86 8.41 -30.91
CA THR E 397 -2.47 7.72 -32.01
C THR E 397 -3.15 8.66 -32.95
N GLN E 398 -2.97 9.95 -32.78
CA GLN E 398 -3.39 10.89 -33.77
C GLN E 398 -2.25 11.67 -34.35
N GLU E 399 -1.07 11.56 -33.77
CA GLU E 399 0.09 12.40 -33.97
C GLU E 399 0.91 11.98 -35.17
N TYR E 400 0.62 10.84 -35.76
CA TYR E 400 1.41 10.39 -36.90
C TYR E 400 1.12 11.19 -38.15
N LEU E 401 0.04 11.96 -38.18
CA LEU E 401 -0.28 12.81 -39.31
C LEU E 401 0.61 14.02 -39.39
N ASP E 402 1.36 14.31 -38.35
CA ASP E 402 2.41 15.31 -38.49
C ASP E 402 3.55 14.79 -39.34
N VAL E 403 3.77 13.49 -39.36
CA VAL E 403 4.83 12.93 -40.19
C VAL E 403 4.38 12.81 -41.62
N LEU E 404 3.17 12.30 -41.83
CA LEU E 404 2.60 12.08 -43.14
C LEU E 404 2.24 13.35 -43.86
N GLY E 405 2.21 14.45 -43.18
CA GLY E 405 1.94 15.68 -43.84
C GLY E 405 3.12 16.33 -44.42
N ARG E 406 4.31 15.83 -44.06
CA ARG E 406 5.55 16.47 -44.48
C ARG E 406 5.72 16.56 -45.98
N PRO E 407 5.46 15.55 -46.81
CA PRO E 407 5.77 15.76 -48.22
C PRO E 407 4.69 16.48 -48.96
N MET E 408 3.65 16.86 -48.24
CA MET E 408 2.64 17.78 -48.72
C MET E 408 3.09 19.20 -48.49
N VAL E 409 3.72 19.50 -47.37
CA VAL E 409 4.16 20.87 -47.12
C VAL E 409 5.41 21.20 -47.92
N LEU E 410 6.05 20.19 -48.51
CA LEU E 410 7.12 20.43 -49.45
C LEU E 410 6.63 20.48 -50.88
N ALA E 411 5.36 20.24 -51.10
CA ALA E 411 4.81 20.34 -52.44
C ALA E 411 4.45 21.77 -52.77
N GLY E 412 4.35 22.64 -51.79
CA GLY E 412 4.13 24.04 -52.09
C GLY E 412 2.69 24.38 -52.35
N ASP E 413 2.45 25.20 -53.36
CA ASP E 413 1.10 25.60 -53.71
C ASP E 413 0.30 24.47 -54.32
N LYS E 414 0.98 23.51 -54.93
CA LYS E 414 0.30 22.39 -55.53
C LYS E 414 -0.51 21.61 -54.51
N ALA E 415 -0.12 21.68 -53.26
CA ALA E 415 -0.81 20.97 -52.20
C ALA E 415 -1.98 21.72 -51.62
N LYS E 416 -2.26 22.93 -52.09
CA LYS E 416 -3.34 23.71 -51.54
C LYS E 416 -4.52 23.53 -52.48
N GLN E 417 -5.22 22.44 -52.24
CA GLN E 417 -6.42 22.08 -52.95
C GLN E 417 -7.52 21.90 -51.94
N VAL E 418 -8.67 22.49 -52.21
CA VAL E 418 -9.83 22.29 -51.37
C VAL E 418 -10.33 20.86 -51.54
N GLN E 419 -10.67 20.22 -50.44
CA GLN E 419 -11.29 18.91 -50.44
C GLN E 419 -12.55 19.02 -49.62
N TRP E 420 -13.59 18.30 -49.98
CA TRP E 420 -14.86 18.37 -49.28
C TRP E 420 -15.11 17.04 -48.58
N THR E 421 -15.52 17.09 -47.33
CA THR E 421 -15.74 15.91 -46.49
C THR E 421 -17.05 15.16 -46.70
N ASN E 422 -17.13 13.97 -46.14
CA ASN E 422 -18.33 13.16 -46.20
C ASN E 422 -19.33 13.86 -45.31
N VAL E 423 -20.62 13.68 -45.56
CA VAL E 423 -21.62 14.33 -44.73
C VAL E 423 -21.50 13.79 -43.31
N TYR E 424 -21.61 14.67 -42.33
CA TYR E 424 -21.52 14.26 -40.93
C TYR E 424 -22.28 15.26 -40.08
N LEU E 425 -22.66 14.86 -38.88
CA LEU E 425 -23.37 15.78 -38.00
C LEU E 425 -22.38 16.81 -37.44
N ASP E 426 -22.78 18.07 -37.46
CA ASP E 426 -21.95 19.17 -36.99
C ASP E 426 -21.70 19.13 -35.48
N ALA E 427 -20.51 19.57 -35.06
CA ALA E 427 -20.16 19.57 -33.65
C ALA E 427 -21.12 20.43 -32.85
N LEU E 428 -21.56 21.53 -33.47
CA LEU E 428 -22.44 22.49 -32.83
C LEU E 428 -23.95 22.28 -33.00
N GLU E 429 -24.34 21.11 -33.52
CA GLU E 429 -25.75 20.78 -33.69
C GLU E 429 -26.48 21.41 -34.87
N LEU E 430 -25.71 21.86 -35.85
CA LEU E 430 -26.28 22.49 -37.04
C LEU E 430 -27.14 21.55 -37.87
N GLY E 431 -26.70 20.30 -38.00
CA GLY E 431 -27.41 19.30 -38.79
C GLY E 431 -26.40 18.63 -39.68
N LEU E 432 -26.86 17.93 -40.72
CA LEU E 432 -25.93 17.29 -41.63
C LEU E 432 -25.14 18.36 -42.36
N VAL E 433 -23.83 18.17 -42.50
CA VAL E 433 -23.00 19.15 -43.19
C VAL E 433 -21.72 18.55 -43.75
N ILE E 434 -21.09 19.28 -44.66
CA ILE E 434 -19.83 18.88 -45.27
C ILE E 434 -18.93 20.09 -45.11
N THR E 435 -17.64 19.86 -44.93
CA THR E 435 -16.67 20.92 -44.70
C THR E 435 -15.61 20.92 -45.80
N GLY E 436 -15.20 22.09 -46.27
CA GLY E 436 -14.19 22.13 -47.29
C GLY E 436 -12.93 22.55 -46.58
N THR E 437 -11.86 21.78 -46.71
CA THR E 437 -10.63 22.07 -46.00
C THR E 437 -9.45 22.47 -46.86
N LEU E 438 -8.52 23.19 -46.24
CA LEU E 438 -7.32 23.65 -46.86
C LEU E 438 -6.27 23.63 -45.78
N PRO E 439 -5.06 23.26 -46.06
CA PRO E 439 -4.05 23.27 -45.01
C PRO E 439 -3.24 24.54 -45.03
N VAL E 440 -2.88 25.02 -43.88
CA VAL E 440 -2.04 26.19 -43.74
C VAL E 440 -0.64 25.72 -43.46
N PHE E 441 0.37 26.33 -44.07
CA PHE E 441 1.72 25.88 -43.83
C PHE E 441 2.50 26.93 -43.06
N ASN E 442 3.53 26.46 -42.35
CA ASN E 442 4.31 27.32 -41.51
C ASN E 442 5.43 27.87 -42.33
N ILE E 443 5.31 29.09 -42.82
CA ILE E 443 6.41 29.65 -43.57
C ILE E 443 6.99 30.80 -42.80
N THR E 444 8.21 30.62 -42.33
CA THR E 444 8.89 31.69 -41.62
C THR E 444 10.21 31.88 -42.31
N GLY E 445 10.53 33.12 -42.62
CA GLY E 445 11.77 33.42 -43.30
C GLY E 445 11.89 32.79 -44.68
N GLN E 446 10.79 32.72 -45.41
CA GLN E 446 10.82 32.15 -46.73
C GLN E 446 11.70 33.02 -47.62
N PHE E 447 11.52 34.34 -47.53
CA PHE E 447 12.32 35.26 -48.35
C PHE E 447 13.70 34.66 -48.54
N GLU E 448 14.38 34.39 -47.43
CA GLU E 448 15.76 33.89 -47.47
C GLU E 448 16.10 32.42 -47.19
N ASN E 449 15.08 31.58 -46.97
CA ASN E 449 15.30 30.17 -46.68
C ASN E 449 16.16 29.94 -45.44
N LYS E 450 15.96 30.77 -44.42
CA LYS E 450 16.74 30.72 -43.17
C LYS E 450 16.69 29.50 -42.23
N THR E 451 15.52 28.91 -41.99
CA THR E 451 15.45 27.78 -41.04
C THR E 451 15.04 26.40 -41.56
N ASN E 452 13.74 26.11 -41.53
CA ASN E 452 13.20 24.83 -41.96
C ASN E 452 13.27 23.69 -40.95
N LEU E 453 13.60 23.99 -39.69
CA LEU E 453 13.71 22.97 -38.66
C LEU E 453 12.31 22.45 -38.31
N LYS E 454 11.37 23.37 -38.17
CA LYS E 454 9.98 23.00 -37.85
C LYS E 454 9.07 23.52 -38.94
N ASN E 455 9.65 24.00 -40.02
CA ASN E 455 8.94 24.41 -41.22
C ASN E 455 8.47 23.24 -42.06
N GLN E 456 8.58 22.01 -41.61
CA GLN E 456 7.93 20.92 -42.33
C GLN E 456 6.68 20.41 -41.67
N LEU E 457 5.99 21.24 -40.90
CA LEU E 457 4.69 20.85 -40.38
C LEU E 457 3.66 21.88 -40.80
N ILE E 458 2.43 21.48 -40.81
CA ILE E 458 1.35 22.40 -41.08
C ILE E 458 1.04 23.20 -39.83
N LEU E 459 0.62 24.43 -40.02
CA LEU E 459 0.24 25.26 -38.89
C LEU E 459 -1.04 24.66 -38.34
N GLY E 460 -1.89 24.23 -39.26
CA GLY E 460 -3.17 23.65 -38.94
C GLY E 460 -3.97 23.56 -40.22
N VAL E 461 -5.27 23.31 -40.09
CA VAL E 461 -6.17 23.20 -41.23
C VAL E 461 -7.33 24.17 -41.09
N MET E 462 -7.80 24.71 -42.20
CA MET E 462 -8.93 25.64 -42.17
C MET E 462 -10.15 25.08 -42.89
N GLY E 463 -11.30 25.16 -42.24
CA GLY E 463 -12.54 24.65 -42.79
C GLY E 463 -13.71 25.59 -42.77
N VAL E 464 -14.71 25.32 -43.59
CA VAL E 464 -15.91 26.12 -43.68
C VAL E 464 -17.06 25.17 -44.00
N ASP E 465 -18.14 25.25 -43.24
CA ASP E 465 -19.18 24.28 -43.48
C ASP E 465 -20.07 24.72 -44.62
N VAL E 466 -20.55 23.73 -45.37
CA VAL E 466 -21.80 23.86 -46.09
C VAL E 466 -22.81 22.95 -45.42
N SER E 467 -23.95 23.49 -45.02
CA SER E 467 -25.05 22.69 -44.53
C SER E 467 -25.81 22.09 -45.70
N LEU E 468 -26.31 20.86 -45.52
CA LEU E 468 -26.98 20.20 -46.62
C LEU E 468 -28.32 20.82 -46.94
N GLU E 469 -28.90 21.54 -46.00
CA GLU E 469 -30.04 22.40 -46.24
C GLU E 469 -29.71 23.60 -47.11
N ASP E 470 -28.44 23.92 -47.32
CA ASP E 470 -28.08 24.97 -48.27
C ASP E 470 -28.02 24.46 -49.68
N ILE E 471 -27.67 23.18 -49.85
CA ILE E 471 -27.55 22.57 -51.16
C ILE E 471 -28.92 22.18 -51.66
N LYS E 472 -29.81 21.82 -50.76
CA LYS E 472 -31.18 21.50 -51.10
C LYS E 472 -32.00 22.71 -51.54
N ARG E 473 -31.40 23.89 -51.53
CA ARG E 473 -32.08 25.11 -51.97
C ARG E 473 -31.63 25.45 -53.39
N LEU E 474 -30.73 24.64 -53.91
CA LEU E 474 -30.21 24.78 -55.25
C LEU E 474 -30.77 23.69 -56.12
N THR E 475 -31.51 22.77 -55.51
CA THR E 475 -32.13 21.64 -56.16
C THR E 475 -33.62 21.71 -55.82
N PRO E 476 -34.37 22.54 -56.52
CA PRO E 476 -35.81 22.71 -56.22
C PRO E 476 -36.70 21.62 -56.81
N ARG E 477 -37.50 20.98 -55.97
CA ARG E 477 -38.38 19.89 -56.41
C ARG E 477 -39.87 20.17 -56.58
N PHE E 478 -40.31 21.40 -56.35
CA PHE E 478 -41.73 21.70 -56.48
C PHE E 478 -42.37 21.58 -57.86
N THR E 479 -41.68 21.97 -58.92
CA THR E 479 -42.26 21.83 -60.25
C THR E 479 -42.48 20.36 -60.54
N LEU E 480 -41.52 19.53 -60.17
CA LEU E 480 -41.62 18.09 -60.36
C LEU E 480 -42.59 17.50 -59.35
N CYS E 481 -43.14 16.33 -59.67
CA CYS E 481 -44.12 15.69 -58.80
C CYS E 481 -43.51 15.04 -57.57
N PRO E 482 -44.42 14.51 -56.67
CA PRO E 482 -43.80 13.91 -55.48
C PRO E 482 -42.80 12.82 -55.82
N ASN E 483 -43.05 12.08 -56.90
CA ASN E 483 -42.14 11.02 -57.32
C ASN E 483 -40.73 11.45 -57.71
N GLY E 484 -40.59 12.58 -58.40
CA GLY E 484 -39.29 13.08 -58.82
C GLY E 484 -38.37 13.62 -57.73
N TYR E 485 -37.05 13.41 -57.86
CA TYR E 485 -36.05 13.88 -56.88
C TYR E 485 -34.63 14.01 -57.48
N TYR E 486 -33.67 14.63 -56.77
CA TYR E 486 -32.25 14.82 -57.18
C TYR E 486 -31.36 13.97 -56.23
N PHE E 487 -30.42 13.16 -56.72
CA PHE E 487 -29.51 12.42 -55.81
C PHE E 487 -28.05 12.91 -56.13
N ALA E 488 -27.23 13.17 -55.11
CA ALA E 488 -25.82 13.65 -55.22
C ALA E 488 -24.91 12.46 -54.79
N ILE E 489 -23.68 12.36 -55.31
CA ILE E 489 -22.86 11.17 -55.11
C ILE E 489 -21.39 11.52 -55.14
N ASP E 490 -20.61 10.93 -54.22
CA ASP E 490 -19.14 11.03 -54.11
C ASP E 490 -18.46 10.32 -55.27
N PRO E 491 -17.15 10.30 -55.38
CA PRO E 491 -16.56 9.21 -56.15
C PRO E 491 -16.26 8.02 -55.26
N ASN E 492 -17.17 7.70 -54.41
CA ASN E 492 -16.98 6.66 -53.44
C ASN E 492 -18.28 5.91 -53.31
N GLY E 493 -19.29 6.40 -54.02
CA GLY E 493 -20.62 5.83 -54.05
C GLY E 493 -21.55 6.34 -52.97
N TYR E 494 -21.03 7.11 -52.04
CA TYR E 494 -21.86 7.65 -50.96
C TYR E 494 -22.75 8.74 -51.53
N VAL E 495 -23.94 8.88 -50.96
CA VAL E 495 -24.88 9.88 -51.47
C VAL E 495 -24.84 11.18 -50.69
N LEU E 496 -24.39 12.24 -51.36
CA LEU E 496 -24.31 13.57 -50.77
C LEU E 496 -25.70 14.13 -50.48
N LEU E 497 -26.60 13.96 -51.44
CA LEU E 497 -27.96 14.46 -51.34
C LEU E 497 -28.97 13.36 -51.70
N HIS E 498 -29.88 13.01 -50.81
CA HIS E 498 -30.88 12.01 -51.14
C HIS E 498 -32.15 12.15 -50.30
N PRO E 499 -33.33 11.73 -50.91
CA PRO E 499 -34.53 11.87 -50.05
C PRO E 499 -34.41 10.96 -48.83
N ASN E 500 -33.91 9.76 -49.06
CA ASN E 500 -33.72 8.74 -48.03
C ASN E 500 -32.72 9.06 -46.92
N LEU E 501 -31.68 9.83 -47.22
CA LEU E 501 -30.66 10.16 -46.23
C LEU E 501 -31.29 10.87 -45.03
N GLN E 502 -30.85 10.49 -43.83
CA GLN E 502 -31.39 11.05 -42.59
C GLN E 502 -30.34 11.54 -41.58
N PRO E 503 -30.82 12.47 -40.66
CA PRO E 503 -29.83 12.95 -39.68
C PRO E 503 -29.19 11.92 -38.75
N LYS E 504 -29.92 10.89 -38.33
CA LYS E 504 -29.39 9.88 -37.40
C LYS E 504 -28.16 9.19 -38.00
N PRO E 505 -27.15 8.88 -37.17
CA PRO E 505 -25.95 8.25 -37.74
C PRO E 505 -26.17 6.86 -38.31
N ILE E 506 -25.38 6.43 -39.29
CA ILE E 506 -25.60 5.11 -39.85
C ILE E 506 -25.04 4.10 -38.86
N GLY E 507 -25.81 3.06 -38.61
CA GLY E 507 -25.55 2.16 -37.52
C GLY E 507 -25.01 0.84 -38.01
N VAL E 508 -24.23 0.20 -37.16
CA VAL E 508 -23.59 -1.06 -37.44
C VAL E 508 -23.89 -2.02 -36.31
N GLY E 509 -24.23 -3.24 -36.67
CA GLY E 509 -24.45 -4.27 -35.69
C GLY E 509 -25.73 -4.09 -34.89
N ILE E 510 -25.98 -5.06 -34.02
CA ILE E 510 -27.08 -5.00 -33.06
C ILE E 510 -26.51 -4.43 -31.78
N PRO E 511 -27.06 -3.35 -31.25
CA PRO E 511 -26.45 -2.68 -30.10
C PRO E 511 -26.63 -3.49 -28.83
N THR E 512 -25.53 -3.74 -28.13
CA THR E 512 -25.54 -4.45 -26.86
C THR E 512 -24.76 -3.63 -25.87
N ILE E 513 -25.45 -3.12 -24.85
CA ILE E 513 -24.81 -2.43 -23.74
C ILE E 513 -25.12 -3.20 -22.47
N ASN E 514 -24.14 -3.28 -21.58
CA ASN E 514 -24.29 -4.04 -20.34
C ASN E 514 -24.69 -3.05 -19.25
N LEU E 515 -25.90 -3.21 -18.73
CA LEU E 515 -26.36 -2.33 -17.67
C LEU E 515 -25.69 -2.62 -16.35
N ARG E 516 -25.12 -3.80 -16.19
CA ARG E 516 -24.48 -4.17 -14.95
C ARG E 516 -23.08 -3.57 -14.81
N LYS E 517 -22.61 -2.82 -15.79
CA LYS E 517 -21.26 -2.28 -15.72
C LYS E 517 -21.16 -0.84 -16.18
N ARG E 518 -22.25 -0.09 -16.15
CA ARG E 518 -22.16 1.30 -16.57
C ARG E 518 -22.40 2.11 -15.31
N ARG E 519 -21.43 2.94 -14.93
CA ARG E 519 -21.52 3.77 -13.72
C ARG E 519 -22.59 4.82 -13.86
N PRO E 520 -23.10 5.37 -12.76
CA PRO E 520 -24.20 6.32 -12.93
C PRO E 520 -23.77 7.74 -13.22
N ASN E 521 -22.49 8.00 -13.51
CA ASN E 521 -22.19 9.42 -13.71
C ASN E 521 -20.78 9.67 -14.24
N VAL E 522 -20.41 9.04 -15.36
CA VAL E 522 -19.07 9.18 -15.90
C VAL E 522 -18.99 9.72 -17.34
N GLN E 523 -20.04 9.56 -18.15
CA GLN E 523 -20.17 10.15 -19.48
C GLN E 523 -19.07 9.72 -20.47
N ASN E 524 -19.19 8.50 -20.96
CA ASN E 524 -18.60 7.92 -22.17
C ASN E 524 -18.73 8.75 -23.44
N PRO E 525 -17.90 8.50 -24.46
CA PRO E 525 -18.09 9.17 -25.76
C PRO E 525 -19.40 8.81 -26.46
N LYS E 526 -19.99 9.82 -27.13
CA LYS E 526 -21.28 9.65 -27.80
C LYS E 526 -21.15 9.07 -29.20
N SER E 527 -20.55 9.84 -30.13
CA SER E 527 -20.39 9.44 -31.53
C SER E 527 -19.48 10.44 -32.26
N GLN E 528 -18.81 9.94 -33.30
CA GLN E 528 -18.09 10.82 -34.22
C GLN E 528 -18.12 10.36 -35.66
N GLU E 529 -18.81 9.30 -35.98
CA GLU E 529 -18.69 8.69 -37.29
C GLU E 529 -19.39 9.54 -38.34
N PRO E 530 -18.94 9.49 -39.59
CA PRO E 530 -19.67 10.18 -40.64
C PRO E 530 -20.86 9.37 -41.10
N VAL E 531 -21.78 10.07 -41.72
CA VAL E 531 -23.04 9.48 -42.12
C VAL E 531 -22.85 9.04 -43.56
N THR E 532 -22.26 7.87 -43.75
CA THR E 532 -21.94 7.36 -45.07
C THR E 532 -22.94 6.29 -45.49
N LEU E 533 -24.07 6.73 -45.97
CA LEU E 533 -25.01 5.87 -46.65
C LEU E 533 -24.62 5.85 -48.12
N ASP E 534 -24.78 4.71 -48.76
CA ASP E 534 -24.39 4.51 -50.15
C ASP E 534 -25.60 4.57 -51.05
N PHE E 535 -25.38 4.84 -52.32
CA PHE E 535 -26.50 4.92 -53.24
C PHE E 535 -27.20 3.61 -53.42
N LEU E 536 -26.46 2.53 -53.40
CA LEU E 536 -27.11 1.24 -53.48
C LEU E 536 -27.67 0.81 -52.16
N ASP E 537 -27.57 1.63 -51.11
CA ASP E 537 -28.25 1.37 -49.85
C ASP E 537 -29.32 2.40 -49.53
N ALA E 538 -29.38 3.51 -50.23
CA ALA E 538 -30.47 4.44 -50.05
C ALA E 538 -31.69 4.04 -50.84
N GLU E 539 -31.50 3.21 -51.85
CA GLU E 539 -32.57 2.78 -52.76
C GLU E 539 -32.50 1.29 -53.01
N LEU E 540 -33.56 0.69 -53.54
CA LEU E 540 -33.54 -0.74 -53.76
C LEU E 540 -32.58 -1.01 -54.91
N GLU E 541 -31.71 -1.98 -54.71
CA GLU E 541 -30.63 -2.26 -55.63
C GLU E 541 -31.13 -3.05 -56.83
N ASN E 542 -30.65 -2.67 -57.99
CA ASN E 542 -30.86 -3.43 -59.19
C ASN E 542 -29.52 -3.86 -59.74
N ASP E 543 -29.52 -4.40 -60.94
CA ASP E 543 -28.31 -4.46 -61.73
C ASP E 543 -28.23 -3.33 -62.72
N ILE E 544 -29.37 -2.72 -63.03
CA ILE E 544 -29.46 -1.62 -63.97
C ILE E 544 -29.29 -0.31 -63.25
N LYS E 545 -29.14 -0.35 -61.93
CA LYS E 545 -28.71 0.78 -61.11
C LYS E 545 -27.26 0.72 -60.70
N VAL E 546 -26.65 -0.45 -60.61
CA VAL E 546 -25.22 -0.48 -60.40
C VAL E 546 -24.51 -0.05 -61.67
N GLU E 547 -25.16 -0.21 -62.83
CA GLU E 547 -24.63 0.37 -64.04
C GLU E 547 -24.69 1.88 -64.01
N ILE E 548 -25.82 2.45 -63.58
CA ILE E 548 -25.98 3.89 -63.46
C ILE E 548 -25.05 4.45 -62.40
N ARG E 549 -24.90 3.74 -61.30
CA ARG E 549 -24.05 4.23 -60.22
C ARG E 549 -22.59 4.21 -60.57
N ASN E 550 -22.11 3.19 -61.26
CA ASN E 550 -20.71 3.21 -61.65
C ASN E 550 -20.46 4.23 -62.73
N LYS E 551 -21.44 4.43 -63.59
CA LYS E 551 -21.25 5.29 -64.73
C LYS E 551 -21.16 6.75 -64.36
N MET E 552 -21.68 7.13 -63.20
CA MET E 552 -21.56 8.48 -62.69
C MET E 552 -20.66 8.60 -61.47
N ILE E 553 -19.94 7.55 -61.11
CA ILE E 553 -18.73 7.76 -60.32
C ILE E 553 -17.58 8.14 -61.22
N ASP E 554 -17.46 7.54 -62.39
CA ASP E 554 -16.39 7.99 -63.27
C ASP E 554 -16.85 9.11 -64.19
N GLY E 555 -17.50 10.11 -63.63
CA GLY E 555 -17.68 11.44 -64.21
C GLY E 555 -18.23 11.51 -65.60
N GLU E 556 -19.27 10.75 -65.90
CA GLU E 556 -19.85 10.75 -67.22
C GLU E 556 -21.22 11.40 -67.14
N SER E 557 -21.78 11.67 -68.30
CA SER E 557 -23.11 12.24 -68.42
C SER E 557 -23.99 11.25 -69.15
N GLY E 558 -25.29 11.35 -68.94
CA GLY E 558 -26.16 10.41 -69.59
C GLY E 558 -27.57 10.48 -69.07
N GLU E 559 -28.40 9.65 -69.69
CA GLU E 559 -29.78 9.41 -69.30
C GLU E 559 -30.02 7.93 -69.34
N LYS E 560 -31.10 7.50 -68.73
CA LYS E 560 -31.46 6.08 -68.68
C LYS E 560 -32.92 6.01 -68.31
N THR E 561 -33.63 5.09 -68.94
CA THR E 561 -35.06 4.85 -68.72
C THR E 561 -35.26 3.36 -68.56
N PHE E 562 -35.94 2.94 -67.50
CA PHE E 562 -36.16 1.53 -67.27
C PHE E 562 -37.29 1.30 -66.29
N ARG E 563 -37.69 0.05 -66.13
CA ARG E 563 -38.76 -0.27 -65.21
C ARG E 563 -38.13 -0.86 -63.96
N THR E 564 -38.39 -0.23 -62.82
CA THR E 564 -37.84 -0.68 -61.56
C THR E 564 -38.90 -0.48 -60.50
N LEU E 565 -38.73 -1.14 -59.35
CA LEU E 565 -39.71 -1.00 -58.29
C LEU E 565 -39.27 -0.10 -57.14
N VAL E 566 -40.07 0.94 -56.92
CA VAL E 566 -39.91 1.92 -55.85
C VAL E 566 -40.43 1.38 -54.53
N LYS E 567 -39.64 1.55 -53.48
CA LYS E 567 -40.10 1.20 -52.16
C LYS E 567 -41.01 2.37 -51.77
N SER E 568 -42.04 2.09 -50.97
CA SER E 568 -42.99 3.11 -50.61
C SER E 568 -42.44 3.98 -49.49
N GLN E 569 -43.14 5.08 -49.21
CA GLN E 569 -42.70 6.02 -48.18
C GLN E 569 -42.73 5.39 -46.80
N ASP E 570 -43.89 4.94 -46.35
CA ASP E 570 -43.91 3.97 -45.29
C ASP E 570 -43.42 2.63 -45.82
N GLU E 571 -42.90 1.81 -44.94
CA GLU E 571 -42.10 0.71 -45.43
C GLU E 571 -42.92 -0.54 -45.65
N ARG E 572 -44.02 -0.45 -46.38
CA ARG E 572 -44.94 -1.59 -46.43
C ARG E 572 -45.25 -2.08 -47.82
N TYR E 573 -44.99 -1.31 -48.85
CA TYR E 573 -45.44 -1.58 -50.20
C TYR E 573 -44.22 -1.53 -51.09
N ILE E 574 -44.29 -2.15 -52.26
CA ILE E 574 -43.34 -1.95 -53.34
C ILE E 574 -44.11 -1.84 -54.63
N ASP E 575 -43.86 -0.78 -55.38
CA ASP E 575 -44.64 -0.46 -56.57
C ASP E 575 -43.71 -0.33 -57.76
N LYS E 576 -44.01 -1.07 -58.82
CA LYS E 576 -43.18 -1.02 -60.02
C LYS E 576 -43.37 0.30 -60.71
N GLY E 577 -42.32 1.11 -60.68
CA GLY E 577 -42.41 2.44 -61.23
C GLY E 577 -41.49 2.60 -62.40
N ASN E 578 -42.03 3.03 -63.51
CA ASN E 578 -41.23 3.25 -64.70
C ASN E 578 -40.61 4.63 -64.56
N ARG E 579 -39.30 4.65 -64.35
CA ARG E 579 -38.52 5.86 -64.07
C ARG E 579 -37.61 6.20 -65.22
N THR E 580 -37.09 7.42 -65.18
CA THR E 580 -35.97 7.81 -66.02
C THR E 580 -34.92 8.49 -65.17
N TYR E 581 -33.67 8.10 -65.31
CA TYR E 581 -32.62 8.75 -64.55
C TYR E 581 -31.85 9.62 -65.50
N THR E 582 -31.20 10.63 -64.96
CA THR E 582 -30.34 11.51 -65.77
C THR E 582 -29.30 12.15 -64.89
N TRP E 583 -28.03 11.93 -65.22
CA TRP E 583 -26.93 12.37 -64.39
C TRP E 583 -25.94 13.23 -65.14
N THR E 584 -25.20 14.04 -64.42
CA THR E 584 -24.14 14.87 -64.99
C THR E 584 -23.16 15.18 -63.88
N PRO E 585 -21.92 15.53 -64.21
CA PRO E 585 -21.00 15.94 -63.15
C PRO E 585 -21.06 17.41 -62.81
N VAL E 586 -20.95 17.68 -61.52
CA VAL E 586 -20.62 18.98 -60.97
C VAL E 586 -19.16 19.25 -61.31
N ASN E 587 -18.90 20.17 -62.24
CA ASN E 587 -17.56 20.26 -62.86
C ASN E 587 -16.47 20.75 -61.94
N GLY E 588 -16.79 21.49 -60.90
CA GLY E 588 -15.73 21.91 -60.01
C GLY E 588 -15.27 20.86 -59.05
N THR E 589 -16.07 19.83 -58.82
CA THR E 589 -15.78 19.00 -57.68
C THR E 589 -15.75 17.58 -58.19
N ASP E 590 -15.76 16.60 -57.31
CA ASP E 590 -15.91 15.21 -57.67
C ASP E 590 -17.31 14.68 -57.46
N TYR E 591 -18.26 15.53 -57.13
CA TYR E 591 -19.64 15.10 -57.03
C TYR E 591 -20.25 15.01 -58.42
N SER E 592 -21.12 14.04 -58.60
CA SER E 592 -21.94 13.98 -59.79
C SER E 592 -23.40 13.93 -59.37
N LEU E 593 -24.23 14.66 -60.07
CA LEU E 593 -25.59 14.90 -59.64
C LEU E 593 -26.59 14.29 -60.59
N ALA E 594 -27.63 13.66 -60.04
CA ALA E 594 -28.63 13.01 -60.88
C ALA E 594 -30.02 13.46 -60.52
N LEU E 595 -30.98 12.93 -61.26
CA LEU E 595 -32.37 13.35 -61.15
C LEU E 595 -33.24 12.23 -61.66
N VAL E 596 -34.19 11.82 -60.84
CA VAL E 596 -35.13 10.77 -61.15
C VAL E 596 -36.42 11.45 -61.53
N LEU E 597 -37.02 11.02 -62.62
CA LEU E 597 -38.37 11.45 -62.93
C LEU E 597 -39.15 10.23 -63.34
N PRO E 598 -40.47 10.31 -63.20
CA PRO E 598 -41.35 9.23 -63.63
C PRO E 598 -41.97 9.74 -64.91
N THR E 599 -42.03 8.94 -65.97
CA THR E 599 -42.61 9.43 -67.21
C THR E 599 -44.03 9.83 -66.86
N TYR E 600 -44.46 11.00 -67.31
CA TYR E 600 -45.74 11.66 -67.02
C TYR E 600 -45.50 12.88 -66.15
N SER E 601 -44.30 13.00 -65.59
CA SER E 601 -43.94 14.15 -64.77
C SER E 601 -43.12 15.13 -65.60
N PHE E 602 -42.97 14.81 -66.87
CA PHE E 602 -42.22 15.60 -67.84
C PHE E 602 -42.92 16.90 -68.14
N TYR E 603 -44.08 17.13 -67.56
CA TYR E 603 -44.80 18.37 -67.74
C TYR E 603 -45.33 18.79 -66.39
N TYR E 604 -45.25 20.08 -66.09
CA TYR E 604 -45.79 20.62 -64.87
C TYR E 604 -46.76 21.72 -65.21
N ILE E 605 -47.54 22.12 -64.21
CA ILE E 605 -48.45 23.26 -64.31
C ILE E 605 -47.78 24.46 -63.68
N LYS E 606 -47.69 25.56 -64.43
CA LYS E 606 -47.34 26.86 -63.86
C LYS E 606 -48.62 27.66 -63.77
N ALA E 607 -48.80 28.36 -62.66
CA ALA E 607 -50.00 29.16 -62.50
C ALA E 607 -49.88 30.42 -63.31
N LYS E 608 -50.89 30.70 -64.13
CA LYS E 608 -50.90 31.89 -64.95
C LYS E 608 -52.12 32.70 -64.54
N ILE E 609 -52.28 32.94 -63.24
CA ILE E 609 -53.37 33.79 -62.74
C ILE E 609 -52.78 35.08 -62.20
N GLU E 610 -53.37 36.18 -62.63
CA GLU E 610 -52.85 37.49 -62.25
C GLU E 610 -53.94 38.51 -61.98
N GLU E 611 -55.21 38.18 -62.22
CA GLU E 611 -56.29 39.14 -62.03
C GLU E 611 -56.49 39.46 -60.57
N THR E 612 -57.02 40.66 -60.35
CA THR E 612 -57.20 41.18 -58.99
C THR E 612 -58.25 40.37 -58.25
N ILE E 613 -59.40 40.13 -58.88
CA ILE E 613 -60.48 39.45 -58.17
C ILE E 613 -60.25 37.94 -58.11
N THR E 614 -59.53 37.37 -59.07
CA THR E 614 -59.43 35.91 -59.13
C THR E 614 -58.43 35.38 -58.10
N GLN E 615 -57.30 36.06 -57.91
CA GLN E 615 -56.43 35.71 -56.80
C GLN E 615 -57.07 36.06 -55.47
N ALA E 616 -57.95 37.07 -55.45
CA ALA E 616 -58.65 37.42 -54.23
C ALA E 616 -59.67 36.36 -53.87
N ARG E 617 -60.48 35.94 -54.84
CA ARG E 617 -61.62 35.06 -54.57
C ARG E 617 -61.18 33.67 -54.13
N TYR E 618 -60.07 33.20 -54.66
CA TYR E 618 -59.55 31.89 -54.29
C TYR E 618 -58.87 31.88 -52.93
N SER E 619 -58.60 33.04 -52.34
CA SER E 619 -57.80 33.10 -51.15
C SER E 619 -58.61 33.04 -49.86
N GLU E 620 -59.90 33.37 -49.88
CA GLU E 620 -60.71 33.16 -48.69
C GLU E 620 -61.27 31.75 -48.62
N THR E 621 -60.94 30.94 -49.62
CA THR E 621 -61.35 29.55 -49.63
C THR E 621 -60.69 28.80 -48.50
N LEU E 622 -59.45 29.17 -48.18
CA LEU E 622 -58.71 28.60 -47.08
C LEU E 622 -58.72 29.52 -45.85
N LYS E 623 -59.92 29.72 -45.31
CA LYS E 623 -60.20 30.43 -44.07
C LYS E 623 -60.79 29.47 -43.03
N PRO E 624 -60.19 29.35 -41.85
CA PRO E 624 -60.63 28.31 -40.90
C PRO E 624 -61.99 28.52 -40.29
N ASP E 625 -62.55 29.71 -40.40
CA ASP E 625 -63.94 29.89 -40.05
C ASP E 625 -64.87 29.46 -41.15
N ASN E 626 -64.34 29.26 -42.35
CA ASN E 626 -65.15 28.92 -43.52
C ASN E 626 -64.97 27.46 -43.91
N PHE E 627 -64.83 26.61 -42.90
CA PHE E 627 -64.64 25.18 -43.12
C PHE E 627 -65.95 24.41 -42.92
N GLU E 628 -67.05 25.14 -42.76
CA GLU E 628 -68.35 24.53 -42.56
C GLU E 628 -69.02 24.21 -43.89
N GLU E 629 -68.43 24.73 -44.96
CA GLU E 629 -68.93 24.53 -46.30
C GLU E 629 -67.79 24.29 -47.28
N SER E 630 -66.60 24.08 -46.74
CA SER E 630 -65.43 23.86 -47.58
C SER E 630 -64.74 22.53 -47.28
N GLY E 631 -64.56 22.26 -45.99
CA GLY E 631 -63.90 21.04 -45.56
C GLY E 631 -62.65 21.43 -44.82
N TYR E 632 -62.31 20.70 -43.77
CA TYR E 632 -61.13 20.98 -42.98
C TYR E 632 -59.91 21.05 -43.86
N THR E 633 -59.56 22.26 -44.27
CA THR E 633 -58.45 22.47 -45.16
C THR E 633 -57.10 22.47 -44.48
N PHE E 634 -56.13 21.88 -45.15
CA PHE E 634 -54.75 21.88 -44.69
C PHE E 634 -53.86 22.60 -45.68
N LEU E 635 -52.60 22.78 -45.30
CA LEU E 635 -51.67 23.53 -46.12
C LEU E 635 -50.24 23.16 -45.76
N ALA E 636 -49.43 22.98 -46.74
CA ALA E 636 -48.13 22.35 -46.60
C ALA E 636 -47.08 23.37 -46.23
N PRO E 637 -46.26 23.08 -45.39
CA PRO E 637 -45.30 24.10 -44.94
C PRO E 637 -44.16 24.32 -45.92
N ARG E 638 -44.46 24.87 -47.08
CA ARG E 638 -43.37 25.24 -47.94
C ARG E 638 -42.80 26.56 -47.48
N ASP E 639 -41.66 26.94 -48.04
CA ASP E 639 -41.09 28.25 -47.75
C ASP E 639 -41.67 29.23 -48.76
N TYR E 640 -42.94 29.56 -48.54
CA TYR E 640 -43.69 30.39 -49.46
C TYR E 640 -43.06 31.75 -49.61
N CYS E 641 -42.98 32.50 -48.53
CA CYS E 641 -42.16 33.70 -48.47
C CYS E 641 -41.13 33.49 -47.38
N SER E 642 -40.12 34.36 -47.34
CA SER E 642 -39.07 34.22 -46.35
C SER E 642 -39.55 34.53 -44.93
N ASP E 643 -40.70 35.18 -44.80
CA ASP E 643 -41.10 35.75 -43.53
C ASP E 643 -41.97 34.81 -42.71
N LEU E 644 -42.91 34.11 -43.34
CA LEU E 644 -43.79 33.19 -42.64
C LEU E 644 -43.15 31.83 -42.56
N LYS E 645 -43.09 31.27 -41.37
CA LYS E 645 -42.21 30.14 -41.19
C LYS E 645 -43.00 28.84 -41.04
N PRO E 646 -42.46 27.73 -41.52
CA PRO E 646 -43.08 26.43 -41.25
C PRO E 646 -43.08 26.12 -39.76
N SER E 647 -44.24 25.71 -39.26
CA SER E 647 -44.49 25.77 -37.85
C SER E 647 -44.80 24.44 -37.18
N ASP E 648 -45.18 23.41 -37.94
CA ASP E 648 -45.50 22.03 -37.50
C ASP E 648 -46.82 21.97 -36.72
N ASN E 649 -47.38 23.10 -36.40
CA ASN E 649 -48.74 23.22 -35.89
C ASN E 649 -49.48 23.87 -37.02
N ASN E 650 -50.40 23.15 -37.64
CA ASN E 650 -50.80 23.57 -38.97
C ASN E 650 -51.84 24.66 -38.92
N THR E 651 -52.67 24.68 -37.86
CA THR E 651 -53.61 25.76 -37.69
C THR E 651 -52.89 27.04 -37.37
N GLU E 652 -51.75 26.94 -36.69
CA GLU E 652 -50.86 28.09 -36.53
C GLU E 652 -50.39 28.60 -37.87
N PHE E 653 -49.93 27.68 -38.73
CA PHE E 653 -49.33 28.07 -40.01
C PHE E 653 -50.34 28.65 -40.98
N LEU E 654 -51.50 28.03 -41.09
CA LEU E 654 -52.48 28.49 -42.06
C LEU E 654 -53.04 29.85 -41.69
N LEU E 655 -53.05 30.20 -40.40
CA LEU E 655 -53.40 31.58 -40.04
C LEU E 655 -52.29 32.54 -40.46
N ASN E 656 -51.04 32.26 -40.11
CA ASN E 656 -49.93 33.08 -40.55
C ASN E 656 -49.75 33.05 -42.06
N PHE E 657 -50.21 32.01 -42.75
CA PHE E 657 -50.23 32.07 -44.20
C PHE E 657 -51.30 33.01 -44.70
N ASN E 658 -52.48 32.94 -44.10
CA ASN E 658 -53.62 33.57 -44.73
C ASN E 658 -53.81 34.99 -44.21
N GLU E 659 -53.21 35.29 -43.05
CA GLU E 659 -52.99 36.68 -42.66
C GLU E 659 -52.14 37.39 -43.68
N PHE E 660 -51.15 36.68 -44.22
CA PHE E 660 -50.12 37.28 -45.06
C PHE E 660 -50.69 37.79 -46.38
N ILE E 661 -51.68 37.10 -46.94
CA ILE E 661 -52.24 37.55 -48.21
C ILE E 661 -53.24 38.68 -48.00
N ASP E 662 -53.90 38.75 -46.85
CA ASP E 662 -54.75 39.90 -46.59
C ASP E 662 -53.92 41.15 -46.34
N ARG E 663 -52.93 41.05 -45.44
CA ARG E 663 -52.12 42.21 -45.07
C ARG E 663 -51.24 42.67 -46.21
N LYS E 664 -50.97 41.82 -47.20
CA LYS E 664 -50.23 42.24 -48.36
C LYS E 664 -50.64 41.39 -49.56
N THR E 665 -50.91 42.06 -50.69
CA THR E 665 -51.06 41.55 -52.05
C THR E 665 -50.03 40.46 -52.35
N PRO E 666 -50.40 39.40 -53.08
CA PRO E 666 -49.44 38.31 -53.35
C PRO E 666 -48.28 38.66 -54.28
N ASN E 667 -48.08 39.93 -54.65
CA ASN E 667 -46.93 40.28 -55.49
C ASN E 667 -45.61 40.17 -54.74
N ASN E 668 -45.54 40.73 -53.51
CA ASN E 668 -44.59 40.40 -52.44
C ASN E 668 -43.13 40.44 -52.85
N PRO E 669 -42.50 41.62 -52.95
CA PRO E 669 -41.26 41.76 -53.73
C PRO E 669 -40.03 40.98 -53.21
N SER E 670 -40.14 40.21 -52.13
CA SER E 670 -39.07 39.32 -51.69
C SER E 670 -39.62 37.91 -51.47
N CYS E 671 -40.37 37.42 -52.44
CA CYS E 671 -41.14 36.19 -52.27
C CYS E 671 -41.52 35.64 -53.64
N ASN E 672 -41.35 34.33 -53.83
CA ASN E 672 -41.55 33.75 -55.15
C ASN E 672 -43.03 33.68 -55.49
N THR E 673 -43.36 34.27 -56.64
CA THR E 673 -44.75 34.36 -57.11
C THR E 673 -45.43 33.06 -57.49
N ASP E 674 -44.71 32.20 -58.20
CA ASP E 674 -45.28 30.94 -58.68
C ASP E 674 -45.72 29.95 -57.62
N LEU E 675 -44.92 29.76 -56.56
CA LEU E 675 -45.29 28.81 -55.53
C LEU E 675 -46.58 29.18 -54.79
N ILE E 676 -46.72 30.43 -54.39
CA ILE E 676 -47.92 30.87 -53.69
C ILE E 676 -49.11 30.84 -54.64
N ASN E 677 -48.86 31.30 -55.87
CA ASN E 677 -49.89 31.40 -56.89
C ASN E 677 -50.50 30.06 -57.28
N ARG E 678 -49.65 29.05 -57.39
CA ARG E 678 -50.12 27.73 -57.76
C ARG E 678 -51.04 27.25 -56.66
N VAL E 679 -50.69 27.54 -55.41
CA VAL E 679 -51.52 27.13 -54.28
C VAL E 679 -52.89 27.79 -54.39
N LEU E 680 -52.92 29.06 -54.73
CA LEU E 680 -54.19 29.76 -54.87
C LEU E 680 -55.04 29.17 -55.97
N LEU E 681 -54.41 28.83 -57.09
CA LEU E 681 -55.14 28.24 -58.20
C LEU E 681 -55.71 26.90 -57.76
N ASP E 682 -54.91 26.15 -57.03
CA ASP E 682 -55.29 24.83 -56.54
C ASP E 682 -56.48 24.89 -55.60
N ALA E 683 -56.49 25.89 -54.73
CA ALA E 683 -57.59 26.03 -53.78
C ALA E 683 -58.87 26.47 -54.44
N GLY E 684 -58.79 26.99 -55.64
CA GLY E 684 -60.01 27.23 -56.38
C GLY E 684 -60.39 26.06 -57.22
N PHE E 685 -59.56 25.02 -57.22
CA PHE E 685 -59.90 23.78 -57.88
C PHE E 685 -60.33 22.71 -56.92
N THR E 686 -59.79 22.69 -55.71
CA THR E 686 -60.37 21.85 -54.69
C THR E 686 -61.50 22.54 -53.98
N ASN E 687 -61.99 23.66 -54.49
CA ASN E 687 -63.18 24.31 -53.98
C ASN E 687 -64.37 23.95 -54.84
N GLU E 688 -64.21 24.06 -56.16
CA GLU E 688 -65.31 23.82 -57.06
C GLU E 688 -65.74 22.36 -57.04
N LEU E 689 -64.84 21.49 -56.60
CA LEU E 689 -65.23 20.12 -56.30
C LEU E 689 -66.08 20.06 -55.04
N VAL E 690 -65.60 20.66 -53.95
CA VAL E 690 -66.26 20.59 -52.66
C VAL E 690 -67.53 21.42 -52.63
N GLN E 691 -67.62 22.46 -53.46
CA GLN E 691 -68.90 23.16 -53.59
C GLN E 691 -69.86 22.40 -54.50
N ASN E 692 -69.50 22.25 -55.77
CA ASN E 692 -70.43 21.76 -56.76
C ASN E 692 -70.50 20.25 -56.84
N TYR E 693 -69.71 19.49 -56.09
CA TYR E 693 -69.93 18.05 -56.18
C TYR E 693 -70.11 17.36 -54.83
N TRP E 694 -69.21 17.61 -53.88
CA TRP E 694 -69.28 16.82 -52.66
C TRP E 694 -70.39 17.28 -51.74
N SER E 695 -70.71 18.57 -51.73
CA SER E 695 -71.76 19.12 -50.92
C SER E 695 -73.15 18.89 -51.52
N LYS E 696 -73.23 18.22 -52.64
CA LYS E 696 -74.51 17.76 -53.14
C LYS E 696 -74.89 16.42 -52.53
N GLN E 697 -73.92 15.53 -52.36
CA GLN E 697 -74.16 14.17 -51.89
C GLN E 697 -73.77 14.00 -50.45
N LYS E 698 -74.11 14.98 -49.60
CA LYS E 698 -73.63 15.23 -48.24
C LYS E 698 -73.39 14.00 -47.35
N ASN E 699 -74.24 12.98 -47.47
CA ASN E 699 -73.93 11.69 -46.87
C ASN E 699 -74.14 10.59 -47.91
N ILE E 700 -73.06 9.96 -48.33
CA ILE E 700 -73.11 8.66 -48.98
C ILE E 700 -73.09 7.66 -47.84
N LYS E 701 -73.64 6.46 -48.03
CA LYS E 701 -73.89 5.57 -46.91
C LYS E 701 -72.60 5.00 -46.36
N GLY E 702 -71.86 4.27 -47.17
CA GLY E 702 -70.62 3.71 -46.68
C GLY E 702 -69.44 4.64 -46.61
N VAL E 703 -69.59 5.88 -47.04
CA VAL E 703 -68.47 6.81 -47.14
C VAL E 703 -68.34 7.58 -45.84
N LYS E 704 -67.14 7.57 -45.27
CA LYS E 704 -66.86 8.26 -44.03
C LYS E 704 -66.34 9.68 -44.28
N ALA E 705 -65.21 9.79 -44.98
CA ALA E 705 -64.51 11.05 -45.19
C ALA E 705 -64.02 11.09 -46.62
N ARG E 706 -63.83 12.27 -47.16
CA ARG E 706 -63.46 12.39 -48.56
C ARG E 706 -62.39 13.46 -48.68
N PHE E 707 -61.27 13.16 -49.31
CA PHE E 707 -60.15 14.08 -49.33
C PHE E 707 -59.70 14.32 -50.75
N VAL E 708 -59.01 15.45 -50.96
CA VAL E 708 -58.29 15.72 -52.22
C VAL E 708 -56.93 16.20 -51.79
N VAL E 709 -55.97 15.31 -51.74
CA VAL E 709 -54.61 15.72 -51.47
C VAL E 709 -54.01 16.10 -52.79
N THR E 710 -53.50 17.31 -52.88
CA THR E 710 -53.22 17.89 -54.17
C THR E 710 -51.86 18.52 -54.13
N ASP E 711 -51.52 19.18 -55.22
CA ASP E 711 -50.15 19.61 -55.46
C ASP E 711 -50.11 21.13 -55.30
N GLY E 712 -49.65 21.59 -54.15
CA GLY E 712 -50.01 22.91 -53.69
C GLY E 712 -50.40 22.72 -52.24
N GLY E 713 -50.15 21.54 -51.73
CA GLY E 713 -50.29 21.28 -50.33
C GLY E 713 -51.61 21.19 -49.66
N ILE E 714 -52.60 21.77 -50.34
CA ILE E 714 -53.96 21.89 -49.85
C ILE E 714 -54.76 20.61 -49.81
N THR E 715 -54.77 19.95 -48.67
CA THR E 715 -55.53 18.74 -48.52
C THR E 715 -56.87 19.16 -47.95
N ARG E 716 -57.97 18.59 -48.44
CA ARG E 716 -59.27 18.99 -47.92
C ARG E 716 -60.12 17.82 -47.47
N VAL E 717 -60.09 17.52 -46.20
CA VAL E 717 -60.98 16.50 -45.66
C VAL E 717 -62.37 17.11 -45.52
N TYR E 718 -63.41 16.39 -45.89
CA TYR E 718 -64.67 17.09 -46.09
C TYR E 718 -65.53 17.40 -44.85
N PRO E 719 -65.81 16.52 -43.88
CA PRO E 719 -66.39 17.08 -42.65
C PRO E 719 -65.31 17.39 -41.63
N LYS E 720 -65.52 18.46 -40.87
CA LYS E 720 -64.58 18.85 -39.83
C LYS E 720 -64.48 17.81 -38.73
N GLU E 721 -65.53 17.00 -38.53
CA GLU E 721 -65.40 15.88 -37.62
C GLU E 721 -64.42 14.86 -38.15
N ALA E 722 -64.41 14.67 -39.47
CA ALA E 722 -63.50 13.73 -40.09
C ALA E 722 -62.08 14.23 -40.08
N GLY E 723 -61.90 15.54 -40.27
CA GLY E 723 -60.58 16.16 -40.28
C GLY E 723 -59.86 16.13 -38.96
N GLU E 724 -60.54 15.81 -37.86
CA GLU E 724 -59.80 15.57 -36.64
C GLU E 724 -59.05 14.25 -36.72
N ASN E 725 -59.59 13.28 -37.42
CA ASN E 725 -58.95 11.97 -37.55
C ASN E 725 -57.91 11.91 -38.66
N TRP E 726 -57.73 12.99 -39.42
CA TRP E 726 -56.79 12.98 -40.53
C TRP E 726 -55.38 13.03 -39.98
N GLN E 727 -54.73 11.87 -39.90
CA GLN E 727 -53.43 11.77 -39.26
C GLN E 727 -52.28 11.76 -40.25
N GLU E 728 -52.40 12.46 -41.37
CA GLU E 728 -51.36 12.45 -42.36
C GLU E 728 -50.40 13.61 -42.17
N ASN E 729 -49.28 13.55 -42.86
CA ASN E 729 -48.43 14.72 -42.94
C ASN E 729 -49.10 15.72 -43.88
N PRO E 730 -49.26 16.98 -43.46
CA PRO E 730 -49.92 17.95 -44.33
C PRO E 730 -49.07 18.42 -45.48
N GLU E 731 -47.81 18.02 -45.54
CA GLU E 731 -47.00 18.28 -46.71
C GLU E 731 -47.26 17.19 -47.74
N THR E 732 -47.76 17.60 -48.89
CA THR E 732 -48.22 16.67 -49.89
C THR E 732 -47.10 15.90 -50.54
N TYR E 733 -45.86 16.34 -50.41
CA TYR E 733 -44.73 15.60 -50.94
C TYR E 733 -44.10 14.75 -49.88
N GLU E 734 -44.85 14.33 -48.90
CA GLU E 734 -44.34 13.41 -47.91
C GLU E 734 -45.38 12.34 -47.63
N ASP E 735 -46.58 12.49 -48.20
CA ASP E 735 -47.63 11.51 -48.03
C ASP E 735 -47.33 10.27 -48.83
N SER E 736 -47.46 9.13 -48.17
CA SER E 736 -47.17 7.87 -48.79
C SER E 736 -48.17 7.52 -49.86
N PHE E 737 -49.46 7.66 -49.56
CA PHE E 737 -50.52 7.23 -50.45
C PHE E 737 -50.60 8.11 -51.67
N TYR E 738 -50.17 9.37 -51.54
CA TYR E 738 -50.13 10.28 -52.67
C TYR E 738 -49.21 9.71 -53.73
N LYS E 739 -48.12 9.14 -53.29
CA LYS E 739 -47.10 8.68 -54.19
C LYS E 739 -47.40 7.31 -54.74
N ARG E 740 -48.22 6.53 -54.05
CA ARG E 740 -48.60 5.23 -54.59
C ARG E 740 -49.77 5.36 -55.51
N SER E 741 -50.49 6.44 -55.43
CA SER E 741 -51.61 6.66 -56.29
C SER E 741 -51.17 7.10 -57.67
N LEU E 742 -50.00 7.70 -57.77
CA LEU E 742 -49.50 8.22 -59.02
C LEU E 742 -48.88 7.12 -59.87
N ASP E 743 -48.25 6.14 -59.24
CA ASP E 743 -47.66 5.03 -59.99
C ASP E 743 -48.72 4.15 -60.67
N ASN E 744 -49.79 3.85 -59.93
CA ASN E 744 -50.87 3.00 -60.41
C ASN E 744 -51.92 3.67 -61.30
N ASP E 745 -52.55 2.87 -62.16
CA ASP E 745 -53.60 3.35 -63.07
C ASP E 745 -54.97 2.88 -62.59
N ASN E 746 -55.01 2.34 -61.38
CA ASN E 746 -56.23 1.82 -60.80
C ASN E 746 -56.46 2.31 -59.38
N TYR E 747 -57.67 2.14 -58.86
CA TYR E 747 -57.97 2.57 -57.51
C TYR E 747 -57.05 1.84 -56.55
N VAL E 748 -56.56 2.55 -55.55
CA VAL E 748 -55.64 1.99 -54.58
C VAL E 748 -56.22 1.99 -53.17
N PHE E 749 -56.08 0.88 -52.47
CA PHE E 749 -56.60 0.74 -51.12
C PHE E 749 -55.46 0.73 -50.13
N THR E 750 -55.57 1.54 -49.08
CA THR E 750 -54.52 1.60 -48.07
C THR E 750 -55.02 0.96 -46.78
N ALA E 751 -54.28 -0.02 -46.29
CA ALA E 751 -54.66 -0.73 -45.06
C ALA E 751 -54.37 0.05 -43.79
N PRO E 752 -55.37 0.00 -42.82
CA PRO E 752 -55.06 0.74 -41.58
C PRO E 752 -54.01 0.02 -40.75
N TYR E 753 -53.33 0.74 -39.86
CA TYR E 753 -52.30 0.17 -39.00
C TYR E 753 -52.87 -0.75 -37.91
N PHE E 754 -52.04 -1.65 -37.40
CA PHE E 754 -52.47 -2.57 -36.34
C PHE E 754 -51.88 -2.10 -35.01
N ASN E 755 -52.76 -2.01 -34.02
CA ASN E 755 -52.44 -1.52 -32.69
C ASN E 755 -52.17 -0.02 -32.68
N LYS E 756 -51.01 0.38 -32.17
CA LYS E 756 -50.66 1.79 -32.16
C LYS E 756 -51.53 2.58 -31.20
N SER E 757 -51.54 3.90 -31.40
CA SER E 757 -52.34 4.80 -30.58
C SER E 757 -53.07 5.77 -31.51
N GLY E 758 -54.18 6.33 -31.04
CA GLY E 758 -54.97 7.23 -31.86
C GLY E 758 -56.05 6.42 -32.55
N PRO E 759 -57.08 7.09 -33.09
CA PRO E 759 -58.12 6.27 -33.69
C PRO E 759 -57.89 6.04 -35.18
N GLY E 760 -57.45 4.84 -35.52
CA GLY E 760 -57.21 4.51 -36.90
C GLY E 760 -57.74 3.14 -37.29
N ALA E 761 -59.06 2.99 -37.30
CA ALA E 761 -59.67 1.72 -37.69
C ALA E 761 -61.11 1.98 -38.05
N TYR E 762 -61.98 1.66 -37.09
CA TYR E 762 -63.41 1.86 -37.23
C TYR E 762 -63.74 3.34 -37.34
N GLU E 763 -63.02 4.15 -36.56
CA GLU E 763 -63.23 5.59 -36.54
C GLU E 763 -62.97 6.33 -37.84
N SER E 764 -61.88 6.02 -38.55
CA SER E 764 -61.59 6.72 -39.79
C SER E 764 -61.92 5.81 -40.97
N GLY E 765 -61.31 4.64 -40.96
CA GLY E 765 -61.58 3.59 -41.93
C GLY E 765 -60.43 3.39 -42.91
N ILE E 766 -60.58 2.34 -43.68
CA ILE E 766 -59.62 1.97 -44.72
C ILE E 766 -59.77 2.96 -45.85
N MET E 767 -58.69 3.39 -46.49
CA MET E 767 -58.86 4.39 -47.52
C MET E 767 -58.43 3.97 -48.90
N VAL E 768 -59.18 4.45 -49.84
CA VAL E 768 -58.99 4.30 -51.26
C VAL E 768 -58.45 5.60 -51.77
N SER E 769 -57.52 5.57 -52.71
CA SER E 769 -57.10 6.80 -53.33
C SER E 769 -56.92 6.53 -54.80
N LYS E 770 -56.79 7.60 -55.58
CA LYS E 770 -56.69 7.48 -57.01
C LYS E 770 -56.19 8.80 -57.55
N ALA E 771 -55.15 8.77 -58.39
CA ALA E 771 -54.63 9.99 -58.95
C ALA E 771 -55.53 10.50 -60.05
N VAL E 772 -55.73 11.81 -60.08
CA VAL E 772 -56.39 12.48 -61.18
C VAL E 772 -55.45 12.50 -62.37
N GLU E 773 -56.00 12.38 -63.57
CA GLU E 773 -55.19 12.15 -64.76
C GLU E 773 -55.78 12.92 -65.94
N ILE E 774 -55.18 14.05 -66.28
CA ILE E 774 -55.74 14.93 -67.30
C ILE E 774 -54.80 15.01 -68.50
N TYR E 775 -55.39 15.35 -69.64
CA TYR E 775 -54.69 15.55 -70.90
C TYR E 775 -55.05 16.93 -71.41
N ILE E 776 -54.04 17.73 -71.73
CA ILE E 776 -54.30 19.12 -72.07
C ILE E 776 -54.28 19.33 -73.58
N GLN E 777 -53.12 19.13 -74.18
CA GLN E 777 -52.98 19.15 -75.62
C GLN E 777 -52.30 17.85 -76.03
N GLY E 778 -52.84 16.76 -75.53
CA GLY E 778 -52.20 15.47 -75.69
C GLY E 778 -50.97 15.31 -74.83
N LYS E 779 -50.95 15.95 -73.66
CA LYS E 779 -49.83 15.89 -72.74
C LYS E 779 -50.34 15.44 -71.39
N LEU E 780 -49.78 14.34 -70.89
CA LEU E 780 -50.26 13.73 -69.65
C LEU E 780 -49.81 14.49 -68.43
N LEU E 781 -50.75 14.73 -67.51
CA LEU E 781 -50.50 15.38 -66.23
C LEU E 781 -51.23 14.61 -65.16
N LYS E 782 -50.65 14.51 -63.96
CA LYS E 782 -51.38 14.02 -62.79
C LYS E 782 -51.36 15.04 -61.67
N PRO E 783 -52.32 15.94 -61.60
CA PRO E 783 -52.24 17.01 -60.62
C PRO E 783 -52.59 16.64 -59.20
N ALA E 784 -53.54 15.74 -58.97
CA ALA E 784 -54.09 15.59 -57.64
C ALA E 784 -54.49 14.14 -57.39
N VAL E 785 -54.74 13.83 -56.11
CA VAL E 785 -55.12 12.50 -55.65
C VAL E 785 -56.38 12.61 -54.80
N VAL E 786 -57.52 12.18 -55.35
CA VAL E 786 -58.79 12.13 -54.63
C VAL E 786 -58.85 10.87 -53.79
N GLY E 787 -59.91 10.71 -53.01
CA GLY E 787 -59.92 9.61 -52.06
C GLY E 787 -61.18 9.57 -51.24
N ILE E 788 -61.25 8.58 -50.35
CA ILE E 788 -62.36 8.22 -49.48
C ILE E 788 -61.84 7.40 -48.31
N LYS E 789 -62.15 7.76 -47.08
CA LYS E 789 -62.02 6.80 -45.99
C LYS E 789 -63.29 5.96 -45.98
N ILE E 790 -63.16 4.65 -45.93
CA ILE E 790 -64.32 3.77 -46.07
C ILE E 790 -64.90 3.53 -44.69
N ASP E 791 -66.16 3.11 -44.61
CA ASP E 791 -66.71 2.66 -43.33
C ASP E 791 -66.57 1.15 -43.27
N VAL E 792 -65.86 0.66 -42.26
CA VAL E 792 -65.58 -0.76 -42.26
C VAL E 792 -66.82 -1.55 -41.89
N ASN E 793 -67.70 -1.02 -41.06
CA ASN E 793 -68.92 -1.77 -40.70
C ASN E 793 -69.90 -2.05 -41.85
N SER E 794 -70.18 -1.04 -42.66
CA SER E 794 -71.10 -1.20 -43.79
C SER E 794 -70.55 -2.18 -44.82
N TRP E 795 -69.26 -2.03 -45.12
CA TRP E 795 -68.63 -2.91 -46.10
C TRP E 795 -68.86 -4.37 -45.73
N ILE E 796 -68.84 -4.66 -44.43
CA ILE E 796 -69.04 -6.01 -43.96
C ILE E 796 -70.42 -6.56 -44.30
N GLU E 797 -71.44 -5.73 -44.17
CA GLU E 797 -72.81 -6.16 -44.46
C GLU E 797 -72.97 -6.57 -45.91
N ASN E 798 -72.40 -5.79 -46.82
CA ASN E 798 -72.48 -6.14 -48.24
C ASN E 798 -71.74 -7.43 -48.50
N PHE E 799 -70.60 -7.59 -47.85
CA PHE E 799 -69.75 -8.77 -47.99
C PHE E 799 -70.44 -10.04 -47.51
N THR E 800 -71.11 -9.95 -46.36
CA THR E 800 -71.81 -11.09 -45.79
C THR E 800 -72.95 -11.57 -46.68
N LYS E 801 -73.69 -10.62 -47.24
CA LYS E 801 -74.82 -10.96 -48.11
C LYS E 801 -74.47 -10.73 -49.57
N ASP E 814 -70.57 -17.96 -49.91
CA ASP E 814 -70.74 -19.08 -49.00
C ASP E 814 -70.05 -18.80 -47.66
N CYS E 815 -69.84 -17.53 -47.36
CA CYS E 815 -69.21 -17.13 -46.12
C CYS E 815 -70.21 -16.43 -45.20
N LYS E 816 -70.33 -16.90 -43.98
CA LYS E 816 -71.26 -16.32 -43.02
C LYS E 816 -70.54 -15.95 -41.73
N ARG E 817 -71.14 -15.03 -40.96
CA ARG E 817 -70.53 -14.59 -39.72
C ARG E 817 -70.39 -15.80 -38.81
N ASN E 818 -69.27 -15.86 -38.10
CA ASN E 818 -68.95 -16.96 -37.19
C ASN E 818 -68.99 -18.31 -37.90
N SER E 819 -68.52 -18.34 -39.14
CA SER E 819 -68.50 -19.55 -39.95
C SER E 819 -67.41 -20.49 -39.47
N ASP E 820 -67.65 -21.79 -39.58
CA ASP E 820 -66.67 -22.78 -39.15
C ASP E 820 -66.27 -23.70 -40.30
N VAL E 821 -67.06 -23.68 -41.37
CA VAL E 821 -66.79 -24.50 -42.53
C VAL E 821 -65.63 -23.96 -43.34
N MET E 822 -65.66 -22.66 -43.61
CA MET E 822 -64.61 -22.01 -44.38
C MET E 822 -64.61 -20.50 -44.15
N ASP E 823 -63.43 -19.89 -44.27
CA ASP E 823 -63.30 -18.45 -44.08
C ASP E 823 -62.70 -17.80 -45.33
N CYS E 824 -63.11 -16.55 -45.57
CA CYS E 824 -62.67 -15.81 -46.74
C CYS E 824 -62.26 -14.41 -46.35
N VAL E 825 -61.23 -13.90 -47.01
CA VAL E 825 -60.73 -12.58 -46.70
C VAL E 825 -60.33 -11.80 -47.95
N ILE E 826 -60.23 -10.49 -47.82
CA ILE E 826 -59.82 -9.63 -48.91
C ILE E 826 -58.49 -9.02 -48.49
N LEU E 827 -57.51 -9.12 -49.39
CA LEU E 827 -56.19 -8.60 -49.12
C LEU E 827 -55.70 -7.73 -50.25
N ASP E 828 -55.20 -6.55 -49.90
CA ASP E 828 -54.65 -5.62 -50.86
C ASP E 828 -53.25 -6.13 -51.16
N ASP E 829 -52.61 -5.64 -52.20
CA ASP E 829 -51.26 -6.08 -52.50
C ASP E 829 -50.43 -5.71 -51.29
N GLY E 830 -49.44 -6.54 -50.99
CA GLY E 830 -48.60 -6.33 -49.83
C GLY E 830 -49.04 -7.28 -48.72
N GLY E 831 -50.17 -7.95 -48.94
CA GLY E 831 -50.69 -8.96 -48.03
C GLY E 831 -51.35 -8.53 -46.75
N PHE E 832 -51.60 -7.24 -46.59
CA PHE E 832 -52.24 -6.75 -45.38
C PHE E 832 -53.70 -7.12 -45.33
N LEU E 833 -54.22 -7.33 -44.13
CA LEU E 833 -55.63 -7.72 -44.00
C LEU E 833 -56.53 -6.52 -43.85
N LEU E 834 -57.45 -6.39 -44.79
CA LEU E 834 -58.43 -5.32 -44.80
C LEU E 834 -59.78 -5.78 -44.31
N MET E 835 -60.39 -6.75 -44.99
CA MET E 835 -61.70 -7.24 -44.59
C MET E 835 -61.65 -8.72 -44.20
N ALA E 836 -62.21 -9.05 -43.04
CA ALA E 836 -62.22 -10.45 -42.59
C ALA E 836 -63.60 -10.99 -42.20
N ASN E 837 -63.89 -12.19 -42.67
CA ASN E 837 -65.15 -12.89 -42.40
C ASN E 837 -65.44 -13.33 -40.96
N HIS E 838 -64.42 -13.84 -40.28
CA HIS E 838 -64.55 -14.40 -38.93
C HIS E 838 -64.95 -13.53 -37.73
N ASP E 839 -64.42 -12.32 -37.64
CA ASP E 839 -64.70 -11.40 -36.53
C ASP E 839 -63.67 -11.55 -35.39
N ASP E 840 -62.82 -12.56 -35.46
CA ASP E 840 -61.63 -12.60 -34.65
C ASP E 840 -60.45 -12.09 -35.48
N TYR E 841 -60.63 -12.06 -36.80
CA TYR E 841 -59.63 -11.48 -37.68
C TYR E 841 -59.93 -10.01 -37.96
N THR E 842 -61.20 -9.62 -38.11
CA THR E 842 -61.47 -8.23 -38.42
C THR E 842 -61.28 -7.31 -37.23
N ASN E 843 -61.07 -7.85 -36.03
CA ASN E 843 -60.59 -7.02 -34.94
C ASN E 843 -59.15 -6.63 -35.19
N GLN E 844 -58.36 -7.55 -35.73
CA GLN E 844 -56.97 -7.30 -36.03
C GLN E 844 -56.84 -6.98 -37.52
N ILE E 845 -57.29 -5.81 -37.82
CA ILE E 845 -57.41 -5.27 -39.17
C ILE E 845 -56.21 -4.41 -39.49
N GLY E 846 -55.82 -4.38 -40.76
CA GLY E 846 -54.62 -3.65 -41.11
C GLY E 846 -53.35 -4.33 -40.66
N ARG E 847 -53.45 -5.58 -40.32
CA ARG E 847 -52.34 -6.37 -39.84
C ARG E 847 -51.85 -7.24 -40.98
N PHE E 848 -50.57 -7.54 -40.93
CA PHE E 848 -49.98 -8.41 -41.92
C PHE E 848 -50.55 -9.80 -41.79
N PHE E 849 -51.08 -10.32 -42.91
CA PHE E 849 -51.88 -11.54 -42.91
C PHE E 849 -51.07 -12.77 -42.58
N GLY E 850 -49.76 -12.68 -42.61
CA GLY E 850 -48.94 -13.80 -42.24
C GLY E 850 -48.72 -13.85 -40.76
N GLU E 851 -49.38 -12.99 -39.99
CA GLU E 851 -49.32 -13.08 -38.56
C GLU E 851 -50.60 -13.64 -37.95
N ILE E 852 -51.64 -13.83 -38.73
CA ILE E 852 -52.89 -14.35 -38.21
C ILE E 852 -53.20 -15.74 -38.74
N ASP E 853 -52.69 -16.10 -39.91
CA ASP E 853 -52.62 -17.50 -40.33
C ASP E 853 -51.39 -17.71 -41.20
N PRO E 854 -50.25 -17.96 -40.57
CA PRO E 854 -49.00 -18.00 -41.32
C PRO E 854 -48.86 -19.17 -42.24
N SER E 855 -49.68 -20.20 -42.10
CA SER E 855 -49.55 -21.36 -42.96
C SER E 855 -50.01 -21.07 -44.37
N LEU E 856 -51.11 -20.34 -44.51
CA LEU E 856 -51.64 -20.05 -45.83
C LEU E 856 -50.76 -19.07 -46.55
N MET E 857 -50.32 -18.03 -45.86
CA MET E 857 -49.50 -17.00 -46.48
C MET E 857 -48.20 -17.59 -47.02
N ARG E 858 -47.62 -18.53 -46.29
CA ARG E 858 -46.37 -19.14 -46.73
C ARG E 858 -46.57 -19.85 -48.07
N HIS E 859 -47.69 -20.56 -48.19
CA HIS E 859 -48.02 -21.28 -49.42
C HIS E 859 -48.28 -20.35 -50.61
N LEU E 860 -48.91 -19.22 -50.33
CA LEU E 860 -49.26 -18.26 -51.37
C LEU E 860 -48.02 -17.73 -52.07
N VAL E 861 -46.95 -17.47 -51.34
CA VAL E 861 -45.72 -16.99 -51.95
C VAL E 861 -45.18 -18.06 -52.90
N ASN E 862 -45.28 -19.31 -52.47
CA ASN E 862 -44.81 -20.46 -53.25
C ASN E 862 -45.54 -20.62 -54.57
N ILE E 863 -46.84 -20.35 -54.55
CA ILE E 863 -47.67 -20.46 -55.75
C ILE E 863 -47.32 -19.37 -56.77
N SER E 864 -46.53 -18.39 -56.32
CA SER E 864 -46.10 -17.26 -57.14
C SER E 864 -47.08 -16.09 -57.12
N VAL E 865 -48.10 -16.20 -56.29
CA VAL E 865 -49.09 -15.15 -56.12
C VAL E 865 -48.46 -13.88 -55.55
N TYR E 866 -47.53 -14.06 -54.61
CA TYR E 866 -46.85 -12.94 -53.95
C TYR E 866 -45.32 -12.99 -54.09
N ALA E 867 -44.71 -11.82 -54.09
CA ALA E 867 -43.25 -11.66 -54.21
C ALA E 867 -42.79 -10.67 -53.15
N PHE E 868 -41.52 -10.71 -52.79
CA PHE E 868 -41.00 -9.79 -51.76
C PHE E 868 -39.51 -9.47 -51.88
N ASN E 869 -39.07 -8.40 -51.21
CA ASN E 869 -37.67 -8.01 -51.19
C ASN E 869 -37.25 -7.42 -49.88
N LYS E 870 -36.29 -8.07 -49.25
CA LYS E 870 -35.77 -7.65 -47.99
C LYS E 870 -34.63 -6.70 -48.27
N SER E 871 -34.57 -5.63 -47.50
CA SER E 871 -33.66 -4.54 -47.69
C SER E 871 -33.07 -4.18 -46.35
N TYR E 872 -32.07 -3.33 -46.34
CA TYR E 872 -31.48 -2.92 -45.07
C TYR E 872 -31.62 -1.43 -44.89
N ASP E 873 -32.11 -1.04 -43.75
CA ASP E 873 -32.26 0.35 -43.35
C ASP E 873 -31.13 0.62 -42.37
N TYR E 874 -30.08 1.31 -42.82
CA TYR E 874 -28.90 1.51 -42.01
C TYR E 874 -29.02 2.65 -41.03
N GLN E 875 -30.14 3.36 -41.03
CA GLN E 875 -30.41 4.47 -40.13
C GLN E 875 -31.73 4.20 -39.43
N SER E 876 -31.69 3.46 -38.34
CA SER E 876 -32.86 3.20 -37.52
C SER E 876 -32.42 2.92 -36.09
N VAL E 877 -33.36 3.05 -35.16
CA VAL E 877 -33.09 2.86 -33.74
C VAL E 877 -33.75 1.59 -33.23
N CYS E 878 -33.15 1.03 -32.19
CA CYS E 878 -33.70 -0.15 -31.55
C CYS E 878 -33.18 -0.24 -30.13
N GLU E 879 -33.94 -0.96 -29.29
CA GLU E 879 -33.55 -1.21 -27.92
C GLU E 879 -32.35 -2.16 -27.88
N PRO E 880 -31.51 -2.06 -26.86
CA PRO E 880 -30.34 -2.91 -26.81
C PRO E 880 -30.67 -4.33 -26.38
N GLY E 881 -29.74 -5.22 -26.64
CA GLY E 881 -29.81 -6.60 -26.16
C GLY E 881 -28.77 -6.82 -25.07
N ALA E 882 -29.14 -7.59 -24.06
CA ALA E 882 -28.26 -7.77 -22.91
C ALA E 882 -27.15 -8.75 -23.27
N ALA E 883 -25.94 -8.23 -23.42
CA ALA E 883 -24.77 -9.05 -23.64
C ALA E 883 -23.55 -8.34 -23.10
N SER E 944 -30.89 5.24 -24.24
CA SER E 944 -32.26 4.77 -24.37
C SER E 944 -32.44 4.05 -25.68
N LYS E 945 -31.71 4.51 -26.70
CA LYS E 945 -31.70 3.91 -28.02
C LYS E 945 -30.29 4.07 -28.58
N GLN E 946 -29.84 3.06 -29.32
CA GLN E 946 -28.72 3.26 -30.21
C GLN E 946 -29.20 3.12 -31.64
N SER E 947 -28.32 3.45 -32.57
CA SER E 947 -28.57 3.18 -33.96
C SER E 947 -28.21 1.74 -34.29
N CYS E 948 -28.96 1.17 -35.21
CA CYS E 948 -28.77 -0.21 -35.58
C CYS E 948 -29.26 -0.40 -36.99
N ILE E 949 -29.07 -1.58 -37.48
CA ILE E 949 -29.54 -1.96 -38.78
C ILE E 949 -30.86 -2.66 -38.56
N THR E 950 -31.81 -2.43 -39.42
CA THR E 950 -33.00 -3.25 -39.44
C THR E 950 -33.14 -3.83 -40.82
N GLU E 951 -33.63 -5.05 -40.89
CA GLU E 951 -34.05 -5.60 -42.15
C GLU E 951 -35.53 -5.39 -42.28
N GLN E 952 -35.97 -5.06 -43.49
CA GLN E 952 -37.32 -4.65 -43.76
C GLN E 952 -37.84 -5.47 -44.90
N THR E 953 -39.03 -6.03 -44.78
CA THR E 953 -39.59 -6.80 -45.86
C THR E 953 -40.76 -6.03 -46.43
N GLN E 954 -40.89 -6.03 -47.73
CA GLN E 954 -42.11 -5.56 -48.35
C GLN E 954 -42.58 -6.64 -49.29
N TYR E 955 -43.88 -6.69 -49.52
CA TYR E 955 -44.51 -7.72 -50.33
C TYR E 955 -45.26 -7.05 -51.46
N PHE E 956 -45.31 -7.71 -52.60
CA PHE E 956 -45.90 -7.07 -53.77
C PHE E 956 -46.28 -8.10 -54.80
N PHE E 957 -47.35 -7.85 -55.55
CA PHE E 957 -47.75 -8.83 -56.55
C PHE E 957 -46.75 -8.86 -57.68
N ASP E 958 -46.26 -10.05 -58.00
CA ASP E 958 -45.31 -10.21 -59.10
C ASP E 958 -45.94 -10.95 -60.25
N ASN E 959 -47.10 -11.54 -60.02
CA ASN E 959 -47.75 -12.29 -61.07
C ASN E 959 -49.05 -11.62 -61.43
N ASP E 960 -49.15 -11.28 -62.70
CA ASP E 960 -50.34 -10.64 -63.28
C ASP E 960 -51.57 -11.54 -63.34
N SER E 961 -51.40 -12.85 -63.31
CA SER E 961 -52.55 -13.74 -63.42
C SER E 961 -53.61 -13.51 -62.36
N LYS E 962 -54.86 -13.43 -62.83
CA LYS E 962 -56.04 -13.16 -62.04
C LYS E 962 -56.50 -14.15 -60.97
N SER E 963 -56.40 -15.45 -61.25
CA SER E 963 -56.87 -16.46 -60.29
C SER E 963 -55.85 -17.53 -59.96
N PHE E 964 -55.97 -18.11 -58.77
CA PHE E 964 -55.03 -19.13 -58.32
C PHE E 964 -55.73 -20.17 -57.48
N SER E 965 -55.93 -21.36 -58.02
CA SER E 965 -56.57 -22.44 -57.30
C SER E 965 -55.53 -23.41 -56.80
N GLY E 966 -55.91 -24.20 -55.80
CA GLY E 966 -54.98 -25.20 -55.32
C GLY E 966 -55.44 -25.78 -53.99
N VAL E 967 -54.49 -26.41 -53.31
CA VAL E 967 -54.66 -26.96 -51.99
C VAL E 967 -53.33 -26.88 -51.27
N LEU E 968 -53.35 -26.58 -49.99
CA LEU E 968 -52.15 -26.65 -49.18
C LEU E 968 -52.32 -27.75 -48.16
N ASP E 969 -51.23 -28.43 -47.84
CA ASP E 969 -51.25 -29.51 -46.88
C ASP E 969 -50.17 -29.28 -45.82
N CYS E 970 -50.53 -29.51 -44.57
CA CYS E 970 -49.60 -29.32 -43.47
C CYS E 970 -48.95 -30.62 -43.03
N GLY E 971 -49.50 -31.75 -43.47
CA GLY E 971 -49.19 -33.03 -42.88
C GLY E 971 -50.47 -33.59 -42.31
N ASN E 972 -51.04 -34.60 -42.95
CA ASN E 972 -52.25 -35.24 -42.45
C ASN E 972 -53.55 -34.46 -42.64
N CYS E 973 -53.50 -33.38 -43.41
CA CYS E 973 -54.72 -32.60 -43.65
C CYS E 973 -54.57 -31.89 -44.98
N SER E 974 -55.69 -31.57 -45.61
CA SER E 974 -55.68 -30.69 -46.77
C SER E 974 -56.67 -29.58 -46.51
N ARG E 975 -56.39 -28.44 -47.14
CA ARG E 975 -57.24 -27.28 -47.08
C ARG E 975 -57.28 -26.84 -48.53
N ILE E 976 -58.48 -26.58 -49.02
CA ILE E 976 -58.58 -26.14 -50.39
C ILE E 976 -58.93 -24.66 -50.43
N PHE E 977 -57.93 -23.85 -50.77
CA PHE E 977 -58.08 -22.41 -50.89
C PHE E 977 -58.27 -21.99 -52.35
N HIS E 978 -59.13 -21.00 -52.59
CA HIS E 978 -59.34 -20.47 -53.93
C HIS E 978 -59.05 -18.97 -53.90
N VAL E 979 -58.19 -18.50 -54.80
CA VAL E 979 -57.86 -17.07 -54.81
C VAL E 979 -58.23 -16.37 -56.11
N GLU E 980 -58.94 -15.26 -56.00
CA GLU E 980 -59.38 -14.47 -57.13
C GLU E 980 -58.95 -13.03 -56.91
N LYS E 981 -58.50 -12.36 -57.96
CA LYS E 981 -58.07 -10.97 -57.83
C LYS E 981 -59.08 -10.02 -58.47
N LEU E 982 -59.56 -9.06 -57.70
CA LEU E 982 -60.53 -8.11 -58.22
C LEU E 982 -59.89 -7.23 -59.27
N MET E 983 -60.56 -7.11 -60.41
CA MET E 983 -60.06 -6.31 -61.51
C MET E 983 -60.19 -4.82 -61.28
N ASN E 984 -59.22 -4.06 -61.74
CA ASN E 984 -59.27 -2.61 -61.64
C ASN E 984 -58.81 -2.06 -60.28
N THR E 985 -58.29 -2.93 -59.43
CA THR E 985 -57.80 -2.53 -58.12
C THR E 985 -56.74 -3.51 -57.60
N ASN E 986 -55.96 -3.07 -56.62
CA ASN E 986 -54.92 -3.90 -56.03
C ASN E 986 -55.45 -5.04 -55.14
N LEU E 987 -56.73 -4.99 -54.79
CA LEU E 987 -57.35 -5.98 -53.92
C LEU E 987 -57.42 -7.41 -54.49
N ILE E 988 -57.29 -8.39 -53.59
CA ILE E 988 -57.37 -9.81 -53.94
C ILE E 988 -58.35 -10.53 -53.03
N PHE E 989 -59.19 -11.41 -53.58
CA PHE E 989 -60.16 -12.14 -52.78
C PHE E 989 -59.82 -13.62 -52.70
N ILE E 990 -59.70 -14.15 -51.49
CA ILE E 990 -59.36 -15.57 -51.31
C ILE E 990 -60.34 -16.34 -50.43
N MET E 991 -60.76 -17.51 -50.90
CA MET E 991 -61.70 -18.37 -50.19
C MET E 991 -60.97 -19.65 -49.76
N VAL E 992 -61.01 -19.97 -48.48
CA VAL E 992 -60.33 -21.17 -47.98
C VAL E 992 -61.07 -21.84 -46.82
N GLU E 993 -60.84 -23.13 -46.64
CA GLU E 993 -61.49 -23.87 -45.56
C GLU E 993 -60.97 -23.49 -44.18
N SER E 994 -61.86 -23.44 -43.19
CA SER E 994 -61.56 -22.95 -41.84
C SER E 994 -60.29 -23.51 -41.23
N LYS E 995 -59.54 -22.62 -40.56
CA LYS E 995 -58.23 -22.97 -40.06
C LYS E 995 -58.33 -24.04 -38.97
N GLY E 996 -59.46 -24.10 -38.27
CA GLY E 996 -59.57 -24.99 -37.14
C GLY E 996 -59.69 -26.45 -37.52
N THR E 997 -60.01 -26.73 -38.79
CA THR E 997 -60.21 -28.11 -39.21
C THR E 997 -58.88 -28.86 -39.32
N CYS E 998 -57.82 -28.14 -39.69
CA CYS E 998 -56.47 -28.69 -39.66
C CYS E 998 -55.65 -27.90 -38.66
N PRO E 999 -55.32 -28.45 -37.50
CA PRO E 999 -54.47 -27.71 -36.56
C PRO E 999 -53.04 -27.65 -37.04
N CYS E 1000 -52.68 -26.49 -37.61
CA CYS E 1000 -51.37 -26.33 -38.22
C CYS E 1000 -50.76 -25.01 -37.81
N ASP E 1001 -49.47 -25.04 -37.51
CA ASP E 1001 -48.60 -23.88 -37.55
C ASP E 1001 -47.41 -24.26 -38.41
N THR E 1002 -46.73 -23.28 -38.96
CA THR E 1002 -45.40 -23.53 -39.48
C THR E 1002 -44.37 -22.77 -38.66
N ARG E 1003 -44.45 -21.44 -38.73
CA ARG E 1003 -43.86 -20.39 -37.93
C ARG E 1003 -44.52 -19.12 -38.42
N LEU E 1004 -44.47 -18.06 -37.65
CA LEU E 1004 -45.27 -16.88 -37.88
C LEU E 1004 -44.50 -15.96 -38.82
N LEU E 1005 -44.90 -15.90 -40.09
CA LEU E 1005 -44.20 -15.10 -41.10
C LEU E 1005 -44.55 -13.63 -40.91
N ILE E 1006 -43.62 -12.85 -40.37
CA ILE E 1006 -43.91 -11.49 -39.95
C ILE E 1006 -43.18 -10.50 -40.83
N GLN E 1007 -43.77 -9.32 -40.99
CA GLN E 1007 -43.31 -8.26 -41.87
C GLN E 1007 -43.19 -7.01 -41.02
N ALA E 1008 -41.98 -6.71 -40.59
CA ALA E 1008 -41.76 -5.56 -39.73
C ALA E 1008 -40.31 -5.19 -39.89
N GLU E 1009 -39.96 -4.00 -39.42
CA GLU E 1009 -38.55 -3.71 -39.26
C GLU E 1009 -38.04 -4.65 -38.19
N GLN E 1010 -37.17 -5.56 -38.59
CA GLN E 1010 -36.71 -6.63 -37.74
C GLN E 1010 -35.22 -6.42 -37.53
N THR E 1011 -34.81 -6.23 -36.28
CA THR E 1011 -33.41 -5.98 -36.00
C THR E 1011 -32.57 -7.13 -36.50
N SER E 1012 -31.48 -6.80 -37.16
CA SER E 1012 -30.59 -7.81 -37.69
C SER E 1012 -29.20 -7.25 -37.92
N ASP E 1013 -28.20 -8.10 -38.11
CA ASP E 1013 -26.85 -7.59 -38.33
C ASP E 1013 -26.25 -8.17 -39.59
N GLY E 1014 -26.72 -7.65 -40.73
CA GLY E 1014 -26.28 -8.08 -42.04
C GLY E 1014 -26.27 -6.86 -42.94
N PRO E 1015 -25.63 -6.90 -44.19
CA PRO E 1015 -25.01 -8.18 -44.57
C PRO E 1015 -23.66 -8.41 -43.91
N ASP E 1016 -23.23 -9.66 -43.83
CA ASP E 1016 -21.94 -9.97 -43.23
C ASP E 1016 -20.90 -9.27 -44.07
N PRO E 1017 -19.96 -8.60 -43.42
CA PRO E 1017 -18.91 -7.87 -44.15
C PRO E 1017 -17.84 -8.68 -44.86
N CYS E 1018 -17.45 -9.81 -44.28
CA CYS E 1018 -16.34 -10.59 -44.79
C CYS E 1018 -16.61 -11.12 -46.18
N ASP E 1019 -17.86 -11.13 -46.61
CA ASP E 1019 -18.25 -11.58 -47.94
C ASP E 1019 -18.53 -10.44 -48.90
N MET E 1020 -18.81 -9.24 -48.39
CA MET E 1020 -18.91 -8.09 -49.27
C MET E 1020 -17.56 -7.72 -49.83
N VAL E 1021 -16.52 -7.83 -49.01
CA VAL E 1021 -15.24 -7.23 -49.38
C VAL E 1021 -14.43 -8.12 -50.29
N LYS E 1022 -14.88 -9.34 -50.52
CA LYS E 1022 -14.22 -10.15 -51.53
C LYS E 1022 -14.57 -9.69 -52.93
N GLN E 1023 -15.67 -8.96 -53.08
CA GLN E 1023 -16.08 -8.40 -54.36
C GLN E 1023 -16.68 -7.01 -54.12
N PRO E 1024 -15.83 -6.04 -53.83
CA PRO E 1024 -16.33 -4.76 -53.35
C PRO E 1024 -16.96 -3.97 -54.47
N ARG E 1025 -17.75 -2.97 -54.08
CA ARG E 1025 -18.35 -2.06 -55.01
C ARG E 1025 -17.30 -1.19 -55.66
N TYR E 1026 -17.54 -0.80 -56.90
CA TYR E 1026 -16.63 0.05 -57.64
C TYR E 1026 -16.45 1.40 -56.97
N ARG E 1027 -15.31 2.02 -57.21
CA ARG E 1027 -14.87 3.15 -56.41
C ARG E 1027 -13.79 3.85 -57.21
N LYS E 1028 -13.58 5.12 -56.93
CA LYS E 1028 -12.53 5.89 -57.59
C LYS E 1028 -11.81 6.78 -56.60
N GLY E 1029 -10.51 6.62 -56.47
CA GLY E 1029 -9.77 7.33 -55.46
C GLY E 1029 -9.31 8.71 -55.87
N PRO E 1030 -8.60 9.38 -54.98
CA PRO E 1030 -8.11 10.73 -55.26
C PRO E 1030 -6.97 10.72 -56.27
N ASP E 1031 -7.03 11.63 -57.23
CA ASP E 1031 -6.00 11.72 -58.27
C ASP E 1031 -4.62 12.11 -57.74
N VAL E 1032 -4.59 13.05 -56.80
CA VAL E 1032 -3.31 13.52 -56.28
C VAL E 1032 -2.94 12.96 -54.92
N CYS E 1033 -1.80 12.28 -54.87
CA CYS E 1033 -1.30 11.72 -53.64
C CYS E 1033 0.06 12.34 -53.40
N PHE E 1034 0.26 12.87 -52.20
CA PHE E 1034 1.54 13.48 -51.88
C PHE E 1034 2.24 12.63 -50.86
N ASP E 1035 3.39 12.11 -51.27
CA ASP E 1035 4.19 11.29 -50.38
C ASP E 1035 5.57 11.13 -50.98
N ASN E 1036 6.53 10.81 -50.13
CA ASN E 1036 7.89 10.59 -50.58
C ASN E 1036 8.43 11.76 -51.38
N ASN E 1037 8.70 12.90 -50.76
CA ASN E 1037 9.54 13.91 -51.37
C ASN E 1037 10.98 13.56 -50.99
N VAL E 1038 11.90 13.73 -51.94
CA VAL E 1038 13.28 13.30 -51.78
C VAL E 1038 14.03 14.14 -50.76
N LEU E 1039 13.59 15.37 -50.59
CA LEU E 1039 14.26 16.31 -49.70
C LEU E 1039 13.61 16.48 -48.35
N GLU E 1040 12.84 15.48 -47.95
CA GLU E 1040 12.16 15.46 -46.66
C GLU E 1040 13.22 15.29 -45.59
N ASP E 1041 12.98 15.85 -44.41
CA ASP E 1041 14.03 15.79 -43.44
C ASP E 1041 14.44 14.38 -43.05
N TYR E 1042 13.43 13.54 -42.82
CA TYR E 1042 13.54 12.14 -42.40
C TYR E 1042 14.58 11.87 -41.31
N THR E 1043 14.82 12.89 -40.48
CA THR E 1043 15.79 12.79 -39.40
C THR E 1043 15.30 13.01 -37.96
N ASP E 1044 13.99 13.16 -37.77
CA ASP E 1044 13.47 13.42 -36.44
C ASP E 1044 12.50 12.36 -35.91
N CYS E 1045 12.91 11.67 -34.86
CA CYS E 1045 12.09 10.64 -34.24
C CYS E 1045 12.26 10.73 -32.72
#